data_7FSD
#
_entry.id   7FSD
#
_cell.length_a   208.219
_cell.length_b   112.810
_cell.length_c   188.749
_cell.angle_alpha   90.000
_cell.angle_beta   91.850
_cell.angle_gamma   90.000
#
_symmetry.space_group_name_H-M   'C 1 2 1'
#
loop_
_entity.id
_entity.type
_entity.pdbx_description
1 polymer 'Pyruvate kinase PKLR'
2 non-polymer 1,6-di-O-phosphono-beta-D-fructofuranose
3 non-polymer 'OXALATE ION'
4 non-polymer 'MAGNESIUM ION'
5 non-polymer 'POTASSIUM ION'
6 non-polymer "(1M)-N-({4-[(3,4-dihydroxyphenyl)methyl]phenyl}methyl)-3',4,4',5-tetrahydroxy[1,1'-biphenyl]-2-sulfonamide"
7 water water
#
_entity_poly.entity_id   1
_entity_poly.type   'polypeptide(L)'
_entity_poly.pdbx_seq_one_letter_code
;GSMEGPAGYLRRADVAQLTQELGTAFFQQQQLPAAMADTFLEHLCLLDIDSEPVAARSTSIIATIGPASRSVERLKEMIK
AGMNIARLNFSHGSHEYHAESIANVREAVESFAGSPLSYRPVAIALDTKGPGSGPGLSEQDVRDLRFGVEHGVDIVFASF
VRKASDVAAVRAALGPEGHGIKIISKIENHEGVKRFDEILEVSDGIMVARGDLGIEIPAEKVFLAQKMMIGRCNLAGKPV
VCATQMLESMITKPRPTRAETSDVANAVLDGADCIMLSGETAKGNFPVEAVKMQHAIAREAEAAVYHRQLFEELRRAAPL
SRDPTEVTAIGAVEAAFKCCAAAIIVLTTTGRSAQLLSRYRPRAAVIAVTRSAQAARQVHLCRGVFPLLYREPPEAIWAD
DVDRRVQFGIESGKLRGFLRVGDLVIVVTGWRPGSGYTNIMRVLSIS
;
_entity_poly.pdbx_strand_id   A,B,C,D,E,F,G,H
#
loop_
_chem_comp.id
_chem_comp.type
_chem_comp.name
_chem_comp.formula
FBP D-saccharide, beta linking 1,6-di-O-phosphono-beta-D-fructofuranose 'C6 H14 O12 P2'
K non-polymer 'POTASSIUM ION' 'K 1'
MG non-polymer 'MAGNESIUM ION' 'Mg 2'
OD9 non-polymer (1M)-N-({4-[(3,4-dihydroxyphenyl)methyl]phenyl}methyl)-3',4,4',5-tetrahydroxy[1,1'-biphenyl]-2-sulfonamide 'C26 H23 N O8 S'
OXL non-polymer 'OXALATE ION' 'C2 O4 -2'
#
# COMPACT_ATOMS: atom_id res chain seq x y z
N ALA A 25 9.13 -18.79 27.86
CA ALA A 25 10.33 -19.50 27.45
C ALA A 25 10.06 -20.99 27.30
N PHE A 26 9.24 -21.57 28.19
CA PHE A 26 8.89 -22.99 28.15
C PHE A 26 8.22 -23.34 26.81
N PHE A 27 7.28 -22.49 26.36
CA PHE A 27 6.53 -22.74 25.13
C PHE A 27 7.29 -22.38 23.85
N GLN A 28 8.51 -21.87 23.93
CA GLN A 28 9.30 -21.58 22.72
C GLN A 28 10.31 -22.72 22.42
N GLN A 29 10.72 -23.48 23.47
CA GLN A 29 11.65 -24.59 23.38
C GLN A 29 10.95 -25.86 22.83
N GLN A 30 11.75 -26.93 22.58
CA GLN A 30 11.34 -28.26 22.13
C GLN A 30 10.24 -28.28 21.05
N GLN A 31 10.33 -27.33 20.10
CA GLN A 31 9.38 -27.19 18.99
C GLN A 31 7.92 -27.11 19.43
N LEU A 32 7.67 -26.51 20.62
CA LEU A 32 6.30 -26.40 21.11
C LEU A 32 5.40 -25.50 20.22
N PRO A 33 5.87 -24.40 19.58
CA PRO A 33 4.99 -23.70 18.62
C PRO A 33 4.53 -24.63 17.48
N ALA A 34 5.43 -25.48 16.96
CA ALA A 34 5.08 -26.44 15.91
C ALA A 34 4.16 -27.57 16.45
N ALA A 35 4.32 -27.91 17.73
CA ALA A 35 3.51 -28.94 18.38
C ALA A 35 2.06 -28.51 18.54
N MET A 36 1.81 -27.20 18.69
CA MET A 36 0.42 -26.71 18.85
C MET A 36 -0.31 -26.45 17.52
N ALA A 37 0.33 -26.72 16.37
CA ALA A 37 -0.29 -26.46 15.07
C ALA A 37 -1.53 -27.30 14.77
N ASP A 38 -2.48 -26.72 14.03
CA ASP A 38 -3.75 -27.35 13.69
C ASP A 38 -3.68 -28.32 12.52
N THR A 39 -2.67 -28.20 11.68
CA THR A 39 -2.46 -29.12 10.55
C THR A 39 -0.99 -29.56 10.51
N PHE A 40 -0.72 -30.68 9.84
CA PHE A 40 0.66 -31.14 9.68
C PHE A 40 1.47 -30.13 8.84
N LEU A 41 0.83 -29.53 7.82
CA LEU A 41 1.51 -28.51 6.99
C LEU A 41 1.94 -27.32 7.85
N GLU A 42 1.05 -26.82 8.70
CA GLU A 42 1.39 -25.69 9.59
C GLU A 42 2.46 -26.10 10.61
N HIS A 43 2.42 -27.37 11.07
CA HIS A 43 3.43 -27.92 11.98
C HIS A 43 4.82 -27.83 11.33
N LEU A 44 4.93 -28.24 10.04
CA LEU A 44 6.20 -28.16 9.32
C LEU A 44 6.66 -26.71 9.19
N CYS A 45 5.74 -25.80 8.80
CA CYS A 45 6.03 -24.38 8.64
C CYS A 45 6.56 -23.72 9.93
N LEU A 46 6.17 -24.26 11.10
CA LEU A 46 6.57 -23.68 12.37
C LEU A 46 7.84 -24.27 13.00
N LEU A 47 8.45 -25.29 12.36
CA LEU A 47 9.70 -25.87 12.88
C LEU A 47 10.79 -24.80 12.90
N ASP A 48 11.52 -24.70 14.02
CA ASP A 48 12.47 -23.64 14.27
C ASP A 48 13.83 -24.19 14.68
N ILE A 49 14.88 -23.86 13.90
CA ILE A 49 16.25 -24.29 14.22
C ILE A 49 16.76 -23.67 15.54
N ASP A 50 16.17 -22.57 16.00
CA ASP A 50 16.56 -21.92 17.26
C ASP A 50 15.77 -22.47 18.47
N SER A 51 14.78 -23.35 18.26
CA SER A 51 14.01 -23.95 19.35
C SER A 51 14.80 -25.16 19.84
N GLU A 52 15.46 -25.02 21.00
CA GLU A 52 16.33 -26.07 21.51
C GLU A 52 15.62 -27.24 22.18
N PRO A 53 16.10 -28.48 21.92
CA PRO A 53 15.48 -29.63 22.58
C PRO A 53 15.74 -29.60 24.09
N VAL A 54 14.75 -30.02 24.89
CA VAL A 54 14.92 -30.03 26.35
C VAL A 54 14.76 -31.43 26.92
N ALA A 55 13.89 -32.25 26.33
CA ALA A 55 13.66 -33.60 26.81
C ALA A 55 14.86 -34.50 26.59
N ALA A 56 14.97 -35.56 27.41
CA ALA A 56 16.04 -36.53 27.26
C ALA A 56 15.80 -37.31 25.96
N ARG A 57 16.88 -37.75 25.31
CA ARG A 57 16.81 -38.49 24.06
C ARG A 57 16.10 -39.83 24.28
N SER A 58 14.97 -40.02 23.56
CA SER A 58 14.05 -41.16 23.64
C SER A 58 14.41 -42.39 22.80
N THR A 59 14.97 -42.19 21.61
CA THR A 59 15.26 -43.30 20.70
C THR A 59 16.59 -43.94 21.08
N SER A 60 16.60 -45.23 21.43
CA SER A 60 17.85 -45.90 21.82
C SER A 60 18.83 -46.08 20.67
N ILE A 61 20.12 -46.07 21.01
CA ILE A 61 21.18 -46.27 20.05
C ILE A 61 21.81 -47.64 20.25
N ILE A 62 21.87 -48.43 19.19
CA ILE A 62 22.51 -49.73 19.20
C ILE A 62 23.86 -49.56 18.50
N ALA A 63 24.96 -49.89 19.18
CA ALA A 63 26.29 -49.80 18.57
C ALA A 63 26.89 -51.18 18.42
N THR A 64 27.41 -51.50 17.24
CA THR A 64 28.03 -52.80 16.98
C THR A 64 29.45 -52.80 17.54
N ILE A 65 29.80 -53.83 18.31
CA ILE A 65 31.12 -53.94 18.92
C ILE A 65 32.09 -54.63 17.96
N GLY A 66 33.28 -54.07 17.84
CA GLY A 66 34.33 -54.63 16.99
C GLY A 66 35.69 -54.10 17.37
N PRO A 67 36.71 -54.28 16.50
CA PRO A 67 38.06 -53.77 16.82
C PRO A 67 38.15 -52.30 17.21
N ALA A 68 37.28 -51.44 16.64
CA ALA A 68 37.31 -50.01 16.96
C ALA A 68 36.59 -49.64 18.26
N SER A 69 35.84 -50.57 18.87
CA SER A 69 35.05 -50.25 20.04
C SER A 69 35.04 -51.38 21.07
N ARG A 70 36.13 -52.16 21.15
CA ARG A 70 36.18 -53.30 22.05
C ARG A 70 36.86 -53.04 23.40
N SER A 71 37.78 -52.06 23.47
CA SER A 71 38.48 -51.79 24.73
C SER A 71 37.57 -51.19 25.78
N VAL A 72 37.86 -51.45 27.06
CA VAL A 72 37.07 -50.97 28.18
C VAL A 72 37.03 -49.44 28.20
N GLU A 73 38.16 -48.79 27.93
CA GLU A 73 38.24 -47.33 27.92
C GLU A 73 37.40 -46.72 26.79
N ARG A 74 37.40 -47.38 25.60
CA ARG A 74 36.63 -46.92 24.46
C ARG A 74 35.13 -47.12 24.74
N LEU A 75 34.76 -48.26 25.35
CA LEU A 75 33.38 -48.55 25.72
C LEU A 75 32.82 -47.58 26.75
N LYS A 76 33.66 -47.09 27.68
CA LYS A 76 33.21 -46.09 28.66
C LYS A 76 32.84 -44.80 27.95
N GLU A 77 33.61 -44.40 26.94
CA GLU A 77 33.31 -43.19 26.18
C GLU A 77 32.04 -43.38 25.36
N MET A 78 31.80 -44.58 24.83
CA MET A 78 30.59 -44.86 24.06
CA MET A 78 30.60 -44.85 24.06
C MET A 78 29.34 -44.85 24.92
N ILE A 79 29.46 -45.31 26.19
CA ILE A 79 28.34 -45.28 27.13
C ILE A 79 28.02 -43.82 27.45
N LYS A 80 29.04 -43.00 27.70
CA LYS A 80 28.85 -41.58 27.99
C LYS A 80 28.26 -40.83 26.77
N ALA A 81 28.65 -41.24 25.55
CA ALA A 81 28.13 -40.64 24.33
C ALA A 81 26.66 -41.00 24.05
N GLY A 82 26.16 -42.11 24.61
CA GLY A 82 24.77 -42.48 24.46
C GLY A 82 24.43 -43.89 24.05
N MET A 83 25.42 -44.79 23.93
CA MET A 83 25.15 -46.18 23.56
C MET A 83 24.26 -46.86 24.61
N ASN A 84 23.13 -47.45 24.17
CA ASN A 84 22.18 -48.13 25.09
C ASN A 84 22.20 -49.63 24.93
N ILE A 85 22.53 -50.12 23.72
CA ILE A 85 22.55 -51.54 23.39
C ILE A 85 23.84 -51.85 22.63
N ALA A 86 24.57 -52.88 23.06
CA ALA A 86 25.79 -53.33 22.40
C ALA A 86 25.45 -54.53 21.53
N ARG A 87 25.72 -54.46 20.23
CA ARG A 87 25.42 -55.53 19.30
C ARG A 87 26.67 -56.38 19.00
N LEU A 88 26.56 -57.70 19.12
CA LEU A 88 27.67 -58.59 18.78
C LEU A 88 27.28 -59.27 17.50
N ASN A 89 28.04 -59.04 16.45
CA ASN A 89 27.74 -59.63 15.17
C ASN A 89 28.41 -61.01 15.05
N PHE A 90 27.62 -62.09 15.20
CA PHE A 90 28.16 -63.44 15.13
C PHE A 90 28.47 -63.91 13.69
N SER A 91 28.35 -63.03 12.69
CA SER A 91 28.78 -63.36 11.34
C SER A 91 30.34 -63.39 11.27
N HIS A 92 31.03 -62.72 12.22
CA HIS A 92 32.49 -62.66 12.30
C HIS A 92 32.93 -62.91 13.74
N GLY A 93 34.13 -63.48 13.91
CA GLY A 93 34.68 -63.70 15.24
C GLY A 93 34.28 -65.01 15.89
N SER A 94 35.17 -65.52 16.75
CA SER A 94 34.95 -66.76 17.47
C SER A 94 34.13 -66.53 18.76
N HIS A 95 33.71 -67.62 19.42
CA HIS A 95 33.01 -67.52 20.70
C HIS A 95 33.91 -66.86 21.75
N GLU A 96 35.23 -67.16 21.72
CA GLU A 96 36.20 -66.57 22.64
C GLU A 96 36.28 -65.05 22.47
N TYR A 97 36.28 -64.60 21.20
CA TYR A 97 36.32 -63.18 20.87
C TYR A 97 35.08 -62.46 21.42
N HIS A 98 33.89 -63.03 21.18
CA HIS A 98 32.64 -62.43 21.64
C HIS A 98 32.50 -62.45 23.16
N ALA A 99 33.01 -63.51 23.83
CA ALA A 99 32.97 -63.57 25.29
C ALA A 99 33.81 -62.44 25.89
N GLU A 100 34.96 -62.11 25.26
CA GLU A 100 35.81 -61.03 25.72
C GLU A 100 35.12 -59.68 25.51
N SER A 101 34.41 -59.53 24.38
CA SER A 101 33.65 -58.31 24.09
C SER A 101 32.58 -58.08 25.17
N ILE A 102 31.85 -59.15 25.54
CA ILE A 102 30.81 -59.11 26.58
C ILE A 102 31.42 -58.70 27.92
N ALA A 103 32.56 -59.33 28.28
CA ALA A 103 33.23 -59.02 29.54
C ALA A 103 33.66 -57.54 29.58
N ASN A 104 34.17 -57.02 28.46
CA ASN A 104 34.61 -55.62 28.38
C ASN A 104 33.44 -54.66 28.49
N VAL A 105 32.30 -54.99 27.86
CA VAL A 105 31.09 -54.16 27.95
C VAL A 105 30.62 -54.11 29.40
N ARG A 106 30.52 -55.29 30.05
CA ARG A 106 30.09 -55.36 31.44
C ARG A 106 31.04 -54.62 32.39
N GLU A 107 32.35 -54.68 32.14
CA GLU A 107 33.32 -53.95 32.97
C GLU A 107 33.12 -52.44 32.82
N ALA A 108 32.94 -51.97 31.57
CA ALA A 108 32.72 -50.54 31.32
C ALA A 108 31.41 -50.06 31.95
N VAL A 109 30.33 -50.86 31.83
CA VAL A 109 29.03 -50.50 32.40
C VAL A 109 29.10 -50.41 33.93
N GLU A 110 29.69 -51.44 34.56
CA GLU A 110 29.78 -51.47 36.02
C GLU A 110 30.74 -50.44 36.61
N SER A 111 31.60 -49.82 35.79
CA SER A 111 32.48 -48.76 36.29
C SER A 111 31.70 -47.52 36.76
N PHE A 112 30.43 -47.37 36.34
CA PHE A 112 29.56 -46.25 36.72
C PHE A 112 28.53 -46.61 37.83
N ALA A 113 28.52 -47.88 38.30
CA ALA A 113 27.58 -48.38 39.30
C ALA A 113 27.73 -47.78 40.72
N GLY A 114 28.80 -47.02 40.95
CA GLY A 114 29.03 -46.36 42.22
C GLY A 114 28.02 -45.28 42.55
N SER A 115 27.30 -44.78 41.53
CA SER A 115 26.27 -43.76 41.72
C SER A 115 24.94 -44.35 41.23
N PRO A 116 24.16 -44.98 42.13
CA PRO A 116 22.90 -45.61 41.72
C PRO A 116 21.82 -44.69 41.13
N LEU A 117 21.81 -43.41 41.52
CA LEU A 117 20.83 -42.46 40.99
C LEU A 117 21.14 -42.05 39.53
N SER A 118 22.36 -42.34 39.02
CA SER A 118 22.73 -41.99 37.64
C SER A 118 23.21 -43.17 36.78
N TYR A 119 23.32 -44.39 37.36
CA TYR A 119 23.78 -45.59 36.64
C TYR A 119 22.94 -45.86 35.39
N ARG A 120 23.61 -46.19 34.28
CA ARG A 120 22.92 -46.50 33.03
C ARG A 120 23.09 -47.94 32.57
N PRO A 121 21.99 -48.71 32.62
CA PRO A 121 22.07 -50.10 32.11
C PRO A 121 22.36 -50.14 30.60
N VAL A 122 23.06 -51.16 30.11
CA VAL A 122 23.37 -51.33 28.68
C VAL A 122 23.03 -52.77 28.29
N ALA A 123 22.12 -52.96 27.32
CA ALA A 123 21.74 -54.30 26.89
C ALA A 123 22.79 -54.94 25.98
N ILE A 124 22.82 -56.27 25.95
CA ILE A 124 23.73 -56.99 25.07
C ILE A 124 22.89 -57.81 24.10
N ALA A 125 23.06 -57.55 22.82
CA ALA A 125 22.29 -58.22 21.79
C ALA A 125 23.17 -59.10 20.92
N LEU A 126 22.72 -60.32 20.62
CA LEU A 126 23.47 -61.25 19.79
C LEU A 126 22.82 -61.26 18.41
N ASP A 127 23.56 -60.88 17.37
CA ASP A 127 23.04 -60.86 16.00
C ASP A 127 23.55 -62.13 15.31
N THR A 128 22.65 -63.02 14.93
CA THR A 128 23.04 -64.31 14.34
C THR A 128 23.60 -64.23 12.91
N LYS A 129 24.43 -65.22 12.56
CA LYS A 129 25.02 -65.34 11.23
C LYS A 129 23.93 -65.55 10.17
N GLY A 130 22.94 -66.37 10.51
CA GLY A 130 21.82 -66.61 9.61
C GLY A 130 21.80 -68.00 8.98
N PRO A 131 20.75 -68.26 8.19
CA PRO A 131 20.61 -69.59 7.59
C PRO A 131 21.52 -69.88 6.39
N GLY A 132 22.03 -68.83 5.75
CA GLY A 132 22.85 -68.98 4.55
C GLY A 132 22.02 -69.55 3.43
N SER A 133 22.52 -70.62 2.78
CA SER A 133 21.77 -71.28 1.72
C SER A 133 20.69 -72.27 2.24
N GLY A 134 20.66 -72.52 3.55
CA GLY A 134 19.72 -73.44 4.18
C GLY A 134 18.29 -72.92 4.23
N GLY A 136 16.17 -73.16 7.04
CA GLY A 136 15.84 -72.72 8.38
C GLY A 136 17.05 -72.54 9.27
N LEU A 137 16.88 -72.78 10.57
CA LEU A 137 17.96 -72.61 11.55
C LEU A 137 19.20 -73.46 11.29
N SER A 138 20.34 -72.78 11.08
CA SER A 138 21.61 -73.43 10.80
C SER A 138 22.25 -74.05 12.06
N GLU A 139 23.20 -74.97 11.89
CA GLU A 139 23.87 -75.59 13.02
C GLU A 139 24.75 -74.59 13.77
N GLN A 140 25.36 -73.63 13.06
CA GLN A 140 26.17 -72.61 13.72
C GLN A 140 25.27 -71.70 14.57
N ASP A 141 24.07 -71.35 14.06
CA ASP A 141 23.13 -70.54 14.83
C ASP A 141 22.69 -71.25 16.10
N VAL A 142 22.48 -72.58 16.06
CA VAL A 142 22.11 -73.32 17.26
C VAL A 142 23.21 -73.21 18.33
N ARG A 143 24.48 -73.33 17.92
CA ARG A 143 25.61 -73.20 18.83
C ARG A 143 25.77 -71.77 19.36
N ASP A 144 25.59 -70.78 18.48
CA ASP A 144 25.71 -69.38 18.87
C ASP A 144 24.57 -68.96 19.82
N LEU A 145 23.35 -69.46 19.60
CA LEU A 145 22.22 -69.16 20.47
C LEU A 145 22.46 -69.78 21.85
N ARG A 146 23.04 -71.00 21.90
CA ARG A 146 23.38 -71.65 23.17
C ARG A 146 24.44 -70.82 23.90
N PHE A 147 25.43 -70.28 23.17
CA PHE A 147 26.45 -69.40 23.73
C PHE A 147 25.79 -68.15 24.35
N GLY A 148 24.82 -67.57 23.65
CA GLY A 148 24.10 -66.40 24.13
C GLY A 148 23.39 -66.65 25.45
N VAL A 149 22.71 -67.80 25.57
CA VAL A 149 22.02 -68.16 26.81
C VAL A 149 23.04 -68.33 27.95
N GLU A 150 24.14 -69.05 27.68
CA GLU A 150 25.17 -69.28 28.68
C GLU A 150 25.87 -68.01 29.14
N HIS A 151 25.96 -67.00 28.25
CA HIS A 151 26.59 -65.73 28.60
C HIS A 151 25.59 -64.64 29.03
N GLY A 152 24.32 -64.99 29.18
CA GLY A 152 23.29 -64.07 29.65
C GLY A 152 22.96 -62.87 28.77
N VAL A 153 22.92 -63.08 27.44
CA VAL A 153 22.55 -61.98 26.52
C VAL A 153 21.07 -61.60 26.73
N ASP A 154 20.74 -60.35 26.45
CA ASP A 154 19.37 -59.86 26.67
C ASP A 154 18.47 -59.99 25.47
N ILE A 155 19.04 -59.86 24.27
CA ILE A 155 18.28 -59.84 23.02
C ILE A 155 18.97 -60.66 21.95
N VAL A 156 18.20 -61.22 21.04
CA VAL A 156 18.72 -61.89 19.87
C VAL A 156 18.16 -61.14 18.64
N PHE A 157 19.05 -60.72 17.72
CA PHE A 157 18.63 -60.13 16.45
C PHE A 157 18.75 -61.32 15.50
N ALA A 158 17.62 -61.96 15.17
CA ALA A 158 17.61 -63.16 14.32
C ALA A 158 17.66 -62.82 12.84
N SER A 159 18.76 -63.21 12.17
CA SER A 159 18.96 -62.91 10.76
C SER A 159 18.04 -63.69 9.80
N PHE A 160 17.67 -63.03 8.70
CA PHE A 160 16.87 -63.57 7.62
C PHE A 160 15.62 -64.33 8.06
N VAL A 161 14.78 -63.69 8.90
CA VAL A 161 13.53 -64.32 9.32
C VAL A 161 12.56 -64.22 8.14
N ARG A 162 12.08 -65.36 7.65
CA ARG A 162 11.19 -65.42 6.49
C ARG A 162 9.76 -65.82 6.82
N LYS A 163 9.53 -66.42 7.98
CA LYS A 163 8.21 -66.93 8.37
C LYS A 163 8.16 -67.17 9.89
N ALA A 164 6.95 -67.38 10.44
CA ALA A 164 6.74 -67.61 11.87
C ALA A 164 7.54 -68.82 12.41
N SER A 165 7.67 -69.89 11.62
CA SER A 165 8.41 -71.08 12.06
C SER A 165 9.90 -70.82 12.27
N ASP A 166 10.46 -69.80 11.60
CA ASP A 166 11.86 -69.42 11.83
C ASP A 166 12.02 -68.88 13.26
N VAL A 167 11.04 -68.09 13.74
CA VAL A 167 11.05 -67.53 15.08
C VAL A 167 10.89 -68.65 16.12
N ALA A 168 10.00 -69.62 15.86
CA ALA A 168 9.79 -70.76 16.74
C ALA A 168 11.08 -71.57 16.89
N ALA A 169 11.83 -71.76 15.79
CA ALA A 169 13.10 -72.47 15.83
C ALA A 169 14.13 -71.74 16.69
N VAL A 170 14.20 -70.40 16.59
CA VAL A 170 15.13 -69.61 17.40
C VAL A 170 14.74 -69.73 18.88
N ARG A 171 13.44 -69.63 19.17
CA ARG A 171 12.92 -69.75 20.52
C ARG A 171 13.26 -71.13 21.12
N ALA A 172 13.10 -72.20 20.33
CA ALA A 172 13.41 -73.56 20.79
C ALA A 172 14.90 -73.72 21.05
N ALA A 173 15.76 -73.13 20.20
CA ALA A 173 17.21 -73.20 20.37
C ALA A 173 17.71 -72.45 21.60
N LEU A 174 16.94 -71.46 22.08
CA LEU A 174 17.31 -70.75 23.30
C LEU A 174 17.04 -71.61 24.57
N GLY A 175 16.19 -72.64 24.45
CA GLY A 175 15.88 -73.57 25.53
C GLY A 175 15.11 -72.99 26.70
N PRO A 176 15.03 -73.74 27.82
CA PRO A 176 14.29 -73.24 28.98
C PRO A 176 15.00 -72.11 29.73
N GLU A 177 16.34 -72.08 29.68
CA GLU A 177 17.10 -71.01 30.35
C GLU A 177 17.07 -69.66 29.56
N GLY A 178 16.64 -69.69 28.30
CA GLY A 178 16.57 -68.50 27.46
C GLY A 178 15.19 -67.93 27.27
N HIS A 179 14.22 -68.35 28.11
CA HIS A 179 12.81 -67.92 28.04
C HIS A 179 12.60 -66.40 28.13
N GLY A 180 13.48 -65.71 28.84
CA GLY A 180 13.38 -64.28 29.03
C GLY A 180 14.06 -63.42 27.99
N ILE A 181 14.81 -64.03 27.06
CA ILE A 181 15.51 -63.31 26.01
C ILE A 181 14.53 -62.79 24.94
N LYS A 182 14.67 -61.51 24.55
CA LYS A 182 13.80 -60.94 23.53
C LYS A 182 14.27 -61.34 22.14
N ILE A 183 13.34 -61.74 21.27
CA ILE A 183 13.69 -62.09 19.90
C ILE A 183 13.21 -60.98 18.95
N ILE A 184 14.17 -60.30 18.32
CA ILE A 184 13.90 -59.24 17.36
C ILE A 184 14.17 -59.84 16.00
N SER A 185 13.12 -60.03 15.19
CA SER A 185 13.29 -60.64 13.87
C SER A 185 13.80 -59.65 12.84
N LYS A 186 14.88 -60.01 12.15
CA LYS A 186 15.42 -59.16 11.09
C LYS A 186 14.72 -59.47 9.76
N ILE A 187 14.10 -58.45 9.15
CA ILE A 187 13.42 -58.59 7.86
C ILE A 187 14.40 -58.13 6.80
N GLU A 188 14.90 -59.09 5.98
CA GLU A 188 15.97 -58.84 5.02
C GLU A 188 15.68 -59.24 3.60
N ASN A 189 14.49 -59.76 3.30
CA ASN A 189 14.18 -60.18 1.94
C ASN A 189 12.69 -60.04 1.60
N HIS A 190 12.30 -60.29 0.34
CA HIS A 190 10.92 -60.18 -0.10
C HIS A 190 9.96 -61.03 0.72
N GLU A 191 10.32 -62.29 1.00
CA GLU A 191 9.45 -63.18 1.76
C GLU A 191 9.16 -62.66 3.17
N GLY A 192 10.18 -62.14 3.85
CA GLY A 192 10.01 -61.57 5.19
C GLY A 192 9.05 -60.39 5.18
N VAL A 193 9.13 -59.54 4.13
CA VAL A 193 8.22 -58.40 4.00
C VAL A 193 6.79 -58.90 3.76
N LYS A 194 6.62 -59.86 2.84
CA LYS A 194 5.28 -60.38 2.53
C LYS A 194 4.63 -61.14 3.67
N ARG A 195 5.42 -61.85 4.46
CA ARG A 195 4.92 -62.58 5.63
C ARG A 195 5.13 -61.80 6.93
N PHE A 196 5.27 -60.47 6.84
CA PHE A 196 5.49 -59.60 7.99
C PHE A 196 4.52 -59.80 9.14
N ASP A 197 3.21 -59.82 8.86
CA ASP A 197 2.21 -59.94 9.93
C ASP A 197 2.36 -61.20 10.77
N GLU A 198 2.62 -62.35 10.14
CA GLU A 198 2.78 -63.59 10.89
C GLU A 198 4.08 -63.61 11.69
N ILE A 199 5.14 -62.94 11.17
CA ILE A 199 6.42 -62.84 11.85
C ILE A 199 6.29 -61.93 13.07
N LEU A 200 5.68 -60.74 12.90
CA LEU A 200 5.51 -59.80 14.01
C LEU A 200 4.69 -60.41 15.14
N GLU A 201 3.63 -61.16 14.81
CA GLU A 201 2.76 -61.78 15.79
C GLU A 201 3.51 -62.66 16.79
N VAL A 202 4.52 -63.40 16.35
CA VAL A 202 5.29 -64.28 17.24
C VAL A 202 6.63 -63.71 17.70
N SER A 203 7.02 -62.51 17.23
CA SER A 203 8.29 -61.91 17.63
C SER A 203 8.09 -60.88 18.73
N ASP A 204 9.15 -60.55 19.47
CA ASP A 204 9.09 -59.46 20.43
C ASP A 204 9.21 -58.08 19.72
N GLY A 205 9.82 -58.07 18.54
CA GLY A 205 10.01 -56.86 17.76
C GLY A 205 10.64 -57.16 16.41
N ILE A 206 10.96 -56.10 15.66
CA ILE A 206 11.50 -56.23 14.30
C ILE A 206 12.71 -55.34 14.07
N MET A 207 13.61 -55.76 13.19
CA MET A 207 14.69 -54.93 12.72
C MET A 207 14.54 -54.81 11.21
N VAL A 208 14.52 -53.58 10.70
CA VAL A 208 14.49 -53.33 9.26
C VAL A 208 15.97 -53.40 8.86
N ALA A 209 16.42 -54.57 8.40
CA ALA A 209 17.83 -54.82 8.07
C ALA A 209 18.06 -54.40 6.63
N ARG A 210 18.29 -53.10 6.42
CA ARG A 210 18.35 -52.48 5.10
C ARG A 210 19.49 -52.92 4.20
N GLY A 211 20.59 -53.43 4.76
CA GLY A 211 21.73 -53.90 3.97
C GLY A 211 21.33 -55.00 3.00
N ASP A 212 20.91 -56.15 3.54
CA ASP A 212 20.45 -57.26 2.71
C ASP A 212 19.13 -56.93 2.03
N LEU A 213 18.21 -56.21 2.70
CA LEU A 213 16.93 -55.86 2.09
C LEU A 213 17.12 -55.07 0.78
N GLY A 214 18.10 -54.16 0.77
CA GLY A 214 18.43 -53.34 -0.39
C GLY A 214 19.09 -54.05 -1.56
N ILE A 215 19.47 -55.32 -1.36
CA ILE A 215 20.04 -56.19 -2.39
C ILE A 215 18.99 -57.24 -2.80
N GLU A 216 18.12 -57.67 -1.87
CA GLU A 216 17.06 -58.66 -2.10
C GLU A 216 15.86 -58.07 -2.84
N ILE A 217 15.53 -56.80 -2.58
CA ILE A 217 14.46 -56.10 -3.27
C ILE A 217 15.07 -54.87 -3.97
N PRO A 218 14.41 -54.24 -4.97
CA PRO A 218 14.99 -53.04 -5.59
C PRO A 218 15.34 -51.96 -4.55
N ALA A 219 16.53 -51.36 -4.66
CA ALA A 219 17.00 -50.36 -3.71
C ALA A 219 16.01 -49.21 -3.49
N GLU A 220 15.32 -48.80 -4.56
CA GLU A 220 14.34 -47.73 -4.54
C GLU A 220 13.03 -48.07 -3.81
N LYS A 221 12.85 -49.33 -3.37
CA LYS A 221 11.65 -49.73 -2.64
C LYS A 221 11.89 -49.91 -1.13
N VAL A 222 13.15 -49.88 -0.67
CA VAL A 222 13.47 -50.08 0.74
C VAL A 222 12.74 -49.12 1.67
N PHE A 223 12.63 -47.83 1.29
CA PHE A 223 11.94 -46.84 2.13
C PHE A 223 10.46 -47.22 2.36
N LEU A 224 9.80 -47.87 1.37
CA LEU A 224 8.40 -48.28 1.51
C LEU A 224 8.31 -49.39 2.55
N ALA A 225 9.21 -50.38 2.47
CA ALA A 225 9.26 -51.49 3.42
C ALA A 225 9.55 -50.96 4.82
N GLN A 226 10.49 -50.01 4.95
CA GLN A 226 10.85 -49.42 6.23
C GLN A 226 9.66 -48.70 6.86
N LYS A 227 9.00 -47.80 6.10
CA LYS A 227 7.89 -47.03 6.64
C LYS A 227 6.69 -47.91 7.00
N MET A 228 6.42 -48.96 6.18
CA MET A 228 5.33 -49.89 6.46
C MET A 228 5.60 -50.69 7.74
N MET A 229 6.81 -51.24 7.88
CA MET A 229 7.15 -52.06 9.05
C MET A 229 7.17 -51.24 10.33
N ILE A 230 7.66 -50.00 10.25
CA ILE A 230 7.67 -49.14 11.42
C ILE A 230 6.22 -48.79 11.83
N GLY A 231 5.38 -48.45 10.85
CA GLY A 231 3.97 -48.17 11.12
C GLY A 231 3.24 -49.35 11.75
N ARG A 232 3.46 -50.57 11.21
CA ARG A 232 2.81 -51.77 11.74
C ARG A 232 3.31 -52.12 13.15
N CYS A 233 4.61 -51.90 13.42
CA CYS A 233 5.14 -52.15 14.76
C CYS A 233 4.59 -51.13 15.75
N ASN A 234 4.46 -49.85 15.32
CA ASN A 234 3.89 -48.81 16.18
C ASN A 234 2.42 -49.17 16.51
N LEU A 235 1.67 -49.69 15.52
CA LEU A 235 0.28 -50.10 15.72
CA LEU A 235 0.28 -50.10 15.72
C LEU A 235 0.20 -51.28 16.71
N ALA A 236 1.11 -52.25 16.58
CA ALA A 236 1.15 -53.42 17.45
C ALA A 236 1.75 -53.13 18.85
N GLY A 237 2.39 -51.99 19.03
CA GLY A 237 3.04 -51.64 20.29
C GLY A 237 4.28 -52.47 20.55
N LYS A 238 5.00 -52.88 19.48
CA LYS A 238 6.21 -53.68 19.60
C LYS A 238 7.41 -52.93 19.04
N PRO A 239 8.59 -53.09 19.67
CA PRO A 239 9.77 -52.34 19.21
C PRO A 239 10.23 -52.60 17.78
N VAL A 240 10.68 -51.53 17.11
CA VAL A 240 11.20 -51.63 15.76
C VAL A 240 12.53 -50.88 15.67
N VAL A 241 13.53 -51.51 15.05
CA VAL A 241 14.86 -50.94 14.90
C VAL A 241 15.09 -50.57 13.43
N CYS A 242 15.66 -49.39 13.17
CA CYS A 242 16.09 -49.06 11.81
C CYS A 242 17.60 -49.29 11.77
N ALA A 243 18.09 -50.03 10.78
CA ALA A 243 19.49 -50.38 10.73
C ALA A 243 20.14 -50.22 9.36
N THR A 244 21.49 -50.07 9.37
CA THR A 244 22.46 -50.17 8.30
C THR A 244 22.64 -48.95 7.43
N GLN A 245 23.91 -48.49 7.37
CA GLN A 245 24.41 -47.37 6.56
C GLN A 245 23.80 -46.04 6.92
N MET A 246 23.30 -45.89 8.18
CA MET A 246 22.69 -44.64 8.63
C MET A 246 23.70 -43.50 8.65
N LEU A 247 24.96 -43.76 9.08
CA LEU A 247 26.02 -42.75 9.08
C LEU A 247 27.29 -43.35 8.42
N GLU A 248 27.11 -44.13 7.34
CA GLU A 248 28.16 -44.88 6.66
C GLU A 248 29.49 -44.13 6.43
N SER A 249 29.45 -42.92 5.87
CA SER A 249 30.66 -42.15 5.59
C SER A 249 31.52 -41.86 6.84
N MET A 250 30.93 -41.93 8.04
CA MET A 250 31.67 -41.70 9.27
C MET A 250 32.64 -42.84 9.61
N ILE A 251 32.65 -43.94 8.84
CA ILE A 251 33.64 -45.00 9.00
C ILE A 251 35.06 -44.39 8.75
N THR A 252 35.18 -43.43 7.81
CA THR A 252 36.46 -42.77 7.53
C THR A 252 36.46 -41.25 7.75
N LYS A 253 35.27 -40.61 7.76
CA LYS A 253 35.20 -39.16 7.90
C LYS A 253 34.65 -38.69 9.25
N PRO A 254 35.14 -37.56 9.80
CA PRO A 254 34.65 -37.11 11.12
C PRO A 254 33.22 -36.54 11.14
N ARG A 255 32.69 -36.18 9.96
CA ARG A 255 31.35 -35.62 9.86
C ARG A 255 30.56 -36.41 8.81
N PRO A 256 29.25 -36.61 9.04
CA PRO A 256 28.44 -37.36 8.07
C PRO A 256 27.98 -36.50 6.89
N THR A 257 27.40 -37.16 5.86
CA THR A 257 26.85 -36.43 4.72
C THR A 257 25.44 -35.86 5.09
N ARG A 258 24.90 -34.97 4.24
CA ARG A 258 23.58 -34.40 4.43
C ARG A 258 22.50 -35.48 4.34
N ALA A 259 22.71 -36.50 3.49
CA ALA A 259 21.74 -37.60 3.36
C ALA A 259 21.72 -38.47 4.61
N GLU A 260 22.87 -38.65 5.25
CA GLU A 260 22.99 -39.46 6.46
C GLU A 260 22.29 -38.84 7.67
N THR A 261 22.47 -37.51 7.89
CA THR A 261 21.76 -36.86 9.01
C THR A 261 20.25 -36.90 8.76
N SER A 262 19.84 -36.69 7.49
CA SER A 262 18.45 -36.75 7.08
C SER A 262 17.87 -38.16 7.34
N ASP A 263 18.63 -39.21 7.00
CA ASP A 263 18.18 -40.59 7.20
C ASP A 263 17.93 -40.90 8.67
N VAL A 264 18.84 -40.48 9.56
CA VAL A 264 18.67 -40.70 10.99
C VAL A 264 17.41 -39.97 11.50
N ALA A 265 17.28 -38.69 11.13
CA ALA A 265 16.13 -37.89 11.56
C ALA A 265 14.81 -38.49 11.06
N ASN A 266 14.78 -38.94 9.80
CA ASN A 266 13.57 -39.52 9.22
C ASN A 266 13.22 -40.88 9.81
N ALA A 267 14.21 -41.68 10.26
CA ALA A 267 13.90 -42.97 10.91
C ALA A 267 13.19 -42.69 12.25
N VAL A 268 13.63 -41.66 12.99
CA VAL A 268 13.00 -41.28 14.25
C VAL A 268 11.59 -40.72 13.97
N LEU A 269 11.46 -39.83 12.98
CA LEU A 269 10.16 -39.28 12.61
C LEU A 269 9.20 -40.38 12.13
N ASP A 270 9.71 -41.41 11.44
CA ASP A 270 8.91 -42.55 10.97
C ASP A 270 8.27 -43.30 12.14
N GLY A 271 8.97 -43.36 13.27
CA GLY A 271 8.51 -44.02 14.48
C GLY A 271 9.43 -45.10 15.03
N ALA A 272 10.69 -45.17 14.55
CA ALA A 272 11.63 -46.20 15.02
C ALA A 272 11.90 -46.08 16.52
N ASP A 273 11.84 -47.20 17.25
CA ASP A 273 12.17 -47.21 18.67
C ASP A 273 13.68 -47.11 18.88
N CYS A 274 14.46 -47.75 17.99
CA CYS A 274 15.91 -47.78 18.05
C CYS A 274 16.50 -47.45 16.69
N ILE A 275 17.70 -46.89 16.71
CA ILE A 275 18.52 -46.66 15.52
C ILE A 275 19.86 -47.39 15.76
N MET A 276 20.52 -47.81 14.69
CA MET A 276 21.71 -48.64 14.80
C MET A 276 22.93 -48.13 14.04
N LEU A 277 24.11 -48.52 14.54
CA LEU A 277 25.40 -48.26 13.92
C LEU A 277 26.08 -49.62 13.76
N SER A 278 26.63 -49.88 12.57
CA SER A 278 27.31 -51.15 12.28
C SER A 278 28.82 -50.90 12.10
N GLY A 279 29.32 -50.78 10.87
CA GLY A 279 30.72 -50.50 10.60
C GLY A 279 31.20 -49.21 11.23
N GLU A 280 30.26 -48.24 11.41
CA GLU A 280 30.57 -46.95 12.02
C GLU A 280 31.20 -47.09 13.39
N THR A 281 30.76 -48.07 14.18
CA THR A 281 31.31 -48.28 15.52
C THR A 281 32.18 -49.55 15.60
N ALA A 282 31.91 -50.55 14.76
CA ALA A 282 32.66 -51.80 14.79
C ALA A 282 34.08 -51.66 14.25
N LYS A 283 34.26 -50.93 13.14
CA LYS A 283 35.58 -50.83 12.52
C LYS A 283 36.03 -49.43 12.12
N GLY A 284 35.16 -48.43 12.26
CA GLY A 284 35.47 -47.09 11.83
C GLY A 284 36.44 -46.30 12.69
N ASN A 285 36.92 -45.19 12.15
CA ASN A 285 37.87 -44.31 12.85
C ASN A 285 37.20 -43.35 13.82
N PHE A 286 35.86 -43.22 13.79
CA PHE A 286 35.15 -42.29 14.66
C PHE A 286 33.94 -42.94 15.36
N PRO A 287 34.13 -44.07 16.10
CA PRO A 287 32.97 -44.74 16.75
C PRO A 287 32.22 -43.88 17.75
N VAL A 288 32.95 -43.12 18.59
CA VAL A 288 32.34 -42.27 19.62
C VAL A 288 31.58 -41.12 18.97
N GLU A 289 32.17 -40.51 17.94
CA GLU A 289 31.54 -39.38 17.23
C GLU A 289 30.27 -39.83 16.51
N ALA A 290 30.22 -41.07 16.01
CA ALA A 290 29.05 -41.61 15.32
C ALA A 290 27.89 -41.77 16.32
N VAL A 291 28.19 -42.22 17.55
CA VAL A 291 27.19 -42.35 18.61
C VAL A 291 26.70 -40.94 19.00
N LYS A 292 27.62 -39.98 19.15
CA LYS A 292 27.27 -38.60 19.50
C LYS A 292 26.38 -37.96 18.43
N MET A 293 26.64 -38.25 17.16
CA MET A 293 25.86 -37.71 16.04
C MET A 293 24.45 -38.28 16.05
N GLN A 294 24.29 -39.61 16.27
CA GLN A 294 22.95 -40.21 16.36
C GLN A 294 22.17 -39.62 17.53
N HIS A 295 22.85 -39.39 18.67
CA HIS A 295 22.22 -38.81 19.85
C HIS A 295 21.70 -37.40 19.54
N ALA A 296 22.54 -36.57 18.92
CA ALA A 296 22.18 -35.18 18.63
C ALA A 296 21.01 -35.08 17.64
N ILE A 297 21.04 -35.90 16.58
CA ILE A 297 19.95 -35.89 15.59
C ILE A 297 18.66 -36.41 16.20
N ALA A 298 18.69 -37.55 16.92
CA ALA A 298 17.50 -38.12 17.53
C ALA A 298 16.78 -37.15 18.46
N ARG A 299 17.53 -36.41 19.28
CA ARG A 299 16.92 -35.43 20.19
C ARG A 299 16.18 -34.33 19.40
N GLU A 300 16.79 -33.83 18.32
CA GLU A 300 16.15 -32.80 17.50
C GLU A 300 14.89 -33.36 16.82
N ALA A 301 14.97 -34.59 16.29
CA ALA A 301 13.84 -35.22 15.58
C ALA A 301 12.69 -35.55 16.51
N GLU A 302 12.97 -36.01 17.73
CA GLU A 302 11.93 -36.33 18.70
C GLU A 302 11.10 -35.09 19.07
N ALA A 303 11.75 -33.93 19.20
CA ALA A 303 11.01 -32.68 19.50
C ALA A 303 10.13 -32.25 18.30
N ALA A 304 10.53 -32.61 17.07
CA ALA A 304 9.81 -32.29 15.85
C ALA A 304 8.66 -33.25 15.53
N VAL A 305 8.42 -34.28 16.36
CA VAL A 305 7.31 -35.21 16.16
C VAL A 305 5.99 -34.45 16.37
N TYR A 306 5.03 -34.62 15.47
CA TYR A 306 3.73 -33.95 15.56
C TYR A 306 2.81 -34.77 16.47
N HIS A 307 3.02 -34.67 17.78
CA HIS A 307 2.25 -35.43 18.78
C HIS A 307 0.76 -35.23 18.70
N ARG A 308 0.28 -34.03 18.32
CA ARG A 308 -1.17 -33.79 18.24
C ARG A 308 -1.89 -34.82 17.36
N GLN A 309 -1.35 -35.08 16.16
CA GLN A 309 -1.96 -36.08 15.29
C GLN A 309 -1.54 -37.50 15.65
N LEU A 310 -0.27 -37.67 16.03
CA LEU A 310 0.25 -38.99 16.38
C LEU A 310 -0.52 -39.63 17.55
N PHE A 311 -0.72 -38.89 18.65
CA PHE A 311 -1.43 -39.40 19.81
C PHE A 311 -2.87 -39.75 19.46
N GLU A 312 -3.55 -38.88 18.71
CA GLU A 312 -4.92 -39.13 18.31
C GLU A 312 -5.04 -40.42 17.49
N GLU A 313 -4.13 -40.60 16.52
CA GLU A 313 -4.17 -41.79 15.69
C GLU A 313 -3.80 -43.06 16.45
N LEU A 314 -2.80 -43.00 17.35
CA LEU A 314 -2.43 -44.16 18.14
C LEU A 314 -3.55 -44.55 19.10
N ARG A 315 -4.20 -43.56 19.70
CA ARG A 315 -5.31 -43.74 20.61
C ARG A 315 -6.55 -44.35 19.90
N ARG A 316 -6.84 -43.88 18.68
CA ARG A 316 -7.98 -44.36 17.88
C ARG A 316 -7.74 -45.79 17.36
N ALA A 317 -6.50 -46.08 16.91
CA ALA A 317 -6.18 -47.39 16.36
C ALA A 317 -5.95 -48.47 17.40
N ALA A 318 -5.55 -48.10 18.63
CA ALA A 318 -5.33 -49.10 19.69
C ALA A 318 -6.67 -49.68 20.08
N PRO A 319 -6.80 -51.01 20.06
CA PRO A 319 -8.11 -51.62 20.31
C PRO A 319 -8.63 -51.39 21.71
N LEU A 320 -9.96 -51.51 21.87
CA LEU A 320 -10.57 -51.46 23.19
C LEU A 320 -10.07 -52.68 23.99
N SER A 321 -9.89 -52.52 25.29
CA SER A 321 -9.30 -53.60 26.08
C SER A 321 -9.87 -53.66 27.45
N ARG A 322 -9.94 -54.86 28.01
CA ARG A 322 -10.35 -55.03 29.41
CA ARG A 322 -10.34 -55.03 29.41
C ARG A 322 -9.16 -55.43 30.30
N ASP A 323 -7.92 -55.31 29.80
CA ASP A 323 -6.72 -55.62 30.56
C ASP A 323 -6.42 -54.36 31.37
N PRO A 324 -6.39 -54.43 32.71
CA PRO A 324 -6.15 -53.21 33.51
C PRO A 324 -4.83 -52.48 33.25
N THR A 325 -3.76 -53.19 32.86
CA THR A 325 -2.49 -52.52 32.56
C THR A 325 -2.67 -51.62 31.30
N GLU A 326 -3.35 -52.15 30.27
CA GLU A 326 -3.63 -51.42 29.03
C GLU A 326 -4.54 -50.20 29.32
N VAL A 327 -5.58 -50.38 30.15
CA VAL A 327 -6.50 -49.32 30.51
C VAL A 327 -5.82 -48.22 31.31
N THR A 328 -4.97 -48.61 32.28
CA THR A 328 -4.24 -47.64 33.09
C THR A 328 -3.25 -46.86 32.21
N ALA A 329 -2.58 -47.54 31.29
CA ALA A 329 -1.58 -46.91 30.41
C ALA A 329 -2.16 -45.75 29.58
N ILE A 330 -3.36 -45.94 28.96
CA ILE A 330 -3.94 -44.86 28.14
C ILE A 330 -4.44 -43.72 29.04
N GLY A 331 -4.99 -44.05 30.21
CA GLY A 331 -5.42 -43.02 31.15
C GLY A 331 -4.23 -42.18 31.64
N ALA A 332 -3.08 -42.84 31.88
CA ALA A 332 -1.87 -42.16 32.34
C ALA A 332 -1.27 -41.26 31.25
N VAL A 333 -1.25 -41.73 30.00
CA VAL A 333 -0.69 -40.93 28.91
C VAL A 333 -1.61 -39.71 28.64
N GLU A 334 -2.93 -39.91 28.73
CA GLU A 334 -3.89 -38.82 28.55
C GLU A 334 -3.68 -37.78 29.67
N ALA A 335 -3.54 -38.24 30.92
CA ALA A 335 -3.31 -37.35 32.07
C ALA A 335 -2.00 -36.57 31.91
N ALA A 336 -0.93 -37.25 31.44
CA ALA A 336 0.37 -36.61 31.22
C ALA A 336 0.28 -35.46 30.22
N PHE A 337 -0.44 -35.66 29.10
CA PHE A 337 -0.59 -34.62 28.08
C PHE A 337 -1.40 -33.44 28.61
N LYS A 338 -2.42 -33.70 29.44
CA LYS A 338 -3.28 -32.68 30.02
C LYS A 338 -2.51 -31.67 30.89
N CYS A 339 -1.51 -32.14 31.66
CA CYS A 339 -0.77 -31.25 32.55
C CYS A 339 0.65 -30.96 32.11
N CYS A 340 1.07 -31.39 30.91
CA CYS A 340 2.47 -31.22 30.44
C CYS A 340 3.41 -31.88 31.44
N ALA A 341 3.05 -33.10 31.91
CA ALA A 341 3.85 -33.81 32.90
C ALA A 341 5.28 -34.01 32.43
N ALA A 342 6.23 -33.79 33.33
CA ALA A 342 7.64 -33.96 32.99
C ALA A 342 7.96 -35.45 32.79
N ALA A 343 7.27 -36.34 33.53
CA ALA A 343 7.54 -37.77 33.45
C ALA A 343 6.34 -38.60 33.90
N ILE A 344 6.34 -39.87 33.50
CA ILE A 344 5.44 -40.89 33.96
C ILE A 344 6.37 -41.88 34.66
N ILE A 345 6.26 -42.04 35.98
CA ILE A 345 7.09 -42.98 36.71
C ILE A 345 6.29 -44.27 36.84
N VAL A 346 6.86 -45.38 36.38
CA VAL A 346 6.15 -46.66 36.42
C VAL A 346 6.99 -47.74 37.11
N LEU A 347 6.34 -48.55 37.94
CA LEU A 347 7.03 -49.68 38.58
C LEU A 347 6.78 -50.88 37.66
N THR A 348 7.84 -51.63 37.34
CA THR A 348 7.69 -52.77 36.45
C THR A 348 8.65 -53.90 36.78
N THR A 349 8.17 -55.13 36.69
CA THR A 349 8.99 -56.31 36.97
C THR A 349 9.60 -56.84 35.67
N THR A 350 8.77 -56.95 34.61
CA THR A 350 9.18 -57.49 33.31
C THR A 350 9.43 -56.41 32.24
N GLY A 351 9.00 -55.19 32.49
CA GLY A 351 9.08 -54.10 31.52
C GLY A 351 7.75 -53.84 30.83
N ARG A 352 6.79 -54.78 30.92
CA ARG A 352 5.50 -54.69 30.22
C ARG A 352 4.70 -53.40 30.49
N SER A 353 4.57 -52.97 31.76
CA SER A 353 3.81 -51.75 32.05
C SER A 353 4.45 -50.51 31.39
N ALA A 354 5.78 -50.48 31.29
CA ALA A 354 6.49 -49.37 30.63
C ALA A 354 6.30 -49.45 29.10
N GLN A 355 6.29 -50.67 28.55
CA GLN A 355 6.06 -50.86 27.11
C GLN A 355 4.67 -50.37 26.69
N LEU A 356 3.63 -50.64 27.52
CA LEU A 356 2.27 -50.21 27.21
C LEU A 356 2.10 -48.70 27.31
N LEU A 357 2.93 -48.02 28.11
CA LEU A 357 2.90 -46.56 28.17
C LEU A 357 3.61 -46.01 26.89
N SER A 358 4.77 -46.61 26.53
CA SER A 358 5.60 -46.25 25.38
C SER A 358 4.84 -46.29 24.05
N ARG A 359 3.94 -47.27 23.91
CA ARG A 359 3.18 -47.46 22.66
C ARG A 359 2.32 -46.24 22.28
N TYR A 360 1.95 -45.40 23.25
CA TYR A 360 1.18 -44.18 22.96
C TYR A 360 2.04 -42.95 22.66
N ARG A 361 3.36 -43.14 22.65
CA ARG A 361 4.33 -42.10 22.36
C ARG A 361 4.11 -40.81 23.17
N PRO A 362 4.06 -40.89 24.52
CA PRO A 362 3.94 -39.66 25.32
C PRO A 362 5.14 -38.74 25.12
N ARG A 363 4.95 -37.44 25.28
CA ARG A 363 6.09 -36.50 25.27
C ARG A 363 6.82 -36.65 26.64
N ALA A 364 6.09 -36.94 27.72
CA ALA A 364 6.65 -37.18 29.05
C ALA A 364 7.56 -38.41 29.02
N ALA A 365 8.74 -38.33 29.66
CA ALA A 365 9.66 -39.47 29.72
C ALA A 365 9.01 -40.57 30.55
N VAL A 366 9.20 -41.84 30.17
CA VAL A 366 8.66 -42.95 30.96
C VAL A 366 9.83 -43.48 31.81
N ILE A 367 9.83 -43.14 33.09
CA ILE A 367 10.88 -43.57 34.00
C ILE A 367 10.47 -44.90 34.61
N ALA A 368 11.11 -45.99 34.19
CA ALA A 368 10.74 -47.33 34.65
C ALA A 368 11.64 -47.81 35.80
N VAL A 369 11.07 -47.97 36.99
CA VAL A 369 11.82 -48.43 38.15
C VAL A 369 11.64 -49.94 38.27
N THR A 370 12.74 -50.67 38.20
CA THR A 370 12.68 -52.13 38.26
C THR A 370 13.84 -52.70 39.07
N ARG A 371 13.60 -53.85 39.71
CA ARG A 371 14.65 -54.58 40.42
C ARG A 371 15.34 -55.56 39.44
N SER A 372 14.68 -55.93 38.32
CA SER A 372 15.25 -56.86 37.35
C SER A 372 16.31 -56.18 36.50
N ALA A 373 17.58 -56.61 36.63
CA ALA A 373 18.68 -56.06 35.84
C ALA A 373 18.44 -56.36 34.35
N GLN A 374 17.92 -57.55 34.03
CA GLN A 374 17.62 -57.90 32.64
C GLN A 374 16.50 -57.03 32.06
N ALA A 375 15.39 -56.81 32.80
CA ALA A 375 14.30 -55.94 32.32
C ALA A 375 14.81 -54.52 32.11
N ALA A 376 15.69 -54.03 33.01
CA ALA A 376 16.27 -52.69 32.88
C ALA A 376 17.05 -52.56 31.57
N ARG A 377 17.79 -53.61 31.18
CA ARG A 377 18.55 -53.58 29.94
C ARG A 377 17.60 -53.69 28.73
N GLN A 378 16.63 -54.61 28.79
CA GLN A 378 15.72 -54.86 27.68
C GLN A 378 14.76 -53.71 27.34
N VAL A 379 14.30 -52.92 28.33
CA VAL A 379 13.35 -51.82 28.03
C VAL A 379 13.95 -50.70 27.17
N HIS A 380 15.29 -50.72 26.93
CA HIS A 380 15.92 -49.82 25.99
C HIS A 380 15.34 -50.03 24.57
N LEU A 381 14.72 -51.19 24.28
CA LEU A 381 14.08 -51.46 23.00
C LEU A 381 12.85 -50.56 22.77
N CYS A 382 12.21 -50.03 23.85
CA CYS A 382 10.99 -49.24 23.76
C CYS A 382 11.26 -47.76 23.83
N ARG A 383 10.88 -46.98 22.79
CA ARG A 383 11.14 -45.55 22.80
C ARG A 383 10.62 -44.82 24.04
N GLY A 384 11.45 -43.95 24.58
CA GLY A 384 11.05 -43.10 25.69
C GLY A 384 11.01 -43.76 27.06
N VAL A 385 11.55 -44.97 27.17
CA VAL A 385 11.62 -45.66 28.46
C VAL A 385 13.04 -45.51 28.98
N PHE A 386 13.16 -44.93 30.18
CA PHE A 386 14.42 -44.67 30.86
C PHE A 386 14.49 -45.61 32.07
N PRO A 387 15.24 -46.72 31.93
CA PRO A 387 15.29 -47.69 33.03
C PRO A 387 16.15 -47.27 34.21
N LEU A 388 15.62 -47.49 35.42
CA LEU A 388 16.33 -47.21 36.66
C LEU A 388 16.38 -48.52 37.43
N LEU A 389 17.60 -49.05 37.63
CA LEU A 389 17.77 -50.30 38.36
C LEU A 389 17.78 -50.02 39.85
N TYR A 390 16.74 -50.51 40.55
CA TYR A 390 16.54 -50.27 41.97
C TYR A 390 17.38 -51.22 42.81
N ARG A 391 18.33 -50.65 43.59
CA ARG A 391 19.22 -51.43 44.46
C ARG A 391 19.24 -50.91 45.90
N GLU A 392 18.17 -50.24 46.33
CA GLU A 392 18.08 -49.74 47.71
CA GLU A 392 18.06 -49.74 47.71
C GLU A 392 17.52 -50.84 48.62
N PRO A 393 17.81 -50.79 49.95
CA PRO A 393 17.29 -51.84 50.83
C PRO A 393 15.76 -51.93 50.80
N PRO A 394 15.22 -53.14 50.96
CA PRO A 394 13.77 -53.29 50.93
C PRO A 394 13.09 -52.74 52.18
N GLU A 395 11.80 -52.44 52.04
CA GLU A 395 10.97 -52.00 53.14
C GLU A 395 10.17 -53.23 53.60
N ALA A 396 9.82 -53.28 54.89
CA ALA A 396 9.06 -54.41 55.45
C ALA A 396 7.62 -54.39 54.97
N ILE A 397 7.04 -53.19 54.86
CA ILE A 397 5.65 -53.05 54.42
C ILE A 397 5.64 -52.79 52.91
N TRP A 398 4.96 -53.66 52.13
CA TRP A 398 4.87 -53.55 50.67
C TRP A 398 4.48 -52.13 50.19
N ALA A 399 3.47 -51.50 50.80
CA ALA A 399 3.07 -50.14 50.43
C ALA A 399 4.21 -49.13 50.63
N ASP A 400 5.01 -49.27 51.70
CA ASP A 400 6.15 -48.39 51.92
C ASP A 400 7.24 -48.68 50.88
N ASP A 401 7.40 -49.93 50.47
CA ASP A 401 8.40 -50.33 49.48
C ASP A 401 8.06 -49.72 48.10
N VAL A 402 6.75 -49.70 47.75
CA VAL A 402 6.24 -49.11 46.53
C VAL A 402 6.54 -47.61 46.54
N ASP A 403 6.15 -46.91 47.63
CA ASP A 403 6.37 -45.47 47.81
CA ASP A 403 6.37 -45.47 47.78
C ASP A 403 7.85 -45.10 47.71
N ARG A 404 8.72 -45.99 48.23
CA ARG A 404 10.15 -45.73 48.19
C ARG A 404 10.71 -45.85 46.79
N ARG A 405 10.20 -46.80 45.99
CA ARG A 405 10.62 -46.94 44.60
C ARG A 405 10.18 -45.71 43.76
N VAL A 406 9.02 -45.13 44.08
CA VAL A 406 8.49 -43.93 43.43
C VAL A 406 9.38 -42.74 43.81
N GLN A 407 9.78 -42.63 45.09
CA GLN A 407 10.69 -41.57 45.54
C GLN A 407 12.06 -41.72 44.88
N PHE A 408 12.53 -42.96 44.67
CA PHE A 408 13.80 -43.21 44.00
C PHE A 408 13.73 -42.69 42.54
N GLY A 409 12.60 -42.94 41.87
CA GLY A 409 12.37 -42.48 40.51
C GLY A 409 12.41 -40.97 40.44
N ILE A 410 11.80 -40.29 41.44
CA ILE A 410 11.78 -38.83 41.52
C ILE A 410 13.19 -38.27 41.78
N GLU A 411 13.93 -38.86 42.73
CA GLU A 411 15.28 -38.40 43.04
C GLU A 411 16.24 -38.60 41.87
N SER A 412 16.14 -39.76 41.17
CA SER A 412 16.97 -39.99 39.98
C SER A 412 16.59 -38.99 38.87
N GLY A 413 15.29 -38.73 38.75
CA GLY A 413 14.74 -37.77 37.78
C GLY A 413 15.27 -36.37 38.01
N LYS A 414 15.34 -35.94 39.28
CA LYS A 414 15.85 -34.62 39.64
C LYS A 414 17.35 -34.54 39.32
N LEU A 415 18.10 -35.58 39.67
CA LEU A 415 19.55 -35.61 39.45
C LEU A 415 19.88 -35.58 37.97
N ARG A 416 19.11 -36.31 37.15
CA ARG A 416 19.38 -36.38 35.72
C ARG A 416 18.80 -35.24 34.88
N GLY A 417 18.06 -34.34 35.50
CA GLY A 417 17.48 -33.20 34.79
C GLY A 417 16.09 -33.41 34.22
N PHE A 418 15.51 -34.60 34.44
CA PHE A 418 14.16 -34.93 33.98
C PHE A 418 13.11 -34.11 34.71
N LEU A 419 13.30 -33.91 36.02
CA LEU A 419 12.32 -33.28 36.90
C LEU A 419 12.91 -32.15 37.72
N ARG A 420 12.04 -31.21 38.08
CA ARG A 420 12.35 -30.07 38.95
C ARG A 420 11.20 -29.89 39.93
N VAL A 421 11.46 -29.21 41.06
CA VAL A 421 10.43 -28.92 42.07
C VAL A 421 9.32 -28.07 41.42
N GLY A 422 8.07 -28.45 41.63
CA GLY A 422 6.96 -27.77 41.01
C GLY A 422 6.40 -28.50 39.80
N ASP A 423 7.15 -29.45 39.23
CA ASP A 423 6.66 -30.23 38.09
C ASP A 423 5.54 -31.18 38.54
N LEU A 424 4.71 -31.61 37.58
CA LEU A 424 3.71 -32.63 37.86
C LEU A 424 4.22 -33.92 37.21
N VAL A 425 3.99 -35.05 37.88
CA VAL A 425 4.34 -36.35 37.33
C VAL A 425 3.13 -37.27 37.46
N ILE A 426 3.09 -38.27 36.58
CA ILE A 426 2.06 -39.29 36.66
C ILE A 426 2.75 -40.54 37.20
N VAL A 427 2.18 -41.19 38.21
CA VAL A 427 2.80 -42.38 38.79
C VAL A 427 1.91 -43.59 38.54
N VAL A 428 2.47 -44.64 37.96
CA VAL A 428 1.75 -45.85 37.61
C VAL A 428 2.25 -47.04 38.44
N THR A 429 1.35 -47.61 39.26
CA THR A 429 1.65 -48.74 40.15
C THR A 429 0.51 -49.82 40.07
N GLY A 430 0.62 -50.88 40.86
CA GLY A 430 -0.35 -51.96 40.92
C GLY A 430 -0.93 -52.18 42.31
N TRP A 431 -1.93 -53.04 42.41
CA TRP A 431 -2.62 -53.27 43.68
C TRP A 431 -2.00 -54.37 44.56
N ARG A 432 -1.11 -55.19 43.99
CA ARG A 432 -0.46 -56.27 44.72
C ARG A 432 0.92 -56.59 44.11
N PRO A 433 1.83 -57.24 44.87
CA PRO A 433 3.15 -57.58 44.30
C PRO A 433 3.07 -58.57 43.13
N GLY A 434 4.12 -58.65 42.34
CA GLY A 434 4.18 -59.55 41.20
C GLY A 434 3.76 -58.85 39.90
N SER A 435 4.22 -59.36 38.76
CA SER A 435 3.88 -58.80 37.46
C SER A 435 2.42 -59.04 37.06
N GLY A 436 1.85 -58.12 36.29
CA GLY A 436 0.50 -58.27 35.76
C GLY A 436 -0.63 -57.59 36.49
N TYR A 437 -0.33 -56.84 37.56
CA TYR A 437 -1.38 -56.22 38.36
C TYR A 437 -1.39 -54.70 38.35
N THR A 438 -0.74 -54.06 37.36
CA THR A 438 -0.77 -52.58 37.27
C THR A 438 -2.23 -52.14 37.05
N ASN A 439 -2.72 -51.23 37.87
CA ASN A 439 -4.10 -50.74 37.76
C ASN A 439 -4.30 -49.34 38.38
N ILE A 440 -3.22 -48.64 38.75
CA ILE A 440 -3.35 -47.35 39.42
C ILE A 440 -2.55 -46.25 38.75
N MET A 441 -3.17 -45.08 38.63
CA MET A 441 -2.51 -43.91 38.11
CA MET A 441 -2.57 -43.88 38.06
C MET A 441 -2.73 -42.76 39.11
N ARG A 442 -1.65 -42.06 39.48
CA ARG A 442 -1.74 -40.97 40.45
C ARG A 442 -1.08 -39.71 39.90
N VAL A 443 -1.62 -38.54 40.23
CA VAL A 443 -1.05 -37.26 39.83
C VAL A 443 -0.29 -36.71 41.04
N LEU A 444 1.02 -36.51 40.90
CA LEU A 444 1.86 -36.06 42.02
C LEU A 444 2.60 -34.76 41.68
N SER A 445 2.65 -33.85 42.65
CA SER A 445 3.40 -32.60 42.51
C SER A 445 4.79 -32.84 43.10
N ILE A 446 5.86 -32.49 42.36
CA ILE A 446 7.23 -32.69 42.80
C ILE A 446 7.65 -31.72 43.88
N SER A 447 8.09 -32.29 45.02
CA SER A 447 8.61 -31.67 46.24
C SER A 447 7.64 -30.70 46.89
N ARG B 12 -12.80 -52.49 12.24
CA ARG B 12 -13.17 -53.67 13.01
C ARG B 12 -12.07 -54.12 13.96
N ALA B 13 -10.79 -53.99 13.57
CA ALA B 13 -9.64 -54.41 14.39
C ALA B 13 -9.58 -53.72 15.77
N ASP B 14 -10.05 -52.45 15.84
CA ASP B 14 -10.11 -51.68 17.07
C ASP B 14 -11.17 -52.19 18.06
N VAL B 15 -12.15 -52.99 17.59
CA VAL B 15 -13.20 -53.53 18.48
C VAL B 15 -13.31 -55.07 18.42
N ALA B 16 -12.47 -55.76 17.64
CA ALA B 16 -12.57 -57.21 17.43
C ALA B 16 -12.44 -58.08 18.69
N GLN B 17 -11.39 -57.83 19.52
CA GLN B 17 -11.21 -58.62 20.73
C GLN B 17 -12.34 -58.38 21.72
N LEU B 18 -12.74 -57.12 21.91
CA LEU B 18 -13.84 -56.82 22.83
C LEU B 18 -15.18 -57.30 22.30
N THR B 19 -15.35 -57.40 20.97
CA THR B 19 -16.58 -57.95 20.40
C THR B 19 -16.64 -59.44 20.69
N GLN B 20 -15.50 -60.15 20.60
CA GLN B 20 -15.45 -61.57 20.91
C GLN B 20 -15.74 -61.81 22.41
N GLU B 21 -15.15 -60.99 23.29
CA GLU B 21 -15.34 -61.11 24.74
C GLU B 21 -16.72 -60.71 25.26
N LEU B 22 -17.21 -59.52 24.87
CA LEU B 22 -18.52 -59.02 25.32
C LEU B 22 -19.71 -59.46 24.46
N GLY B 23 -19.44 -59.89 23.24
CA GLY B 23 -20.49 -60.36 22.33
C GLY B 23 -20.98 -59.34 21.35
N THR B 24 -21.54 -59.80 20.21
CA THR B 24 -22.08 -58.91 19.20
C THR B 24 -23.32 -58.20 19.70
N ALA B 25 -24.12 -58.83 20.61
CA ALA B 25 -25.34 -58.19 21.11
C ALA B 25 -25.00 -56.94 21.91
N PHE B 26 -23.89 -56.97 22.69
CA PHE B 26 -23.44 -55.81 23.46
C PHE B 26 -23.18 -54.61 22.53
N PHE B 27 -22.48 -54.85 21.41
CA PHE B 27 -22.11 -53.78 20.48
C PHE B 27 -23.22 -53.34 19.53
N GLN B 28 -24.40 -53.97 19.59
CA GLN B 28 -25.54 -53.54 18.78
C GLN B 28 -26.47 -52.63 19.58
N GLN B 29 -26.47 -52.72 20.94
CA GLN B 29 -27.28 -51.92 21.84
C GLN B 29 -26.70 -50.50 22.01
N GLN B 30 -27.46 -49.62 22.69
CA GLN B 30 -27.13 -48.25 23.06
C GLN B 30 -26.44 -47.44 21.94
N GLN B 31 -26.89 -47.63 20.68
CA GLN B 31 -26.34 -46.96 19.50
C GLN B 31 -24.82 -47.06 19.38
N LEU B 32 -24.23 -48.18 19.85
CA LEU B 32 -22.79 -48.38 19.77
C LEU B 32 -22.28 -48.39 18.32
N PRO B 33 -22.97 -48.97 17.29
CA PRO B 33 -22.47 -48.84 15.92
C PRO B 33 -22.34 -47.36 15.50
N ALA B 34 -23.32 -46.51 15.88
CA ALA B 34 -23.28 -45.09 15.57
C ALA B 34 -22.18 -44.37 16.36
N ALA B 35 -21.98 -44.75 17.63
CA ALA B 35 -20.96 -44.15 18.49
C ALA B 35 -19.54 -44.43 17.96
N MET B 36 -19.33 -45.57 17.32
CA MET B 36 -18.02 -45.96 16.78
C MET B 36 -17.75 -45.41 15.37
N ALA B 37 -18.72 -44.75 14.72
CA ALA B 37 -18.56 -44.25 13.35
C ALA B 37 -17.41 -43.27 13.20
N ASP B 38 -16.78 -43.27 12.01
CA ASP B 38 -15.62 -42.42 11.73
C ASP B 38 -15.97 -40.99 11.36
N THR B 39 -17.22 -40.74 10.91
CA THR B 39 -17.67 -39.39 10.59
C THR B 39 -19.05 -39.11 11.21
N PHE B 40 -19.41 -37.84 11.36
CA PHE B 40 -20.72 -37.48 11.90
C PHE B 40 -21.83 -37.94 10.93
N LEU B 41 -21.59 -37.82 9.61
CA LEU B 41 -22.54 -38.30 8.62
C LEU B 41 -22.81 -39.82 8.80
N GLU B 42 -21.74 -40.61 8.94
CA GLU B 42 -21.89 -42.05 9.14
C GLU B 42 -22.56 -42.35 10.48
N HIS B 43 -22.28 -41.55 11.51
CA HIS B 43 -22.92 -41.67 12.82
C HIS B 43 -24.45 -41.54 12.67
N LEU B 44 -24.90 -40.51 11.91
CA LEU B 44 -26.33 -40.31 11.69
C LEU B 44 -26.93 -41.49 10.94
N CYS B 45 -26.25 -41.94 9.85
CA CYS B 45 -26.70 -43.05 9.02
C CYS B 45 -26.83 -44.36 9.82
N LEU B 46 -26.06 -44.52 10.90
CA LEU B 46 -26.08 -45.75 11.69
C LEU B 46 -27.04 -45.74 12.85
N LEU B 47 -27.74 -44.61 13.13
CA LEU B 47 -28.72 -44.56 14.23
C LEU B 47 -29.83 -45.58 13.95
N ASP B 48 -30.16 -46.41 14.93
CA ASP B 48 -31.03 -47.55 14.75
C ASP B 48 -32.14 -47.57 15.78
N ILE B 49 -33.41 -47.53 15.33
CA ILE B 49 -34.56 -47.60 16.23
C ILE B 49 -34.65 -48.94 16.99
N ASP B 50 -33.99 -50.00 16.49
CA ASP B 50 -33.96 -51.29 17.18
C ASP B 50 -32.79 -51.43 18.17
N SER B 51 -31.91 -50.42 18.24
CA SER B 51 -30.79 -50.43 19.19
C SER B 51 -31.31 -49.84 20.51
N GLU B 52 -31.55 -50.70 21.49
CA GLU B 52 -32.15 -50.28 22.75
C GLU B 52 -31.19 -49.63 23.73
N PRO B 53 -31.64 -48.57 24.42
CA PRO B 53 -30.78 -47.95 25.44
C PRO B 53 -30.60 -48.88 26.64
N VAL B 54 -29.39 -48.93 27.20
CA VAL B 54 -29.11 -49.82 28.34
C VAL B 54 -28.72 -49.00 29.58
N ALA B 55 -27.99 -47.89 29.39
CA ALA B 55 -27.54 -47.08 30.52
C ALA B 55 -28.66 -46.38 31.25
N ALA B 56 -28.43 -46.05 32.54
CA ALA B 56 -29.37 -45.28 33.35
C ALA B 56 -29.46 -43.86 32.75
N ARG B 57 -30.63 -43.24 32.86
CA ARG B 57 -30.86 -41.91 32.31
C ARG B 57 -30.00 -40.88 33.02
N SER B 58 -29.18 -40.17 32.26
CA SER B 58 -28.22 -39.24 32.81
C SER B 58 -28.65 -37.76 32.86
N THR B 59 -29.57 -37.30 31.98
CA THR B 59 -30.00 -35.90 32.00
C THR B 59 -31.08 -35.76 33.06
N SER B 60 -30.87 -34.88 34.05
CA SER B 60 -31.85 -34.71 35.13
C SER B 60 -33.12 -34.03 34.67
N ILE B 61 -34.23 -34.39 35.31
CA ILE B 61 -35.52 -33.81 35.03
C ILE B 61 -35.91 -32.90 36.18
N ILE B 62 -36.23 -31.65 35.84
CA ILE B 62 -36.71 -30.67 36.80
C ILE B 62 -38.22 -30.59 36.59
N ALA B 63 -39.01 -30.83 37.64
CA ALA B 63 -40.46 -30.73 37.53
C ALA B 63 -40.95 -29.58 38.41
N THR B 64 -41.79 -28.70 37.84
CA THR B 64 -42.35 -27.59 38.61
C THR B 64 -43.51 -28.09 39.47
N ILE B 65 -43.49 -27.72 40.76
CA ILE B 65 -44.52 -28.16 41.70
C ILE B 65 -45.69 -27.17 41.69
N GLY B 66 -46.89 -27.71 41.66
CA GLY B 66 -48.11 -26.92 41.68
C GLY B 66 -49.30 -27.75 42.09
N PRO B 67 -50.52 -27.25 41.88
CA PRO B 67 -51.72 -28.01 42.29
C PRO B 67 -51.81 -29.42 41.73
N ALA B 68 -51.25 -29.67 40.52
CA ALA B 68 -51.30 -31.01 39.93
C ALA B 68 -50.24 -31.97 40.47
N SER B 69 -49.26 -31.47 41.23
CA SER B 69 -48.14 -32.31 41.68
C SER B 69 -47.69 -31.98 43.11
N ARG B 70 -48.61 -31.59 43.97
CA ARG B 70 -48.29 -31.17 45.33
C ARG B 70 -48.49 -32.20 46.42
N SER B 71 -49.41 -33.14 46.22
CA SER B 71 -49.68 -34.15 47.25
C SER B 71 -48.52 -35.12 47.43
N VAL B 72 -48.35 -35.66 48.64
CA VAL B 72 -47.28 -36.59 48.96
C VAL B 72 -47.36 -37.85 48.09
N GLU B 73 -48.57 -38.37 47.88
CA GLU B 73 -48.79 -39.57 47.06
C GLU B 73 -48.42 -39.30 45.59
N ARG B 74 -48.78 -38.11 45.06
CA ARG B 74 -48.47 -37.72 43.68
C ARG B 74 -46.96 -37.54 43.53
N LEU B 75 -46.31 -36.92 44.53
CA LEU B 75 -44.87 -36.70 44.54
C LEU B 75 -44.08 -38.01 44.57
N LYS B 76 -44.60 -39.04 45.25
CA LYS B 76 -43.93 -40.34 45.28
C LYS B 76 -43.95 -40.95 43.87
N GLU B 77 -45.06 -40.79 43.13
CA GLU B 77 -45.14 -41.31 41.76
C GLU B 77 -44.20 -40.53 40.84
N MET B 78 -44.05 -39.21 41.06
CA MET B 78 -43.15 -38.40 40.25
CA MET B 78 -43.15 -38.40 40.24
C MET B 78 -41.69 -38.76 40.50
N ILE B 79 -41.34 -39.11 41.75
CA ILE B 79 -39.97 -39.52 42.09
C ILE B 79 -39.69 -40.85 41.39
N LYS B 80 -40.66 -41.80 41.44
CA LYS B 80 -40.51 -43.09 40.78
C LYS B 80 -40.43 -42.93 39.24
N ALA B 81 -41.15 -41.95 38.68
CA ALA B 81 -41.14 -41.67 37.23
C ALA B 81 -39.82 -41.05 36.76
N GLY B 82 -39.07 -40.42 37.66
CA GLY B 82 -37.77 -39.85 37.32
C GLY B 82 -37.46 -38.43 37.71
N MET B 83 -38.36 -37.75 38.46
CA MET B 83 -38.09 -36.37 38.88
C MET B 83 -36.83 -36.32 39.79
N ASN B 84 -35.87 -35.46 39.46
CA ASN B 84 -34.63 -35.32 40.25
C ASN B 84 -34.55 -34.00 41.00
N ILE B 85 -35.20 -32.96 40.46
CA ILE B 85 -35.20 -31.61 41.01
C ILE B 85 -36.63 -31.07 41.02
N ALA B 86 -37.09 -30.57 42.17
CA ALA B 86 -38.42 -29.98 42.31
C ALA B 86 -38.27 -28.47 42.24
N ARG B 87 -38.97 -27.82 41.30
CA ARG B 87 -38.89 -26.38 41.12
C ARG B 87 -40.10 -25.69 41.76
N LEU B 88 -39.84 -24.67 42.60
CA LEU B 88 -40.89 -23.88 43.23
C LEU B 88 -40.89 -22.54 42.53
N ASN B 89 -41.97 -22.22 41.82
CA ASN B 89 -42.03 -20.96 41.09
C ASN B 89 -42.59 -19.87 41.99
N PHE B 90 -41.71 -18.99 42.47
CA PHE B 90 -42.12 -17.90 43.37
C PHE B 90 -42.83 -16.74 42.66
N SER B 91 -43.12 -16.88 41.36
CA SER B 91 -43.94 -15.88 40.66
C SER B 91 -45.42 -16.01 41.12
N HIS B 92 -45.82 -17.17 41.67
CA HIS B 92 -47.17 -17.45 42.15
C HIS B 92 -47.10 -18.13 43.52
N GLY B 93 -48.12 -17.94 44.34
CA GLY B 93 -48.20 -18.58 45.65
C GLY B 93 -47.50 -17.84 46.78
N SER B 94 -48.01 -18.02 47.99
CA SER B 94 -47.46 -17.38 49.18
C SER B 94 -46.28 -18.20 49.76
N HIS B 95 -45.58 -17.65 50.76
CA HIS B 95 -44.50 -18.37 51.44
C HIS B 95 -45.08 -19.62 52.15
N GLU B 96 -46.30 -19.51 52.71
CA GLU B 96 -46.96 -20.64 53.38
C GLU B 96 -47.22 -21.79 52.40
N TYR B 97 -47.67 -21.44 51.18
CA TYR B 97 -47.95 -22.41 50.13
C TYR B 97 -46.65 -23.15 49.74
N HIS B 98 -45.57 -22.41 49.50
CA HIS B 98 -44.29 -23.01 49.12
C HIS B 98 -43.65 -23.82 50.22
N ALA B 99 -43.82 -23.41 51.51
CA ALA B 99 -43.29 -24.18 52.63
C ALA B 99 -44.00 -25.54 52.70
N GLU B 100 -45.30 -25.58 52.41
CA GLU B 100 -46.04 -26.83 52.41
C GLU B 100 -45.59 -27.73 51.26
N SER B 101 -45.30 -27.14 50.09
CA SER B 101 -44.80 -27.89 48.93
C SER B 101 -43.46 -28.54 49.28
N ILE B 102 -42.54 -27.79 49.93
CA ILE B 102 -41.23 -28.28 50.37
C ILE B 102 -41.40 -29.44 51.35
N ALA B 103 -42.30 -29.28 52.34
CA ALA B 103 -42.55 -30.34 53.34
C ALA B 103 -43.06 -31.60 52.66
N ASN B 104 -43.97 -31.46 51.69
CA ASN B 104 -44.52 -32.61 50.97
C ASN B 104 -43.45 -33.31 50.12
N VAL B 105 -42.56 -32.55 49.47
CA VAL B 105 -41.46 -33.13 48.68
C VAL B 105 -40.54 -33.92 49.61
N ARG B 106 -40.14 -33.31 50.74
CA ARG B 106 -39.27 -33.99 51.72
C ARG B 106 -39.91 -35.24 52.31
N GLU B 107 -41.22 -35.22 52.57
CA GLU B 107 -41.91 -36.40 53.08
C GLU B 107 -41.91 -37.53 52.04
N ALA B 108 -42.20 -37.19 50.78
CA ALA B 108 -42.18 -38.18 49.70
C ALA B 108 -40.76 -38.76 49.49
N VAL B 109 -39.72 -37.91 49.52
CA VAL B 109 -38.34 -38.35 49.35
C VAL B 109 -37.91 -39.29 50.48
N GLU B 110 -38.19 -38.88 51.73
CA GLU B 110 -37.79 -39.68 52.88
C GLU B 110 -38.56 -40.99 53.03
N SER B 111 -39.70 -41.15 52.32
CA SER B 111 -40.44 -42.42 52.37
C SER B 111 -39.63 -43.59 51.77
N PHE B 112 -38.58 -43.30 50.98
CA PHE B 112 -37.72 -44.31 50.36
C PHE B 112 -36.36 -44.50 51.09
N ALA B 113 -36.10 -43.72 52.16
CA ALA B 113 -34.83 -43.72 52.92
C ALA B 113 -34.51 -44.99 53.71
N GLY B 114 -35.49 -45.89 53.80
CA GLY B 114 -35.31 -47.14 54.53
C GLY B 114 -34.23 -48.04 53.94
N SER B 115 -33.97 -47.88 52.64
CA SER B 115 -32.94 -48.66 52.00
C SER B 115 -31.86 -47.74 51.45
N PRO B 116 -30.77 -47.58 52.21
CA PRO B 116 -29.67 -46.71 51.76
C PRO B 116 -28.97 -47.10 50.45
N LEU B 117 -28.94 -48.39 50.10
CA LEU B 117 -28.31 -48.84 48.85
C LEU B 117 -29.16 -48.46 47.60
N SER B 118 -30.43 -48.02 47.78
CA SER B 118 -31.31 -47.63 46.66
C SER B 118 -31.95 -46.22 46.79
N TYR B 119 -31.77 -45.52 47.93
CA TYR B 119 -32.35 -44.18 48.18
C TYR B 119 -32.06 -43.16 47.08
N ARG B 120 -33.05 -42.35 46.72
CA ARG B 120 -32.88 -41.31 45.70
C ARG B 120 -33.03 -39.87 46.20
N PRO B 121 -31.93 -39.11 46.28
CA PRO B 121 -32.03 -37.71 46.68
C PRO B 121 -32.79 -36.87 45.64
N VAL B 122 -33.51 -35.81 46.07
CA VAL B 122 -34.24 -34.90 45.19
C VAL B 122 -33.91 -33.47 45.60
N ALA B 123 -33.37 -32.65 44.68
CA ALA B 123 -33.02 -31.27 45.00
C ALA B 123 -34.24 -30.35 45.00
N ILE B 124 -34.17 -29.26 45.76
CA ILE B 124 -35.25 -28.28 45.80
C ILE B 124 -34.72 -26.97 45.28
N ALA B 125 -35.33 -26.46 44.20
CA ALA B 125 -34.88 -25.23 43.57
C ALA B 125 -35.93 -24.14 43.70
N LEU B 126 -35.49 -22.92 44.01
CA LEU B 126 -36.39 -21.78 44.16
C LEU B 126 -36.22 -20.91 42.94
N ASP B 127 -37.28 -20.70 42.16
CA ASP B 127 -37.25 -19.88 40.96
C ASP B 127 -37.84 -18.52 41.32
N THR B 128 -37.03 -17.46 41.26
CA THR B 128 -37.48 -16.13 41.67
C THR B 128 -38.48 -15.46 40.72
N LYS B 129 -39.29 -14.55 41.28
CA LYS B 129 -40.27 -13.77 40.52
C LYS B 129 -39.55 -12.87 39.51
N GLY B 130 -38.44 -12.26 39.92
CA GLY B 130 -37.65 -11.41 39.04
C GLY B 130 -37.73 -9.94 39.34
N PRO B 131 -36.98 -9.14 38.57
CA PRO B 131 -36.93 -7.69 38.82
C PRO B 131 -38.16 -6.90 38.37
N GLY B 132 -38.94 -7.45 37.45
CA GLY B 132 -40.09 -6.76 36.89
C GLY B 132 -39.61 -5.59 36.05
N SER B 133 -40.19 -4.41 36.29
CA SER B 133 -39.77 -3.20 35.58
C SER B 133 -38.50 -2.54 36.20
N GLY B 134 -38.05 -3.03 37.36
CA GLY B 134 -36.90 -2.52 38.08
C GLY B 134 -35.55 -2.82 37.44
N PRO B 135 -34.52 -2.08 37.89
CA PRO B 135 -33.18 -2.29 37.30
C PRO B 135 -32.38 -3.47 37.86
N GLY B 136 -32.69 -3.91 39.07
CA GLY B 136 -31.96 -4.99 39.71
C GLY B 136 -32.81 -5.79 40.68
N LEU B 137 -32.20 -6.31 41.76
CA LEU B 137 -32.90 -7.14 42.74
C LEU B 137 -34.11 -6.46 43.41
N SER B 138 -35.29 -7.05 43.23
CA SER B 138 -36.53 -6.51 43.79
C SER B 138 -36.65 -6.81 45.29
N GLU B 139 -37.53 -6.08 45.99
CA GLU B 139 -37.76 -6.29 47.42
C GLU B 139 -38.40 -7.64 47.68
N GLN B 140 -39.30 -8.10 46.79
CA GLN B 140 -39.93 -9.41 46.96
C GLN B 140 -38.88 -10.51 46.79
N ASP B 141 -37.95 -10.36 45.83
CA ASP B 141 -36.88 -11.34 45.65
C ASP B 141 -35.99 -11.43 46.88
N VAL B 142 -35.70 -10.31 47.55
CA VAL B 142 -34.89 -10.33 48.78
C VAL B 142 -35.60 -11.17 49.86
N ARG B 143 -36.92 -10.98 50.01
CA ARG B 143 -37.69 -11.76 51.00
C ARG B 143 -37.78 -13.24 50.62
N ASP B 144 -37.98 -13.54 49.33
CA ASP B 144 -38.08 -14.92 48.85
C ASP B 144 -36.74 -15.65 48.97
N LEU B 145 -35.63 -14.96 48.71
CA LEU B 145 -34.31 -15.56 48.85
C LEU B 145 -34.02 -15.85 50.34
N ARG B 146 -34.46 -14.97 51.25
CA ARG B 146 -34.29 -15.23 52.69
C ARG B 146 -35.12 -16.45 53.09
N PHE B 147 -36.33 -16.60 52.53
CA PHE B 147 -37.19 -17.75 52.77
C PHE B 147 -36.45 -19.03 52.31
N GLY B 148 -35.82 -18.98 51.15
CA GLY B 148 -35.07 -20.12 50.60
C GLY B 148 -33.96 -20.58 51.52
N VAL B 149 -33.18 -19.64 52.04
CA VAL B 149 -32.10 -19.96 52.99
C VAL B 149 -32.67 -20.59 54.26
N GLU B 150 -33.73 -20.00 54.81
CA GLU B 150 -34.36 -20.51 56.03
C GLU B 150 -34.97 -21.88 55.86
N HIS B 151 -35.44 -22.20 54.64
CA HIS B 151 -36.02 -23.52 54.38
C HIS B 151 -35.03 -24.54 53.76
N GLY B 152 -33.75 -24.17 53.67
CA GLY B 152 -32.70 -25.05 53.17
C GLY B 152 -32.79 -25.49 51.72
N VAL B 153 -33.17 -24.56 50.82
CA VAL B 153 -33.22 -24.90 49.39
C VAL B 153 -31.80 -25.16 48.86
N ASP B 154 -31.69 -25.98 47.82
CA ASP B 154 -30.38 -26.35 47.27
C ASP B 154 -29.91 -25.44 46.16
N ILE B 155 -30.86 -24.93 45.37
CA ILE B 155 -30.57 -24.14 44.17
C ILE B 155 -31.50 -22.94 44.04
N VAL B 156 -31.02 -21.87 43.43
CA VAL B 156 -31.84 -20.72 43.09
C VAL B 156 -31.79 -20.57 41.56
N PHE B 157 -32.95 -20.50 40.90
CA PHE B 157 -33.03 -20.20 39.48
C PHE B 157 -33.34 -18.70 39.47
N ALA B 158 -32.33 -17.85 39.23
CA ALA B 158 -32.50 -16.40 39.27
C ALA B 158 -33.07 -15.84 37.98
N SER B 159 -34.28 -15.29 38.03
CA SER B 159 -34.95 -14.73 36.85
C SER B 159 -34.33 -13.45 36.31
N PHE B 160 -34.39 -13.29 34.97
CA PHE B 160 -33.93 -12.14 34.21
C PHE B 160 -32.55 -11.63 34.62
N VAL B 161 -31.53 -12.52 34.60
CA VAL B 161 -30.17 -12.10 34.90
C VAL B 161 -29.64 -11.40 33.65
N ARG B 162 -29.23 -10.13 33.78
CA ARG B 162 -28.76 -9.34 32.65
C ARG B 162 -27.28 -8.98 32.69
N LYS B 163 -26.64 -9.14 33.85
CA LYS B 163 -25.23 -8.78 34.02
C LYS B 163 -24.67 -9.45 35.30
N ALA B 164 -23.33 -9.43 35.45
CA ALA B 164 -22.67 -10.05 36.60
C ALA B 164 -23.13 -9.48 37.94
N SER B 165 -23.42 -8.17 38.01
CA SER B 165 -23.86 -7.55 39.27
C SER B 165 -25.22 -8.07 39.74
N ASP B 166 -26.05 -8.59 38.82
CA ASP B 166 -27.34 -9.18 39.21
C ASP B 166 -27.10 -10.44 40.03
N VAL B 167 -26.12 -11.27 39.63
CA VAL B 167 -25.86 -12.51 40.37
C VAL B 167 -25.16 -12.16 41.72
N ALA B 168 -24.32 -11.11 41.78
CA ALA B 168 -23.70 -10.67 43.04
C ALA B 168 -24.79 -10.23 44.03
N ALA B 169 -25.84 -9.55 43.53
CA ALA B 169 -26.95 -9.13 44.38
C ALA B 169 -27.71 -10.33 44.93
N VAL B 170 -27.93 -11.38 44.10
CA VAL B 170 -28.61 -12.59 44.55
C VAL B 170 -27.76 -13.28 45.63
N ARG B 171 -26.45 -13.38 45.38
CA ARG B 171 -25.51 -13.98 46.32
CA ARG B 171 -25.51 -13.98 46.32
C ARG B 171 -25.51 -13.24 47.66
N ALA B 172 -25.52 -11.89 47.63
CA ALA B 172 -25.55 -11.06 48.84
C ALA B 172 -26.85 -11.27 49.61
N ALA B 173 -27.99 -11.38 48.90
CA ALA B 173 -29.29 -11.60 49.52
C ALA B 173 -29.43 -12.97 50.17
N LEU B 174 -28.63 -13.96 49.74
CA LEU B 174 -28.62 -15.28 50.37
C LEU B 174 -27.86 -15.26 51.74
N GLY B 175 -27.05 -14.24 51.96
CA GLY B 175 -26.31 -14.05 53.21
C GLY B 175 -25.20 -15.04 53.48
N PRO B 176 -24.64 -14.99 54.70
CA PRO B 176 -23.57 -15.92 55.06
C PRO B 176 -24.03 -17.35 55.23
N GLU B 177 -25.31 -17.58 55.58
CA GLU B 177 -25.81 -18.95 55.75
C GLU B 177 -26.16 -19.66 54.43
N GLY B 178 -26.27 -18.92 53.33
CA GLY B 178 -26.61 -19.50 52.04
C GLY B 178 -25.46 -19.59 51.07
N HIS B 179 -24.23 -19.68 51.59
CA HIS B 179 -23.03 -19.75 50.75
C HIS B 179 -22.94 -21.04 49.90
N GLY B 180 -23.56 -22.12 50.39
CA GLY B 180 -23.55 -23.40 49.69
C GLY B 180 -24.62 -23.57 48.63
N ILE B 181 -25.58 -22.62 48.54
CA ILE B 181 -26.66 -22.68 47.54
C ILE B 181 -26.15 -22.39 46.14
N LYS B 182 -26.53 -23.23 45.15
CA LYS B 182 -26.10 -23.00 43.77
C LYS B 182 -26.95 -21.93 43.10
N ILE B 183 -26.35 -21.00 42.39
CA ILE B 183 -27.08 -19.97 41.66
C ILE B 183 -27.04 -20.29 40.16
N ILE B 184 -28.21 -20.60 39.59
CA ILE B 184 -28.36 -20.88 38.16
C ILE B 184 -29.01 -19.64 37.56
N SER B 185 -28.27 -18.90 36.74
CA SER B 185 -28.80 -17.67 36.15
C SER B 185 -29.70 -17.94 34.94
N LYS B 186 -30.91 -17.38 34.96
CA LYS B 186 -31.84 -17.53 33.85
C LYS B 186 -31.57 -16.44 32.82
N ILE B 187 -31.27 -16.83 31.57
CA ILE B 187 -31.04 -15.88 30.46
C ILE B 187 -32.36 -15.79 29.71
N GLU B 188 -32.99 -14.61 29.76
CA GLU B 188 -34.33 -14.40 29.23
C GLU B 188 -34.47 -13.23 28.29
N ASN B 189 -33.40 -12.50 27.99
CA ASN B 189 -33.51 -11.34 27.10
C ASN B 189 -32.22 -11.09 26.31
N HIS B 190 -32.24 -10.11 25.40
CA HIS B 190 -31.10 -9.80 24.55
C HIS B 190 -29.85 -9.44 25.37
N GLU B 191 -30.00 -8.62 26.41
CA GLU B 191 -28.86 -8.22 27.23
C GLU B 191 -28.18 -9.41 27.91
N GLY B 192 -28.96 -10.33 28.46
CA GLY B 192 -28.43 -11.53 29.08
C GLY B 192 -27.62 -12.37 28.11
N VAL B 193 -28.10 -12.48 26.84
CA VAL B 193 -27.39 -13.23 25.80
C VAL B 193 -26.07 -12.51 25.46
N LYS B 194 -26.12 -11.20 25.25
CA LYS B 194 -24.92 -10.42 24.91
C LYS B 194 -23.87 -10.38 26.02
N ARG B 195 -24.31 -10.35 27.28
CA ARG B 195 -23.38 -10.36 28.41
C ARG B 195 -23.22 -11.76 29.02
N PHE B 196 -23.51 -12.81 28.24
CA PHE B 196 -23.45 -14.19 28.69
C PHE B 196 -22.13 -14.56 29.37
N ASP B 197 -20.98 -14.23 28.76
CA ASP B 197 -19.69 -14.64 29.33
C ASP B 197 -19.44 -14.11 30.75
N GLU B 198 -19.79 -12.84 31.00
CA GLU B 198 -19.61 -12.28 32.34
C GLU B 198 -20.58 -12.89 33.35
N ILE B 199 -21.78 -13.25 32.90
CA ILE B 199 -22.79 -13.88 33.75
C ILE B 199 -22.36 -15.30 34.10
N LEU B 200 -21.93 -16.10 33.11
CA LEU B 200 -21.50 -17.48 33.35
C LEU B 200 -20.31 -17.55 34.31
N GLU B 201 -19.36 -16.62 34.16
CA GLU B 201 -18.17 -16.56 35.00
C GLU B 201 -18.48 -16.53 36.50
N VAL B 202 -19.51 -15.78 36.90
CA VAL B 202 -19.89 -15.66 38.31
C VAL B 202 -21.06 -16.55 38.73
N SER B 203 -21.66 -17.31 37.82
CA SER B 203 -22.78 -18.18 38.15
C SER B 203 -22.32 -19.62 38.32
N ASP B 204 -23.12 -20.43 39.02
CA ASP B 204 -22.82 -21.87 39.10
C ASP B 204 -23.29 -22.60 37.82
N GLY B 205 -24.25 -22.01 37.11
CA GLY B 205 -24.80 -22.58 35.89
C GLY B 205 -25.80 -21.65 35.24
N ILE B 206 -26.43 -22.11 34.14
CA ILE B 206 -27.36 -21.29 33.37
C ILE B 206 -28.64 -22.02 33.06
N MET B 207 -29.74 -21.26 32.92
CA MET B 207 -30.98 -21.80 32.41
C MET B 207 -31.33 -21.02 31.14
N VAL B 208 -31.61 -21.74 30.06
CA VAL B 208 -32.06 -21.11 28.82
C VAL B 208 -33.59 -21.00 29.01
N ALA B 209 -34.05 -19.84 29.47
CA ALA B 209 -35.46 -19.62 29.80
C ALA B 209 -36.17 -19.17 28.53
N ARG B 210 -36.56 -20.15 27.69
CA ARG B 210 -37.09 -19.90 26.35
C ARG B 210 -38.41 -19.16 26.26
N GLY B 211 -39.24 -19.21 27.30
CA GLY B 211 -40.53 -18.51 27.31
C GLY B 211 -40.37 -17.01 27.10
N ASP B 212 -39.68 -16.34 28.05
CA ASP B 212 -39.42 -14.91 27.92
C ASP B 212 -38.43 -14.62 26.82
N LEU B 213 -37.41 -15.49 26.64
CA LEU B 213 -36.42 -15.27 25.58
C LEU B 213 -37.09 -15.18 24.18
N GLY B 214 -38.09 -16.03 23.95
CA GLY B 214 -38.84 -16.08 22.70
C GLY B 214 -39.77 -14.90 22.42
N ILE B 215 -39.96 -14.05 23.43
CA ILE B 215 -40.77 -12.82 23.33
C ILE B 215 -39.80 -11.60 23.29
N GLU B 216 -38.65 -11.68 23.98
CA GLU B 216 -37.64 -10.63 24.04
C GLU B 216 -36.79 -10.52 22.77
N ILE B 217 -36.51 -11.67 22.14
CA ILE B 217 -35.78 -11.70 20.87
C ILE B 217 -36.69 -12.39 19.82
N PRO B 218 -36.43 -12.25 18.49
CA PRO B 218 -37.28 -12.94 17.51
C PRO B 218 -37.36 -14.45 17.77
N ALA B 219 -38.56 -15.02 17.71
CA ALA B 219 -38.78 -16.43 18.00
C ALA B 219 -37.89 -17.36 17.18
N GLU B 220 -37.60 -16.97 15.93
CA GLU B 220 -36.77 -17.76 15.03
C GLU B 220 -35.28 -17.76 15.40
N LYS B 221 -34.86 -16.97 16.39
CA LYS B 221 -33.46 -16.91 16.83
C LYS B 221 -33.22 -17.66 18.14
N VAL B 222 -34.27 -18.10 18.86
CA VAL B 222 -34.10 -18.78 20.15
C VAL B 222 -33.21 -20.01 20.05
N PHE B 223 -33.34 -20.82 18.98
CA PHE B 223 -32.49 -22.00 18.84
C PHE B 223 -31.00 -21.67 18.79
N LEU B 224 -30.63 -20.51 18.20
CA LEU B 224 -29.23 -20.08 18.13
C LEU B 224 -28.73 -19.76 19.53
N ALA B 225 -29.52 -19.02 20.32
CA ALA B 225 -29.17 -18.66 21.69
C ALA B 225 -29.05 -19.92 22.54
N GLN B 226 -29.99 -20.87 22.37
CA GLN B 226 -29.96 -22.12 23.13
C GLN B 226 -28.69 -22.93 22.83
N LYS B 227 -28.39 -23.15 21.54
CA LYS B 227 -27.23 -23.96 21.16
C LYS B 227 -25.90 -23.28 21.55
N MET B 228 -25.83 -21.94 21.46
CA MET B 228 -24.64 -21.19 21.86
C MET B 228 -24.41 -21.30 23.37
N MET B 229 -25.46 -21.08 24.18
CA MET B 229 -25.34 -21.13 25.63
C MET B 229 -25.02 -22.52 26.13
N ILE B 230 -25.62 -23.55 25.53
CA ILE B 230 -25.32 -24.93 25.91
C ILE B 230 -23.85 -25.26 25.58
N GLY B 231 -23.41 -24.86 24.39
CA GLY B 231 -22.03 -25.08 23.96
C GLY B 231 -21.04 -24.40 24.89
N ARG B 232 -21.29 -23.12 25.25
CA ARG B 232 -20.39 -22.39 26.15
C ARG B 232 -20.38 -22.97 27.56
N CYS B 233 -21.53 -23.45 28.06
CA CYS B 233 -21.59 -24.08 29.37
C CYS B 233 -20.85 -25.42 29.36
N ASN B 234 -20.98 -26.19 28.26
CA ASN B 234 -20.27 -27.46 28.11
C ASN B 234 -18.75 -27.20 28.10
N LEU B 235 -18.32 -26.14 27.42
CA LEU B 235 -16.92 -25.75 27.35
C LEU B 235 -16.41 -25.34 28.74
N ALA B 236 -17.20 -24.58 29.50
CA ALA B 236 -16.85 -24.13 30.87
C ALA B 236 -16.98 -25.23 31.93
N GLY B 237 -17.66 -26.33 31.61
CA GLY B 237 -17.89 -27.40 32.57
C GLY B 237 -18.90 -27.02 33.64
N LYS B 238 -19.86 -26.15 33.30
CA LYS B 238 -20.90 -25.73 34.24
C LYS B 238 -22.29 -26.18 33.77
N PRO B 239 -23.18 -26.56 34.70
CA PRO B 239 -24.50 -27.04 34.30
C PRO B 239 -25.37 -26.07 33.51
N VAL B 240 -26.10 -26.61 32.53
CA VAL B 240 -27.02 -25.80 31.73
C VAL B 240 -28.37 -26.53 31.66
N VAL B 241 -29.45 -25.79 31.85
CA VAL B 241 -30.81 -26.31 31.83
C VAL B 241 -31.53 -25.81 30.58
N CYS B 242 -32.26 -26.69 29.89
CA CYS B 242 -33.13 -26.23 28.80
C CYS B 242 -34.54 -26.20 29.36
N ALA B 243 -35.26 -25.08 29.17
CA ALA B 243 -36.57 -24.95 29.78
C ALA B 243 -37.64 -24.38 28.86
N THR B 244 -38.92 -24.67 29.19
CA THR B 244 -40.18 -24.07 28.72
C THR B 244 -40.73 -24.59 27.39
N GLN B 245 -41.99 -25.06 27.47
CA GLN B 245 -42.80 -25.58 26.37
C GLN B 245 -42.21 -26.82 25.71
N MET B 246 -41.36 -27.58 26.43
CA MET B 246 -40.75 -28.78 25.86
C MET B 246 -41.80 -29.82 25.52
N LEU B 247 -42.81 -30.02 26.39
CA LEU B 247 -43.90 -30.97 26.14
C LEU B 247 -45.25 -30.24 26.37
N GLU B 248 -45.35 -28.97 25.95
CA GLU B 248 -46.50 -28.09 26.17
C GLU B 248 -47.87 -28.71 25.97
N SER B 249 -48.11 -29.39 24.84
CA SER B 249 -49.41 -30.01 24.56
C SER B 249 -49.85 -31.02 25.60
N MET B 250 -48.89 -31.59 26.35
CA MET B 250 -49.21 -32.55 27.40
C MET B 250 -49.89 -31.92 28.65
N ILE B 251 -50.07 -30.59 28.68
CA ILE B 251 -50.82 -29.91 29.73
C ILE B 251 -52.30 -30.40 29.64
N THR B 252 -52.81 -30.65 28.42
CA THR B 252 -54.17 -31.14 28.23
C THR B 252 -54.24 -32.53 27.55
N LYS B 253 -53.22 -32.92 26.75
CA LYS B 253 -53.26 -34.23 26.08
C LYS B 253 -52.35 -35.27 26.71
N PRO B 254 -52.69 -36.56 26.62
CA PRO B 254 -51.82 -37.59 27.21
C PRO B 254 -50.55 -37.91 26.42
N ARG B 255 -50.49 -37.49 25.14
CA ARG B 255 -49.33 -37.76 24.29
C ARG B 255 -48.84 -36.46 23.66
N PRO B 256 -47.51 -36.30 23.53
CA PRO B 256 -46.99 -35.06 22.97
C PRO B 256 -47.01 -35.02 21.43
N THR B 257 -46.71 -33.84 20.86
CA THR B 257 -46.62 -33.71 19.42
C THR B 257 -45.24 -34.21 18.93
N ARG B 258 -45.09 -34.39 17.60
CA ARG B 258 -43.81 -34.81 17.02
C ARG B 258 -42.73 -33.74 17.23
N ALA B 259 -43.10 -32.45 17.27
CA ALA B 259 -42.13 -31.38 17.50
C ALA B 259 -41.64 -31.41 18.94
N GLU B 260 -42.51 -31.72 19.89
CA GLU B 260 -42.17 -31.78 21.31
C GLU B 260 -41.19 -32.90 21.64
N THR B 261 -41.39 -34.12 21.10
CA THR B 261 -40.44 -35.20 21.35
C THR B 261 -39.08 -34.85 20.72
N SER B 262 -39.12 -34.25 19.52
CA SER B 262 -37.94 -33.80 18.81
C SER B 262 -37.19 -32.74 19.66
N ASP B 263 -37.90 -31.78 20.23
CA ASP B 263 -37.32 -30.71 21.04
C ASP B 263 -36.58 -31.27 22.26
N VAL B 264 -37.19 -32.24 22.97
CA VAL B 264 -36.56 -32.85 24.13
C VAL B 264 -35.29 -33.61 23.70
N ALA B 265 -35.38 -34.41 22.61
CA ALA B 265 -34.24 -35.17 22.14
C ALA B 265 -33.09 -34.24 21.72
N ASN B 266 -33.43 -33.14 21.02
CA ASN B 266 -32.42 -32.20 20.55
C ASN B 266 -31.80 -31.38 21.68
N ALA B 267 -32.53 -31.11 22.76
CA ALA B 267 -31.93 -30.39 23.91
C ALA B 267 -30.85 -31.29 24.55
N VAL B 268 -31.12 -32.60 24.67
CA VAL B 268 -30.16 -33.54 25.23
C VAL B 268 -28.96 -33.66 24.27
N LEU B 269 -29.22 -33.80 22.96
CA LEU B 269 -28.15 -33.90 21.99
C LEU B 269 -27.30 -32.63 21.97
N ASP B 270 -27.92 -31.45 22.14
CA ASP B 270 -27.22 -30.16 22.19
C ASP B 270 -26.18 -30.14 23.32
N GLY B 271 -26.48 -30.81 24.43
CA GLY B 271 -25.60 -30.90 25.58
C GLY B 271 -26.20 -30.46 26.90
N ALA B 272 -27.53 -30.29 26.97
CA ALA B 272 -28.16 -29.83 28.22
C ALA B 272 -27.94 -30.84 29.37
N ASP B 273 -27.54 -30.34 30.54
CA ASP B 273 -27.39 -31.20 31.71
C ASP B 273 -28.75 -31.57 32.29
N CYS B 274 -29.72 -30.63 32.23
CA CYS B 274 -31.07 -30.80 32.73
C CYS B 274 -32.09 -30.37 31.72
N ILE B 275 -33.26 -30.98 31.78
CA ILE B 275 -34.42 -30.58 30.99
C ILE B 275 -35.55 -30.29 32.01
N MET B 276 -36.47 -29.40 31.64
CA MET B 276 -37.47 -28.94 32.59
C MET B 276 -38.91 -29.07 32.09
N LEU B 277 -39.84 -29.19 33.05
CA LEU B 277 -41.28 -29.21 32.85
C LEU B 277 -41.84 -28.10 33.72
N SER B 278 -42.71 -27.25 33.14
CA SER B 278 -43.32 -26.14 33.87
C SER B 278 -44.82 -26.41 34.08
N GLY B 279 -45.70 -25.81 33.26
CA GLY B 279 -47.14 -26.04 33.31
C GLY B 279 -47.52 -27.49 33.15
N GLU B 280 -46.66 -28.29 32.47
CA GLU B 280 -46.87 -29.72 32.23
C GLU B 280 -46.94 -30.51 33.53
N THR B 281 -46.25 -30.06 34.59
CA THR B 281 -46.30 -30.76 35.88
C THR B 281 -46.99 -29.93 36.95
N ALA B 282 -46.94 -28.61 36.85
CA ALA B 282 -47.52 -27.73 37.85
C ALA B 282 -49.06 -27.70 37.83
N LYS B 283 -49.66 -27.61 36.64
CA LYS B 283 -51.12 -27.51 36.53
C LYS B 283 -51.76 -28.45 35.52
N GLY B 284 -50.97 -29.19 34.75
CA GLY B 284 -51.48 -30.05 33.71
C GLY B 284 -52.20 -31.29 34.18
N ASN B 285 -52.86 -31.98 33.25
CA ASN B 285 -53.61 -33.19 33.57
C ASN B 285 -52.79 -34.44 33.61
N PHE B 286 -51.54 -34.41 33.09
CA PHE B 286 -50.71 -35.60 33.06
C PHE B 286 -49.29 -35.33 33.60
N PRO B 287 -49.14 -34.91 34.88
CA PRO B 287 -47.79 -34.62 35.40
C PRO B 287 -46.83 -35.80 35.42
N VAL B 288 -47.30 -36.98 35.83
CA VAL B 288 -46.47 -38.17 35.91
C VAL B 288 -46.09 -38.63 34.52
N GLU B 289 -47.04 -38.60 33.58
CA GLU B 289 -46.79 -39.01 32.19
C GLU B 289 -45.79 -38.10 31.48
N ALA B 290 -45.80 -36.80 31.81
CA ALA B 290 -44.87 -35.82 31.25
C ALA B 290 -43.44 -36.13 31.72
N VAL B 291 -43.28 -36.51 33.00
CA VAL B 291 -41.98 -36.90 33.55
C VAL B 291 -41.52 -38.18 32.87
N LYS B 292 -42.44 -39.17 32.73
CA LYS B 292 -42.12 -40.44 32.07
C LYS B 292 -41.70 -40.24 30.61
N MET B 293 -42.31 -39.28 29.91
CA MET B 293 -41.99 -39.00 28.51
C MET B 293 -40.59 -38.37 28.41
N GLN B 294 -40.27 -37.40 29.28
CA GLN B 294 -38.92 -36.81 29.28
C GLN B 294 -37.87 -37.86 29.61
N HIS B 295 -38.17 -38.80 30.53
CA HIS B 295 -37.25 -39.87 30.90
C HIS B 295 -36.97 -40.78 29.69
N ALA B 296 -38.04 -41.22 29.00
CA ALA B 296 -37.92 -42.11 27.85
C ALA B 296 -37.12 -41.48 26.70
N ILE B 297 -37.42 -40.22 26.37
CA ILE B 297 -36.72 -39.52 25.29
C ILE B 297 -35.24 -39.28 25.66
N ALA B 298 -34.98 -38.79 26.88
CA ALA B 298 -33.59 -38.54 27.32
C ALA B 298 -32.70 -39.78 27.22
N ARG B 299 -33.18 -40.98 27.61
CA ARG B 299 -32.36 -42.20 27.49
C ARG B 299 -32.04 -42.54 26.04
N GLU B 300 -33.02 -42.30 25.13
CA GLU B 300 -32.77 -42.58 23.73
C GLU B 300 -31.73 -41.59 23.18
N ALA B 301 -31.87 -40.31 23.51
CA ALA B 301 -30.98 -39.26 23.01
C ALA B 301 -29.56 -39.36 23.57
N GLU B 302 -29.42 -39.76 24.84
CA GLU B 302 -28.10 -39.92 25.45
C GLU B 302 -27.29 -40.99 24.75
N ALA B 303 -27.94 -42.09 24.35
CA ALA B 303 -27.26 -43.15 23.63
C ALA B 303 -26.84 -42.68 22.22
N ALA B 304 -27.60 -41.76 21.61
CA ALA B 304 -27.33 -41.23 20.26
C ALA B 304 -26.28 -40.11 20.22
N VAL B 305 -25.71 -39.73 21.38
CA VAL B 305 -24.65 -38.72 21.41
C VAL B 305 -23.41 -39.29 20.68
N TYR B 306 -22.77 -38.47 19.82
CA TYR B 306 -21.59 -38.91 19.06
C TYR B 306 -20.35 -38.70 19.94
N HIS B 307 -20.13 -39.58 20.92
CA HIS B 307 -19.03 -39.46 21.86
C HIS B 307 -17.65 -39.37 21.23
N ARG B 308 -17.39 -40.08 20.13
CA ARG B 308 -16.07 -40.03 19.48
C ARG B 308 -15.61 -38.60 19.16
N GLN B 309 -16.48 -37.78 18.52
CA GLN B 309 -16.10 -36.40 18.23
C GLN B 309 -16.28 -35.50 19.44
N LEU B 310 -17.32 -35.74 20.24
CA LEU B 310 -17.56 -34.92 21.43
C LEU B 310 -16.37 -34.95 22.40
N PHE B 311 -15.88 -36.14 22.73
CA PHE B 311 -14.75 -36.28 23.64
C PHE B 311 -13.48 -35.63 23.06
N GLU B 312 -13.23 -35.83 21.75
CA GLU B 312 -12.07 -35.22 21.09
C GLU B 312 -12.13 -33.71 21.16
N GLU B 313 -13.31 -33.12 20.91
CA GLU B 313 -13.47 -31.68 20.95
C GLU B 313 -13.42 -31.11 22.36
N LEU B 314 -13.96 -31.82 23.35
CA LEU B 314 -13.91 -31.37 24.75
C LEU B 314 -12.45 -31.37 25.21
N ARG B 315 -11.67 -32.39 24.80
CA ARG B 315 -10.25 -32.52 25.09
C ARG B 315 -9.43 -31.38 24.44
N ARG B 316 -9.65 -31.12 23.15
CA ARG B 316 -8.94 -30.10 22.39
C ARG B 316 -9.27 -28.68 22.89
N ALA B 317 -10.54 -28.41 23.21
CA ALA B 317 -10.95 -27.08 23.64
C ALA B 317 -10.63 -26.77 25.08
N ALA B 318 -10.63 -27.79 25.96
CA ALA B 318 -10.35 -27.55 27.38
C ALA B 318 -8.89 -27.19 27.52
N PRO B 319 -8.60 -26.08 28.21
CA PRO B 319 -7.20 -25.67 28.37
C PRO B 319 -6.40 -26.67 29.20
N LEU B 320 -5.06 -26.62 29.06
CA LEU B 320 -4.17 -27.45 29.88
C LEU B 320 -4.38 -27.10 31.36
N SER B 321 -4.21 -28.08 32.23
CA SER B 321 -4.46 -27.85 33.64
C SER B 321 -3.43 -28.45 34.53
N ARG B 322 -3.10 -27.74 35.59
CA ARG B 322 -2.20 -28.27 36.62
C ARG B 322 -2.98 -28.65 37.89
N ASP B 323 -4.33 -28.64 37.85
CA ASP B 323 -5.16 -29.03 38.98
C ASP B 323 -5.27 -30.56 38.94
N PRO B 324 -4.82 -31.26 39.99
CA PRO B 324 -4.87 -32.73 39.96
C PRO B 324 -6.28 -33.34 39.81
N THR B 325 -7.33 -32.66 40.29
CA THR B 325 -8.70 -33.18 40.14
C THR B 325 -9.07 -33.20 38.65
N GLU B 326 -8.74 -32.12 37.93
CA GLU B 326 -8.99 -31.99 36.51
C GLU B 326 -8.19 -33.03 35.71
N VAL B 327 -6.91 -33.21 36.06
CA VAL B 327 -6.04 -34.16 35.38
C VAL B 327 -6.51 -35.61 35.60
N THR B 328 -6.90 -35.94 36.85
CA THR B 328 -7.40 -37.27 37.16
C THR B 328 -8.72 -37.53 36.40
N ALA B 329 -9.61 -36.52 36.36
CA ALA B 329 -10.90 -36.67 35.69
C ALA B 329 -10.78 -37.04 34.22
N ILE B 330 -9.89 -36.38 33.46
CA ILE B 330 -9.74 -36.70 32.03
C ILE B 330 -9.10 -38.09 31.85
N GLY B 331 -8.16 -38.45 32.72
CA GLY B 331 -7.55 -39.77 32.66
C GLY B 331 -8.57 -40.86 32.95
N ALA B 332 -9.46 -40.62 33.92
CA ALA B 332 -10.50 -41.58 34.30
C ALA B 332 -11.55 -41.76 33.18
N VAL B 333 -11.94 -40.67 32.52
CA VAL B 333 -12.91 -40.74 31.42
C VAL B 333 -12.28 -41.47 30.24
N GLU B 334 -11.00 -41.20 29.95
CA GLU B 334 -10.26 -41.88 28.89
C GLU B 334 -10.19 -43.38 29.17
N ALA B 335 -9.88 -43.75 30.42
CA ALA B 335 -9.79 -45.15 30.82
C ALA B 335 -11.17 -45.84 30.70
N ALA B 336 -12.25 -45.16 31.11
CA ALA B 336 -13.59 -45.71 31.03
C ALA B 336 -13.98 -46.04 29.56
N PHE B 337 -13.65 -45.13 28.62
CA PHE B 337 -13.95 -45.37 27.20
C PHE B 337 -13.14 -46.55 26.65
N LYS B 338 -11.87 -46.68 27.06
CA LYS B 338 -10.99 -47.74 26.60
C LYS B 338 -11.51 -49.15 26.90
N CYS B 339 -12.17 -49.32 28.05
CA CYS B 339 -12.65 -50.65 28.46
C CYS B 339 -14.16 -50.79 28.46
N CYS B 340 -14.91 -49.78 27.96
CA CYS B 340 -16.38 -49.76 27.99
C CYS B 340 -16.85 -49.92 29.43
N ALA B 341 -16.20 -49.20 30.38
CA ALA B 341 -16.50 -49.29 31.81
C ALA B 341 -17.97 -49.01 32.07
N ALA B 342 -18.54 -49.81 32.95
CA ALA B 342 -19.95 -49.66 33.30
C ALA B 342 -20.19 -48.36 34.10
N ALA B 343 -19.24 -48.02 34.98
CA ALA B 343 -19.36 -46.84 35.81
C ALA B 343 -17.99 -46.29 36.26
N ILE B 344 -17.98 -45.04 36.75
CA ILE B 344 -16.84 -44.39 37.35
C ILE B 344 -17.32 -44.06 38.77
N ILE B 345 -16.74 -44.67 39.79
CA ILE B 345 -17.13 -44.41 41.17
C ILE B 345 -16.22 -43.34 41.73
N VAL B 346 -16.76 -42.25 42.22
CA VAL B 346 -15.96 -41.15 42.73
C VAL B 346 -16.38 -40.74 44.15
N LEU B 347 -15.40 -40.48 45.02
CA LEU B 347 -15.68 -39.98 46.36
C LEU B 347 -15.64 -38.46 46.26
N THR B 348 -16.66 -37.79 46.82
CA THR B 348 -16.73 -36.33 46.74
C THR B 348 -17.39 -35.72 47.96
N THR B 349 -16.87 -34.57 48.41
CA THR B 349 -17.40 -33.88 49.57
C THR B 349 -18.39 -32.79 49.11
N THR B 350 -17.97 -32.00 48.12
CA THR B 350 -18.77 -30.87 47.60
C THR B 350 -19.49 -31.19 46.27
N GLY B 351 -19.14 -32.29 45.61
CA GLY B 351 -19.65 -32.64 44.30
C GLY B 351 -18.68 -32.29 43.18
N ARG B 352 -17.65 -31.45 43.45
CA ARG B 352 -16.71 -30.97 42.44
C ARG B 352 -15.99 -32.06 41.64
N SER B 353 -15.48 -33.14 42.29
CA SER B 353 -14.78 -34.20 41.55
C SER B 353 -15.74 -34.90 40.56
N ALA B 354 -17.02 -35.04 40.92
CA ALA B 354 -18.02 -35.66 40.04
C ALA B 354 -18.36 -34.69 38.89
N GLN B 355 -18.41 -33.37 39.16
CA GLN B 355 -18.65 -32.35 38.13
C GLN B 355 -17.54 -32.35 37.07
N LEU B 356 -16.28 -32.51 37.50
CA LEU B 356 -15.17 -32.53 36.56
C LEU B 356 -15.14 -33.80 35.71
N LEU B 357 -15.70 -34.91 36.20
CA LEU B 357 -15.82 -36.13 35.40
C LEU B 357 -16.95 -35.91 34.37
N SER B 358 -18.08 -35.35 34.83
CA SER B 358 -19.28 -35.07 34.04
C SER B 358 -18.99 -34.14 32.84
N ARG B 359 -18.09 -33.16 32.99
CA ARG B 359 -17.76 -32.22 31.90
C ARG B 359 -17.17 -32.90 30.66
N TYR B 360 -16.54 -34.08 30.83
CA TYR B 360 -15.99 -34.82 29.69
C TYR B 360 -17.00 -35.77 29.04
N ARG B 361 -18.26 -35.75 29.50
CA ARG B 361 -19.37 -36.51 28.99
C ARG B 361 -19.06 -38.00 28.80
N PRO B 362 -18.66 -38.72 29.86
CA PRO B 362 -18.41 -40.15 29.71
C PRO B 362 -19.71 -40.89 29.43
N ARG B 363 -19.60 -42.01 28.76
CA ARG B 363 -20.74 -42.90 28.56
C ARG B 363 -21.03 -43.65 29.90
N ALA B 364 -19.98 -43.97 30.66
CA ALA B 364 -20.07 -44.61 31.96
C ALA B 364 -20.79 -43.71 32.95
N ALA B 365 -21.67 -44.29 33.77
CA ALA B 365 -22.38 -43.55 34.81
C ALA B 365 -21.37 -43.08 35.87
N VAL B 366 -21.53 -41.87 36.40
CA VAL B 366 -20.62 -41.37 37.44
C VAL B 366 -21.35 -41.56 38.77
N ILE B 367 -20.93 -42.57 39.53
CA ILE B 367 -21.55 -42.87 40.82
C ILE B 367 -20.80 -42.08 41.90
N ALA B 368 -21.43 -41.04 42.43
CA ALA B 368 -20.78 -40.15 43.39
C ALA B 368 -21.15 -40.50 44.84
N VAL B 369 -20.17 -41.00 45.61
CA VAL B 369 -20.40 -41.35 47.02
C VAL B 369 -20.04 -40.15 47.88
N THR B 370 -21.01 -39.63 48.62
CA THR B 370 -20.81 -38.46 49.47
C THR B 370 -21.52 -38.58 50.81
N ARG B 371 -20.95 -37.93 51.84
CA ARG B 371 -21.62 -37.84 53.16
C ARG B 371 -22.51 -36.57 53.21
N SER B 372 -22.33 -35.61 52.28
CA SER B 372 -23.12 -34.39 52.28
C SER B 372 -24.47 -34.60 51.61
N ALA B 373 -25.58 -34.47 52.37
CA ALA B 373 -26.93 -34.60 51.82
C ALA B 373 -27.21 -33.50 50.79
N GLN B 374 -26.71 -32.28 51.06
CA GLN B 374 -26.88 -31.18 50.12
C GLN B 374 -26.10 -31.40 48.81
N ALA B 375 -24.85 -31.89 48.88
CA ALA B 375 -24.06 -32.18 47.67
C ALA B 375 -24.75 -33.30 46.88
N ALA B 376 -25.30 -34.32 47.56
CA ALA B 376 -26.00 -35.41 46.90
C ALA B 376 -27.23 -34.86 46.10
N ARG B 377 -27.94 -33.86 46.63
CA ARG B 377 -29.06 -33.25 45.92
C ARG B 377 -28.57 -32.37 44.77
N GLN B 378 -27.56 -31.53 45.03
CA GLN B 378 -27.04 -30.59 44.03
C GLN B 378 -26.37 -31.22 42.81
N VAL B 379 -25.70 -32.39 42.96
CA VAL B 379 -25.02 -33.00 41.81
C VAL B 379 -25.98 -33.45 40.70
N HIS B 380 -27.30 -33.47 40.97
CA HIS B 380 -28.30 -33.73 39.92
C HIS B 380 -28.20 -32.65 38.80
N LEU B 381 -27.60 -31.48 39.08
CA LEU B 381 -27.40 -30.46 38.05
C LEU B 381 -26.40 -30.91 36.96
N CYS B 382 -25.52 -31.88 37.26
CA CYS B 382 -24.48 -32.34 36.34
C CYS B 382 -24.87 -33.64 35.66
N ARG B 383 -24.89 -33.63 34.31
CA ARG B 383 -25.28 -34.83 33.57
C ARG B 383 -24.50 -36.08 33.94
N GLY B 384 -25.22 -37.18 34.16
CA GLY B 384 -24.61 -38.48 34.39
C GLY B 384 -24.06 -38.73 35.77
N VAL B 385 -24.39 -37.86 36.73
CA VAL B 385 -23.94 -38.07 38.11
C VAL B 385 -25.08 -38.67 38.92
N PHE B 386 -24.86 -39.86 39.50
CA PHE B 386 -25.82 -40.61 40.31
C PHE B 386 -25.36 -40.55 41.78
N PRO B 387 -26.00 -39.68 42.57
CA PRO B 387 -25.57 -39.52 43.97
C PRO B 387 -25.96 -40.66 44.91
N LEU B 388 -25.00 -41.11 45.74
CA LEU B 388 -25.22 -42.12 46.76
C LEU B 388 -24.86 -41.49 48.09
N LEU B 389 -25.85 -41.31 48.96
CA LEU B 389 -25.61 -40.71 50.27
C LEU B 389 -25.11 -41.78 51.25
N TYR B 390 -23.87 -41.62 51.74
CA TYR B 390 -23.23 -42.54 52.68
C TYR B 390 -23.54 -42.04 54.09
N ARG B 391 -24.15 -42.89 54.94
CA ARG B 391 -24.56 -42.47 56.28
C ARG B 391 -23.70 -43.06 57.42
N GLU B 392 -22.80 -44.01 57.12
CA GLU B 392 -21.97 -44.64 58.17
C GLU B 392 -20.95 -43.71 58.80
N PRO B 393 -20.75 -43.85 60.13
CA PRO B 393 -19.75 -43.02 60.82
C PRO B 393 -18.32 -43.40 60.40
N PRO B 394 -17.39 -42.43 60.44
CA PRO B 394 -16.03 -42.71 59.99
C PRO B 394 -15.28 -43.83 60.71
N GLU B 395 -14.55 -44.64 59.92
CA GLU B 395 -13.66 -45.68 60.41
C GLU B 395 -12.46 -44.99 61.10
N ALA B 396 -11.81 -45.68 62.04
CA ALA B 396 -10.65 -45.12 62.75
C ALA B 396 -9.50 -44.84 61.79
N ILE B 397 -9.26 -45.76 60.84
CA ILE B 397 -8.20 -45.58 59.86
C ILE B 397 -8.81 -44.99 58.58
N TRP B 398 -8.35 -43.80 58.17
CA TRP B 398 -8.88 -43.10 56.99
C TRP B 398 -8.88 -43.96 55.73
N ALA B 399 -7.78 -44.68 55.44
CA ALA B 399 -7.71 -45.54 54.26
C ALA B 399 -8.81 -46.61 54.26
N ASP B 400 -9.17 -47.14 55.44
CA ASP B 400 -10.24 -48.12 55.57
C ASP B 400 -11.59 -47.47 55.30
N ASP B 401 -11.78 -46.22 55.75
CA ASP B 401 -13.02 -45.47 55.55
C ASP B 401 -13.24 -45.21 54.04
N VAL B 402 -12.14 -44.89 53.32
CA VAL B 402 -12.18 -44.66 51.88
C VAL B 402 -12.58 -45.97 51.19
N ASP B 403 -11.93 -47.09 51.55
CA ASP B 403 -12.23 -48.40 50.98
C ASP B 403 -13.68 -48.81 51.21
N ARG B 404 -14.23 -48.53 52.40
CA ARG B 404 -15.61 -48.87 52.70
C ARG B 404 -16.58 -48.10 51.80
N ARG B 405 -16.27 -46.83 51.53
CA ARG B 405 -17.12 -46.00 50.67
C ARG B 405 -17.08 -46.47 49.21
N VAL B 406 -15.91 -46.92 48.73
CA VAL B 406 -15.78 -47.46 47.38
C VAL B 406 -16.59 -48.76 47.27
N GLN B 407 -16.47 -49.63 48.29
CA GLN B 407 -17.24 -50.88 48.33
C GLN B 407 -18.74 -50.62 48.40
N PHE B 408 -19.18 -49.55 49.12
CA PHE B 408 -20.59 -49.14 49.20
C PHE B 408 -21.07 -48.75 47.79
N GLY B 409 -20.25 -48.05 47.02
CA GLY B 409 -20.57 -47.66 45.66
C GLY B 409 -20.73 -48.86 44.75
N ILE B 410 -19.84 -49.87 44.90
CA ILE B 410 -19.87 -51.11 44.11
C ILE B 410 -21.11 -51.93 44.44
N GLU B 411 -21.40 -52.09 45.74
CA GLU B 411 -22.58 -52.85 46.17
C GLU B 411 -23.89 -52.17 45.79
N SER B 412 -23.98 -50.82 45.90
CA SER B 412 -25.18 -50.09 45.44
C SER B 412 -25.30 -50.24 43.92
N GLY B 413 -24.15 -50.19 43.22
CA GLY B 413 -24.07 -50.33 41.77
C GLY B 413 -24.58 -51.67 41.29
N LYS B 414 -24.21 -52.74 41.99
CA LYS B 414 -24.65 -54.10 41.68
C LYS B 414 -26.14 -54.25 41.93
N LEU B 415 -26.62 -53.72 43.08
CA LEU B 415 -28.03 -53.77 43.46
C LEU B 415 -28.89 -53.05 42.48
N ARG B 416 -28.45 -51.87 41.99
CA ARG B 416 -29.25 -51.07 41.05
C ARG B 416 -29.15 -51.49 39.58
N GLY B 417 -28.28 -52.44 39.26
CA GLY B 417 -28.10 -52.89 37.89
C GLY B 417 -27.05 -52.14 37.08
N PHE B 418 -26.35 -51.16 37.71
CA PHE B 418 -25.29 -50.41 37.06
C PHE B 418 -24.09 -51.30 36.78
N LEU B 419 -23.78 -52.21 37.70
CA LEU B 419 -22.61 -53.08 37.62
C LEU B 419 -22.95 -54.54 37.72
N ARG B 420 -22.19 -55.33 36.98
CA ARG B 420 -22.33 -56.77 36.93
C ARG B 420 -20.96 -57.40 37.21
N VAL B 421 -20.95 -58.66 37.70
CA VAL B 421 -19.69 -59.38 37.91
C VAL B 421 -18.99 -59.54 36.54
N GLY B 422 -17.71 -59.21 36.48
CA GLY B 422 -16.97 -59.25 35.23
C GLY B 422 -16.77 -57.86 34.61
N ASP B 423 -17.55 -56.87 35.05
CA ASP B 423 -17.43 -55.50 34.54
C ASP B 423 -16.14 -54.87 35.05
N LEU B 424 -15.68 -53.85 34.33
CA LEU B 424 -14.57 -53.05 34.77
C LEU B 424 -15.17 -51.72 35.24
N VAL B 425 -14.67 -51.23 36.37
CA VAL B 425 -15.10 -49.96 36.94
C VAL B 425 -13.85 -49.06 37.16
N ILE B 426 -14.01 -47.76 37.00
CA ILE B 426 -12.92 -46.81 37.25
C ILE B 426 -13.22 -46.16 38.60
N VAL B 427 -12.25 -46.15 39.52
CA VAL B 427 -12.49 -45.57 40.86
C VAL B 427 -11.62 -44.34 41.06
N VAL B 428 -12.24 -43.22 41.43
CA VAL B 428 -11.56 -41.94 41.60
C VAL B 428 -11.60 -41.49 43.08
N THR B 429 -10.41 -41.37 43.68
CA THR B 429 -10.25 -40.99 45.11
C THR B 429 -9.11 -39.94 45.24
N GLY B 430 -8.82 -39.50 46.46
CA GLY B 430 -7.77 -38.53 46.76
C GLY B 430 -6.74 -39.07 47.75
N TRP B 431 -5.65 -38.32 47.93
CA TRP B 431 -4.54 -38.76 48.77
C TRP B 431 -4.66 -38.37 50.26
N ARG B 432 -5.59 -37.48 50.61
CA ARG B 432 -5.80 -37.05 51.99
C ARG B 432 -7.27 -36.61 52.21
N PRO B 433 -7.74 -36.57 53.47
CA PRO B 433 -9.13 -36.13 53.71
C PRO B 433 -9.36 -34.67 53.33
N GLY B 434 -10.61 -34.29 53.19
CA GLY B 434 -10.99 -32.93 52.83
C GLY B 434 -11.17 -32.75 51.34
N SER B 435 -11.95 -31.75 50.95
CA SER B 435 -12.22 -31.43 49.56
C SER B 435 -10.97 -30.85 48.84
N GLY B 436 -10.83 -31.13 47.53
CA GLY B 436 -9.76 -30.57 46.72
C GLY B 436 -8.53 -31.41 46.48
N TYR B 437 -8.49 -32.66 46.98
CA TYR B 437 -7.29 -33.49 46.85
C TYR B 437 -7.45 -34.75 46.03
N THR B 438 -8.46 -34.81 45.15
CA THR B 438 -8.62 -35.96 44.25
C THR B 438 -7.41 -36.05 43.33
N ASN B 439 -6.76 -37.22 43.25
CA ASN B 439 -5.56 -37.37 42.41
C ASN B 439 -5.30 -38.82 42.00
N ILE B 440 -6.24 -39.74 42.27
CA ILE B 440 -6.01 -41.16 41.99
C ILE B 440 -7.14 -41.75 41.15
N MET B 441 -6.74 -42.56 40.17
CA MET B 441 -7.66 -43.30 39.35
CA MET B 441 -7.62 -43.29 39.27
C MET B 441 -7.21 -44.77 39.36
N ARG B 442 -8.14 -45.67 39.65
CA ARG B 442 -7.84 -47.10 39.72
C ARG B 442 -8.78 -47.90 38.83
N VAL B 443 -8.28 -48.97 38.22
CA VAL B 443 -9.09 -49.83 37.37
C VAL B 443 -9.38 -51.09 38.18
N LEU B 444 -10.66 -51.35 38.46
CA LEU B 444 -11.04 -52.53 39.23
CA LEU B 444 -11.04 -52.51 39.25
C LEU B 444 -11.95 -53.48 38.47
N SER B 445 -11.72 -54.79 38.63
CA SER B 445 -12.57 -55.81 38.01
C SER B 445 -13.61 -56.23 39.04
N ILE B 446 -14.90 -56.18 38.69
CA ILE B 446 -15.98 -56.52 39.61
C ILE B 446 -16.09 -58.02 39.86
N SER B 447 -15.96 -58.43 41.13
CA SER B 447 -16.07 -59.84 41.48
C SER B 447 -17.36 -60.11 42.27
N GLU C 21 -15.41 -51.33 -14.40
CA GLU C 21 -15.05 -50.18 -15.21
C GLU C 21 -13.53 -50.00 -15.29
N LEU C 22 -12.83 -49.97 -14.14
CA LEU C 22 -11.37 -49.83 -14.14
C LEU C 22 -10.65 -51.14 -13.75
N GLY C 23 -11.30 -51.96 -12.92
CA GLY C 23 -10.75 -53.24 -12.49
C GLY C 23 -10.04 -53.19 -11.15
N THR C 24 -9.92 -54.35 -10.50
CA THR C 24 -9.24 -54.46 -9.21
C THR C 24 -7.73 -54.24 -9.36
N ALA C 25 -7.15 -54.60 -10.53
CA ALA C 25 -5.72 -54.40 -10.78
C ALA C 25 -5.36 -52.93 -10.74
N PHE C 26 -6.23 -52.06 -11.27
CA PHE C 26 -6.00 -50.61 -11.25
C PHE C 26 -5.87 -50.09 -9.83
N PHE C 27 -6.75 -50.54 -8.92
CA PHE C 27 -6.73 -50.08 -7.54
C PHE C 27 -5.68 -50.73 -6.64
N GLN C 28 -4.88 -51.67 -7.17
CA GLN C 28 -3.81 -52.28 -6.39
C GLN C 28 -2.44 -51.61 -6.70
N GLN C 29 -2.31 -50.98 -7.89
CA GLN C 29 -1.11 -50.29 -8.35
C GLN C 29 -0.99 -48.89 -7.71
N GLN C 30 0.16 -48.21 -7.94
CA GLN C 30 0.50 -46.85 -7.49
C GLN C 30 0.07 -46.53 -6.05
N GLN C 31 0.23 -47.49 -5.14
CA GLN C 31 -0.11 -47.36 -3.71
C GLN C 31 -1.53 -46.86 -3.47
N LEU C 32 -2.48 -47.23 -4.37
CA LEU C 32 -3.86 -46.80 -4.20
C LEU C 32 -4.51 -47.35 -2.91
N PRO C 33 -4.24 -48.59 -2.42
CA PRO C 33 -4.80 -48.99 -1.11
C PRO C 33 -4.31 -48.04 0.01
N ALA C 34 -3.03 -47.63 0.00
CA ALA C 34 -2.51 -46.69 1.01
C ALA C 34 -3.06 -45.27 0.82
N ALA C 35 -3.38 -44.90 -0.43
CA ALA C 35 -3.96 -43.59 -0.75
C ALA C 35 -5.38 -43.45 -0.20
N MET C 36 -6.14 -44.56 -0.12
CA MET C 36 -7.52 -44.49 0.38
C MET C 36 -7.63 -44.59 1.91
N ALA C 37 -6.50 -44.67 2.64
CA ALA C 37 -6.54 -44.83 4.09
C ALA C 37 -7.12 -43.64 4.83
N ASP C 38 -7.81 -43.92 5.95
CA ASP C 38 -8.48 -42.89 6.76
C ASP C 38 -7.55 -42.14 7.70
N THR C 39 -6.38 -42.72 8.03
CA THR C 39 -5.40 -42.06 8.89
C THR C 39 -4.01 -42.16 8.26
N PHE C 40 -3.07 -41.30 8.67
CA PHE C 40 -1.71 -41.36 8.19
C PHE C 40 -1.04 -42.66 8.66
N LEU C 41 -1.32 -43.11 9.89
CA LEU C 41 -0.79 -44.37 10.41
C LEU C 41 -1.24 -45.55 9.53
N GLU C 42 -2.52 -45.61 9.18
CA GLU C 42 -3.04 -46.68 8.31
C GLU C 42 -2.43 -46.57 6.91
N HIS C 43 -2.21 -45.33 6.42
CA HIS C 43 -1.56 -45.08 5.13
C HIS C 43 -0.17 -45.73 5.11
N LEU C 44 0.63 -45.51 6.18
CA LEU C 44 1.96 -46.11 6.28
C LEU C 44 1.87 -47.63 6.30
N CYS C 45 0.95 -48.18 7.12
CA CYS C 45 0.76 -49.63 7.25
C CYS C 45 0.39 -50.30 5.93
N LEU C 46 -0.27 -49.56 5.02
CA LEU C 46 -0.71 -50.11 3.74
C LEU C 46 0.28 -49.96 2.58
N LEU C 47 1.45 -49.30 2.80
CA LEU C 47 2.45 -49.17 1.73
C LEU C 47 2.94 -50.55 1.33
N ASP C 48 3.02 -50.80 0.03
CA ASP C 48 3.30 -52.14 -0.50
C ASP C 48 4.42 -52.10 -1.53
N ILE C 49 5.51 -52.83 -1.30
CA ILE C 49 6.63 -52.94 -2.23
C ILE C 49 6.23 -53.60 -3.57
N ASP C 50 5.11 -54.37 -3.59
CA ASP C 50 4.62 -55.00 -4.83
C ASP C 50 3.64 -54.11 -5.60
N SER C 51 3.27 -52.94 -5.05
CA SER C 51 2.37 -52.01 -5.74
C SER C 51 3.25 -51.14 -6.64
N GLU C 52 3.21 -51.41 -7.95
CA GLU C 52 4.08 -50.74 -8.90
C GLU C 52 3.62 -49.33 -9.30
N PRO C 53 4.57 -48.40 -9.44
CA PRO C 53 4.19 -47.05 -9.88
C PRO C 53 3.73 -47.09 -11.35
N VAL C 54 2.72 -46.29 -11.68
CA VAL C 54 2.22 -46.24 -13.05
C VAL C 54 2.37 -44.83 -13.64
N ALA C 55 2.20 -43.79 -12.81
CA ALA C 55 2.29 -42.42 -13.29
C ALA C 55 3.70 -42.02 -13.72
N ALA C 56 3.78 -41.04 -14.62
CA ALA C 56 5.08 -40.50 -15.05
C ALA C 56 5.72 -39.79 -13.82
N ARG C 57 7.06 -39.81 -13.75
CA ARG C 57 7.79 -39.19 -12.66
C ARG C 57 7.56 -37.68 -12.66
N SER C 58 7.05 -37.15 -11.55
CA SER C 58 6.67 -35.75 -11.46
C SER C 58 7.72 -34.80 -10.84
N THR C 59 8.62 -35.29 -9.98
CA THR C 59 9.65 -34.43 -9.36
C THR C 59 10.79 -34.27 -10.34
N SER C 60 11.09 -33.04 -10.78
CA SER C 60 12.18 -32.82 -11.71
C SER C 60 13.56 -33.09 -11.14
N ILE C 61 14.47 -33.55 -12.00
CA ILE C 61 15.85 -33.81 -11.63
C ILE C 61 16.76 -32.74 -12.22
N ILE C 62 17.55 -32.10 -11.36
CA ILE C 62 18.53 -31.10 -11.76
C ILE C 62 19.88 -31.80 -11.71
N ALA C 63 20.61 -31.81 -12.83
CA ALA C 63 21.94 -32.41 -12.86
C ALA C 63 22.97 -31.33 -13.11
N THR C 64 24.04 -31.33 -12.32
CA THR C 64 25.11 -30.35 -12.48
C THR C 64 26.03 -30.79 -13.61
N ILE C 65 26.33 -29.89 -14.55
CA ILE C 65 27.20 -30.18 -15.67
C ILE C 65 28.68 -29.94 -15.30
N GLY C 66 29.53 -30.87 -15.66
CA GLY C 66 30.95 -30.78 -15.42
C GLY C 66 31.73 -31.71 -16.33
N PRO C 67 33.01 -31.96 -16.03
CA PRO C 67 33.81 -32.85 -16.89
C PRO C 67 33.21 -34.24 -17.12
N ALA C 68 32.47 -34.79 -16.15
CA ALA C 68 31.86 -36.11 -16.31
C ALA C 68 30.55 -36.12 -17.09
N SER C 69 30.00 -34.94 -17.43
CA SER C 69 28.69 -34.88 -18.08
C SER C 69 28.59 -33.76 -19.09
N ARG C 70 29.70 -33.41 -19.74
CA ARG C 70 29.73 -32.27 -20.66
C ARG C 70 29.60 -32.60 -22.13
N SER C 71 30.04 -33.80 -22.54
CA SER C 71 29.96 -34.19 -23.93
C SER C 71 28.52 -34.36 -24.40
N VAL C 72 28.29 -34.10 -25.70
CA VAL C 72 26.97 -34.22 -26.30
C VAL C 72 26.42 -35.63 -26.17
N GLU C 73 27.27 -36.65 -26.36
CA GLU C 73 26.83 -38.04 -26.25
C GLU C 73 26.45 -38.41 -24.81
N ARG C 74 27.19 -37.90 -23.84
CA ARG C 74 26.91 -38.15 -22.43
C ARG C 74 25.62 -37.43 -22.03
N LEU C 75 25.42 -36.20 -22.53
CA LEU C 75 24.21 -35.41 -22.27
C LEU C 75 22.95 -36.06 -22.85
N LYS C 76 23.06 -36.74 -24.00
CA LYS C 76 21.93 -37.45 -24.59
C LYS C 76 21.50 -38.59 -23.67
N GLU C 77 22.47 -39.31 -23.07
CA GLU C 77 22.16 -40.39 -22.15
C GLU C 77 21.53 -39.84 -20.86
N MET C 78 21.97 -38.65 -20.40
CA MET C 78 21.41 -38.05 -19.21
CA MET C 78 21.41 -38.05 -19.21
C MET C 78 19.99 -37.57 -19.42
N ILE C 79 19.68 -37.08 -20.64
CA ILE C 79 18.34 -36.65 -20.97
C ILE C 79 17.43 -37.89 -20.98
N LYS C 80 17.90 -39.00 -21.60
CA LYS C 80 17.13 -40.25 -21.64
C LYS C 80 16.92 -40.83 -20.23
N ALA C 81 17.90 -40.66 -19.35
CA ALA C 81 17.80 -41.15 -17.99
C ALA C 81 16.81 -40.31 -17.13
N GLY C 82 16.52 -39.07 -17.53
CA GLY C 82 15.57 -38.24 -16.80
C GLY C 82 15.95 -36.81 -16.42
N MET C 83 17.16 -36.34 -16.82
CA MET C 83 17.55 -34.97 -16.49
C MET C 83 16.58 -33.94 -17.11
N ASN C 84 16.04 -33.03 -16.28
CA ASN C 84 15.09 -31.99 -16.76
C ASN C 84 15.69 -30.59 -16.75
N ILE C 85 16.65 -30.35 -15.84
CA ILE C 85 17.31 -29.06 -15.66
C ILE C 85 18.81 -29.27 -15.57
N ALA C 86 19.57 -28.52 -16.37
CA ALA C 86 21.03 -28.60 -16.36
C ALA C 86 21.54 -27.43 -15.54
N ARG C 87 22.31 -27.71 -14.49
CA ARG C 87 22.87 -26.68 -13.62
C ARG C 87 24.32 -26.38 -13.98
N LEU C 88 24.61 -25.08 -14.19
CA LEU C 88 25.97 -24.64 -14.47
C LEU C 88 26.48 -23.98 -13.21
N ASN C 89 27.50 -24.56 -12.58
CA ASN C 89 28.04 -24.00 -11.34
C ASN C 89 29.10 -22.97 -11.65
N PHE C 90 28.77 -21.69 -11.52
CA PHE C 90 29.71 -20.61 -11.82
C PHE C 90 30.77 -20.40 -10.71
N SER C 91 30.81 -21.27 -9.69
CA SER C 91 31.89 -21.24 -8.71
C SER C 91 33.21 -21.75 -9.36
N HIS C 92 33.12 -22.51 -10.45
CA HIS C 92 34.27 -23.06 -11.18
C HIS C 92 34.07 -22.85 -12.69
N GLY C 93 35.16 -22.72 -13.43
CA GLY C 93 35.10 -22.59 -14.88
C GLY C 93 34.91 -21.19 -15.40
N SER C 94 35.43 -20.94 -16.59
CA SER C 94 35.32 -19.63 -17.23
C SER C 94 33.99 -19.46 -17.97
N HIS C 95 33.71 -18.25 -18.48
CA HIS C 95 32.52 -18.00 -19.29
C HIS C 95 32.57 -18.84 -20.57
N GLU C 96 33.78 -19.00 -21.16
CA GLU C 96 33.97 -19.79 -22.38
C GLU C 96 33.61 -21.26 -22.13
N TYR C 97 34.02 -21.79 -20.98
CA TYR C 97 33.75 -23.17 -20.58
C TYR C 97 32.22 -23.38 -20.45
N HIS C 98 31.54 -22.47 -19.72
CA HIS C 98 30.08 -22.56 -19.54
C HIS C 98 29.30 -22.36 -20.82
N ALA C 99 29.77 -21.49 -21.73
CA ALA C 99 29.09 -21.29 -23.02
C ALA C 99 29.13 -22.58 -23.83
N GLU C 100 30.26 -23.32 -23.76
CA GLU C 100 30.37 -24.59 -24.46
C GLU C 100 29.45 -25.64 -23.83
N SER C 101 29.31 -25.65 -22.50
CA SER C 101 28.40 -26.56 -21.80
C SER C 101 26.96 -26.30 -22.25
N ILE C 102 26.55 -25.01 -22.35
CA ILE C 102 25.21 -24.61 -22.81
C ILE C 102 24.97 -25.08 -24.24
N ALA C 103 25.97 -24.86 -25.12
CA ALA C 103 25.84 -25.28 -26.52
C ALA C 103 25.68 -26.81 -26.61
N ASN C 104 26.43 -27.56 -25.80
CA ASN C 104 26.35 -29.02 -25.80
C ASN C 104 25.00 -29.51 -25.29
N VAL C 105 24.44 -28.85 -24.24
CA VAL C 105 23.13 -29.21 -23.73
C VAL C 105 22.07 -28.97 -24.81
N ARG C 106 22.10 -27.79 -25.45
CA ARG C 106 21.15 -27.47 -26.51
C ARG C 106 21.27 -28.43 -27.72
N GLU C 107 22.50 -28.83 -28.08
CA GLU C 107 22.71 -29.77 -29.17
C GLU C 107 22.13 -31.15 -28.81
N ALA C 108 22.37 -31.62 -27.58
CA ALA C 108 21.83 -32.90 -27.13
C ALA C 108 20.29 -32.87 -27.09
N VAL C 109 19.69 -31.76 -26.59
CA VAL C 109 18.23 -31.63 -26.53
C VAL C 109 17.61 -31.63 -27.93
N GLU C 110 18.19 -30.84 -28.85
CA GLU C 110 17.66 -30.76 -30.22
C GLU C 110 17.87 -32.01 -31.06
N SER C 111 18.74 -32.94 -30.62
CA SER C 111 18.95 -34.19 -31.34
C SER C 111 17.69 -35.09 -31.31
N PHE C 112 16.73 -34.83 -30.39
CA PHE C 112 15.49 -35.57 -30.27
C PHE C 112 14.29 -34.86 -30.90
N ALA C 113 14.50 -33.74 -31.62
CA ALA C 113 13.38 -33.02 -32.25
C ALA C 113 12.62 -33.82 -33.31
N GLY C 114 13.26 -34.83 -33.89
CA GLY C 114 12.62 -35.64 -34.94
C GLY C 114 11.60 -36.65 -34.45
N SER C 115 11.55 -36.89 -33.12
CA SER C 115 10.62 -37.84 -32.54
C SER C 115 9.76 -37.25 -31.41
N PRO C 116 8.45 -37.07 -31.64
CA PRO C 116 7.57 -36.52 -30.59
C PRO C 116 7.53 -37.32 -29.29
N LEU C 117 7.80 -38.63 -29.36
CA LEU C 117 7.82 -39.53 -28.22
C LEU C 117 9.02 -39.24 -27.29
N SER C 118 10.15 -38.83 -27.87
CA SER C 118 11.36 -38.60 -27.08
C SER C 118 11.76 -37.12 -26.86
N TYR C 119 11.24 -36.17 -27.67
CA TYR C 119 11.62 -34.76 -27.48
C TYR C 119 11.17 -34.21 -26.12
N ARG C 120 12.09 -33.58 -25.39
CA ARG C 120 11.76 -32.98 -24.10
C ARG C 120 12.56 -31.71 -23.88
N PRO C 121 11.89 -30.61 -23.50
CA PRO C 121 12.63 -29.40 -23.16
C PRO C 121 13.51 -29.63 -21.94
N VAL C 122 14.64 -28.94 -21.87
CA VAL C 122 15.57 -29.05 -20.75
C VAL C 122 15.92 -27.61 -20.33
N ALA C 123 15.64 -27.23 -19.08
CA ALA C 123 15.95 -25.88 -18.62
C ALA C 123 17.44 -25.71 -18.33
N ILE C 124 17.95 -24.49 -18.45
CA ILE C 124 19.35 -24.20 -18.12
C ILE C 124 19.37 -23.26 -16.94
N ALA C 125 20.00 -23.67 -15.86
CA ALA C 125 20.06 -22.88 -14.64
C ALA C 125 21.50 -22.44 -14.34
N LEU C 126 21.68 -21.18 -13.98
CA LEU C 126 22.99 -20.64 -13.66
C LEU C 126 23.09 -20.52 -12.14
N ASP C 127 24.02 -21.21 -11.53
CA ASP C 127 24.21 -21.16 -10.08
C ASP C 127 25.39 -20.22 -9.79
N THR C 128 25.12 -19.10 -9.11
CA THR C 128 26.17 -18.10 -8.88
C THR C 128 27.24 -18.49 -7.86
N LYS C 129 28.43 -17.87 -8.01
CA LYS C 129 29.55 -18.08 -7.10
C LYS C 129 29.20 -17.59 -5.70
N GLY C 130 28.54 -16.44 -5.61
CA GLY C 130 28.10 -15.90 -4.33
C GLY C 130 28.86 -14.67 -3.88
N PRO C 131 28.46 -14.11 -2.74
CA PRO C 131 29.07 -12.87 -2.25
C PRO C 131 30.47 -13.05 -1.66
N GLY C 134 31.99 -10.59 1.04
CA GLY C 134 31.33 -9.32 0.80
C GLY C 134 29.93 -9.24 1.39
N PRO C 135 29.40 -8.00 1.48
CA PRO C 135 28.07 -7.82 2.09
C PRO C 135 26.87 -8.13 1.19
N GLY C 136 27.05 -7.99 -0.13
CA GLY C 136 25.96 -8.20 -1.08
C GLY C 136 26.46 -8.70 -2.42
N LEU C 137 25.80 -8.28 -3.53
CA LEU C 137 26.16 -8.75 -4.87
C LEU C 137 27.61 -8.47 -5.29
N SER C 138 28.38 -9.53 -5.54
CA SER C 138 29.78 -9.40 -5.95
C SER C 138 29.93 -8.97 -7.41
N GLU C 139 31.12 -8.46 -7.79
CA GLU C 139 31.41 -8.04 -9.15
C GLU C 139 31.34 -9.24 -10.10
N GLN C 140 31.86 -10.39 -9.67
CA GLN C 140 31.84 -11.56 -10.51
C GLN C 140 30.40 -12.02 -10.74
N ASP C 141 29.53 -11.96 -9.72
CA ASP C 141 28.13 -12.32 -9.88
C ASP C 141 27.41 -11.39 -10.86
N VAL C 142 27.71 -10.07 -10.85
CA VAL C 142 27.11 -9.14 -11.83
C VAL C 142 27.48 -9.56 -13.26
N ARG C 143 28.75 -9.91 -13.47
CA ARG C 143 29.21 -10.33 -14.79
C ARG C 143 28.63 -11.68 -15.20
N ASP C 144 28.53 -12.62 -14.26
CA ASP C 144 27.98 -13.95 -14.54
C ASP C 144 26.47 -13.88 -14.83
N LEU C 145 25.74 -13.01 -14.11
CA LEU C 145 24.31 -12.82 -14.35
C LEU C 145 24.10 -12.20 -15.74
N ARG C 146 24.99 -11.26 -16.15
CA ARG C 146 24.92 -10.67 -17.49
C ARG C 146 25.18 -11.75 -18.55
N PHE C 147 26.13 -12.66 -18.29
CA PHE C 147 26.41 -13.77 -19.19
C PHE C 147 25.13 -14.65 -19.34
N GLY C 148 24.45 -14.91 -18.22
CA GLY C 148 23.21 -15.68 -18.23
C GLY C 148 22.14 -15.07 -19.11
N VAL C 149 21.94 -13.76 -19.01
CA VAL C 149 20.97 -13.04 -19.83
C VAL C 149 21.35 -13.15 -21.32
N GLU C 150 22.63 -12.91 -21.63
CA GLU C 150 23.11 -12.96 -23.01
C GLU C 150 23.02 -14.35 -23.62
N HIS C 151 23.13 -15.40 -22.80
CA HIS C 151 23.04 -16.77 -23.28
C HIS C 151 21.63 -17.40 -23.14
N GLY C 152 20.64 -16.61 -22.70
CA GLY C 152 19.27 -17.04 -22.58
C GLY C 152 18.98 -18.12 -21.56
N VAL C 153 19.65 -18.07 -20.38
CA VAL C 153 19.38 -19.04 -19.32
C VAL C 153 17.96 -18.86 -18.79
N ASP C 154 17.38 -19.94 -18.26
CA ASP C 154 16.00 -19.91 -17.79
C ASP C 154 15.86 -19.57 -16.32
N ILE C 155 16.84 -19.99 -15.51
CA ILE C 155 16.79 -19.89 -14.06
C ILE C 155 18.12 -19.46 -13.48
N VAL C 156 18.08 -18.76 -12.35
CA VAL C 156 19.28 -18.41 -11.61
C VAL C 156 19.11 -19.03 -10.23
N PHE C 157 20.11 -19.80 -9.78
CA PHE C 157 20.14 -20.31 -8.41
C PHE C 157 21.09 -19.31 -7.71
N ALA C 158 20.54 -18.34 -6.96
CA ALA C 158 21.32 -17.29 -6.32
C ALA C 158 21.93 -17.75 -4.99
N SER C 159 23.26 -17.83 -4.93
CA SER C 159 23.96 -18.30 -3.74
C SER C 159 23.92 -17.33 -2.55
N PHE C 160 23.89 -17.91 -1.34
CA PHE C 160 23.92 -17.21 -0.06
C PHE C 160 22.95 -16.04 0.03
N VAL C 161 21.65 -16.27 -0.26
CA VAL C 161 20.68 -15.21 -0.12
C VAL C 161 20.36 -15.08 1.36
N ARG C 162 20.56 -13.88 1.92
CA ARG C 162 20.39 -13.68 3.36
C ARG C 162 19.24 -12.77 3.72
N LYS C 163 18.73 -11.97 2.76
CA LYS C 163 17.67 -11.01 2.97
C LYS C 163 17.01 -10.63 1.64
N ALA C 164 15.86 -9.94 1.70
CA ALA C 164 15.11 -9.51 0.51
C ALA C 164 15.93 -8.62 -0.41
N SER C 165 16.80 -7.75 0.13
CA SER C 165 17.60 -6.85 -0.70
C SER C 165 18.63 -7.60 -1.56
N ASP C 166 19.05 -8.80 -1.14
CA ASP C 166 19.95 -9.61 -1.96
C ASP C 166 19.22 -10.05 -3.24
N VAL C 167 17.91 -10.39 -3.12
CA VAL C 167 17.11 -10.80 -4.27
C VAL C 167 16.88 -9.62 -5.19
N ALA C 168 16.60 -8.42 -4.63
CA ALA C 168 16.41 -7.21 -5.42
C ALA C 168 17.67 -6.88 -6.22
N ALA C 169 18.86 -7.10 -5.63
CA ALA C 169 20.11 -6.86 -6.33
C ALA C 169 20.27 -7.84 -7.51
N VAL C 170 19.94 -9.12 -7.31
CA VAL C 170 20.03 -10.11 -8.40
C VAL C 170 19.03 -9.76 -9.52
N ARG C 171 17.81 -9.38 -9.13
CA ARG C 171 16.74 -8.99 -10.04
C ARG C 171 17.20 -7.78 -10.89
N ALA C 172 17.82 -6.77 -10.24
CA ALA C 172 18.33 -5.58 -10.93
C ALA C 172 19.45 -5.95 -11.91
N ALA C 173 20.37 -6.87 -11.51
CA ALA C 173 21.49 -7.32 -12.35
C ALA C 173 21.02 -8.10 -13.60
N LEU C 174 19.74 -8.55 -13.63
CA LEU C 174 19.22 -9.27 -14.79
C LEU C 174 18.81 -8.29 -15.95
N GLY C 175 19.41 -7.09 -15.94
CA GLY C 175 19.34 -6.04 -16.96
C GLY C 175 17.97 -5.79 -17.46
N PRO C 176 17.87 -5.13 -18.61
CA PRO C 176 16.54 -4.89 -19.18
C PRO C 176 15.97 -6.13 -19.92
N GLU C 177 16.82 -7.10 -20.30
CA GLU C 177 16.40 -8.25 -21.11
C GLU C 177 16.03 -9.53 -20.36
N GLY C 178 16.36 -9.64 -19.07
CA GLY C 178 16.14 -10.88 -18.35
C GLY C 178 15.16 -10.90 -17.20
N HIS C 179 14.13 -10.05 -17.26
CA HIS C 179 13.11 -10.03 -16.22
C HIS C 179 12.26 -11.31 -16.16
N GLY C 180 12.28 -12.11 -17.21
CA GLY C 180 11.54 -13.37 -17.26
C GLY C 180 12.29 -14.55 -16.66
N ILE C 181 13.59 -14.37 -16.35
CA ILE C 181 14.38 -15.41 -15.73
C ILE C 181 13.90 -15.66 -14.28
N LYS C 182 13.73 -16.92 -13.89
CA LYS C 182 13.27 -17.24 -12.55
C LYS C 182 14.42 -17.16 -11.55
N ILE C 183 14.21 -16.54 -10.40
CA ILE C 183 15.23 -16.46 -9.35
C ILE C 183 14.87 -17.42 -8.24
N ILE C 184 15.69 -18.44 -8.06
CA ILE C 184 15.54 -19.43 -7.01
C ILE C 184 16.61 -19.07 -5.96
N SER C 185 16.18 -18.57 -4.77
CA SER C 185 17.12 -18.17 -3.73
C SER C 185 17.66 -19.35 -2.97
N LYS C 186 18.99 -19.45 -2.87
CA LYS C 186 19.62 -20.53 -2.11
C LYS C 186 19.76 -20.11 -0.65
N ILE C 187 19.17 -20.90 0.26
CA ILE C 187 19.24 -20.64 1.70
C ILE C 187 20.38 -21.50 2.22
N GLU C 188 21.48 -20.86 2.66
CA GLU C 188 22.69 -21.56 3.03
C GLU C 188 23.25 -21.18 4.39
N ASN C 189 22.58 -20.31 5.15
CA ASN C 189 23.11 -19.93 6.47
C ASN C 189 21.99 -19.58 7.46
N HIS C 190 22.35 -19.29 8.72
CA HIS C 190 21.39 -18.96 9.76
C HIS C 190 20.52 -17.77 9.40
N GLU C 191 21.13 -16.69 8.88
CA GLU C 191 20.38 -15.50 8.52
C GLU C 191 19.31 -15.76 7.44
N GLY C 192 19.66 -16.53 6.42
CA GLY C 192 18.72 -16.89 5.37
C GLY C 192 17.52 -17.66 5.90
N VAL C 193 17.76 -18.57 6.86
CA VAL C 193 16.68 -19.33 7.50
C VAL C 193 15.78 -18.41 8.32
N LYS C 194 16.39 -17.53 9.14
CA LYS C 194 15.64 -16.59 9.97
C LYS C 194 14.85 -15.56 9.18
N ARG C 195 15.39 -15.10 8.05
CA ARG C 195 14.69 -14.14 7.21
C ARG C 195 13.99 -14.81 6.02
N PHE C 196 13.68 -16.12 6.15
CA PHE C 196 13.05 -16.89 5.09
C PHE C 196 11.79 -16.26 4.51
N ASP C 197 10.84 -15.82 5.35
CA ASP C 197 9.59 -15.26 4.83
C ASP C 197 9.77 -14.06 3.92
N GLU C 198 10.68 -13.13 4.28
CA GLU C 198 10.92 -11.95 3.43
C GLU C 198 11.63 -12.33 2.13
N ILE C 199 12.49 -13.37 2.17
CA ILE C 199 13.19 -13.85 0.99
C ILE C 199 12.21 -14.55 0.04
N LEU C 200 11.37 -15.45 0.56
CA LEU C 200 10.41 -16.18 -0.27
C LEU C 200 9.42 -15.23 -0.95
N GLU C 201 8.97 -14.19 -0.23
CA GLU C 201 8.02 -13.21 -0.77
C GLU C 201 8.49 -12.59 -2.08
N VAL C 202 9.80 -12.29 -2.21
CA VAL C 202 10.32 -11.65 -3.42
C VAL C 202 11.00 -12.62 -4.41
N SER C 203 11.13 -13.90 -4.05
CA SER C 203 11.78 -14.88 -4.92
C SER C 203 10.76 -15.67 -5.72
N ASP C 204 11.18 -16.29 -6.83
CA ASP C 204 10.31 -17.19 -7.57
C ASP C 204 10.26 -18.58 -6.89
N GLY C 205 11.27 -18.92 -6.12
CA GLY C 205 11.37 -20.19 -5.42
C GLY C 205 12.60 -20.27 -4.53
N ILE C 206 12.83 -21.43 -3.93
CA ILE C 206 13.92 -21.61 -2.97
C ILE C 206 14.71 -22.90 -3.23
N MET C 207 16.01 -22.87 -2.89
CA MET C 207 16.81 -24.09 -2.90
C MET C 207 17.32 -24.28 -1.46
N VAL C 208 17.13 -25.47 -0.90
CA VAL C 208 17.66 -25.82 0.40
C VAL C 208 19.08 -26.31 0.08
N ALA C 209 20.06 -25.41 0.19
CA ALA C 209 21.45 -25.69 -0.17
C ALA C 209 22.14 -26.28 1.04
N ARG C 210 21.95 -27.60 1.23
CA ARG C 210 22.37 -28.30 2.44
C ARG C 210 23.88 -28.37 2.69
N GLY C 211 24.71 -28.23 1.67
CA GLY C 211 26.17 -28.28 1.83
C GLY C 211 26.66 -27.17 2.76
N ASP C 212 26.48 -25.91 2.36
CA ASP C 212 26.86 -24.79 3.20
C ASP C 212 25.98 -24.68 4.43
N LEU C 213 24.65 -24.97 4.30
CA LEU C 213 23.76 -24.90 5.46
C LEU C 213 24.24 -25.81 6.61
N GLY C 214 24.73 -27.01 6.26
CA GLY C 214 25.23 -27.98 7.23
C GLY C 214 26.55 -27.65 7.89
N ILE C 215 27.21 -26.58 7.43
CA ILE C 215 28.46 -26.05 8.01
C ILE C 215 28.15 -24.74 8.76
N GLU C 216 27.15 -23.96 8.28
CA GLU C 216 26.74 -22.70 8.88
C GLU C 216 25.88 -22.88 10.13
N ILE C 217 25.06 -23.93 10.15
CA ILE C 217 24.25 -24.27 11.33
C ILE C 217 24.63 -25.70 11.77
N PRO C 218 24.32 -26.13 13.01
CA PRO C 218 24.64 -27.52 13.40
C PRO C 218 24.08 -28.55 12.41
N ALA C 219 24.88 -29.54 12.03
CA ALA C 219 24.50 -30.55 11.06
C ALA C 219 23.19 -31.26 11.41
N GLU C 220 22.94 -31.47 12.71
CA GLU C 220 21.75 -32.14 13.20
C GLU C 220 20.48 -31.30 13.11
N LYS C 221 20.58 -30.01 12.70
CA LYS C 221 19.40 -29.15 12.56
C LYS C 221 18.99 -28.95 11.07
N VAL C 222 19.81 -29.38 10.11
CA VAL C 222 19.51 -29.19 8.68
C VAL C 222 18.16 -29.77 8.28
N PHE C 223 17.79 -30.96 8.80
CA PHE C 223 16.48 -31.55 8.44
C PHE C 223 15.29 -30.65 8.86
N LEU C 224 15.43 -29.91 9.98
CA LEU C 224 14.37 -29.00 10.44
C LEU C 224 14.23 -27.86 9.46
N ALA C 225 15.36 -27.27 9.04
CA ALA C 225 15.37 -26.17 8.08
C ALA C 225 14.78 -26.65 6.74
N GLN C 226 15.17 -27.87 6.30
CA GLN C 226 14.67 -28.43 5.04
C GLN C 226 13.14 -28.62 5.08
N LYS C 227 12.63 -29.28 6.12
CA LYS C 227 11.21 -29.56 6.22
C LYS C 227 10.37 -28.29 6.37
N MET C 228 10.91 -27.29 7.11
CA MET C 228 10.22 -26.02 7.29
C MET C 228 10.13 -25.26 5.96
N MET C 229 11.26 -25.15 5.25
CA MET C 229 11.29 -24.41 3.98
C MET C 229 10.44 -25.07 2.91
N ILE C 230 10.46 -26.40 2.84
CA ILE C 230 9.62 -27.12 1.87
C ILE C 230 8.13 -26.89 2.20
N GLY C 231 7.77 -26.99 3.47
CA GLY C 231 6.40 -26.75 3.90
C GLY C 231 5.92 -25.34 3.58
N ARG C 232 6.77 -24.31 3.85
CA ARG C 232 6.41 -22.92 3.57
C ARG C 232 6.30 -22.65 2.07
N CYS C 233 7.19 -23.28 1.27
CA CYS C 233 7.11 -23.12 -0.19
C CYS C 233 5.85 -23.79 -0.74
N ASN C 234 5.50 -24.98 -0.20
CA ASN C 234 4.27 -25.67 -0.61
C ASN C 234 3.05 -24.80 -0.27
N LEU C 235 3.06 -24.16 0.89
CA LEU C 235 1.97 -23.27 1.33
C LEU C 235 1.88 -22.04 0.40
N ALA C 236 3.02 -21.46 0.01
CA ALA C 236 3.05 -20.30 -0.89
C ALA C 236 2.82 -20.66 -2.38
N GLY C 237 2.88 -21.92 -2.73
CA GLY C 237 2.73 -22.34 -4.12
C GLY C 237 3.92 -21.98 -4.97
N LYS C 238 5.13 -21.97 -4.39
CA LYS C 238 6.36 -21.65 -5.11
C LYS C 238 7.31 -22.83 -5.10
N PRO C 239 8.05 -23.05 -6.21
CA PRO C 239 8.96 -24.22 -6.27
C PRO C 239 10.07 -24.26 -5.22
N VAL C 240 10.36 -25.47 -4.75
CA VAL C 240 11.43 -25.66 -3.79
C VAL C 240 12.30 -26.83 -4.24
N VAL C 241 13.63 -26.66 -4.16
CA VAL C 241 14.59 -27.65 -4.58
C VAL C 241 15.30 -28.22 -3.37
N CYS C 242 15.46 -29.55 -3.29
CA CYS C 242 16.30 -30.14 -2.25
C CYS C 242 17.63 -30.44 -2.91
N ALA C 243 18.75 -30.02 -2.28
CA ALA C 243 20.05 -30.18 -2.92
C ALA C 243 21.13 -30.67 -1.98
N THR C 244 22.18 -31.28 -2.58
CA THR C 244 23.51 -31.61 -2.06
C THR C 244 23.61 -32.89 -1.25
N GLN C 245 24.52 -33.77 -1.72
CA GLN C 245 24.89 -35.05 -1.13
C GLN C 245 23.75 -36.06 -1.06
N MET C 246 22.73 -35.91 -1.93
CA MET C 246 21.60 -36.84 -1.95
C MET C 246 22.03 -38.27 -2.31
N LEU C 247 22.96 -38.42 -3.27
CA LEU C 247 23.49 -39.74 -3.65
C LEU C 247 25.04 -39.67 -3.67
N GLU C 248 25.64 -38.96 -2.70
CA GLU C 248 27.07 -38.67 -2.64
C GLU C 248 28.02 -39.85 -2.93
N SER C 249 27.79 -41.02 -2.33
CA SER C 249 28.65 -42.18 -2.53
C SER C 249 28.70 -42.64 -4.00
N MET C 250 27.69 -42.26 -4.81
CA MET C 250 27.71 -42.60 -6.23
C MET C 250 28.74 -41.82 -7.05
N ILE C 251 29.49 -40.89 -6.43
CA ILE C 251 30.61 -40.23 -7.12
C ILE C 251 31.68 -41.30 -7.46
N THR C 252 31.87 -42.31 -6.58
CA THR C 252 32.83 -43.39 -6.82
C THR C 252 32.22 -44.79 -6.89
N LYS C 253 31.01 -44.99 -6.35
CA LYS C 253 30.37 -46.32 -6.32
C LYS C 253 29.16 -46.45 -7.26
N PRO C 254 28.93 -47.62 -7.87
CA PRO C 254 27.80 -47.75 -8.81
C PRO C 254 26.41 -47.78 -8.15
N ARG C 255 26.35 -48.05 -6.85
CA ARG C 255 25.08 -48.13 -6.12
C ARG C 255 25.16 -47.23 -4.89
N PRO C 256 24.03 -46.59 -4.52
CA PRO C 256 24.05 -45.70 -3.36
C PRO C 256 23.90 -46.43 -2.02
N THR C 257 24.08 -45.70 -0.91
CA THR C 257 23.89 -46.28 0.42
C THR C 257 22.37 -46.29 0.75
N ARG C 258 21.99 -47.00 1.83
CA ARG C 258 20.61 -47.04 2.29
C ARG C 258 20.15 -45.67 2.78
N ALA C 259 21.05 -44.85 3.33
CA ALA C 259 20.70 -43.50 3.79
C ALA C 259 20.43 -42.58 2.60
N GLU C 260 21.16 -42.76 1.51
CA GLU C 260 21.00 -41.95 0.31
C GLU C 260 19.67 -42.19 -0.40
N THR C 261 19.25 -43.45 -0.57
CA THR C 261 17.94 -43.72 -1.20
C THR C 261 16.83 -43.19 -0.30
N SER C 262 16.99 -43.34 1.02
CA SER C 262 16.04 -42.83 2.00
C SER C 262 15.94 -41.28 1.88
N ASP C 263 17.09 -40.59 1.77
CA ASP C 263 17.13 -39.13 1.66
C ASP C 263 16.37 -38.62 0.43
N VAL C 264 16.57 -39.27 -0.73
CA VAL C 264 15.86 -38.90 -1.95
C VAL C 264 14.35 -39.09 -1.79
N ALA C 265 13.94 -40.26 -1.27
CA ALA C 265 12.53 -40.56 -1.09
C ALA C 265 11.88 -39.59 -0.12
N ASN C 266 12.57 -39.27 1.00
CA ASN C 266 12.04 -38.35 1.99
C ASN C 266 11.98 -36.91 1.51
N ALA C 267 12.88 -36.47 0.61
CA ALA C 267 12.79 -35.11 0.06
C ALA C 267 11.50 -34.99 -0.79
N VAL C 268 11.18 -36.04 -1.57
CA VAL C 268 9.96 -36.06 -2.38
C VAL C 268 8.74 -36.09 -1.46
N LEU C 269 8.76 -36.97 -0.45
CA LEU C 269 7.64 -37.04 0.50
C LEU C 269 7.45 -35.71 1.25
N ASP C 270 8.55 -35.02 1.61
CA ASP C 270 8.52 -33.72 2.28
C ASP C 270 7.73 -32.69 1.46
N GLY C 271 7.83 -32.77 0.13
CA GLY C 271 7.15 -31.89 -0.80
C GLY C 271 8.05 -31.17 -1.79
N ALA C 272 9.31 -31.60 -1.95
CA ALA C 272 10.22 -30.92 -2.89
C ALA C 272 9.72 -31.02 -4.33
N ASP C 273 9.73 -29.90 -5.05
CA ASP C 273 9.37 -29.88 -6.46
C ASP C 273 10.49 -30.49 -7.31
N CYS C 274 11.75 -30.23 -6.92
CA CYS C 274 12.93 -30.70 -7.63
C CYS C 274 13.91 -31.33 -6.65
N ILE C 275 14.69 -32.28 -7.16
CA ILE C 275 15.81 -32.89 -6.45
C ILE C 275 17.04 -32.65 -7.31
N MET C 276 18.22 -32.60 -6.67
CA MET C 276 19.43 -32.22 -7.39
C MET C 276 20.59 -33.18 -7.20
N LEU C 277 21.49 -33.20 -8.19
CA LEU C 277 22.74 -33.93 -8.17
C LEU C 277 23.85 -32.91 -8.46
N SER C 278 24.93 -32.94 -7.66
CA SER C 278 26.04 -32.02 -7.83
C SER C 278 27.29 -32.78 -8.30
N GLY C 279 28.21 -33.16 -7.40
CA GLY C 279 29.41 -33.93 -7.75
C GLY C 279 29.08 -35.26 -8.41
N GLU C 280 27.90 -35.83 -8.07
CA GLU C 280 27.41 -37.09 -8.64
C GLU C 280 27.37 -37.06 -10.17
N THR C 281 26.99 -35.92 -10.76
CA THR C 281 26.94 -35.80 -12.21
C THR C 281 28.05 -34.92 -12.78
N ALA C 282 28.55 -33.96 -11.99
CA ALA C 282 29.58 -33.04 -12.47
C ALA C 282 30.97 -33.70 -12.60
N LYS C 283 31.36 -34.53 -11.64
CA LYS C 283 32.69 -35.12 -11.66
C LYS C 283 32.76 -36.61 -11.36
N GLY C 284 31.65 -37.22 -10.96
CA GLY C 284 31.65 -38.63 -10.60
C GLY C 284 31.85 -39.62 -11.73
N ASN C 285 32.02 -40.89 -11.37
CA ASN C 285 32.21 -41.96 -12.34
C ASN C 285 30.91 -42.57 -12.85
N PHE C 286 29.76 -42.23 -12.22
CA PHE C 286 28.47 -42.79 -12.62
C PHE C 286 27.37 -41.70 -12.75
N PRO C 287 27.58 -40.66 -13.59
CA PRO C 287 26.56 -39.60 -13.71
C PRO C 287 25.20 -40.07 -14.21
N VAL C 288 25.17 -40.94 -15.22
CA VAL C 288 23.92 -41.44 -15.79
C VAL C 288 23.19 -42.32 -14.78
N GLU C 289 23.92 -43.18 -14.06
CA GLU C 289 23.33 -44.07 -13.08
C GLU C 289 22.73 -43.28 -11.88
N ALA C 290 23.35 -42.15 -11.52
CA ALA C 290 22.86 -41.29 -10.43
C ALA C 290 21.50 -40.67 -10.84
N VAL C 291 21.38 -40.24 -12.10
CA VAL C 291 20.12 -39.70 -12.62
C VAL C 291 19.05 -40.81 -12.63
N LYS C 292 19.43 -42.02 -13.09
CA LYS C 292 18.51 -43.17 -13.14
C LYS C 292 18.00 -43.53 -11.76
N MET C 293 18.88 -43.44 -10.75
CA MET C 293 18.53 -43.77 -9.37
C MET C 293 17.55 -42.75 -8.81
N GLN C 294 17.79 -41.44 -9.04
CA GLN C 294 16.84 -40.41 -8.58
C GLN C 294 15.49 -40.58 -9.25
N HIS C 295 15.47 -40.92 -10.55
CA HIS C 295 14.21 -41.16 -11.29
C HIS C 295 13.42 -42.31 -10.65
N ALA C 296 14.09 -43.44 -10.40
CA ALA C 296 13.44 -44.63 -9.85
C ALA C 296 12.87 -44.39 -8.45
N ILE C 297 13.65 -43.73 -7.57
CA ILE C 297 13.18 -43.43 -6.22
C ILE C 297 12.02 -42.42 -6.24
N ALA C 298 12.15 -41.32 -7.01
CA ALA C 298 11.09 -40.30 -7.07
C ALA C 298 9.75 -40.88 -7.49
N ARG C 299 9.74 -41.77 -8.49
CA ARG C 299 8.50 -42.40 -8.94
C ARG C 299 7.84 -43.21 -7.81
N GLU C 300 8.65 -43.97 -7.06
CA GLU C 300 8.11 -44.76 -5.94
C GLU C 300 7.56 -43.83 -4.85
N ALA C 301 8.32 -42.76 -4.51
CA ALA C 301 7.92 -41.84 -3.45
C ALA C 301 6.68 -41.02 -3.79
N GLU C 302 6.53 -40.62 -5.06
CA GLU C 302 5.36 -39.85 -5.48
C GLU C 302 4.07 -40.66 -5.31
N ALA C 303 4.11 -41.97 -5.62
CA ALA C 303 2.93 -42.81 -5.43
C ALA C 303 2.59 -42.97 -3.94
N ALA C 304 3.60 -42.91 -3.05
CA ALA C 304 3.44 -43.05 -1.60
C ALA C 304 2.98 -41.76 -0.89
N VAL C 305 2.80 -40.65 -1.62
CA VAL C 305 2.33 -39.41 -1.02
C VAL C 305 0.88 -39.62 -0.51
N TYR C 306 0.57 -39.15 0.71
CA TYR C 306 -0.76 -39.29 1.28
C TYR C 306 -1.63 -38.11 0.82
N HIS C 307 -2.10 -38.19 -0.42
CA HIS C 307 -2.89 -37.12 -1.04
C HIS C 307 -4.14 -36.75 -0.27
N ARG C 308 -4.79 -37.71 0.38
CA ARG C 308 -6.03 -37.43 1.12
C ARG C 308 -5.85 -36.30 2.15
N GLN C 309 -4.79 -36.38 2.96
CA GLN C 309 -4.56 -35.34 3.96
C GLN C 309 -3.88 -34.13 3.35
N LEU C 310 -2.94 -34.36 2.43
CA LEU C 310 -2.22 -33.28 1.77
C LEU C 310 -3.17 -32.29 1.07
N PHE C 311 -4.10 -32.79 0.26
CA PHE C 311 -5.05 -31.95 -0.44
C PHE C 311 -5.95 -31.19 0.54
N GLU C 312 -6.43 -31.87 1.60
CA GLU C 312 -7.27 -31.24 2.63
C GLU C 312 -6.55 -30.08 3.31
N GLU C 313 -5.28 -30.29 3.67
CA GLU C 313 -4.50 -29.27 4.34
C GLU C 313 -4.11 -28.12 3.41
N LEU C 314 -3.79 -28.41 2.14
CA LEU C 314 -3.46 -27.35 1.18
C LEU C 314 -4.70 -26.47 0.96
N ARG C 315 -5.89 -27.09 0.90
CA ARG C 315 -7.18 -26.43 0.73
C ARG C 315 -7.48 -25.52 1.94
N ARG C 316 -7.34 -26.06 3.16
CA ARG C 316 -7.62 -25.35 4.40
C ARG C 316 -6.64 -24.18 4.64
N ALA C 317 -5.35 -24.38 4.35
CA ALA C 317 -4.35 -23.36 4.60
C ALA C 317 -4.31 -22.26 3.54
N ALA C 318 -4.66 -22.59 2.29
CA ALA C 318 -4.63 -21.59 1.22
C ALA C 318 -5.77 -20.61 1.47
N PRO C 319 -5.46 -19.31 1.45
CA PRO C 319 -6.52 -18.32 1.69
C PRO C 319 -7.56 -18.32 0.57
N LEU C 320 -8.75 -17.79 0.87
CA LEU C 320 -9.79 -17.63 -0.13
C LEU C 320 -9.28 -16.68 -1.23
N SER C 321 -9.76 -16.86 -2.45
CA SER C 321 -9.25 -16.07 -3.56
C SER C 321 -10.31 -15.67 -4.51
N ARG C 322 -10.19 -14.47 -5.05
CA ARG C 322 -11.09 -14.00 -6.10
C ARG C 322 -10.39 -14.02 -7.49
N ASP C 323 -9.20 -14.61 -7.59
CA ASP C 323 -8.47 -14.70 -8.84
C ASP C 323 -9.03 -15.93 -9.57
N PRO C 324 -9.61 -15.75 -10.76
CA PRO C 324 -10.20 -16.90 -11.47
C PRO C 324 -9.23 -18.03 -11.78
N THR C 325 -7.92 -17.75 -11.99
CA THR C 325 -6.96 -18.82 -12.28
C THR C 325 -6.83 -19.73 -11.05
N GLU C 326 -6.74 -19.12 -9.85
CA GLU C 326 -6.63 -19.89 -8.60
CA GLU C 326 -6.64 -19.86 -8.60
C GLU C 326 -7.92 -20.67 -8.33
N VAL C 327 -9.08 -20.06 -8.57
CA VAL C 327 -10.36 -20.71 -8.35
C VAL C 327 -10.54 -21.91 -9.29
N THR C 328 -10.19 -21.71 -10.58
CA THR C 328 -10.29 -22.77 -11.58
C THR C 328 -9.35 -23.91 -11.22
N ALA C 329 -8.12 -23.59 -10.79
CA ALA C 329 -7.13 -24.60 -10.45
C ALA C 329 -7.61 -25.57 -9.36
N ILE C 330 -8.19 -25.04 -8.25
CA ILE C 330 -8.65 -25.93 -7.17
C ILE C 330 -9.84 -26.78 -7.61
N GLY C 331 -10.75 -26.19 -8.39
CA GLY C 331 -11.89 -26.94 -8.94
C GLY C 331 -11.43 -28.05 -9.87
N ALA C 332 -10.41 -27.79 -10.71
CA ALA C 332 -9.86 -28.78 -11.64
C ALA C 332 -9.16 -29.92 -10.91
N VAL C 333 -8.40 -29.61 -9.86
CA VAL C 333 -7.70 -30.65 -9.09
C VAL C 333 -8.73 -31.52 -8.35
N GLU C 334 -9.78 -30.90 -7.81
CA GLU C 334 -10.86 -31.61 -7.12
CA GLU C 334 -10.87 -31.62 -7.12
C GLU C 334 -11.55 -32.56 -8.12
N ALA C 335 -11.85 -32.04 -9.33
CA ALA C 335 -12.49 -32.85 -10.38
C ALA C 335 -11.59 -34.03 -10.81
N ALA C 336 -10.27 -33.79 -10.94
CA ALA C 336 -9.34 -34.85 -11.32
C ALA C 336 -9.31 -35.99 -10.29
N PHE C 337 -9.35 -35.66 -8.98
CA PHE C 337 -9.36 -36.67 -7.93
C PHE C 337 -10.68 -37.47 -7.98
N LYS C 338 -11.81 -36.79 -8.22
CA LYS C 338 -13.12 -37.42 -8.27
C LYS C 338 -13.24 -38.53 -9.31
N CYS C 339 -12.59 -38.38 -10.47
CA CYS C 339 -12.69 -39.36 -11.55
C CYS C 339 -11.43 -40.15 -11.81
N CYS C 340 -10.37 -39.99 -10.98
CA CYS C 340 -9.06 -40.63 -11.19
C CYS C 340 -8.52 -40.23 -12.58
N ALA C 341 -8.69 -38.95 -12.98
CA ALA C 341 -8.30 -38.45 -14.30
C ALA C 341 -6.85 -38.79 -14.60
N ALA C 342 -6.60 -39.22 -15.83
CA ALA C 342 -5.26 -39.57 -16.24
C ALA C 342 -4.37 -38.30 -16.30
N ALA C 343 -4.98 -37.15 -16.66
CA ALA C 343 -4.24 -35.90 -16.78
C ALA C 343 -5.15 -34.68 -16.67
N ILE C 344 -4.53 -33.52 -16.40
CA ILE C 344 -5.15 -32.22 -16.47
C ILE C 344 -4.38 -31.49 -17.57
N ILE C 345 -5.04 -31.18 -18.69
CA ILE C 345 -4.38 -30.49 -19.79
C ILE C 345 -4.66 -29.02 -19.62
N VAL C 346 -3.61 -28.19 -19.55
CA VAL C 346 -3.78 -26.76 -19.36
C VAL C 346 -3.08 -25.95 -20.43
N LEU C 347 -3.75 -24.90 -20.91
CA LEU C 347 -3.13 -24.00 -21.87
C LEU C 347 -2.48 -22.87 -21.06
N THR C 348 -1.21 -22.58 -21.31
CA THR C 348 -0.50 -21.53 -20.60
C THR C 348 0.56 -20.87 -21.45
N THR C 349 0.71 -19.55 -21.33
CA THR C 349 1.75 -18.83 -22.08
C THR C 349 2.93 -18.54 -21.14
N THR C 350 2.67 -18.18 -19.87
CA THR C 350 3.75 -17.90 -18.91
C THR C 350 4.10 -19.10 -18.02
N GLY C 351 3.22 -20.09 -17.94
CA GLY C 351 3.40 -21.23 -17.04
C GLY C 351 2.58 -21.09 -15.76
N ARG C 352 2.06 -19.88 -15.47
CA ARG C 352 1.33 -19.60 -14.22
C ARG C 352 0.10 -20.50 -13.97
N SER C 353 -0.74 -20.74 -14.98
CA SER C 353 -1.92 -21.61 -14.79
C SER C 353 -1.51 -23.05 -14.42
N ALA C 354 -0.38 -23.54 -14.97
CA ALA C 354 0.13 -24.88 -14.62
C ALA C 354 0.71 -24.88 -13.20
N GLN C 355 1.37 -23.77 -12.80
CA GLN C 355 1.93 -23.65 -11.45
C GLN C 355 0.82 -23.67 -10.38
N LEU C 356 -0.30 -23.00 -10.66
CA LEU C 356 -1.42 -22.97 -9.71
C LEU C 356 -2.13 -24.33 -9.60
N LEU C 357 -2.06 -25.17 -10.64
CA LEU C 357 -2.60 -26.53 -10.56
C LEU C 357 -1.64 -27.38 -9.71
N SER C 358 -0.32 -27.24 -9.98
CA SER C 358 0.75 -27.96 -9.31
C SER C 358 0.73 -27.74 -7.78
N ARG C 359 0.41 -26.52 -7.33
CA ARG C 359 0.42 -26.20 -5.88
C ARG C 359 -0.58 -27.07 -5.08
N TYR C 360 -1.64 -27.59 -5.74
CA TYR C 360 -2.59 -28.47 -5.03
C TYR C 360 -2.22 -29.93 -5.08
N ARG C 361 -1.04 -30.26 -5.63
CA ARG C 361 -0.47 -31.59 -5.70
C ARG C 361 -1.42 -32.66 -6.24
N PRO C 362 -1.96 -32.48 -7.45
CA PRO C 362 -2.82 -33.53 -8.02
C PRO C 362 -2.02 -34.79 -8.30
N ARG C 363 -2.70 -35.93 -8.25
CA ARG C 363 -2.10 -37.20 -8.67
C ARG C 363 -2.03 -37.22 -10.23
N ALA C 364 -3.01 -36.62 -10.90
CA ALA C 364 -3.03 -36.54 -12.35
C ALA C 364 -1.84 -35.67 -12.85
N ALA C 365 -1.19 -36.10 -13.92
CA ALA C 365 -0.13 -35.33 -14.57
C ALA C 365 -0.72 -34.02 -15.11
N VAL C 366 0.01 -32.92 -14.98
CA VAL C 366 -0.45 -31.63 -15.50
C VAL C 366 0.28 -31.43 -16.84
N ILE C 367 -0.43 -31.62 -17.95
CA ILE C 367 0.16 -31.49 -19.28
C ILE C 367 -0.02 -30.04 -19.71
N ALA C 368 1.07 -29.27 -19.75
CA ALA C 368 0.99 -27.85 -20.06
C ALA C 368 1.35 -27.57 -21.51
N VAL C 369 0.37 -27.10 -22.30
CA VAL C 369 0.59 -26.80 -23.72
C VAL C 369 0.88 -25.31 -23.83
N THR C 370 2.06 -24.98 -24.35
CA THR C 370 2.49 -23.60 -24.47
C THR C 370 3.18 -23.31 -25.79
N ARG C 371 3.06 -22.08 -26.29
CA ARG C 371 3.84 -21.65 -27.47
C ARG C 371 5.22 -21.07 -27.01
N SER C 372 5.39 -20.79 -25.70
CA SER C 372 6.65 -20.23 -25.18
C SER C 372 7.68 -21.31 -24.86
N ALA C 373 8.79 -21.35 -25.61
CA ALA C 373 9.89 -22.30 -25.35
C ALA C 373 10.47 -22.07 -23.95
N GLN C 374 10.55 -20.80 -23.52
CA GLN C 374 11.06 -20.49 -22.19
C GLN C 374 10.12 -21.01 -21.10
N ALA C 375 8.81 -20.78 -21.23
CA ALA C 375 7.86 -21.27 -20.23
C ALA C 375 7.90 -22.80 -20.18
N ALA C 376 8.04 -23.47 -21.34
CA ALA C 376 8.13 -24.92 -21.40
C ALA C 376 9.34 -25.43 -20.59
N ARG C 377 10.50 -24.72 -20.69
CA ARG C 377 11.67 -25.14 -19.91
C ARG C 377 11.48 -24.83 -18.42
N GLN C 378 10.96 -23.61 -18.09
CA GLN C 378 10.81 -23.17 -16.71
C GLN C 378 9.80 -23.96 -15.88
N VAL C 379 8.71 -24.47 -16.49
CA VAL C 379 7.71 -25.19 -15.71
C VAL C 379 8.23 -26.51 -15.14
N HIS C 380 9.43 -26.98 -15.54
CA HIS C 380 10.08 -28.13 -14.90
C HIS C 380 10.33 -27.85 -13.39
N LEU C 381 10.34 -26.57 -12.97
CA LEU C 381 10.49 -26.23 -11.55
C LEU C 381 9.28 -26.67 -10.72
N CYS C 382 8.10 -26.87 -11.35
CA CYS C 382 6.86 -27.20 -10.64
C CYS C 382 6.55 -28.67 -10.71
N ARG C 383 6.40 -29.33 -9.55
CA ARG C 383 6.12 -30.76 -9.55
C ARG C 383 4.91 -31.16 -10.38
N GLY C 384 5.08 -32.19 -11.20
CA GLY C 384 3.98 -32.78 -11.96
C GLY C 384 3.58 -32.04 -13.21
N VAL C 385 4.37 -31.06 -13.64
CA VAL C 385 4.06 -30.33 -14.87
C VAL C 385 4.90 -30.90 -16.00
N PHE C 386 4.24 -31.37 -17.07
CA PHE C 386 4.86 -31.97 -18.25
C PHE C 386 4.67 -31.01 -19.43
N PRO C 387 5.72 -30.23 -19.75
CA PRO C 387 5.55 -29.21 -20.78
C PRO C 387 5.49 -29.81 -22.18
N LEU C 388 4.63 -29.24 -23.06
CA LEU C 388 4.55 -29.59 -24.47
C LEU C 388 4.66 -28.28 -25.24
N LEU C 389 5.74 -28.10 -25.99
CA LEU C 389 5.92 -26.88 -26.78
C LEU C 389 5.13 -27.01 -28.10
N TYR C 390 4.24 -26.07 -28.38
CA TYR C 390 3.36 -26.05 -29.53
C TYR C 390 3.84 -24.98 -30.51
N ARG C 391 4.09 -25.37 -31.78
CA ARG C 391 4.63 -24.44 -32.76
C ARG C 391 3.77 -24.30 -34.01
N GLU C 392 2.51 -24.76 -34.00
CA GLU C 392 1.66 -24.62 -35.18
C GLU C 392 1.33 -23.17 -35.41
N PRO C 393 1.15 -22.73 -36.67
CA PRO C 393 0.75 -21.34 -36.90
C PRO C 393 -0.65 -21.07 -36.31
N PRO C 394 -0.84 -19.88 -35.71
CA PRO C 394 -2.14 -19.58 -35.08
C PRO C 394 -3.32 -19.56 -36.02
N GLU C 395 -4.43 -20.17 -35.60
CA GLU C 395 -5.67 -20.21 -36.36
C GLU C 395 -6.33 -18.82 -36.33
N ALA C 396 -7.03 -18.47 -37.40
CA ALA C 396 -7.76 -17.19 -37.50
C ALA C 396 -8.92 -17.16 -36.50
N ILE C 397 -9.60 -18.31 -36.26
CA ILE C 397 -10.66 -18.35 -35.27
C ILE C 397 -10.05 -18.84 -33.93
N TRP C 398 -10.10 -18.01 -32.90
CA TRP C 398 -9.46 -18.31 -31.62
C TRP C 398 -9.94 -19.61 -31.00
N ALA C 399 -11.27 -19.88 -30.99
CA ALA C 399 -11.81 -21.12 -30.43
C ALA C 399 -11.21 -22.35 -31.12
N ASP C 400 -10.94 -22.25 -32.44
CA ASP C 400 -10.31 -23.34 -33.19
C ASP C 400 -8.85 -23.53 -32.78
N ASP C 401 -8.13 -22.44 -32.48
CA ASP C 401 -6.73 -22.51 -32.04
C ASP C 401 -6.64 -23.20 -30.65
N VAL C 402 -7.59 -22.90 -29.78
CA VAL C 402 -7.67 -23.49 -28.45
C VAL C 402 -7.94 -25.00 -28.60
N ASP C 403 -8.95 -25.38 -29.41
CA ASP C 403 -9.28 -26.78 -29.63
C ASP C 403 -8.12 -27.55 -30.23
N ARG C 404 -7.37 -26.94 -31.16
CA ARG C 404 -6.21 -27.61 -31.74
C ARG C 404 -5.14 -27.91 -30.68
N ARG C 405 -4.96 -26.98 -29.71
CA ARG C 405 -3.98 -27.17 -28.65
C ARG C 405 -4.41 -28.21 -27.64
N VAL C 406 -5.70 -28.26 -27.34
CA VAL C 406 -6.26 -29.28 -26.43
C VAL C 406 -6.08 -30.66 -27.07
N GLN C 407 -6.44 -30.78 -28.36
CA GLN C 407 -6.23 -32.03 -29.07
C GLN C 407 -4.77 -32.42 -29.19
N PHE C 408 -3.87 -31.42 -29.26
CA PHE C 408 -2.43 -31.67 -29.30
C PHE C 408 -1.96 -32.28 -27.96
N GLY C 409 -2.49 -31.77 -26.83
CA GLY C 409 -2.17 -32.33 -25.52
C GLY C 409 -2.69 -33.75 -25.40
N ILE C 410 -3.90 -34.00 -25.93
CA ILE C 410 -4.50 -35.35 -25.91
C ILE C 410 -3.69 -36.34 -26.78
N GLU C 411 -3.34 -35.95 -28.03
CA GLU C 411 -2.55 -36.81 -28.93
C GLU C 411 -1.14 -37.05 -28.38
N SER C 412 -0.50 -36.03 -27.76
CA SER C 412 0.83 -36.24 -27.15
C SER C 412 0.71 -37.20 -25.95
N GLY C 413 -0.34 -37.03 -25.16
CA GLY C 413 -0.63 -37.88 -24.02
C GLY C 413 -0.84 -39.33 -24.42
N LYS C 414 -1.56 -39.57 -25.54
CA LYS C 414 -1.77 -40.94 -26.04
C LYS C 414 -0.43 -41.54 -26.50
N LEU C 415 0.36 -40.77 -27.25
CA LEU C 415 1.65 -41.22 -27.76
C LEU C 415 2.61 -41.58 -26.63
N ARG C 416 2.63 -40.76 -25.56
CA ARG C 416 3.55 -40.99 -24.44
C ARG C 416 3.06 -42.00 -23.39
N GLY C 417 1.83 -42.48 -23.50
CA GLY C 417 1.30 -43.47 -22.56
C GLY C 417 0.53 -42.90 -21.38
N PHE C 418 0.36 -41.57 -21.31
CA PHE C 418 -0.43 -40.96 -20.24
C PHE C 418 -1.93 -41.32 -20.42
N LEU C 419 -2.41 -41.37 -21.68
CA LEU C 419 -3.83 -41.49 -22.05
C LEU C 419 -4.21 -42.60 -23.00
N ARG C 420 -5.44 -43.07 -22.87
CA ARG C 420 -6.04 -44.09 -23.74
C ARG C 420 -7.50 -43.69 -24.03
N VAL C 421 -8.08 -44.20 -25.11
CA VAL C 421 -9.48 -43.95 -25.46
C VAL C 421 -10.39 -44.47 -24.31
N GLY C 422 -11.32 -43.66 -23.87
CA GLY C 422 -12.15 -44.01 -22.73
C GLY C 422 -11.72 -43.36 -21.42
N ASP C 423 -10.50 -42.84 -21.34
CA ASP C 423 -10.03 -42.13 -20.14
C ASP C 423 -10.76 -40.79 -20.00
N LEU C 424 -10.76 -40.24 -18.78
CA LEU C 424 -11.29 -38.91 -18.55
C LEU C 424 -10.09 -37.99 -18.30
N VAL C 425 -10.16 -36.78 -18.87
CA VAL C 425 -9.16 -35.74 -18.66
C VAL C 425 -9.85 -34.44 -18.25
N ILE C 426 -9.17 -33.63 -17.45
CA ILE C 426 -9.69 -32.32 -17.07
C ILE C 426 -8.97 -31.31 -17.95
N VAL C 427 -9.67 -30.35 -18.51
CA VAL C 427 -9.05 -29.38 -19.42
C VAL C 427 -9.25 -28.00 -18.86
N VAL C 428 -8.17 -27.26 -18.74
CA VAL C 428 -8.18 -25.92 -18.21
C VAL C 428 -7.77 -24.89 -19.25
N THR C 429 -8.65 -23.92 -19.51
CA THR C 429 -8.44 -22.84 -20.47
C THR C 429 -9.02 -21.52 -19.88
N GLY C 430 -8.91 -20.41 -20.64
CA GLY C 430 -9.52 -19.14 -20.29
C GLY C 430 -10.57 -18.74 -21.32
N TRP C 431 -11.28 -17.65 -21.06
CA TRP C 431 -12.38 -17.22 -21.94
C TRP C 431 -11.97 -16.32 -23.11
N ARG C 432 -10.72 -15.87 -23.12
CA ARG C 432 -10.19 -14.99 -24.16
C ARG C 432 -8.65 -15.18 -24.27
N PRO C 433 -8.04 -14.74 -25.39
CA PRO C 433 -6.57 -14.90 -25.54
C PRO C 433 -5.78 -13.99 -24.62
N GLY C 434 -4.53 -14.36 -24.41
CA GLY C 434 -3.61 -13.60 -23.58
C GLY C 434 -3.54 -14.22 -22.20
N SER C 435 -2.39 -14.11 -21.61
CA SER C 435 -2.14 -14.62 -20.29
C SER C 435 -3.01 -13.89 -19.24
N GLY C 436 -3.37 -14.60 -18.18
CA GLY C 436 -4.12 -14.01 -17.07
C GLY C 436 -5.63 -14.17 -17.02
N TYR C 437 -6.24 -14.86 -18.00
CA TYR C 437 -7.69 -15.04 -18.03
C TYR C 437 -8.20 -16.46 -17.81
N THR C 438 -7.36 -17.40 -17.29
CA THR C 438 -7.83 -18.78 -17.06
C THR C 438 -9.05 -18.76 -16.12
N ASN C 439 -10.15 -19.33 -16.58
CA ASN C 439 -11.39 -19.33 -15.79
C ASN C 439 -12.30 -20.53 -16.15
N ILE C 440 -11.82 -21.49 -16.95
CA ILE C 440 -12.66 -22.59 -17.41
C ILE C 440 -12.06 -23.95 -17.10
N MET C 441 -12.92 -24.86 -16.62
CA MET C 441 -12.53 -26.23 -16.39
C MET C 441 -13.58 -27.11 -17.09
N ARG C 442 -13.12 -28.07 -17.89
CA ARG C 442 -14.02 -28.96 -18.63
C ARG C 442 -13.61 -30.39 -18.40
N VAL C 443 -14.58 -31.30 -18.43
CA VAL C 443 -14.34 -32.72 -18.26
C VAL C 443 -14.54 -33.35 -19.64
N LEU C 444 -13.49 -33.97 -20.18
CA LEU C 444 -13.58 -34.58 -21.50
C LEU C 444 -13.33 -36.06 -21.46
N SER C 445 -14.08 -36.80 -22.27
CA SER C 445 -13.86 -38.23 -22.43
CA SER C 445 -13.87 -38.23 -22.43
C SER C 445 -12.96 -38.39 -23.65
N ILE C 446 -11.85 -39.10 -23.51
CA ILE C 446 -10.90 -39.28 -24.61
C ILE C 446 -11.47 -40.18 -25.73
N SER C 447 -11.52 -39.64 -26.95
CA SER C 447 -11.99 -40.38 -28.12
C SER C 447 -10.83 -40.64 -29.10
N GLY D 23 -14.88 -6.82 2.83
CA GLY D 23 -15.15 -5.99 4.00
C GLY D 23 -15.39 -6.78 5.27
N THR D 24 -15.21 -6.13 6.43
CA THR D 24 -15.42 -6.78 7.73
C THR D 24 -16.90 -7.08 7.97
N ALA D 25 -17.80 -6.23 7.44
CA ALA D 25 -19.24 -6.42 7.60
C ALA D 25 -19.69 -7.74 6.96
N PHE D 26 -19.11 -8.10 5.79
CA PHE D 26 -19.43 -9.34 5.10
C PHE D 26 -19.14 -10.54 5.98
N PHE D 27 -17.98 -10.54 6.65
CA PHE D 27 -17.58 -11.67 7.49
C PHE D 27 -18.22 -11.71 8.88
N GLN D 28 -19.08 -10.74 9.23
CA GLN D 28 -19.79 -10.77 10.51
C GLN D 28 -21.24 -11.33 10.34
N GLN D 29 -21.80 -11.21 9.11
CA GLN D 29 -23.14 -11.69 8.77
C GLN D 29 -23.15 -13.22 8.53
N GLN D 30 -24.36 -13.79 8.33
CA GLN D 30 -24.62 -15.19 8.02
C GLN D 30 -23.79 -16.21 8.81
N GLN D 31 -23.58 -15.92 10.11
CA GLN D 31 -22.81 -16.78 11.02
C GLN D 31 -21.41 -17.14 10.49
N LEU D 32 -20.78 -16.23 9.72
CA LEU D 32 -19.45 -16.50 9.18
C LEU D 32 -18.38 -16.68 10.29
N PRO D 33 -18.38 -15.96 11.44
CA PRO D 33 -17.42 -16.29 12.52
C PRO D 33 -17.57 -17.74 12.99
N ALA D 34 -18.82 -18.23 13.14
CA ALA D 34 -19.07 -19.62 13.55
C ALA D 34 -18.70 -20.61 12.42
N ALA D 35 -18.81 -20.18 11.15
CA ALA D 35 -18.47 -21.00 10.00
C ALA D 35 -16.97 -21.26 9.91
N MET D 36 -16.14 -20.32 10.39
CA MET D 36 -14.68 -20.49 10.34
C MET D 36 -14.10 -21.28 11.51
N ALA D 37 -14.93 -21.74 12.46
CA ALA D 37 -14.44 -22.46 13.64
C ALA D 37 -13.76 -23.80 13.35
N ASP D 38 -12.75 -24.14 14.18
CA ASP D 38 -11.96 -25.35 14.03
C ASP D 38 -12.62 -26.63 14.56
N THR D 39 -13.57 -26.48 15.48
CA THR D 39 -14.30 -27.62 16.01
C THR D 39 -15.82 -27.30 15.99
N PHE D 40 -16.65 -28.32 16.05
CA PHE D 40 -18.10 -28.13 16.12
C PHE D 40 -18.47 -27.44 17.43
N LEU D 41 -17.78 -27.77 18.55
CA LEU D 41 -18.05 -27.12 19.84
C LEU D 41 -17.78 -25.61 19.74
N GLU D 42 -16.64 -25.21 19.14
CA GLU D 42 -16.34 -23.78 18.96
C GLU D 42 -17.33 -23.12 18.00
N HIS D 43 -17.78 -23.86 16.97
CA HIS D 43 -18.80 -23.39 16.02
C HIS D 43 -20.08 -23.01 16.80
N LEU D 44 -20.54 -23.88 17.70
CA LEU D 44 -21.72 -23.60 18.53
C LEU D 44 -21.50 -22.38 19.41
N CYS D 45 -20.33 -22.28 20.09
CA CYS D 45 -19.98 -21.18 20.98
C CYS D 45 -19.96 -19.83 20.24
N LEU D 46 -19.71 -19.83 18.93
CA LEU D 46 -19.63 -18.60 18.14
C LEU D 46 -20.96 -18.17 17.48
N LEU D 47 -22.04 -18.96 17.61
CA LEU D 47 -23.33 -18.60 17.00
C LEU D 47 -23.82 -17.31 17.63
N ASP D 48 -24.26 -16.37 16.79
CA ASP D 48 -24.61 -15.03 17.21
C ASP D 48 -26.02 -14.64 16.74
N ILE D 49 -26.93 -14.34 17.69
CA ILE D 49 -28.28 -13.90 17.34
C ILE D 49 -28.31 -12.56 16.59
N ASP D 50 -27.23 -11.77 16.67
CA ASP D 50 -27.13 -10.49 15.95
C ASP D 50 -26.52 -10.65 14.54
N SER D 51 -26.05 -11.86 14.17
CA SER D 51 -25.48 -12.12 12.85
C SER D 51 -26.66 -12.45 11.93
N GLU D 52 -27.03 -11.49 11.06
CA GLU D 52 -28.21 -11.65 10.22
C GLU D 52 -27.98 -12.51 8.98
N PRO D 53 -28.99 -13.33 8.63
CA PRO D 53 -28.86 -14.15 7.42
C PRO D 53 -28.87 -13.26 6.17
N VAL D 54 -28.08 -13.60 5.16
CA VAL D 54 -28.02 -12.82 3.91
C VAL D 54 -28.44 -13.68 2.72
N ALA D 55 -28.07 -14.98 2.73
CA ALA D 55 -28.42 -15.88 1.65
C ALA D 55 -29.93 -16.11 1.51
N ALA D 56 -30.37 -16.46 0.30
CA ALA D 56 -31.76 -16.78 0.09
C ALA D 56 -32.07 -18.10 0.80
N ARG D 57 -33.30 -18.26 1.29
CA ARG D 57 -33.73 -19.46 2.00
C ARG D 57 -33.67 -20.65 1.06
N SER D 58 -32.91 -21.67 1.44
CA SER D 58 -32.65 -22.81 0.57
C SER D 58 -33.56 -24.03 0.80
N THR D 59 -34.08 -24.24 2.02
CA THR D 59 -34.93 -25.39 2.29
C THR D 59 -36.34 -25.09 1.79
N SER D 60 -36.87 -25.91 0.87
CA SER D 60 -38.21 -25.68 0.32
CA SER D 60 -38.21 -25.69 0.31
C SER D 60 -39.32 -25.91 1.34
N ILE D 61 -40.41 -25.21 1.18
CA ILE D 61 -41.58 -25.33 2.03
C ILE D 61 -42.73 -25.98 1.22
N ILE D 62 -43.25 -27.07 1.75
CA ILE D 62 -44.40 -27.75 1.19
C ILE D 62 -45.63 -27.34 2.02
N ALA D 63 -46.65 -26.78 1.39
CA ALA D 63 -47.89 -26.41 2.11
C ALA D 63 -49.03 -27.30 1.61
N THR D 64 -49.76 -27.93 2.52
CA THR D 64 -50.92 -28.75 2.17
C THR D 64 -52.12 -27.83 1.85
N ILE D 65 -52.80 -28.13 0.75
CA ILE D 65 -53.94 -27.34 0.29
C ILE D 65 -55.21 -27.88 0.93
N GLY D 66 -56.05 -26.98 1.39
CA GLY D 66 -57.33 -27.33 1.98
C GLY D 66 -58.24 -26.11 2.00
N PRO D 67 -59.33 -26.19 2.77
CA PRO D 67 -60.24 -25.03 2.87
C PRO D 67 -59.60 -23.70 3.28
N ALA D 68 -58.53 -23.72 4.07
CA ALA D 68 -57.84 -22.50 4.50
C ALA D 68 -56.88 -21.92 3.43
N SER D 69 -56.61 -22.67 2.36
CA SER D 69 -55.62 -22.24 1.38
C SER D 69 -55.99 -22.58 -0.08
N ARG D 70 -57.28 -22.52 -0.39
CA ARG D 70 -57.76 -22.84 -1.74
C ARG D 70 -58.13 -21.65 -2.54
N SER D 71 -58.45 -20.52 -1.90
CA SER D 71 -58.77 -19.29 -2.60
C SER D 71 -57.59 -18.85 -3.47
N VAL D 72 -57.86 -18.38 -4.69
CA VAL D 72 -56.82 -17.91 -5.59
C VAL D 72 -56.04 -16.77 -4.98
N GLU D 73 -56.74 -15.85 -4.30
CA GLU D 73 -56.09 -14.72 -3.63
C GLU D 73 -55.25 -15.14 -2.44
N ARG D 74 -55.70 -16.14 -1.69
CA ARG D 74 -54.96 -16.66 -0.53
C ARG D 74 -53.68 -17.39 -1.07
N LEU D 75 -53.82 -18.15 -2.14
CA LEU D 75 -52.68 -18.84 -2.75
C LEU D 75 -51.60 -17.86 -3.25
N LYS D 76 -51.98 -16.68 -3.76
CA LYS D 76 -51.01 -15.66 -4.18
C LYS D 76 -50.18 -15.17 -2.99
N GLU D 77 -50.84 -14.99 -1.84
CA GLU D 77 -50.14 -14.57 -0.62
C GLU D 77 -49.19 -15.67 -0.13
N MET D 78 -49.60 -16.94 -0.26
CA MET D 78 -48.75 -18.05 0.17
CA MET D 78 -48.75 -18.05 0.17
C MET D 78 -47.51 -18.20 -0.72
N ILE D 79 -47.65 -17.91 -2.02
CA ILE D 79 -46.52 -17.97 -2.95
C ILE D 79 -45.55 -16.85 -2.58
N LYS D 80 -46.06 -15.63 -2.31
CA LYS D 80 -45.23 -14.51 -1.87
C LYS D 80 -44.54 -14.79 -0.51
N ALA D 81 -45.22 -15.50 0.39
CA ALA D 81 -44.67 -15.85 1.71
C ALA D 81 -43.54 -16.92 1.64
N GLY D 82 -43.51 -17.69 0.55
CA GLY D 82 -42.46 -18.69 0.37
C GLY D 82 -42.86 -20.12 0.04
N MET D 83 -44.16 -20.40 -0.21
CA MET D 83 -44.59 -21.76 -0.55
C MET D 83 -43.96 -22.18 -1.88
N ASN D 84 -43.30 -23.35 -1.92
CA ASN D 84 -42.65 -23.83 -3.14
C ASN D 84 -43.36 -25.05 -3.75
N ILE D 85 -44.01 -25.85 -2.90
CA ILE D 85 -44.70 -27.06 -3.32
C ILE D 85 -46.08 -27.09 -2.67
N ALA D 86 -47.12 -27.34 -3.45
CA ALA D 86 -48.49 -27.46 -2.97
C ALA D 86 -48.81 -28.97 -2.88
N ARG D 87 -49.16 -29.44 -1.70
CA ARG D 87 -49.49 -30.83 -1.47
C ARG D 87 -51.01 -31.04 -1.48
N LEU D 88 -51.48 -32.02 -2.29
CA LEU D 88 -52.89 -32.38 -2.34
C LEU D 88 -53.02 -33.68 -1.61
N ASN D 89 -53.73 -33.67 -0.46
CA ASN D 89 -53.86 -34.89 0.32
C ASN D 89 -55.07 -35.67 -0.18
N PHE D 90 -54.84 -36.74 -0.93
CA PHE D 90 -55.92 -37.56 -1.48
C PHE D 90 -56.62 -38.46 -0.43
N SER D 91 -56.23 -38.37 0.85
CA SER D 91 -56.96 -39.06 1.92
C SER D 91 -58.33 -38.38 2.18
N HIS D 92 -58.50 -37.11 1.73
CA HIS D 92 -59.73 -36.33 1.88
C HIS D 92 -60.11 -35.69 0.54
N GLY D 93 -61.40 -35.59 0.25
CA GLY D 93 -61.89 -34.95 -0.95
C GLY D 93 -61.96 -35.84 -2.19
N SER D 94 -62.87 -35.50 -3.09
CA SER D 94 -63.07 -36.22 -4.35
C SER D 94 -62.08 -35.75 -5.43
N HIS D 95 -62.10 -36.40 -6.63
CA HIS D 95 -61.27 -35.98 -7.75
C HIS D 95 -61.65 -34.56 -8.18
N GLU D 96 -62.96 -34.22 -8.14
CA GLU D 96 -63.46 -32.90 -8.51
C GLU D 96 -62.87 -31.82 -7.60
N TYR D 97 -62.78 -32.12 -6.31
CA TYR D 97 -62.19 -31.21 -5.33
C TYR D 97 -60.70 -30.96 -5.68
N HIS D 98 -59.94 -32.02 -5.88
CA HIS D 98 -58.53 -31.90 -6.22
C HIS D 98 -58.28 -31.21 -7.55
N ALA D 99 -59.13 -31.44 -8.56
CA ALA D 99 -58.98 -30.77 -9.86
C ALA D 99 -59.16 -29.27 -9.69
N GLU D 100 -60.12 -28.84 -8.83
CA GLU D 100 -60.30 -27.42 -8.55
C GLU D 100 -59.10 -26.86 -7.79
N SER D 101 -58.50 -27.63 -6.86
CA SER D 101 -57.31 -27.16 -6.11
C SER D 101 -56.17 -26.90 -7.10
N ILE D 102 -55.97 -27.84 -8.02
CA ILE D 102 -54.93 -27.73 -9.03
C ILE D 102 -55.13 -26.50 -9.90
N ALA D 103 -56.39 -26.29 -10.36
CA ALA D 103 -56.72 -25.12 -11.19
C ALA D 103 -56.44 -23.84 -10.45
N ASN D 104 -56.79 -23.78 -9.15
CA ASN D 104 -56.57 -22.56 -8.37
C ASN D 104 -55.11 -22.29 -8.13
N VAL D 105 -54.33 -23.34 -7.87
CA VAL D 105 -52.88 -23.19 -7.66
C VAL D 105 -52.25 -22.66 -8.95
N ARG D 106 -52.59 -23.28 -10.08
CA ARG D 106 -52.05 -22.85 -11.37
C ARG D 106 -52.45 -21.43 -11.71
N GLU D 107 -53.69 -21.02 -11.38
CA GLU D 107 -54.14 -19.64 -11.65
C GLU D 107 -53.32 -18.66 -10.81
N ALA D 108 -53.11 -18.97 -9.52
CA ALA D 108 -52.33 -18.09 -8.65
C ALA D 108 -50.86 -18.01 -9.11
N VAL D 109 -50.28 -19.15 -9.47
CA VAL D 109 -48.88 -19.19 -9.95
C VAL D 109 -48.72 -18.39 -11.26
N GLU D 110 -49.60 -18.63 -12.23
CA GLU D 110 -49.53 -17.95 -13.52
C GLU D 110 -49.87 -16.48 -13.47
N SER D 111 -50.47 -15.99 -12.37
CA SER D 111 -50.75 -14.54 -12.23
C SER D 111 -49.46 -13.71 -12.15
N PHE D 112 -48.32 -14.33 -11.83
CA PHE D 112 -47.03 -13.66 -11.77
C PHE D 112 -46.19 -13.89 -13.02
N ALA D 113 -46.67 -14.65 -14.02
CA ALA D 113 -45.90 -14.97 -15.23
C ALA D 113 -45.64 -13.77 -16.15
N GLY D 114 -46.30 -12.64 -15.93
CA GLY D 114 -46.07 -11.43 -16.71
C GLY D 114 -44.73 -10.78 -16.45
N SER D 115 -44.06 -11.15 -15.34
CA SER D 115 -42.72 -10.68 -15.01
C SER D 115 -41.80 -11.90 -14.96
N PRO D 116 -41.21 -12.28 -16.11
CA PRO D 116 -40.39 -13.50 -16.13
C PRO D 116 -39.16 -13.50 -15.25
N LEU D 117 -38.59 -12.33 -14.95
CA LEU D 117 -37.41 -12.25 -14.08
C LEU D 117 -37.73 -12.54 -12.60
N SER D 118 -39.00 -12.49 -12.19
CA SER D 118 -39.37 -12.76 -10.80
C SER D 118 -40.39 -13.91 -10.63
N TYR D 119 -40.87 -14.52 -11.73
CA TYR D 119 -41.82 -15.61 -11.69
C TYR D 119 -41.31 -16.79 -10.83
N ARG D 120 -42.16 -17.31 -9.95
CA ARG D 120 -41.77 -18.43 -9.11
C ARG D 120 -42.56 -19.67 -9.42
N PRO D 121 -41.90 -20.71 -9.93
CA PRO D 121 -42.60 -21.98 -10.17
C PRO D 121 -43.06 -22.60 -8.85
N VAL D 122 -44.18 -23.32 -8.87
CA VAL D 122 -44.70 -24.00 -7.68
C VAL D 122 -45.08 -25.41 -8.10
N ALA D 123 -44.49 -26.43 -7.45
CA ALA D 123 -44.76 -27.82 -7.77
C ALA D 123 -46.09 -28.28 -7.20
N ILE D 124 -46.70 -29.29 -7.82
CA ILE D 124 -47.93 -29.88 -7.33
C ILE D 124 -47.63 -31.33 -7.00
N ALA D 125 -47.81 -31.70 -5.74
CA ALA D 125 -47.55 -33.05 -5.28
C ALA D 125 -48.86 -33.74 -4.87
N LEU D 126 -49.02 -35.01 -5.27
CA LEU D 126 -50.20 -35.78 -4.93
C LEU D 126 -49.80 -36.73 -3.84
N ASP D 127 -50.44 -36.62 -2.66
CA ASP D 127 -50.13 -37.50 -1.54
C ASP D 127 -51.25 -38.57 -1.49
N THR D 128 -50.87 -39.83 -1.69
CA THR D 128 -51.87 -40.90 -1.79
C THR D 128 -52.53 -41.28 -0.47
N LYS D 129 -53.74 -41.84 -0.57
CA LYS D 129 -54.50 -42.31 0.58
C LYS D 129 -53.78 -43.48 1.25
N GLY D 130 -53.19 -44.37 0.45
CA GLY D 130 -52.42 -45.49 0.99
C GLY D 130 -53.10 -46.84 0.85
N PRO D 131 -52.38 -47.88 1.30
CA PRO D 131 -52.90 -49.25 1.16
C PRO D 131 -53.99 -49.66 2.13
N GLY D 132 -54.10 -48.96 3.26
CA GLY D 132 -55.05 -49.30 4.31
C GLY D 132 -54.70 -50.65 4.91
N SER D 133 -55.68 -51.56 5.01
CA SER D 133 -55.44 -52.91 5.52
C SER D 133 -54.82 -53.86 4.47
N GLY D 134 -54.73 -53.42 3.21
CA GLY D 134 -54.21 -54.23 2.12
C GLY D 134 -52.70 -54.41 2.13
N PRO D 135 -52.22 -55.40 1.36
CA PRO D 135 -50.78 -55.67 1.33
C PRO D 135 -49.94 -54.77 0.44
N GLY D 136 -50.56 -54.17 -0.57
CA GLY D 136 -49.86 -53.31 -1.53
C GLY D 136 -50.75 -52.23 -2.11
N LEU D 137 -50.51 -51.86 -3.38
CA LEU D 137 -51.26 -50.79 -4.05
C LEU D 137 -52.77 -51.02 -4.09
N SER D 138 -53.54 -50.12 -3.47
CA SER D 138 -54.99 -50.21 -3.42
C SER D 138 -55.64 -49.78 -4.74
N GLU D 139 -56.91 -50.16 -4.94
CA GLU D 139 -57.61 -49.78 -6.17
C GLU D 139 -57.89 -48.29 -6.24
N GLN D 140 -58.13 -47.64 -5.08
CA GLN D 140 -58.34 -46.19 -5.07
C GLN D 140 -57.04 -45.48 -5.43
N ASP D 141 -55.87 -45.99 -4.96
CA ASP D 141 -54.58 -45.39 -5.31
C ASP D 141 -54.33 -45.50 -6.80
N VAL D 142 -54.71 -46.62 -7.44
CA VAL D 142 -54.54 -46.76 -8.90
C VAL D 142 -55.33 -45.67 -9.64
N ARG D 143 -56.57 -45.42 -9.21
CA ARG D 143 -57.40 -44.38 -9.82
C ARG D 143 -56.86 -42.98 -9.57
N ASP D 144 -56.39 -42.73 -8.33
CA ASP D 144 -55.84 -41.41 -7.96
C ASP D 144 -54.54 -41.14 -8.69
N LEU D 145 -53.68 -42.15 -8.85
CA LEU D 145 -52.43 -42.00 -9.59
C LEU D 145 -52.72 -41.69 -11.07
N ARG D 146 -53.73 -42.34 -11.65
CA ARG D 146 -54.09 -42.06 -13.04
CA ARG D 146 -54.11 -42.07 -13.04
C ARG D 146 -54.62 -40.64 -13.17
N PHE D 147 -55.39 -40.16 -12.16
CA PHE D 147 -55.89 -38.77 -12.12
C PHE D 147 -54.67 -37.81 -12.10
N GLY D 148 -53.66 -38.13 -11.31
CA GLY D 148 -52.45 -37.32 -11.20
C GLY D 148 -51.74 -37.17 -12.53
N VAL D 149 -51.58 -38.27 -13.26
CA VAL D 149 -50.95 -38.23 -14.58
C VAL D 149 -51.78 -37.37 -15.55
N GLU D 150 -53.10 -37.58 -15.57
CA GLU D 150 -54.00 -36.81 -16.46
C GLU D 150 -54.01 -35.32 -16.15
N HIS D 151 -53.81 -34.96 -14.86
CA HIS D 151 -53.77 -33.54 -14.48
C HIS D 151 -52.36 -32.95 -14.41
N GLY D 152 -51.34 -33.70 -14.81
CA GLY D 152 -49.97 -33.20 -14.85
C GLY D 152 -49.31 -32.88 -13.52
N VAL D 153 -49.55 -33.70 -12.47
CA VAL D 153 -48.87 -33.47 -11.18
C VAL D 153 -47.37 -33.73 -11.34
N ASP D 154 -46.55 -33.09 -10.50
CA ASP D 154 -45.10 -33.20 -10.61
C ASP D 154 -44.48 -34.29 -9.77
N ILE D 155 -45.08 -34.52 -8.60
CA ILE D 155 -44.54 -35.43 -7.61
C ILE D 155 -45.66 -36.27 -7.01
N VAL D 156 -45.32 -37.48 -6.58
CA VAL D 156 -46.23 -38.31 -5.85
C VAL D 156 -45.59 -38.57 -4.47
N PHE D 157 -46.31 -38.33 -3.38
CA PHE D 157 -45.85 -38.67 -2.04
C PHE D 157 -46.62 -39.97 -1.79
N ALA D 158 -45.94 -41.13 -1.94
CA ALA D 158 -46.57 -42.44 -1.80
C ALA D 158 -46.67 -42.88 -0.35
N SER D 159 -47.90 -42.99 0.16
CA SER D 159 -48.12 -43.37 1.55
C SER D 159 -47.78 -44.82 1.90
N PHE D 160 -47.29 -45.03 3.13
CA PHE D 160 -46.96 -46.33 3.71
C PHE D 160 -46.13 -47.23 2.79
N VAL D 161 -45.01 -46.71 2.27
CA VAL D 161 -44.13 -47.54 1.45
C VAL D 161 -43.36 -48.47 2.41
N ARG D 162 -43.49 -49.78 2.22
CA ARG D 162 -42.88 -50.78 3.09
C ARG D 162 -41.74 -51.58 2.46
N LYS D 163 -41.63 -51.55 1.12
CA LYS D 163 -40.63 -52.33 0.39
C LYS D 163 -40.47 -51.78 -1.03
N ALA D 164 -39.41 -52.21 -1.74
CA ALA D 164 -39.14 -51.77 -3.10
C ALA D 164 -40.29 -52.07 -4.09
N SER D 165 -40.97 -53.21 -3.93
CA SER D 165 -42.07 -53.56 -4.83
C SER D 165 -43.26 -52.60 -4.72
N ASP D 166 -43.42 -51.91 -3.57
CA ASP D 166 -44.48 -50.90 -3.43
C ASP D 166 -44.19 -49.73 -4.37
N VAL D 167 -42.91 -49.34 -4.50
CA VAL D 167 -42.49 -48.25 -5.38
C VAL D 167 -42.70 -48.64 -6.85
N ALA D 168 -42.35 -49.89 -7.19
CA ALA D 168 -42.54 -50.39 -8.56
C ALA D 168 -44.02 -50.38 -8.93
N ALA D 169 -44.90 -50.73 -7.98
CA ALA D 169 -46.35 -50.71 -8.23
C ALA D 169 -46.85 -49.29 -8.49
N VAL D 170 -46.34 -48.28 -7.73
CA VAL D 170 -46.73 -46.89 -7.95
C VAL D 170 -46.26 -46.44 -9.32
N ARG D 171 -45.01 -46.78 -9.67
CA ARG D 171 -44.42 -46.44 -10.95
C ARG D 171 -45.25 -47.05 -12.11
N ALA D 172 -45.66 -48.31 -11.97
CA ALA D 172 -46.45 -49.01 -13.00
C ALA D 172 -47.82 -48.34 -13.16
N ALA D 173 -48.44 -47.92 -12.03
CA ALA D 173 -49.74 -47.25 -12.05
C ALA D 173 -49.70 -45.86 -12.69
N LEU D 174 -48.53 -45.21 -12.70
CA LEU D 174 -48.37 -43.93 -13.37
C LEU D 174 -48.31 -44.09 -14.92
N GLY D 175 -48.02 -45.31 -15.40
CA GLY D 175 -48.03 -45.63 -16.82
C GLY D 175 -46.92 -45.01 -17.63
N PRO D 176 -46.99 -45.15 -18.96
CA PRO D 176 -45.93 -44.58 -19.81
C PRO D 176 -45.95 -43.06 -19.88
N GLU D 177 -47.12 -42.42 -19.66
CA GLU D 177 -47.19 -40.96 -19.70
C GLU D 177 -46.66 -40.28 -18.41
N GLY D 178 -46.53 -41.03 -17.33
CA GLY D 178 -46.05 -40.47 -16.06
C GLY D 178 -44.63 -40.83 -15.69
N HIS D 179 -43.76 -41.12 -16.70
CA HIS D 179 -42.36 -41.49 -16.48
CA HIS D 179 -42.37 -41.49 -16.45
C HIS D 179 -41.54 -40.37 -15.81
N GLY D 180 -41.91 -39.12 -16.09
CA GLY D 180 -41.20 -37.96 -15.55
C GLY D 180 -41.62 -37.54 -14.14
N ILE D 181 -42.69 -38.15 -13.59
CA ILE D 181 -43.17 -37.80 -12.23
C ILE D 181 -42.21 -38.35 -11.16
N LYS D 182 -41.84 -37.52 -10.17
CA LYS D 182 -40.96 -37.97 -9.09
C LYS D 182 -41.74 -38.73 -8.04
N ILE D 183 -41.23 -39.86 -7.59
CA ILE D 183 -41.86 -40.65 -6.54
C ILE D 183 -41.07 -40.48 -5.23
N ILE D 184 -41.71 -39.84 -4.24
CA ILE D 184 -41.14 -39.64 -2.92
C ILE D 184 -41.83 -40.64 -2.01
N SER D 185 -41.08 -41.63 -1.51
CA SER D 185 -41.67 -42.66 -0.67
C SER D 185 -41.84 -42.19 0.77
N LYS D 186 -43.06 -42.31 1.31
CA LYS D 186 -43.31 -41.95 2.70
C LYS D 186 -43.00 -43.14 3.59
N ILE D 187 -42.10 -42.96 4.58
CA ILE D 187 -41.73 -43.99 5.54
C ILE D 187 -42.55 -43.70 6.79
N GLU D 188 -43.49 -44.59 7.09
CA GLU D 188 -44.46 -44.38 8.17
C GLU D 188 -44.57 -45.51 9.17
N ASN D 189 -43.78 -46.57 9.03
CA ASN D 189 -43.87 -47.70 9.97
C ASN D 189 -42.52 -48.41 10.16
N HIS D 190 -42.47 -49.39 11.07
CA HIS D 190 -41.25 -50.12 11.36
C HIS D 190 -40.66 -50.81 10.13
N GLU D 191 -41.50 -51.48 9.31
CA GLU D 191 -41.00 -52.16 8.12
C GLU D 191 -40.33 -51.20 7.11
N GLY D 192 -40.94 -50.04 6.89
CA GLY D 192 -40.35 -49.03 6.00
C GLY D 192 -38.98 -48.57 6.48
N VAL D 193 -38.81 -48.40 7.81
CA VAL D 193 -37.53 -48.01 8.40
C VAL D 193 -36.49 -49.15 8.21
N LYS D 194 -36.89 -50.39 8.50
CA LYS D 194 -35.99 -51.54 8.35
C LYS D 194 -35.58 -51.84 6.91
N ARG D 195 -36.49 -51.63 5.96
CA ARG D 195 -36.19 -51.82 4.55
C ARG D 195 -35.86 -50.51 3.84
N PHE D 196 -35.43 -49.47 4.60
CA PHE D 196 -35.10 -48.16 4.06
C PHE D 196 -34.16 -48.19 2.86
N ASP D 197 -33.03 -48.92 2.95
CA ASP D 197 -32.06 -48.91 1.86
C ASP D 197 -32.63 -49.38 0.52
N GLU D 198 -33.43 -50.45 0.53
CA GLU D 198 -34.02 -50.96 -0.72
C GLU D 198 -35.08 -50.01 -1.28
N ILE D 199 -35.79 -49.30 -0.38
CA ILE D 199 -36.81 -48.33 -0.78
C ILE D 199 -36.13 -47.10 -1.41
N LEU D 200 -35.11 -46.55 -0.73
CA LEU D 200 -34.39 -45.37 -1.25
C LEU D 200 -33.77 -45.64 -2.62
N GLU D 201 -33.20 -46.84 -2.81
CA GLU D 201 -32.56 -47.22 -4.07
C GLU D 201 -33.48 -47.05 -5.28
N VAL D 202 -34.77 -47.40 -5.14
CA VAL D 202 -35.71 -47.28 -6.27
C VAL D 202 -36.60 -46.02 -6.25
N SER D 203 -36.48 -45.19 -5.21
CA SER D 203 -37.30 -43.97 -5.10
C SER D 203 -36.51 -42.76 -5.54
N ASP D 204 -37.21 -41.67 -5.90
CA ASP D 204 -36.55 -40.41 -6.20
C ASP D 204 -36.16 -39.68 -4.88
N GLY D 205 -36.85 -39.98 -3.80
CA GLY D 205 -36.61 -39.36 -2.50
C GLY D 205 -37.49 -39.96 -1.41
N ILE D 206 -37.42 -39.37 -0.21
CA ILE D 206 -38.13 -39.90 0.95
C ILE D 206 -38.85 -38.81 1.72
N MET D 207 -39.96 -39.17 2.37
CA MET D 207 -40.62 -38.29 3.32
C MET D 207 -40.62 -39.01 4.68
N VAL D 208 -40.14 -38.32 5.72
CA VAL D 208 -40.19 -38.85 7.09
C VAL D 208 -41.60 -38.44 7.57
N ALA D 209 -42.57 -39.35 7.43
CA ALA D 209 -43.98 -39.06 7.74
C ALA D 209 -44.21 -39.33 9.22
N ARG D 210 -43.87 -38.35 10.06
CA ARG D 210 -43.81 -38.51 11.51
C ARG D 210 -45.14 -38.76 12.21
N GLY D 211 -46.26 -38.40 11.60
CA GLY D 211 -47.59 -38.64 12.17
C GLY D 211 -47.83 -40.12 12.42
N ASP D 212 -47.87 -40.90 11.34
CA ASP D 212 -48.06 -42.34 11.44
C ASP D 212 -46.84 -43.01 12.05
N LEU D 213 -45.62 -42.54 11.72
CA LEU D 213 -44.41 -43.14 12.27
C LEU D 213 -44.40 -43.09 13.82
N GLY D 214 -44.89 -41.99 14.40
CA GLY D 214 -44.96 -41.79 15.83
C GLY D 214 -46.03 -42.60 16.56
N ILE D 215 -46.90 -43.30 15.81
CA ILE D 215 -47.92 -44.21 16.32
C ILE D 215 -47.51 -45.66 16.03
N GLU D 216 -46.77 -45.91 14.93
CA GLU D 216 -46.30 -47.23 14.52
C GLU D 216 -45.09 -47.69 15.33
N ILE D 217 -44.21 -46.74 15.70
CA ILE D 217 -43.05 -47.03 16.54
C ILE D 217 -43.15 -46.16 17.81
N PRO D 218 -42.43 -46.47 18.91
CA PRO D 218 -42.49 -45.60 20.10
C PRO D 218 -42.18 -44.13 19.77
N ALA D 219 -42.98 -43.20 20.29
CA ALA D 219 -42.83 -41.77 20.01
C ALA D 219 -41.41 -41.25 20.29
N GLU D 220 -40.77 -41.79 21.33
CA GLU D 220 -39.43 -41.38 21.74
C GLU D 220 -38.31 -41.87 20.79
N LYS D 221 -38.64 -42.69 19.78
CA LYS D 221 -37.65 -43.18 18.83
C LYS D 221 -37.74 -42.46 17.46
N VAL D 222 -38.79 -41.66 17.22
CA VAL D 222 -38.98 -40.99 15.93
C VAL D 222 -37.76 -40.13 15.53
N PHE D 223 -37.18 -39.38 16.48
CA PHE D 223 -36.00 -38.54 16.15
C PHE D 223 -34.82 -39.37 15.60
N LEU D 224 -34.64 -40.62 16.05
CA LEU D 224 -33.56 -41.48 15.58
C LEU D 224 -33.86 -41.86 14.11
N ALA D 225 -35.10 -42.24 13.81
CA ALA D 225 -35.51 -42.61 12.45
C ALA D 225 -35.37 -41.39 11.52
N GLN D 226 -35.77 -40.19 11.99
CA GLN D 226 -35.67 -38.97 11.20
C GLN D 226 -34.20 -38.64 10.88
N LYS D 227 -33.33 -38.63 11.89
CA LYS D 227 -31.92 -38.28 11.67
C LYS D 227 -31.22 -39.30 10.79
N MET D 228 -31.54 -40.61 10.97
CA MET D 228 -30.94 -41.66 10.15
C MET D 228 -31.36 -41.50 8.67
N MET D 229 -32.67 -41.32 8.42
CA MET D 229 -33.16 -41.21 7.05
C MET D 229 -32.66 -39.97 6.35
N ILE D 230 -32.57 -38.84 7.08
CA ILE D 230 -32.03 -37.62 6.50
C ILE D 230 -30.54 -37.81 6.16
N GLY D 231 -29.77 -38.40 7.08
CA GLY D 231 -28.36 -38.69 6.82
C GLY D 231 -28.15 -39.59 5.62
N ARG D 232 -28.95 -40.67 5.51
CA ARG D 232 -28.82 -41.59 4.37
C ARG D 232 -29.23 -40.96 3.04
N CYS D 233 -30.26 -40.09 3.06
CA CYS D 233 -30.66 -39.38 1.86
C CYS D 233 -29.60 -38.37 1.43
N ASN D 234 -28.98 -37.71 2.41
CA ASN D 234 -27.91 -36.74 2.11
C ASN D 234 -26.71 -37.51 1.49
N LEU D 235 -26.40 -38.68 2.02
CA LEU D 235 -25.31 -39.54 1.50
C LEU D 235 -25.62 -39.97 0.04
N ALA D 236 -26.87 -40.37 -0.22
CA ALA D 236 -27.32 -40.79 -1.55
C ALA D 236 -27.54 -39.65 -2.54
N GLY D 237 -27.58 -38.40 -2.07
CA GLY D 237 -27.86 -37.25 -2.92
C GLY D 237 -29.29 -37.19 -3.42
N LYS D 238 -30.23 -37.73 -2.62
CA LYS D 238 -31.64 -37.74 -2.97
C LYS D 238 -32.46 -36.91 -1.98
N PRO D 239 -33.50 -36.21 -2.45
CA PRO D 239 -34.28 -35.35 -1.55
C PRO D 239 -34.97 -36.04 -0.39
N VAL D 240 -34.99 -35.35 0.76
CA VAL D 240 -35.68 -35.87 1.93
C VAL D 240 -36.54 -34.75 2.53
N VAL D 241 -37.77 -35.09 2.89
CA VAL D 241 -38.74 -34.15 3.44
C VAL D 241 -38.99 -34.48 4.91
N CYS D 242 -39.01 -33.45 5.78
CA CYS D 242 -39.41 -33.69 7.18
C CYS D 242 -40.86 -33.20 7.27
N ALA D 243 -41.75 -34.03 7.83
CA ALA D 243 -43.16 -33.69 7.85
C ALA D 243 -43.84 -33.94 9.17
N THR D 244 -44.96 -33.20 9.40
CA THR D 244 -46.02 -33.38 10.41
C THR D 244 -45.74 -32.81 11.79
N GLN D 245 -46.67 -31.95 12.20
CA GLN D 245 -46.74 -31.26 13.50
C GLN D 245 -45.57 -30.32 13.76
N MET D 246 -44.89 -29.85 12.68
CA MET D 246 -43.74 -28.97 12.86
C MET D 246 -44.13 -27.66 13.53
N LEU D 247 -45.29 -27.07 13.14
CA LEU D 247 -45.78 -25.83 13.77
C LEU D 247 -47.26 -26.05 14.17
N GLU D 248 -47.60 -27.24 14.68
CA GLU D 248 -48.97 -27.66 15.00
C GLU D 248 -49.85 -26.62 15.72
N SER D 249 -49.33 -25.98 16.76
CA SER D 249 -50.10 -24.99 17.51
C SER D 249 -50.55 -23.80 16.65
N MET D 250 -49.86 -23.53 15.50
CA MET D 250 -50.27 -22.43 14.61
C MET D 250 -51.56 -22.71 13.82
N ILE D 251 -52.15 -23.90 13.98
CA ILE D 251 -53.46 -24.17 13.41
C ILE D 251 -54.50 -23.19 14.07
N THR D 252 -54.31 -22.91 15.36
CA THR D 252 -55.22 -22.01 16.10
C THR D 252 -54.54 -20.77 16.70
N LYS D 253 -53.22 -20.79 16.93
CA LYS D 253 -52.50 -19.67 17.54
C LYS D 253 -51.60 -18.90 16.58
N PRO D 254 -51.47 -17.58 16.77
CA PRO D 254 -50.68 -16.78 15.82
C PRO D 254 -49.17 -16.99 15.90
N ARG D 255 -48.68 -17.53 17.02
CA ARG D 255 -47.25 -17.75 17.21
C ARG D 255 -47.02 -19.19 17.67
N PRO D 256 -45.92 -19.81 17.22
CA PRO D 256 -45.68 -21.21 17.59
C PRO D 256 -45.05 -21.36 18.99
N THR D 257 -44.97 -22.60 19.48
CA THR D 257 -44.34 -22.87 20.76
C THR D 257 -42.80 -22.90 20.59
N ARG D 258 -42.05 -22.90 21.71
CA ARG D 258 -40.59 -22.98 21.67
C ARG D 258 -40.13 -24.32 21.11
N ALA D 259 -40.89 -25.40 21.34
CA ALA D 259 -40.53 -26.73 20.81
C ALA D 259 -40.71 -26.77 19.30
N GLU D 260 -41.74 -26.08 18.78
CA GLU D 260 -42.02 -26.05 17.35
C GLU D 260 -40.97 -25.29 16.55
N THR D 261 -40.51 -24.12 17.02
CA THR D 261 -39.46 -23.39 16.30
C THR D 261 -38.16 -24.22 16.34
N SER D 262 -37.89 -24.86 17.48
CA SER D 262 -36.73 -25.72 17.65
C SER D 262 -36.80 -26.90 16.65
N ASP D 263 -37.96 -27.54 16.52
CA ASP D 263 -38.17 -28.68 15.62
C ASP D 263 -37.88 -28.29 14.15
N VAL D 264 -38.39 -27.14 13.70
CA VAL D 264 -38.14 -26.67 12.33
C VAL D 264 -36.62 -26.41 12.14
N ALA D 265 -36.00 -25.70 13.09
CA ALA D 265 -34.57 -25.39 12.98
C ALA D 265 -33.72 -26.67 12.94
N ASN D 266 -34.07 -27.64 13.78
CA ASN D 266 -33.33 -28.89 13.86
C ASN D 266 -33.53 -29.78 12.64
N ALA D 267 -34.69 -29.74 11.99
CA ALA D 267 -34.90 -30.51 10.74
C ALA D 267 -33.98 -29.96 9.64
N VAL D 268 -33.84 -28.62 9.55
CA VAL D 268 -32.94 -28.01 8.58
C VAL D 268 -31.48 -28.35 8.93
N LEU D 269 -31.10 -28.23 10.21
CA LEU D 269 -29.75 -28.57 10.64
C LEU D 269 -29.44 -30.04 10.38
N ASP D 270 -30.43 -30.93 10.54
CA ASP D 270 -30.28 -32.37 10.29
C ASP D 270 -29.89 -32.65 8.83
N GLY D 271 -30.39 -31.82 7.91
CA GLY D 271 -30.12 -31.93 6.48
C GLY D 271 -31.34 -32.07 5.59
N ALA D 272 -32.57 -31.80 6.12
CA ALA D 272 -33.78 -31.93 5.30
C ALA D 272 -33.76 -31.00 4.11
N ASP D 273 -34.08 -31.52 2.92
CA ASP D 273 -34.19 -30.67 1.72
C ASP D 273 -35.47 -29.84 1.78
N CYS D 274 -36.57 -30.44 2.32
CA CYS D 274 -37.87 -29.78 2.40
C CYS D 274 -38.42 -29.92 3.82
N ILE D 275 -39.23 -28.94 4.20
CA ILE D 275 -40.01 -28.99 5.44
C ILE D 275 -41.49 -28.83 5.03
N MET D 276 -42.41 -29.38 5.84
CA MET D 276 -43.80 -29.43 5.43
C MET D 276 -44.78 -28.88 6.47
N LEU D 277 -45.91 -28.40 5.98
CA LEU D 277 -47.05 -27.92 6.78
C LEU D 277 -48.26 -28.73 6.32
N SER D 278 -49.03 -29.26 7.27
CA SER D 278 -50.22 -30.06 6.97
C SER D 278 -51.48 -29.28 7.40
N GLY D 279 -51.98 -29.49 8.62
CA GLY D 279 -53.13 -28.76 9.12
C GLY D 279 -52.89 -27.27 9.20
N GLU D 280 -51.61 -26.85 9.43
CA GLU D 280 -51.20 -25.44 9.53
C GLU D 280 -51.60 -24.63 8.30
N THR D 281 -51.56 -25.26 7.11
CA THR D 281 -51.99 -24.56 5.89
C THR D 281 -53.30 -25.12 5.34
N ALA D 282 -53.64 -26.40 5.59
CA ALA D 282 -54.86 -26.98 5.00
C ALA D 282 -56.13 -26.49 5.70
N LYS D 283 -56.13 -26.40 7.03
CA LYS D 283 -57.35 -26.07 7.75
C LYS D 283 -57.23 -25.00 8.82
N GLY D 284 -56.03 -24.53 9.09
CA GLY D 284 -55.81 -23.57 10.16
C GLY D 284 -56.20 -22.14 9.90
N ASN D 285 -56.07 -21.31 10.91
CA ASN D 285 -56.39 -19.90 10.82
C ASN D 285 -55.21 -19.00 10.47
N PHE D 286 -53.98 -19.57 10.37
CA PHE D 286 -52.79 -18.79 10.03
C PHE D 286 -51.94 -19.46 8.92
N PRO D 287 -52.55 -19.83 7.77
CA PRO D 287 -51.76 -20.52 6.74
C PRO D 287 -50.59 -19.69 6.23
N VAL D 288 -50.80 -18.38 5.96
CA VAL D 288 -49.74 -17.53 5.45
C VAL D 288 -48.64 -17.32 6.50
N GLU D 289 -49.05 -17.09 7.77
CA GLU D 289 -48.10 -16.88 8.85
C GLU D 289 -47.28 -18.15 9.13
N ALA D 290 -47.86 -19.34 8.94
CA ALA D 290 -47.15 -20.61 9.17
C ALA D 290 -46.04 -20.76 8.10
N VAL D 291 -46.33 -20.37 6.84
CA VAL D 291 -45.35 -20.39 5.76
C VAL D 291 -44.24 -19.36 6.08
N LYS D 292 -44.63 -18.14 6.51
CA LYS D 292 -43.67 -17.10 6.88
C LYS D 292 -42.75 -17.54 8.03
N MET D 293 -43.30 -18.27 9.01
CA MET D 293 -42.53 -18.74 10.16
C MET D 293 -41.51 -19.82 9.73
N GLN D 294 -41.92 -20.77 8.88
CA GLN D 294 -40.98 -21.78 8.37
C GLN D 294 -39.87 -21.11 7.55
N HIS D 295 -40.21 -20.08 6.76
CA HIS D 295 -39.24 -19.33 5.97
C HIS D 295 -38.20 -18.67 6.87
N ALA D 296 -38.66 -17.96 7.91
CA ALA D 296 -37.77 -17.24 8.83
C ALA D 296 -36.83 -18.17 9.59
N ILE D 297 -37.35 -19.28 10.12
CA ILE D 297 -36.53 -20.24 10.86
C ILE D 297 -35.52 -20.92 9.95
N ALA D 298 -35.97 -21.41 8.77
CA ALA D 298 -35.08 -22.08 7.82
C ALA D 298 -33.88 -21.22 7.44
N ARG D 299 -34.10 -19.92 7.17
CA ARG D 299 -33.00 -19.01 6.82
C ARG D 299 -31.97 -18.91 7.94
N GLU D 300 -32.43 -18.80 9.19
CA GLU D 300 -31.52 -18.72 10.33
C GLU D 300 -30.73 -20.03 10.47
N ALA D 301 -31.41 -21.17 10.34
CA ALA D 301 -30.78 -22.48 10.52
C ALA D 301 -29.77 -22.80 9.43
N GLU D 302 -30.06 -22.41 8.18
CA GLU D 302 -29.14 -22.64 7.07
C GLU D 302 -27.82 -21.90 7.28
N ALA D 303 -27.85 -20.67 7.81
CA ALA D 303 -26.61 -19.93 8.07
C ALA D 303 -25.80 -20.58 9.20
N ALA D 304 -26.48 -21.28 10.15
CA ALA D 304 -25.85 -21.97 11.27
C ALA D 304 -25.29 -23.37 10.91
N VAL D 305 -25.44 -23.81 9.67
CA VAL D 305 -24.88 -25.10 9.23
C VAL D 305 -23.33 -25.01 9.26
N TYR D 306 -22.66 -26.02 9.82
CA TYR D 306 -21.20 -26.06 9.91
C TYR D 306 -20.65 -26.66 8.61
N HIS D 307 -20.63 -25.86 7.53
CA HIS D 307 -20.19 -26.28 6.19
C HIS D 307 -18.78 -26.86 6.16
N ARG D 308 -17.89 -26.39 7.05
CA ARG D 308 -16.52 -26.89 7.07
C ARG D 308 -16.46 -28.41 7.21
N GLN D 309 -17.15 -29.00 8.20
CA GLN D 309 -17.14 -30.45 8.32
C GLN D 309 -18.12 -31.10 7.37
N LEU D 310 -19.27 -30.46 7.12
CA LEU D 310 -20.27 -31.04 6.20
C LEU D 310 -19.71 -31.30 4.78
N PHE D 311 -19.07 -30.28 4.16
CA PHE D 311 -18.52 -30.46 2.81
C PHE D 311 -17.43 -31.53 2.80
N GLU D 312 -16.56 -31.55 3.83
CA GLU D 312 -15.48 -32.54 3.92
C GLU D 312 -16.04 -33.95 3.97
N GLU D 313 -17.09 -34.17 4.78
CA GLU D 313 -17.70 -35.48 4.90
C GLU D 313 -18.50 -35.90 3.66
N LEU D 314 -19.20 -34.95 3.01
CA LEU D 314 -19.95 -35.27 1.79
C LEU D 314 -18.99 -35.65 0.67
N ARG D 315 -17.87 -34.91 0.55
CA ARG D 315 -16.83 -35.20 -0.44
C ARG D 315 -16.23 -36.58 -0.22
N ARG D 316 -15.83 -36.89 1.03
CA ARG D 316 -15.20 -38.16 1.39
C ARG D 316 -16.13 -39.35 1.18
N ALA D 317 -17.41 -39.21 1.51
CA ALA D 317 -18.37 -40.30 1.40
C ALA D 317 -18.88 -40.53 0.00
N ALA D 318 -18.91 -39.50 -0.84
CA ALA D 318 -19.40 -39.63 -2.21
C ALA D 318 -18.41 -40.48 -3.00
N PRO D 319 -18.90 -41.52 -3.68
CA PRO D 319 -17.98 -42.41 -4.40
C PRO D 319 -17.31 -41.74 -5.58
N LEU D 320 -16.19 -42.31 -6.04
CA LEU D 320 -15.51 -41.84 -7.24
C LEU D 320 -16.46 -42.04 -8.43
N SER D 321 -16.37 -41.16 -9.43
CA SER D 321 -17.28 -41.24 -10.54
C SER D 321 -16.63 -40.92 -11.85
N ARG D 322 -17.05 -41.60 -12.90
CA ARG D 322 -16.63 -41.30 -14.25
C ARG D 322 -17.74 -40.55 -15.05
N ASP D 323 -18.81 -40.11 -14.39
CA ASP D 323 -19.88 -39.38 -15.04
C ASP D 323 -19.46 -37.92 -15.06
N PRO D 324 -19.36 -37.29 -16.25
CA PRO D 324 -18.92 -35.89 -16.32
C PRO D 324 -19.80 -34.89 -15.56
N THR D 325 -21.13 -35.13 -15.44
CA THR D 325 -21.99 -34.22 -14.69
C THR D 325 -21.59 -34.22 -13.21
N GLU D 326 -21.35 -35.41 -12.66
CA GLU D 326 -20.95 -35.60 -11.27
C GLU D 326 -19.56 -34.95 -11.01
N VAL D 327 -18.62 -35.17 -11.94
CA VAL D 327 -17.27 -34.62 -11.83
C VAL D 327 -17.30 -33.08 -11.89
N THR D 328 -18.07 -32.51 -12.84
CA THR D 328 -18.19 -31.07 -12.97
C THR D 328 -18.84 -30.48 -11.71
N ALA D 329 -19.87 -31.15 -11.17
CA ALA D 329 -20.56 -30.66 -9.98
C ALA D 329 -19.65 -30.47 -8.77
N ILE D 330 -18.80 -31.46 -8.46
CA ILE D 330 -17.91 -31.33 -7.30
C ILE D 330 -16.84 -30.26 -7.54
N GLY D 331 -16.34 -30.16 -8.78
CA GLY D 331 -15.38 -29.11 -9.12
C GLY D 331 -15.98 -27.73 -8.97
N ALA D 332 -17.25 -27.57 -9.40
CA ALA D 332 -17.97 -26.29 -9.32
C ALA D 332 -18.24 -25.89 -7.87
N VAL D 333 -18.63 -26.86 -7.01
CA VAL D 333 -18.90 -26.56 -5.59
C VAL D 333 -17.60 -26.16 -4.89
N GLU D 334 -16.51 -26.86 -5.20
CA GLU D 334 -15.20 -26.55 -4.63
CA GLU D 334 -15.20 -26.56 -4.62
C GLU D 334 -14.78 -25.15 -5.05
N ALA D 335 -14.93 -24.80 -6.35
CA ALA D 335 -14.61 -23.47 -6.87
C ALA D 335 -15.48 -22.39 -6.17
N ALA D 336 -16.78 -22.65 -5.98
CA ALA D 336 -17.68 -21.70 -5.34
C ALA D 336 -17.22 -21.38 -3.91
N PHE D 337 -16.83 -22.40 -3.13
CA PHE D 337 -16.35 -22.18 -1.75
C PHE D 337 -15.02 -21.39 -1.74
N LYS D 338 -14.14 -21.65 -2.71
CA LYS D 338 -12.84 -20.97 -2.79
C LYS D 338 -12.95 -19.45 -2.95
N CYS D 339 -13.97 -18.98 -3.71
CA CYS D 339 -14.13 -17.56 -3.96
C CYS D 339 -15.33 -16.93 -3.25
N CYS D 340 -16.04 -17.67 -2.38
CA CYS D 340 -17.27 -17.17 -1.73
C CYS D 340 -18.28 -16.73 -2.80
N ALA D 341 -18.44 -17.58 -3.85
CA ALA D 341 -19.33 -17.25 -4.96
C ALA D 341 -20.77 -16.99 -4.45
N ALA D 342 -21.42 -15.96 -4.97
CA ALA D 342 -22.81 -15.65 -4.57
C ALA D 342 -23.76 -16.72 -5.12
N ALA D 343 -23.43 -17.31 -6.29
CA ALA D 343 -24.29 -18.31 -6.91
C ALA D 343 -23.54 -19.24 -7.86
N ILE D 344 -24.13 -20.41 -8.14
CA ILE D 344 -23.70 -21.31 -9.18
C ILE D 344 -24.90 -21.29 -10.16
N ILE D 345 -24.72 -20.77 -11.39
CA ILE D 345 -25.80 -20.73 -12.36
C ILE D 345 -25.65 -21.97 -13.23
N VAL D 346 -26.66 -22.82 -13.28
CA VAL D 346 -26.60 -24.06 -14.04
C VAL D 346 -27.74 -24.17 -15.04
N LEU D 347 -27.43 -24.64 -16.24
CA LEU D 347 -28.46 -24.88 -17.25
C LEU D 347 -28.86 -26.35 -17.08
N THR D 348 -30.16 -26.64 -17.05
CA THR D 348 -30.64 -28.00 -16.86
C THR D 348 -31.93 -28.29 -17.60
N THR D 349 -32.05 -29.48 -18.20
CA THR D 349 -33.25 -29.87 -18.92
C THR D 349 -34.17 -30.67 -18.00
N THR D 350 -33.62 -31.62 -17.24
CA THR D 350 -34.38 -32.50 -16.34
C THR D 350 -34.26 -32.11 -14.85
N GLY D 351 -33.34 -31.21 -14.51
CA GLY D 351 -33.02 -30.85 -13.14
C GLY D 351 -31.82 -31.59 -12.57
N ARG D 352 -31.38 -32.68 -13.23
CA ARG D 352 -30.29 -33.52 -12.72
C ARG D 352 -28.97 -32.78 -12.43
N SER D 353 -28.52 -31.86 -13.32
CA SER D 353 -27.27 -31.13 -13.08
C SER D 353 -27.37 -30.26 -11.81
N ALA D 354 -28.55 -29.69 -11.54
CA ALA D 354 -28.75 -28.88 -10.34
C ALA D 354 -28.82 -29.78 -9.09
N GLN D 355 -29.40 -30.97 -9.22
CA GLN D 355 -29.47 -31.92 -8.10
C GLN D 355 -28.04 -32.36 -7.68
N LEU D 356 -27.15 -32.62 -8.66
CA LEU D 356 -25.79 -33.04 -8.36
C LEU D 356 -24.95 -31.93 -7.73
N LEU D 357 -25.30 -30.65 -7.98
CA LEU D 357 -24.62 -29.55 -7.31
C LEU D 357 -25.15 -29.47 -5.85
N SER D 358 -26.48 -29.57 -5.68
CA SER D 358 -27.19 -29.51 -4.39
C SER D 358 -26.69 -30.56 -3.39
N ARG D 359 -26.36 -31.78 -3.86
CA ARG D 359 -25.93 -32.85 -2.98
C ARG D 359 -24.65 -32.53 -2.19
N TYR D 360 -23.81 -31.61 -2.71
CA TYR D 360 -22.59 -31.19 -2.01
C TYR D 360 -22.83 -30.01 -1.04
N ARG D 361 -24.10 -29.59 -0.88
CA ARG D 361 -24.52 -28.53 0.03
C ARG D 361 -23.68 -27.25 -0.05
N PRO D 362 -23.57 -26.64 -1.26
CA PRO D 362 -22.85 -25.38 -1.34
C PRO D 362 -23.55 -24.28 -0.55
N ARG D 363 -22.79 -23.30 -0.06
CA ARG D 363 -23.36 -22.10 0.57
C ARG D 363 -23.92 -21.21 -0.59
N ALA D 364 -23.27 -21.20 -1.78
CA ALA D 364 -23.74 -20.46 -2.94
C ALA D 364 -25.10 -21.00 -3.41
N ALA D 365 -26.02 -20.09 -3.75
CA ALA D 365 -27.34 -20.48 -4.27
C ALA D 365 -27.15 -21.17 -5.63
N VAL D 366 -27.89 -22.25 -5.90
CA VAL D 366 -27.81 -22.91 -7.20
C VAL D 366 -28.98 -22.37 -8.04
N ILE D 367 -28.71 -21.46 -8.95
CA ILE D 367 -29.73 -20.87 -9.82
C ILE D 367 -29.86 -21.74 -11.05
N ALA D 368 -30.96 -22.50 -11.15
CA ALA D 368 -31.15 -23.44 -12.25
C ALA D 368 -32.04 -22.86 -13.36
N VAL D 369 -31.48 -22.66 -14.54
CA VAL D 369 -32.23 -22.11 -15.66
C VAL D 369 -32.69 -23.25 -16.55
N THR D 370 -34.01 -23.35 -16.77
CA THR D 370 -34.55 -24.44 -17.58
C THR D 370 -35.72 -23.98 -18.45
N ARG D 371 -35.93 -24.65 -19.58
CA ARG D 371 -37.12 -24.44 -20.43
C ARG D 371 -38.24 -25.41 -20.02
N SER D 372 -37.94 -26.48 -19.25
CA SER D 372 -38.94 -27.43 -18.83
C SER D 372 -39.69 -26.88 -17.61
N ALA D 373 -40.99 -26.59 -17.78
CA ALA D 373 -41.81 -26.10 -16.68
C ALA D 373 -41.91 -27.16 -15.57
N GLN D 374 -41.97 -28.45 -15.96
CA GLN D 374 -42.01 -29.53 -14.97
C GLN D 374 -40.68 -29.64 -14.18
N ALA D 375 -39.53 -29.55 -14.85
CA ALA D 375 -38.25 -29.60 -14.14
C ALA D 375 -38.11 -28.41 -13.19
N ALA D 376 -38.55 -27.23 -13.63
CA ALA D 376 -38.50 -26.02 -12.79
C ALA D 376 -39.31 -26.24 -11.49
N ARG D 377 -40.47 -26.92 -11.58
CA ARG D 377 -41.27 -27.20 -10.40
C ARG D 377 -40.60 -28.28 -9.53
N GLN D 378 -40.14 -29.38 -10.15
CA GLN D 378 -39.56 -30.49 -9.42
C GLN D 378 -38.25 -30.20 -8.68
N VAL D 379 -37.38 -29.31 -9.20
CA VAL D 379 -36.10 -29.05 -8.52
C VAL D 379 -36.25 -28.39 -7.14
N HIS D 380 -37.48 -27.90 -6.80
CA HIS D 380 -37.74 -27.40 -5.46
C HIS D 380 -37.52 -28.54 -4.41
N LEU D 381 -37.52 -29.82 -4.82
CA LEU D 381 -37.23 -30.92 -3.90
C LEU D 381 -35.79 -30.89 -3.39
N CYS D 382 -34.86 -30.24 -4.12
CA CYS D 382 -33.43 -30.22 -3.77
C CYS D 382 -33.02 -28.94 -3.07
N ARG D 383 -32.44 -29.05 -1.87
CA ARG D 383 -32.05 -27.85 -1.13
C ARG D 383 -31.13 -26.91 -1.88
N GLY D 384 -31.45 -25.63 -1.83
CA GLY D 384 -30.61 -24.60 -2.42
C GLY D 384 -30.71 -24.44 -3.91
N VAL D 385 -31.71 -25.07 -4.53
CA VAL D 385 -31.91 -24.91 -5.98
C VAL D 385 -33.06 -23.91 -6.19
N PHE D 386 -32.79 -22.83 -6.91
CA PHE D 386 -33.73 -21.76 -7.22
C PHE D 386 -34.05 -21.83 -8.72
N PRO D 387 -35.20 -22.41 -9.07
CA PRO D 387 -35.53 -22.57 -10.50
C PRO D 387 -36.00 -21.30 -11.18
N LEU D 388 -35.51 -21.11 -12.41
CA LEU D 388 -35.91 -20.00 -13.25
C LEU D 388 -36.42 -20.58 -14.56
N LEU D 389 -37.70 -20.35 -14.87
CA LEU D 389 -38.28 -20.87 -16.10
C LEU D 389 -38.03 -19.90 -17.25
N TYR D 390 -37.27 -20.36 -18.26
CA TYR D 390 -36.94 -19.57 -19.44
C TYR D 390 -37.99 -19.86 -20.52
N ARG D 391 -38.62 -18.81 -21.05
CA ARG D 391 -39.70 -19.01 -22.03
C ARG D 391 -39.37 -18.66 -23.46
N GLU D 392 -38.23 -18.01 -23.71
CA GLU D 392 -37.86 -17.59 -25.06
C GLU D 392 -37.56 -18.75 -25.99
N PRO D 393 -37.98 -18.66 -27.26
CA PRO D 393 -37.66 -19.73 -28.22
C PRO D 393 -36.16 -19.76 -28.53
N PRO D 394 -35.63 -20.93 -28.91
CA PRO D 394 -34.19 -21.05 -29.16
C PRO D 394 -33.59 -20.12 -30.20
N GLU D 395 -32.39 -19.60 -29.90
CA GLU D 395 -31.58 -18.82 -30.84
C GLU D 395 -31.08 -19.81 -31.91
N ALA D 396 -30.81 -19.33 -33.14
CA ALA D 396 -30.29 -20.20 -34.20
C ALA D 396 -28.89 -20.72 -33.85
N ILE D 397 -28.06 -19.90 -33.20
CA ILE D 397 -26.72 -20.33 -32.80
C ILE D 397 -26.80 -20.83 -31.36
N TRP D 398 -26.53 -22.13 -31.14
CA TRP D 398 -26.65 -22.77 -29.83
C TRP D 398 -25.84 -22.07 -28.74
N ALA D 399 -24.59 -21.68 -29.04
CA ALA D 399 -23.76 -20.96 -28.07
C ALA D 399 -24.40 -19.64 -27.63
N ASP D 400 -25.09 -18.94 -28.54
CA ASP D 400 -25.79 -17.70 -28.19
C ASP D 400 -27.00 -18.00 -27.30
N ASP D 401 -27.71 -19.10 -27.57
CA ASP D 401 -28.87 -19.50 -26.79
C ASP D 401 -28.44 -19.82 -25.34
N VAL D 402 -27.29 -20.50 -25.19
CA VAL D 402 -26.71 -20.82 -23.89
C VAL D 402 -26.37 -19.52 -23.15
N ASP D 403 -25.66 -18.59 -23.82
CA ASP D 403 -25.30 -17.29 -23.25
C ASP D 403 -26.53 -16.47 -22.83
N ARG D 404 -27.60 -16.48 -23.65
CA ARG D 404 -28.83 -15.74 -23.29
C ARG D 404 -29.45 -16.31 -22.02
N ARG D 405 -29.40 -17.63 -21.83
CA ARG D 405 -29.95 -18.25 -20.64
C ARG D 405 -29.12 -17.94 -19.40
N VAL D 406 -27.81 -17.88 -19.52
CA VAL D 406 -26.91 -17.51 -18.43
C VAL D 406 -27.19 -16.05 -18.05
N GLN D 407 -27.34 -15.16 -19.04
CA GLN D 407 -27.66 -13.74 -18.79
C GLN D 407 -29.03 -13.58 -18.11
N PHE D 408 -29.99 -14.42 -18.48
CA PHE D 408 -31.30 -14.43 -17.84
C PHE D 408 -31.17 -14.80 -16.35
N GLY D 409 -30.30 -15.78 -16.04
CA GLY D 409 -30.01 -16.19 -14.68
C GLY D 409 -29.40 -15.04 -13.88
N ILE D 410 -28.46 -14.32 -14.48
CA ILE D 410 -27.79 -13.19 -13.83
C ILE D 410 -28.79 -12.03 -13.57
N GLU D 411 -29.58 -11.67 -14.59
CA GLU D 411 -30.56 -10.59 -14.45
C GLU D 411 -31.64 -10.92 -13.42
N SER D 412 -32.12 -12.18 -13.40
CA SER D 412 -33.10 -12.60 -12.40
C SER D 412 -32.48 -12.55 -11.00
N GLY D 413 -31.23 -13.01 -10.89
CA GLY D 413 -30.48 -13.01 -9.65
C GLY D 413 -30.26 -11.62 -9.10
N LYS D 414 -29.97 -10.64 -9.96
CA LYS D 414 -29.79 -9.24 -9.56
C LYS D 414 -31.13 -8.69 -9.06
N LEU D 415 -32.22 -8.93 -9.79
CA LEU D 415 -33.54 -8.44 -9.42
C LEU D 415 -34.00 -9.02 -8.08
N ARG D 416 -33.74 -10.31 -7.85
CA ARG D 416 -34.16 -10.97 -6.62
C ARG D 416 -33.23 -10.79 -5.42
N GLY D 417 -32.08 -10.13 -5.60
CA GLY D 417 -31.16 -9.89 -4.51
C GLY D 417 -30.07 -10.94 -4.30
N PHE D 418 -30.03 -11.96 -5.16
CA PHE D 418 -29.03 -13.02 -5.09
C PHE D 418 -27.64 -12.51 -5.45
N LEU D 419 -27.58 -11.60 -6.44
CA LEU D 419 -26.33 -11.13 -7.01
C LEU D 419 -26.27 -9.63 -7.08
N ARG D 420 -25.04 -9.12 -7.04
CA ARG D 420 -24.73 -7.71 -7.20
C ARG D 420 -23.48 -7.60 -8.10
N VAL D 421 -23.27 -6.42 -8.72
CA VAL D 421 -22.09 -6.14 -9.54
C VAL D 421 -20.83 -6.32 -8.69
N GLY D 422 -19.86 -7.05 -9.21
CA GLY D 422 -18.65 -7.34 -8.45
C GLY D 422 -18.61 -8.73 -7.86
N ASP D 423 -19.77 -9.39 -7.75
CA ASP D 423 -19.81 -10.76 -7.23
C ASP D 423 -19.18 -11.74 -8.22
N LEU D 424 -18.71 -12.88 -7.71
CA LEU D 424 -18.21 -13.94 -8.58
C LEU D 424 -19.30 -15.01 -8.62
N VAL D 425 -19.52 -15.61 -9.78
CA VAL D 425 -20.47 -16.69 -9.96
C VAL D 425 -19.74 -17.85 -10.66
N ILE D 426 -20.19 -19.08 -10.42
CA ILE D 426 -19.69 -20.25 -11.11
C ILE D 426 -20.80 -20.62 -12.13
N VAL D 427 -20.48 -20.77 -13.40
CA VAL D 427 -21.49 -21.10 -14.43
C VAL D 427 -21.26 -22.54 -14.93
N VAL D 428 -22.27 -23.40 -14.84
CA VAL D 428 -22.19 -24.81 -15.20
C VAL D 428 -23.06 -25.07 -16.44
N THR D 429 -22.41 -25.47 -17.53
CA THR D 429 -23.09 -25.76 -18.81
C THR D 429 -22.56 -27.11 -19.40
N GLY D 430 -23.01 -27.49 -20.61
CA GLY D 430 -22.56 -28.70 -21.27
C GLY D 430 -22.03 -28.46 -22.68
N TRP D 431 -21.52 -29.50 -23.32
CA TRP D 431 -20.85 -29.34 -24.62
C TRP D 431 -21.78 -29.49 -25.85
N ARG D 432 -22.99 -29.99 -25.64
CA ARG D 432 -23.97 -30.14 -26.72
C ARG D 432 -25.40 -30.03 -26.17
N PRO D 433 -26.39 -29.75 -27.03
CA PRO D 433 -27.78 -29.69 -26.55
C PRO D 433 -28.29 -31.05 -26.07
N GLY D 434 -29.37 -31.03 -25.30
CA GLY D 434 -29.96 -32.24 -24.75
C GLY D 434 -29.44 -32.54 -23.36
N SER D 435 -30.22 -33.31 -22.58
CA SER D 435 -29.87 -33.70 -21.20
CA SER D 435 -29.83 -33.67 -21.21
C SER D 435 -28.72 -34.71 -21.17
N GLY D 436 -27.91 -34.64 -20.10
CA GLY D 436 -26.86 -35.60 -19.86
C GLY D 436 -25.45 -35.22 -20.26
N TYR D 437 -25.25 -34.01 -20.80
CA TYR D 437 -23.93 -33.62 -21.30
C TYR D 437 -23.27 -32.45 -20.58
N THR D 438 -23.68 -32.17 -19.31
CA THR D 438 -22.97 -31.15 -18.53
C THR D 438 -21.50 -31.56 -18.32
N ASN D 439 -20.58 -30.64 -18.59
CA ASN D 439 -19.17 -30.95 -18.45
C ASN D 439 -18.28 -29.71 -18.29
N ILE D 440 -18.85 -28.51 -18.14
CA ILE D 440 -18.09 -27.27 -18.09
C ILE D 440 -18.43 -26.44 -16.88
N MET D 441 -17.40 -25.91 -16.23
CA MET D 441 -17.48 -25.03 -15.10
C MET D 441 -16.68 -23.72 -15.46
N ARG D 442 -17.28 -22.55 -15.27
CA ARG D 442 -16.64 -21.28 -15.62
C ARG D 442 -16.78 -20.20 -14.50
N VAL D 443 -15.66 -19.51 -14.18
CA VAL D 443 -15.66 -18.46 -13.15
C VAL D 443 -15.97 -17.14 -13.82
N LEU D 444 -17.08 -16.50 -13.44
CA LEU D 444 -17.52 -15.26 -14.06
C LEU D 444 -17.69 -14.12 -13.05
N SER D 445 -17.23 -12.94 -13.42
CA SER D 445 -17.39 -11.75 -12.59
C SER D 445 -18.67 -11.03 -13.05
N ILE D 446 -19.56 -10.69 -12.12
CA ILE D 446 -20.81 -10.01 -12.43
C ILE D 446 -20.59 -8.53 -12.79
N SER D 447 -21.00 -8.14 -14.01
CA SER D 447 -20.88 -6.75 -14.45
C SER D 447 -22.27 -6.08 -14.51
N ALA E 25 -19.44 25.89 -14.22
CA ALA E 25 -18.89 26.94 -13.38
C ALA E 25 -18.09 27.96 -14.18
N PHE E 26 -18.13 29.23 -13.74
CA PHE E 26 -17.40 30.33 -14.39
C PHE E 26 -15.89 30.03 -14.40
N PHE E 27 -15.36 29.55 -13.27
CA PHE E 27 -13.92 29.30 -13.15
C PHE E 27 -13.46 27.98 -13.78
N GLN E 28 -14.37 27.17 -14.36
CA GLN E 28 -13.97 25.94 -15.04
C GLN E 28 -13.88 26.15 -16.58
N GLN E 29 -14.62 27.15 -17.11
CA GLN E 29 -14.64 27.51 -18.53
C GLN E 29 -13.40 28.32 -18.93
N GLN E 30 -13.25 28.59 -20.25
CA GLN E 30 -12.18 29.39 -20.87
C GLN E 30 -10.78 29.15 -20.31
N GLN E 31 -10.46 27.87 -20.01
CA GLN E 31 -9.16 27.45 -19.46
C GLN E 31 -8.74 28.25 -18.22
N LEU E 32 -9.71 28.67 -17.39
CA LEU E 32 -9.38 29.44 -16.18
C LEU E 32 -8.54 28.61 -15.18
N PRO E 33 -8.73 27.28 -14.97
CA PRO E 33 -7.78 26.55 -14.10
C PRO E 33 -6.34 26.64 -14.62
N ALA E 34 -6.12 26.54 -15.95
CA ALA E 34 -4.78 26.68 -16.52
C ALA E 34 -4.25 28.12 -16.44
N ALA E 35 -5.17 29.10 -16.48
CA ALA E 35 -4.82 30.53 -16.38
C ALA E 35 -4.32 30.88 -14.99
N MET E 36 -4.78 30.19 -13.93
CA MET E 36 -4.35 30.49 -12.57
C MET E 36 -3.06 29.75 -12.15
N ALA E 37 -2.44 28.97 -13.06
CA ALA E 37 -1.24 28.21 -12.72
C ALA E 37 -0.03 29.07 -12.38
N ASP E 38 0.82 28.57 -11.47
CA ASP E 38 2.01 29.28 -11.00
C ASP E 38 3.22 29.18 -11.92
N THR E 39 3.25 28.16 -12.78
CA THR E 39 4.34 28.00 -13.76
C THR E 39 3.75 27.71 -15.14
N PHE E 40 4.54 27.94 -16.20
CA PHE E 40 4.10 27.62 -17.55
C PHE E 40 3.91 26.11 -17.71
N LEU E 41 4.78 25.29 -17.09
CA LEU E 41 4.64 23.83 -17.14
C LEU E 41 3.30 23.40 -16.53
N GLU E 42 2.95 23.93 -15.34
CA GLU E 42 1.67 23.64 -14.68
CA GLU E 42 1.67 23.61 -14.71
C GLU E 42 0.50 24.12 -15.55
N HIS E 43 0.67 25.29 -16.21
CA HIS E 43 -0.35 25.85 -17.10
C HIS E 43 -0.66 24.84 -18.25
N LEU E 44 0.41 24.27 -18.86
CA LEU E 44 0.23 23.27 -19.93
C LEU E 44 -0.48 22.03 -19.40
N CYS E 45 -0.06 21.53 -18.21
CA CYS E 45 -0.63 20.35 -17.59
C CYS E 45 -2.12 20.51 -17.28
N LEU E 46 -2.58 21.76 -17.08
CA LEU E 46 -3.97 22.03 -16.72
C LEU E 46 -4.90 22.31 -17.90
N LEU E 47 -4.37 22.38 -19.14
CA LEU E 47 -5.22 22.62 -20.32
C LEU E 47 -6.23 21.50 -20.46
N ASP E 48 -7.50 21.85 -20.67
CA ASP E 48 -8.61 20.91 -20.64
C ASP E 48 -9.47 21.00 -21.88
N ILE E 49 -9.58 19.90 -22.63
CA ILE E 49 -10.43 19.87 -23.83
C ILE E 49 -11.93 20.05 -23.53
N ASP E 50 -12.34 19.82 -22.27
CA ASP E 50 -13.73 20.02 -21.86
C ASP E 50 -14.01 21.45 -21.36
N SER E 51 -12.98 22.31 -21.25
CA SER E 51 -13.15 23.68 -20.80
C SER E 51 -13.50 24.50 -22.05
N GLU E 52 -14.78 24.89 -22.18
CA GLU E 52 -15.25 25.58 -23.38
C GLU E 52 -14.94 27.07 -23.42
N PRO E 53 -14.56 27.58 -24.61
CA PRO E 53 -14.28 29.02 -24.72
C PRO E 53 -15.58 29.83 -24.55
N VAL E 54 -15.50 30.98 -23.88
CA VAL E 54 -16.69 31.81 -23.68
C VAL E 54 -16.52 33.19 -24.31
N ALA E 55 -15.30 33.73 -24.30
CA ALA E 55 -15.03 35.05 -24.86
C ALA E 55 -15.17 35.10 -26.37
N ALA E 56 -15.47 36.29 -26.90
CA ALA E 56 -15.54 36.48 -28.35
C ALA E 56 -14.14 36.28 -28.96
N ARG E 57 -14.08 35.77 -30.20
CA ARG E 57 -12.81 35.54 -30.89
C ARG E 57 -12.10 36.85 -31.13
N SER E 58 -10.87 36.98 -30.61
CA SER E 58 -10.10 38.22 -30.65
C SER E 58 -9.10 38.36 -31.80
N THR E 59 -8.59 37.26 -32.36
CA THR E 59 -7.62 37.34 -33.46
C THR E 59 -8.39 37.51 -34.75
N SER E 60 -8.17 38.61 -35.49
CA SER E 60 -8.88 38.85 -36.74
C SER E 60 -8.48 37.88 -37.86
N ILE E 61 -9.43 37.62 -38.75
CA ILE E 61 -9.21 36.74 -39.90
C ILE E 61 -9.19 37.57 -41.16
N ILE E 62 -8.14 37.43 -41.94
CA ILE E 62 -8.00 38.08 -43.24
C ILE E 62 -8.28 37.01 -44.30
N ALA E 63 -9.25 37.25 -45.19
CA ALA E 63 -9.54 36.30 -46.26
C ALA E 63 -9.24 36.94 -47.60
N THR E 64 -8.51 36.23 -48.46
CA THR E 64 -8.17 36.74 -49.79
C THR E 64 -9.35 36.53 -50.74
N ILE E 65 -9.73 37.59 -51.47
CA ILE E 65 -10.85 37.55 -52.39
C ILE E 65 -10.40 37.07 -53.76
N GLY E 66 -11.16 36.16 -54.34
CA GLY E 66 -10.89 35.62 -55.67
C GLY E 66 -12.13 34.97 -56.26
N PRO E 67 -11.97 34.17 -57.33
CA PRO E 67 -13.14 33.53 -57.93
C PRO E 67 -14.03 32.70 -56.99
N ALA E 68 -13.43 32.11 -55.94
CA ALA E 68 -14.20 31.30 -54.99
C ALA E 68 -14.92 32.12 -53.92
N SER E 69 -14.62 33.41 -53.78
CA SER E 69 -15.21 34.24 -52.73
C SER E 69 -15.52 35.66 -53.21
N ARG E 70 -15.99 35.80 -54.45
CA ARG E 70 -16.24 37.12 -55.03
C ARG E 70 -17.70 37.53 -55.05
N SER E 71 -18.62 36.57 -55.11
CA SER E 71 -20.04 36.90 -55.18
C SER E 71 -20.55 37.50 -53.89
N VAL E 72 -21.57 38.37 -53.97
CA VAL E 72 -22.16 39.03 -52.81
C VAL E 72 -22.74 38.01 -51.83
N GLU E 73 -23.41 36.97 -52.33
CA GLU E 73 -24.00 35.94 -51.49
C GLU E 73 -22.92 35.12 -50.75
N ARG E 74 -21.80 34.82 -51.44
CA ARG E 74 -20.68 34.09 -50.85
C ARG E 74 -20.01 34.97 -49.79
N LEU E 75 -19.83 36.26 -50.08
CA LEU E 75 -19.22 37.21 -49.15
C LEU E 75 -20.05 37.40 -47.89
N LYS E 76 -21.39 37.32 -47.97
CA LYS E 76 -22.25 37.43 -46.79
C LYS E 76 -22.01 36.22 -45.87
N GLU E 77 -21.83 35.02 -46.45
CA GLU E 77 -21.56 33.83 -45.66
C GLU E 77 -20.18 33.93 -45.01
N MET E 78 -19.19 34.51 -45.71
CA MET E 78 -17.85 34.68 -45.16
CA MET E 78 -17.85 34.68 -45.16
C MET E 78 -17.82 35.69 -44.02
N ILE E 79 -18.66 36.75 -44.10
CA ILE E 79 -18.74 37.73 -43.03
C ILE E 79 -19.36 37.06 -41.81
N LYS E 80 -20.42 36.26 -42.00
CA LYS E 80 -21.06 35.55 -40.89
C LYS E 80 -20.10 34.49 -40.28
N ALA E 81 -19.26 33.87 -41.11
CA ALA E 81 -18.31 32.87 -40.64
C ALA E 81 -17.15 33.51 -39.81
N GLY E 82 -16.88 34.80 -40.01
CA GLY E 82 -15.88 35.50 -39.22
C GLY E 82 -14.86 36.35 -39.93
N MET E 83 -14.97 36.52 -41.27
CA MET E 83 -14.01 37.35 -42.00
C MET E 83 -14.06 38.81 -41.50
N ASN E 84 -12.91 39.38 -41.13
CA ASN E 84 -12.85 40.77 -40.63
C ASN E 84 -12.17 41.71 -41.63
N ILE E 85 -11.25 41.16 -42.44
CA ILE E 85 -10.47 41.91 -43.41
C ILE E 85 -10.49 41.17 -44.75
N ALA E 86 -10.81 41.87 -45.85
CA ALA E 86 -10.81 41.30 -47.19
C ALA E 86 -9.52 41.72 -47.87
N ARG E 87 -8.73 40.76 -48.33
CA ARG E 87 -7.46 41.03 -49.00
C ARG E 87 -7.60 40.95 -50.52
N LEU E 88 -7.13 41.97 -51.23
CA LEU E 88 -7.15 41.99 -52.70
C LEU E 88 -5.72 41.80 -53.15
N ASN E 89 -5.43 40.68 -53.80
CA ASN E 89 -4.06 40.40 -54.25
C ASN E 89 -3.83 41.02 -55.63
N PHE E 90 -3.10 42.15 -55.67
CA PHE E 90 -2.83 42.82 -56.94
C PHE E 90 -1.75 42.15 -57.79
N SER E 91 -1.26 40.97 -57.38
CA SER E 91 -0.36 40.19 -58.22
C SER E 91 -1.13 39.59 -59.42
N HIS E 92 -2.47 39.44 -59.30
CA HIS E 92 -3.34 38.89 -60.34
C HIS E 92 -4.57 39.80 -60.50
N GLY E 93 -5.14 39.83 -61.69
CA GLY E 93 -6.35 40.61 -61.95
C GLY E 93 -6.13 42.06 -62.31
N SER E 94 -7.05 42.61 -63.10
CA SER E 94 -6.99 44.00 -63.54
C SER E 94 -7.60 44.94 -62.49
N HIS E 95 -7.46 46.26 -62.69
CA HIS E 95 -8.07 47.25 -61.81
C HIS E 95 -9.61 47.10 -61.84
N GLU E 96 -10.18 46.79 -63.01
CA GLU E 96 -11.62 46.59 -63.16
C GLU E 96 -12.11 45.41 -62.31
N TYR E 97 -11.34 44.33 -62.33
CA TYR E 97 -11.65 43.12 -61.56
C TYR E 97 -11.66 43.43 -60.06
N HIS E 98 -10.62 44.12 -59.57
CA HIS E 98 -10.51 44.47 -58.16
C HIS E 98 -11.55 45.49 -57.72
N ALA E 99 -11.93 46.44 -58.60
CA ALA E 99 -12.99 47.41 -58.26
C ALA E 99 -14.32 46.67 -58.06
N GLU E 100 -14.59 45.64 -58.87
CA GLU E 100 -15.81 44.87 -58.73
C GLU E 100 -15.78 44.05 -57.43
N SER E 101 -14.61 43.52 -57.05
CA SER E 101 -14.45 42.78 -55.80
C SER E 101 -14.75 43.70 -54.60
N ILE E 102 -14.23 44.94 -54.62
CA ILE E 102 -14.45 45.96 -53.59
C ILE E 102 -15.94 46.29 -53.48
N ALA E 103 -16.61 46.49 -54.64
CA ALA E 103 -18.03 46.82 -54.65
C ALA E 103 -18.85 45.68 -54.05
N ASN E 104 -18.49 44.42 -54.38
CA ASN E 104 -19.20 43.25 -53.85
C ASN E 104 -18.99 43.10 -52.34
N VAL E 105 -17.77 43.37 -51.85
CA VAL E 105 -17.49 43.32 -50.40
C VAL E 105 -18.33 44.37 -49.69
N ARG E 106 -18.32 45.61 -50.20
CA ARG E 106 -19.10 46.68 -49.61
C ARG E 106 -20.61 46.41 -49.64
N GLU E 107 -21.12 45.80 -50.72
CA GLU E 107 -22.54 45.45 -50.79
C GLU E 107 -22.89 44.40 -49.73
N ALA E 108 -22.04 43.37 -49.58
CA ALA E 108 -22.27 42.33 -48.58
C ALA E 108 -22.20 42.91 -47.16
N VAL E 109 -21.21 43.78 -46.88
CA VAL E 109 -21.06 44.40 -45.56
C VAL E 109 -22.26 45.28 -45.23
N GLU E 110 -22.67 46.14 -46.17
CA GLU E 110 -23.79 47.05 -45.94
C GLU E 110 -25.14 46.36 -45.88
N SER E 111 -25.24 45.08 -46.30
CA SER E 111 -26.51 44.35 -46.17
C SER E 111 -26.89 44.10 -44.70
N PHE E 112 -25.95 44.25 -43.75
CA PHE E 112 -26.19 44.07 -42.32
C PHE E 112 -26.29 45.43 -41.57
N ALA E 113 -26.12 46.59 -42.27
CA ALA E 113 -26.13 47.93 -41.67
C ALA E 113 -27.47 48.40 -41.11
N GLY E 114 -28.54 47.67 -41.40
CA GLY E 114 -29.87 48.00 -40.89
C GLY E 114 -29.99 47.88 -39.38
N SER E 115 -29.07 47.14 -38.75
CA SER E 115 -29.06 46.98 -37.30
C SER E 115 -27.72 47.53 -36.78
N PRO E 116 -27.68 48.82 -36.39
CA PRO E 116 -26.42 49.42 -35.92
C PRO E 116 -25.79 48.79 -34.67
N LEU E 117 -26.60 48.19 -33.79
CA LEU E 117 -26.07 47.55 -32.58
C LEU E 117 -25.34 46.21 -32.88
N SER E 118 -25.52 45.64 -34.09
CA SER E 118 -24.87 44.38 -34.47
C SER E 118 -24.03 44.45 -35.76
N TYR E 119 -24.01 45.61 -36.44
CA TYR E 119 -23.26 45.81 -37.69
C TYR E 119 -21.77 45.50 -37.50
N ARG E 120 -21.19 44.78 -38.46
CA ARG E 120 -19.77 44.45 -38.40
C ARG E 120 -18.96 45.08 -39.51
N PRO E 121 -18.09 46.05 -39.14
CA PRO E 121 -17.20 46.63 -40.16
C PRO E 121 -16.24 45.58 -40.73
N VAL E 122 -15.87 45.71 -42.02
CA VAL E 122 -14.92 44.80 -42.67
C VAL E 122 -13.90 45.67 -43.40
N ALA E 123 -12.62 45.53 -43.06
CA ALA E 123 -11.57 46.32 -43.70
C ALA E 123 -11.23 45.80 -45.09
N ILE E 124 -10.72 46.67 -45.96
CA ILE E 124 -10.28 46.27 -47.28
C ILE E 124 -8.79 46.54 -47.38
N ALA E 125 -8.02 45.51 -47.66
CA ALA E 125 -6.57 45.61 -47.74
C ALA E 125 -6.08 45.34 -49.17
N LEU E 126 -5.14 46.15 -49.65
CA LEU E 126 -4.58 45.99 -50.97
C LEU E 126 -3.20 45.40 -50.82
N ASP E 127 -2.97 44.21 -51.37
CA ASP E 127 -1.68 43.55 -51.30
C ASP E 127 -0.96 43.80 -52.63
N THR E 128 0.17 44.51 -52.60
CA THR E 128 0.87 44.88 -53.83
C THR E 128 1.60 43.73 -54.53
N LYS E 129 1.79 43.88 -55.85
CA LYS E 129 2.51 42.90 -56.67
C LYS E 129 3.98 42.81 -56.22
N GLY E 130 4.57 43.95 -55.91
CA GLY E 130 5.94 43.99 -55.45
C GLY E 130 6.95 44.54 -56.43
N PRO E 131 8.22 44.61 -56.02
CA PRO E 131 9.26 45.17 -56.89
C PRO E 131 9.69 44.26 -58.06
N GLY E 136 13.46 48.87 -55.93
CA GLY E 136 12.48 49.54 -55.08
C GLY E 136 11.09 49.54 -55.67
N LEU E 137 10.29 50.58 -55.37
CA LEU E 137 8.90 50.69 -55.84
C LEU E 137 8.74 50.65 -57.36
N SER E 138 8.02 49.64 -57.84
CA SER E 138 7.77 49.44 -59.26
C SER E 138 6.72 50.41 -59.82
N GLU E 139 6.68 50.57 -61.15
CA GLU E 139 5.72 51.46 -61.80
C GLU E 139 4.30 50.93 -61.64
N GLN E 140 4.11 49.60 -61.68
CA GLN E 140 2.78 49.01 -61.50
C GLN E 140 2.31 49.24 -60.08
N ASP E 141 3.21 49.14 -59.07
CA ASP E 141 2.83 49.40 -57.69
C ASP E 141 2.39 50.84 -57.50
N VAL E 142 3.04 51.81 -58.17
CA VAL E 142 2.62 53.22 -58.07
C VAL E 142 1.18 53.39 -58.58
N ARG E 143 0.84 52.74 -59.70
CA ARG E 143 -0.51 52.80 -60.25
C ARG E 143 -1.53 52.09 -59.37
N ASP E 144 -1.15 50.92 -58.81
CA ASP E 144 -2.05 50.15 -57.94
C ASP E 144 -2.29 50.86 -56.61
N LEU E 145 -1.26 51.52 -56.06
CA LEU E 145 -1.42 52.29 -54.83
C LEU E 145 -2.35 53.49 -55.06
N ARG E 146 -2.24 54.12 -56.24
CA ARG E 146 -3.12 55.22 -56.59
C ARG E 146 -4.56 54.73 -56.69
N PHE E 147 -4.77 53.54 -57.28
CA PHE E 147 -6.08 52.90 -57.37
C PHE E 147 -6.65 52.67 -55.95
N GLY E 148 -5.81 52.20 -55.03
CA GLY E 148 -6.23 51.97 -53.65
C GLY E 148 -6.73 53.22 -52.96
N VAL E 149 -6.01 54.34 -53.14
CA VAL E 149 -6.43 55.63 -52.57
C VAL E 149 -7.76 56.07 -53.17
N GLU E 150 -7.89 55.97 -54.50
CA GLU E 150 -9.12 56.37 -55.19
C GLU E 150 -10.33 55.52 -54.80
N HIS E 151 -10.10 54.24 -54.46
CA HIS E 151 -11.19 53.36 -54.05
C HIS E 151 -11.38 53.26 -52.52
N GLY E 152 -10.66 54.07 -51.75
CA GLY E 152 -10.80 54.11 -50.30
C GLY E 152 -10.40 52.87 -49.52
N VAL E 153 -9.30 52.21 -49.92
CA VAL E 153 -8.83 51.03 -49.17
C VAL E 153 -8.33 51.46 -47.79
N ASP E 154 -8.40 50.56 -46.82
CA ASP E 154 -8.00 50.87 -45.44
C ASP E 154 -6.56 50.56 -45.13
N ILE E 155 -6.03 49.51 -45.76
CA ILE E 155 -4.71 48.99 -45.46
C ILE E 155 -3.97 48.63 -46.74
N VAL E 156 -2.65 48.75 -46.72
CA VAL E 156 -1.80 48.27 -47.80
C VAL E 156 -0.88 47.20 -47.19
N PHE E 157 -0.83 46.01 -47.81
CA PHE E 157 0.12 44.96 -47.44
C PHE E 157 1.22 45.15 -48.49
N ALA E 158 2.33 45.80 -48.13
CA ALA E 158 3.41 46.09 -49.06
C ALA E 158 4.36 44.91 -49.24
N SER E 159 4.39 44.34 -50.45
CA SER E 159 5.24 43.18 -50.74
C SER E 159 6.73 43.46 -50.78
N PHE E 160 7.51 42.46 -50.35
CA PHE E 160 8.97 42.45 -50.34
C PHE E 160 9.60 43.73 -49.77
N VAL E 161 9.18 44.14 -48.56
CA VAL E 161 9.80 45.29 -47.92
C VAL E 161 11.17 44.85 -47.40
N ARG E 162 12.23 45.51 -47.86
CA ARG E 162 13.60 45.15 -47.48
C ARG E 162 14.32 46.18 -46.63
N LYS E 163 13.80 47.41 -46.55
CA LYS E 163 14.43 48.49 -45.79
C LYS E 163 13.41 49.62 -45.53
N ALA E 164 13.75 50.56 -44.64
CA ALA E 164 12.88 51.69 -44.30
C ALA E 164 12.50 52.55 -45.50
N SER E 165 13.42 52.75 -46.46
CA SER E 165 13.13 53.57 -47.64
C SER E 165 12.06 52.96 -48.55
N ASP E 166 11.86 51.63 -48.49
CA ASP E 166 10.78 50.99 -49.25
C ASP E 166 9.43 51.46 -48.69
N VAL E 167 9.31 51.59 -47.36
CA VAL E 167 8.08 52.03 -46.70
C VAL E 167 7.81 53.50 -47.04
N ALA E 168 8.86 54.33 -47.03
CA ALA E 168 8.74 55.75 -47.37
C ALA E 168 8.25 55.91 -48.81
N ALA E 169 8.72 55.06 -49.73
CA ALA E 169 8.29 55.11 -51.13
C ALA E 169 6.80 54.75 -51.25
N VAL E 170 6.32 53.75 -50.49
CA VAL E 170 4.91 53.37 -50.51
C VAL E 170 4.06 54.52 -49.96
N ARG E 171 4.52 55.13 -48.87
CA ARG E 171 3.83 56.25 -48.25
C ARG E 171 3.72 57.44 -49.23
N ALA E 172 4.82 57.74 -49.94
CA ALA E 172 4.84 58.83 -50.92
C ALA E 172 3.87 58.55 -52.08
N ALA E 173 3.83 57.29 -52.55
CA ALA E 173 2.93 56.88 -53.63
C ALA E 173 1.45 56.95 -53.26
N LEU E 174 1.13 56.86 -51.95
CA LEU E 174 -0.26 57.01 -51.50
C LEU E 174 -0.73 58.48 -51.55
N GLY E 175 0.21 59.43 -51.61
CA GLY E 175 -0.08 60.85 -51.72
C GLY E 175 -0.69 61.50 -50.49
N PRO E 176 -1.11 62.76 -50.64
CA PRO E 176 -1.71 63.46 -49.49
C PRO E 176 -3.10 62.96 -49.12
N GLU E 177 -3.84 62.36 -50.07
CA GLU E 177 -5.17 61.83 -49.77
C GLU E 177 -5.16 60.46 -49.09
N GLY E 178 -4.02 59.76 -49.09
CA GLY E 178 -3.93 58.44 -48.48
C GLY E 178 -3.14 58.41 -47.19
N HIS E 179 -3.09 59.53 -46.47
CA HIS E 179 -2.36 59.66 -45.21
C HIS E 179 -2.91 58.76 -44.11
N GLY E 180 -4.20 58.46 -44.14
CA GLY E 180 -4.85 57.63 -43.14
C GLY E 180 -4.73 56.14 -43.35
N ILE E 181 -4.24 55.71 -44.52
CA ILE E 181 -4.09 54.29 -44.84
C ILE E 181 -2.96 53.63 -44.03
N LYS E 182 -3.22 52.45 -43.44
CA LYS E 182 -2.20 51.75 -42.68
C LYS E 182 -1.27 50.98 -43.59
N ILE E 183 0.04 51.05 -43.37
CA ILE E 183 1.01 50.30 -44.16
C ILE E 183 1.54 49.14 -43.33
N ILE E 184 1.23 47.92 -43.77
CA ILE E 184 1.68 46.68 -43.13
C ILE E 184 2.78 46.16 -44.03
N SER E 185 4.04 46.16 -43.55
CA SER E 185 5.15 45.70 -44.37
C SER E 185 5.28 44.18 -44.37
N LYS E 186 5.33 43.58 -45.57
CA LYS E 186 5.50 42.15 -45.70
C LYS E 186 6.98 41.81 -45.69
N ILE E 187 7.40 40.95 -44.74
CA ILE E 187 8.78 40.49 -44.62
C ILE E 187 8.85 39.15 -45.33
N GLU E 188 9.57 39.11 -46.47
CA GLU E 188 9.59 37.93 -47.32
C GLU E 188 10.97 37.42 -47.70
N ASN E 189 12.04 38.03 -47.19
CA ASN E 189 13.39 37.57 -47.54
C ASN E 189 14.39 37.83 -46.42
N HIS E 190 15.65 37.36 -46.59
CA HIS E 190 16.69 37.52 -45.58
C HIS E 190 16.94 38.98 -45.21
N GLU E 191 17.01 39.88 -46.20
CA GLU E 191 17.25 41.31 -45.92
C GLU E 191 16.15 41.93 -45.07
N GLY E 192 14.89 41.63 -45.36
CA GLY E 192 13.78 42.12 -44.57
C GLY E 192 13.85 41.69 -43.11
N VAL E 193 14.27 40.43 -42.88
CA VAL E 193 14.42 39.90 -41.51
C VAL E 193 15.59 40.62 -40.81
N LYS E 194 16.74 40.76 -41.49
CA LYS E 194 17.90 41.43 -40.91
C LYS E 194 17.69 42.92 -40.63
N ARG E 195 16.93 43.60 -41.49
CA ARG E 195 16.61 45.01 -41.28
C ARG E 195 15.23 45.21 -40.64
N PHE E 196 14.72 44.19 -39.94
CA PHE E 196 13.40 44.23 -39.31
C PHE E 196 13.17 45.46 -38.43
N ASP E 197 14.10 45.78 -37.52
CA ASP E 197 13.89 46.90 -36.60
C ASP E 197 13.67 48.23 -37.30
N GLU E 198 14.45 48.52 -38.36
CA GLU E 198 14.26 49.79 -39.08
C GLU E 198 12.95 49.81 -39.87
N ILE E 199 12.51 48.64 -40.37
CA ILE E 199 11.26 48.51 -41.10
C ILE E 199 10.07 48.71 -40.15
N LEU E 200 10.07 48.01 -39.00
CA LEU E 200 8.99 48.12 -38.03
C LEU E 200 8.81 49.55 -37.52
N GLU E 201 9.93 50.25 -37.28
CA GLU E 201 9.92 51.62 -36.77
C GLU E 201 9.07 52.58 -37.64
N VAL E 202 9.15 52.42 -38.97
CA VAL E 202 8.40 53.29 -39.88
C VAL E 202 7.10 52.69 -40.43
N SER E 203 6.79 51.43 -40.07
CA SER E 203 5.57 50.79 -40.56
C SER E 203 4.47 50.84 -39.50
N ASP E 204 3.22 50.66 -39.92
CA ASP E 204 2.11 50.54 -38.96
C ASP E 204 2.04 49.11 -38.36
N GLY E 205 2.57 48.14 -39.09
CA GLY E 205 2.60 46.75 -38.67
C GLY E 205 3.37 45.89 -39.64
N ILE E 206 3.34 44.56 -39.40
CA ILE E 206 4.12 43.61 -40.19
C ILE E 206 3.30 42.39 -40.60
N MET E 207 3.63 41.80 -41.74
CA MET E 207 3.07 40.53 -42.15
C MET E 207 4.25 39.55 -42.30
N VAL E 208 4.17 38.39 -41.66
CA VAL E 208 5.17 37.34 -41.81
C VAL E 208 4.68 36.58 -43.05
N ALA E 209 5.21 36.93 -44.23
CA ALA E 209 4.78 36.37 -45.51
C ALA E 209 5.56 35.10 -45.77
N ARG E 210 5.11 33.99 -45.16
CA ARG E 210 5.83 32.73 -45.12
C ARG E 210 6.04 32.03 -46.47
N GLY E 211 5.22 32.32 -47.47
CA GLY E 211 5.36 31.72 -48.80
C GLY E 211 6.71 32.02 -49.42
N ASP E 212 6.98 33.30 -49.68
CA ASP E 212 8.27 33.72 -50.22
C ASP E 212 9.37 33.56 -49.20
N LEU E 213 9.09 33.85 -47.91
CA LEU E 213 10.13 33.70 -46.87
C LEU E 213 10.71 32.28 -46.83
N GLY E 214 9.84 31.28 -47.00
CA GLY E 214 10.20 29.86 -46.99
C GLY E 214 10.96 29.37 -48.21
N ILE E 215 11.08 30.22 -49.24
CA ILE E 215 11.87 29.95 -50.45
C ILE E 215 13.16 30.80 -50.42
N GLU E 216 13.10 32.01 -49.81
CA GLU E 216 14.23 32.93 -49.70
C GLU E 216 15.24 32.51 -48.62
N ILE E 217 14.73 31.95 -47.50
CA ILE E 217 15.57 31.42 -46.45
C ILE E 217 15.27 29.91 -46.29
N PRO E 218 16.15 29.10 -45.65
CA PRO E 218 15.82 27.67 -45.47
C PRO E 218 14.45 27.47 -44.81
N ALA E 219 13.65 26.53 -45.35
CA ALA E 219 12.30 26.28 -44.85
C ALA E 219 12.24 26.00 -43.35
N GLU E 220 13.27 25.33 -42.83
CA GLU E 220 13.36 24.97 -41.42
C GLU E 220 13.67 26.15 -40.49
N LYS E 221 13.92 27.36 -41.04
CA LYS E 221 14.20 28.53 -40.22
C LYS E 221 13.03 29.51 -40.16
N VAL E 222 11.98 29.31 -40.97
CA VAL E 222 10.83 30.21 -41.00
C VAL E 222 10.18 30.39 -39.63
N PHE E 223 10.02 29.31 -38.86
CA PHE E 223 9.41 29.42 -37.52
C PHE E 223 10.20 30.38 -36.59
N LEU E 224 11.54 30.45 -36.73
CA LEU E 224 12.37 31.35 -35.91
C LEU E 224 12.07 32.79 -36.30
N ALA E 225 12.00 33.07 -37.61
CA ALA E 225 11.68 34.41 -38.12
C ALA E 225 10.28 34.82 -37.69
N GLN E 226 9.31 33.89 -37.75
CA GLN E 226 7.92 34.15 -37.34
C GLN E 226 7.84 34.50 -35.87
N LYS E 227 8.43 33.66 -35.00
CA LYS E 227 8.35 33.89 -33.55
C LYS E 227 9.08 35.17 -33.13
N MET E 228 10.21 35.49 -33.78
CA MET E 228 10.96 36.70 -33.50
C MET E 228 10.16 37.94 -33.90
N MET E 229 9.61 37.95 -35.12
CA MET E 229 8.85 39.10 -35.61
C MET E 229 7.59 39.33 -34.81
N ILE E 230 6.88 38.25 -34.43
CA ILE E 230 5.68 38.38 -33.61
C ILE E 230 6.04 38.95 -32.23
N GLY E 231 7.12 38.44 -31.63
CA GLY E 231 7.57 38.92 -30.34
C GLY E 231 7.96 40.39 -30.36
N ARG E 232 8.70 40.82 -31.40
CA ARG E 232 9.10 42.23 -31.53
C ARG E 232 7.91 43.15 -31.81
N CYS E 233 6.92 42.68 -32.57
CA CYS E 233 5.71 43.48 -32.81
C CYS E 233 4.90 43.59 -31.53
N ASN E 234 4.81 42.51 -30.74
CA ASN E 234 4.11 42.53 -29.46
C ASN E 234 4.79 43.53 -28.51
N LEU E 235 6.14 43.55 -28.51
CA LEU E 235 6.91 44.47 -27.68
C LEU E 235 6.66 45.93 -28.11
N ALA E 236 6.61 46.19 -29.43
CA ALA E 236 6.35 47.52 -29.97
C ALA E 236 4.87 47.97 -29.88
N GLY E 237 3.96 47.04 -29.62
CA GLY E 237 2.54 47.34 -29.59
C GLY E 237 1.98 47.60 -30.98
N LYS E 238 2.54 46.96 -32.03
CA LYS E 238 2.10 47.14 -33.41
C LYS E 238 1.57 45.83 -33.98
N PRO E 239 0.51 45.88 -34.81
CA PRO E 239 -0.06 44.64 -35.33
C PRO E 239 0.84 43.77 -36.17
N VAL E 240 0.70 42.45 -36.00
CA VAL E 240 1.47 41.48 -36.77
C VAL E 240 0.51 40.40 -37.31
N VAL E 241 0.68 40.07 -38.59
CA VAL E 241 -0.15 39.08 -39.28
C VAL E 241 0.67 37.83 -39.58
N CYS E 242 0.10 36.64 -39.32
CA CYS E 242 0.77 35.41 -39.74
C CYS E 242 0.06 34.96 -41.02
N ALA E 243 0.82 34.66 -42.07
CA ALA E 243 0.21 34.35 -43.36
C ALA E 243 0.81 33.15 -44.07
N THR E 244 0.02 32.54 -44.97
CA THR E 244 0.33 31.57 -46.02
C THR E 244 0.42 30.13 -45.58
N GLN E 245 -0.40 29.30 -46.26
CA GLN E 245 -0.50 27.85 -46.13
C GLN E 245 -0.93 27.39 -44.75
N MET E 246 -1.63 28.24 -43.98
CA MET E 246 -2.11 27.90 -42.65
C MET E 246 -3.10 26.74 -42.69
N LEU E 247 -4.01 26.72 -43.68
CA LEU E 247 -4.99 25.62 -43.86
C LEU E 247 -4.95 25.13 -45.32
N GLU E 248 -3.76 25.08 -45.92
CA GLU E 248 -3.55 24.76 -47.34
C GLU E 248 -4.36 23.59 -47.91
N SER E 249 -4.38 22.43 -47.23
CA SER E 249 -5.12 21.27 -47.71
C SER E 249 -6.62 21.52 -47.89
N MET E 250 -7.19 22.53 -47.21
CA MET E 250 -8.61 22.86 -47.36
C MET E 250 -8.95 23.45 -48.74
N ILE E 251 -7.94 23.69 -49.61
CA ILE E 251 -8.20 24.13 -50.98
C ILE E 251 -8.99 23.03 -51.72
N THR E 252 -8.66 21.75 -51.43
CA THR E 252 -9.38 20.62 -52.03
C THR E 252 -10.13 19.75 -51.02
N LYS E 253 -9.78 19.80 -49.73
CA LYS E 253 -10.42 18.93 -48.72
C LYS E 253 -11.30 19.67 -47.74
N PRO E 254 -12.41 19.06 -47.27
CA PRO E 254 -13.31 19.77 -46.33
C PRO E 254 -12.78 19.94 -44.91
N ARG E 255 -11.77 19.15 -44.53
CA ARG E 255 -11.19 19.21 -43.20
C ARG E 255 -9.67 19.38 -43.32
N PRO E 256 -9.05 20.15 -42.41
CA PRO E 256 -7.60 20.37 -42.51
C PRO E 256 -6.78 19.22 -41.89
N THR E 257 -5.45 19.25 -42.11
CA THR E 257 -4.59 18.24 -41.50
C THR E 257 -4.31 18.62 -40.02
N ARG E 258 -3.73 17.67 -39.25
CA ARG E 258 -3.36 17.93 -37.86
C ARG E 258 -2.27 19.01 -37.76
N ALA E 259 -1.38 19.11 -38.76
CA ALA E 259 -0.34 20.14 -38.76
C ALA E 259 -0.92 21.53 -38.99
N GLU E 260 -1.98 21.61 -39.82
CA GLU E 260 -2.63 22.88 -40.13
C GLU E 260 -3.37 23.47 -38.94
N THR E 261 -4.15 22.64 -38.20
CA THR E 261 -4.83 23.16 -37.00
C THR E 261 -3.81 23.59 -35.95
N SER E 262 -2.72 22.82 -35.81
CA SER E 262 -1.63 23.13 -34.91
C SER E 262 -0.99 24.47 -35.30
N ASP E 263 -0.72 24.69 -36.60
CA ASP E 263 -0.12 25.94 -37.09
C ASP E 263 -0.97 27.17 -36.75
N VAL E 264 -2.28 27.08 -36.95
CA VAL E 264 -3.18 28.19 -36.63
C VAL E 264 -3.16 28.47 -35.12
N ALA E 265 -3.28 27.41 -34.31
CA ALA E 265 -3.29 27.57 -32.85
C ALA E 265 -1.98 28.17 -32.36
N ASN E 266 -0.84 27.71 -32.90
CA ASN E 266 0.47 28.19 -32.51
C ASN E 266 0.73 29.63 -32.97
N ALA E 267 0.15 30.08 -34.10
CA ALA E 267 0.31 31.49 -34.51
C ALA E 267 -0.39 32.40 -33.50
N VAL E 268 -1.58 31.99 -33.02
CA VAL E 268 -2.32 32.75 -32.02
C VAL E 268 -1.53 32.73 -30.69
N LEU E 269 -1.06 31.55 -30.27
CA LEU E 269 -0.28 31.44 -29.03
C LEU E 269 1.01 32.26 -29.11
N ASP E 270 1.66 32.32 -30.28
CA ASP E 270 2.87 33.12 -30.52
C ASP E 270 2.62 34.61 -30.24
N GLY E 271 1.42 35.09 -30.55
CA GLY E 271 1.02 36.46 -30.33
C GLY E 271 0.51 37.20 -31.57
N ALA E 272 0.19 36.47 -32.66
CA ALA E 272 -0.29 37.13 -33.88
C ALA E 272 -1.61 37.88 -33.66
N ASP E 273 -1.68 39.12 -34.14
CA ASP E 273 -2.92 39.88 -34.05
C ASP E 273 -3.94 39.39 -35.07
N CYS E 274 -3.46 38.99 -36.26
CA CYS E 274 -4.27 38.49 -37.36
C CYS E 274 -3.72 37.19 -37.92
N ILE E 275 -4.60 36.36 -38.44
CA ILE E 275 -4.25 35.17 -39.18
C ILE E 275 -4.88 35.31 -40.59
N MET E 276 -4.27 34.69 -41.59
CA MET E 276 -4.71 34.89 -42.97
C MET E 276 -4.98 33.62 -43.74
N LEU E 277 -5.84 33.73 -44.76
CA LEU E 277 -6.17 32.67 -45.71
C LEU E 277 -5.90 33.26 -47.10
N SER E 278 -5.18 32.50 -47.96
CA SER E 278 -4.86 32.96 -49.30
C SER E 278 -5.62 32.13 -50.35
N GLY E 279 -4.99 31.11 -50.92
CA GLY E 279 -5.62 30.22 -51.88
C GLY E 279 -6.83 29.52 -51.32
N GLU E 280 -6.86 29.32 -49.96
CA GLU E 280 -7.96 28.67 -49.26
C GLU E 280 -9.28 29.37 -49.50
N THR E 281 -9.27 30.71 -49.62
CA THR E 281 -10.49 31.50 -49.85
C THR E 281 -10.54 32.11 -51.25
N ALA E 282 -9.38 32.34 -51.88
CA ALA E 282 -9.35 32.96 -53.20
C ALA E 282 -9.77 31.98 -54.30
N LYS E 283 -9.29 30.74 -54.25
CA LYS E 283 -9.60 29.77 -55.30
C LYS E 283 -10.06 28.40 -54.81
N GLY E 284 -10.10 28.20 -53.50
CA GLY E 284 -10.44 26.90 -52.93
C GLY E 284 -11.88 26.47 -53.05
N ASN E 285 -12.12 25.18 -52.76
CA ASN E 285 -13.46 24.63 -52.80
C ASN E 285 -14.24 24.79 -51.52
N PHE E 286 -13.57 25.17 -50.41
CA PHE E 286 -14.24 25.34 -49.13
C PHE E 286 -13.87 26.70 -48.46
N PRO E 287 -14.08 27.86 -49.14
CA PRO E 287 -13.70 29.15 -48.53
C PRO E 287 -14.39 29.47 -47.20
N VAL E 288 -15.70 29.21 -47.10
CA VAL E 288 -16.45 29.49 -45.89
C VAL E 288 -16.00 28.57 -44.75
N GLU E 289 -15.76 27.29 -45.06
CA GLU E 289 -15.33 26.32 -44.06
C GLU E 289 -13.90 26.64 -43.53
N ALA E 290 -13.04 27.20 -44.38
CA ALA E 290 -11.69 27.59 -43.99
C ALA E 290 -11.76 28.76 -42.98
N VAL E 291 -12.66 29.72 -43.21
CA VAL E 291 -12.87 30.84 -42.29
C VAL E 291 -13.43 30.29 -40.97
N LYS E 292 -14.41 29.38 -41.04
CA LYS E 292 -15.03 28.78 -39.85
C LYS E 292 -13.98 28.03 -39.00
N MET E 293 -13.05 27.33 -39.68
CA MET E 293 -12.01 26.57 -39.00
C MET E 293 -11.04 27.51 -38.29
N GLN E 294 -10.62 28.62 -38.94
CA GLN E 294 -9.72 29.58 -38.29
C GLN E 294 -10.41 30.22 -37.09
N HIS E 295 -11.73 30.50 -37.20
CA HIS E 295 -12.49 31.07 -36.09
C HIS E 295 -12.52 30.12 -34.89
N ALA E 296 -12.85 28.85 -35.12
CA ALA E 296 -12.93 27.83 -34.07
C ALA E 296 -11.59 27.60 -33.37
N ILE E 297 -10.50 27.50 -34.14
CA ILE E 297 -9.17 27.29 -33.55
C ILE E 297 -8.72 28.52 -32.76
N ALA E 298 -8.86 29.74 -33.35
CA ALA E 298 -8.45 30.97 -32.67
C ALA E 298 -9.10 31.14 -31.30
N ARG E 299 -10.41 30.85 -31.20
CA ARG E 299 -11.11 30.95 -29.94
C ARG E 299 -10.52 29.99 -28.89
N GLU E 300 -10.22 28.75 -29.28
CA GLU E 300 -9.63 27.77 -28.37
C GLU E 300 -8.23 28.23 -27.93
N ALA E 301 -7.42 28.72 -28.87
CA ALA E 301 -6.04 29.14 -28.57
C ALA E 301 -5.98 30.38 -27.70
N GLU E 302 -6.89 31.33 -27.91
CA GLU E 302 -6.94 32.56 -27.11
C GLU E 302 -7.23 32.26 -25.64
N ALA E 303 -8.11 31.30 -25.36
CA ALA E 303 -8.38 30.91 -23.98
C ALA E 303 -7.16 30.21 -23.33
N ALA E 304 -6.32 29.54 -24.14
CA ALA E 304 -5.13 28.82 -23.68
C ALA E 304 -3.90 29.72 -23.50
N VAL E 305 -4.01 31.03 -23.78
CA VAL E 305 -2.91 31.96 -23.57
C VAL E 305 -2.62 32.05 -22.06
N TYR E 306 -1.34 31.98 -21.67
CA TYR E 306 -0.94 32.07 -20.27
C TYR E 306 -0.82 33.53 -19.87
N HIS E 307 -1.97 34.21 -19.63
CA HIS E 307 -1.99 35.63 -19.31
C HIS E 307 -1.18 36.03 -18.09
N ARG E 308 -1.07 35.16 -17.08
CA ARG E 308 -0.30 35.49 -15.88
C ARG E 308 1.13 35.92 -16.20
N GLN E 309 1.84 35.13 -17.03
CA GLN E 309 3.20 35.49 -17.40
C GLN E 309 3.23 36.52 -18.51
N LEU E 310 2.32 36.40 -19.49
CA LEU E 310 2.26 37.32 -20.61
C LEU E 310 2.07 38.78 -20.15
N PHE E 311 1.10 39.04 -19.28
CA PHE E 311 0.85 40.40 -18.79
C PHE E 311 2.04 40.90 -18.01
N GLU E 312 2.60 40.05 -17.12
CA GLU E 312 3.78 40.46 -16.37
C GLU E 312 4.96 40.87 -17.28
N GLU E 313 5.23 40.09 -18.33
CA GLU E 313 6.33 40.41 -19.25
C GLU E 313 6.04 41.63 -20.15
N LEU E 314 4.79 41.79 -20.57
CA LEU E 314 4.42 42.96 -21.38
C LEU E 314 4.49 44.23 -20.54
N ARG E 315 3.96 44.16 -19.33
CA ARG E 315 3.96 45.24 -18.35
C ARG E 315 5.41 45.68 -18.05
N ARG E 316 6.32 44.71 -17.86
CA ARG E 316 7.73 44.98 -17.56
C ARG E 316 8.49 45.57 -18.73
N ALA E 317 8.30 45.02 -19.94
CA ALA E 317 9.01 45.48 -21.12
C ALA E 317 8.49 46.80 -21.70
N ALA E 318 7.20 47.17 -21.47
CA ALA E 318 6.68 48.43 -22.01
C ALA E 318 7.34 49.56 -21.24
N PRO E 319 7.91 50.54 -21.93
CA PRO E 319 8.66 51.59 -21.23
C PRO E 319 7.83 52.45 -20.33
N LEU E 320 8.47 53.11 -19.36
CA LEU E 320 7.78 54.10 -18.51
C LEU E 320 7.33 55.26 -19.43
N SER E 321 6.21 55.88 -19.12
CA SER E 321 5.65 56.90 -20.00
C SER E 321 4.97 57.98 -19.25
N ARG E 322 5.06 59.20 -19.76
CA ARG E 322 4.29 60.32 -19.23
C ARG E 322 3.11 60.69 -20.16
N ASP E 323 2.79 59.86 -21.16
CA ASP E 323 1.65 60.06 -22.04
C ASP E 323 0.41 59.55 -21.28
N PRO E 324 -0.59 60.40 -21.05
CA PRO E 324 -1.77 59.95 -20.29
C PRO E 324 -2.56 58.80 -20.93
N THR E 325 -2.56 58.67 -22.28
CA THR E 325 -3.26 57.54 -22.92
C THR E 325 -2.58 56.22 -22.54
N GLU E 326 -1.25 56.20 -22.59
CA GLU E 326 -0.44 55.03 -22.24
C GLU E 326 -0.65 54.67 -20.74
N VAL E 327 -0.64 55.68 -19.87
CA VAL E 327 -0.80 55.49 -18.42
C VAL E 327 -2.19 54.95 -18.09
N THR E 328 -3.23 55.54 -18.73
CA THR E 328 -4.61 55.09 -18.53
C THR E 328 -4.79 53.67 -19.01
N ALA E 329 -4.19 53.32 -20.17
CA ALA E 329 -4.32 51.98 -20.75
C ALA E 329 -3.83 50.87 -19.82
N ILE E 330 -2.63 51.05 -19.22
CA ILE E 330 -2.12 49.99 -18.34
C ILE E 330 -2.94 49.91 -17.05
N GLY E 331 -3.39 51.05 -16.53
CA GLY E 331 -4.25 51.07 -15.35
C GLY E 331 -5.58 50.37 -15.61
N ALA E 332 -6.15 50.57 -16.81
CA ALA E 332 -7.42 49.95 -17.21
C ALA E 332 -7.27 48.44 -17.38
N VAL E 333 -6.17 47.97 -17.99
CA VAL E 333 -5.96 46.53 -18.18
C VAL E 333 -5.73 45.85 -16.82
N GLU E 334 -4.99 46.52 -15.92
CA GLU E 334 -4.76 46.00 -14.58
C GLU E 334 -6.09 45.88 -13.83
N ALA E 335 -6.93 46.93 -13.91
CA ALA E 335 -8.26 46.94 -13.28
C ALA E 335 -9.15 45.82 -13.85
N ALA E 336 -9.12 45.62 -15.18
CA ALA E 336 -9.91 44.58 -15.83
C ALA E 336 -9.55 43.18 -15.30
N PHE E 337 -8.24 42.89 -15.16
CA PHE E 337 -7.80 41.60 -14.64
C PHE E 337 -8.24 41.39 -13.19
N LYS E 338 -8.19 42.45 -12.38
CA LYS E 338 -8.54 42.40 -10.96
C LYS E 338 -10.00 41.98 -10.71
N CYS E 339 -10.92 42.41 -11.59
CA CYS E 339 -12.33 42.10 -11.41
C CYS E 339 -12.90 41.12 -12.42
N CYS E 340 -12.06 40.52 -13.30
CA CYS E 340 -12.53 39.63 -14.38
C CYS E 340 -13.54 40.37 -15.24
N ALA E 341 -13.24 41.65 -15.58
CA ALA E 341 -14.15 42.49 -16.37
C ALA E 341 -14.53 41.82 -17.68
N ALA E 342 -15.82 41.88 -18.04
CA ALA E 342 -16.26 41.29 -19.29
C ALA E 342 -15.72 42.09 -20.49
N ALA E 343 -15.56 43.41 -20.33
CA ALA E 343 -15.07 44.26 -21.41
C ALA E 343 -14.44 45.57 -20.90
N ILE E 344 -13.64 46.20 -21.76
CA ILE E 344 -13.11 47.52 -21.58
C ILE E 344 -13.76 48.31 -22.72
N ILE E 345 -14.63 49.28 -22.42
CA ILE E 345 -15.26 50.09 -23.45
C ILE E 345 -14.43 51.36 -23.60
N VAL E 346 -13.94 51.63 -24.80
CA VAL E 346 -13.09 52.80 -25.03
C VAL E 346 -13.63 53.67 -26.17
N LEU E 347 -13.58 54.98 -25.99
CA LEU E 347 -13.95 55.91 -27.05
C LEU E 347 -12.68 56.25 -27.80
N THR E 348 -12.70 56.19 -29.13
CA THR E 348 -11.52 56.46 -29.93
C THR E 348 -11.83 57.12 -31.26
N THR E 349 -11.01 58.07 -31.67
CA THR E 349 -11.19 58.77 -32.95
C THR E 349 -10.36 58.08 -34.04
N THR E 350 -9.09 57.79 -33.75
CA THR E 350 -8.15 57.19 -34.68
C THR E 350 -7.92 55.69 -34.48
N GLY E 351 -8.37 55.16 -33.34
CA GLY E 351 -8.12 53.79 -32.94
C GLY E 351 -6.97 53.66 -31.95
N ARG E 352 -6.13 54.72 -31.77
CA ARG E 352 -4.94 54.68 -30.91
C ARG E 352 -5.21 54.27 -29.44
N SER E 353 -6.27 54.80 -28.79
CA SER E 353 -6.55 54.43 -27.41
C SER E 353 -6.89 52.93 -27.28
N ALA E 354 -7.55 52.35 -28.30
CA ALA E 354 -7.88 50.93 -28.30
C ALA E 354 -6.62 50.09 -28.57
N GLN E 355 -5.72 50.59 -29.44
CA GLN E 355 -4.46 49.90 -29.74
C GLN E 355 -3.58 49.83 -28.48
N LEU E 356 -3.53 50.90 -27.67
CA LEU E 356 -2.72 50.91 -26.45
C LEU E 356 -3.29 49.98 -25.37
N LEU E 357 -4.59 49.71 -25.38
CA LEU E 357 -5.18 48.75 -24.46
C LEU E 357 -4.84 47.33 -24.96
N SER E 358 -4.99 47.09 -26.27
CA SER E 358 -4.73 45.83 -26.94
CA SER E 358 -4.73 45.80 -26.88
C SER E 358 -3.28 45.32 -26.74
N ARG E 359 -2.30 46.23 -26.71
CA ARG E 359 -0.89 45.86 -26.56
C ARG E 359 -0.61 45.13 -25.23
N TYR E 360 -1.44 45.33 -24.20
CA TYR E 360 -1.28 44.63 -22.92
C TYR E 360 -2.00 43.29 -22.86
N ARG E 361 -2.61 42.85 -23.98
CA ARG E 361 -3.31 41.60 -24.15
C ARG E 361 -4.31 41.29 -23.02
N PRO E 362 -5.29 42.18 -22.76
CA PRO E 362 -6.29 41.88 -21.74
C PRO E 362 -7.13 40.68 -22.15
N ARG E 363 -7.65 39.97 -21.15
CA ARG E 363 -8.62 38.89 -21.43
C ARG E 363 -9.98 39.54 -21.78
N ALA E 364 -10.30 40.69 -21.16
CA ALA E 364 -11.52 41.45 -21.42
C ALA E 364 -11.52 41.96 -22.85
N ALA E 365 -12.66 41.87 -23.54
CA ALA E 365 -12.79 42.36 -24.90
C ALA E 365 -12.65 43.89 -24.89
N VAL E 366 -11.98 44.47 -25.88
CA VAL E 366 -11.85 45.93 -25.97
C VAL E 366 -12.92 46.40 -26.96
N ILE E 367 -14.01 46.96 -26.45
CA ILE E 367 -15.09 47.44 -27.31
C ILE E 367 -14.80 48.89 -27.66
N ALA E 368 -14.41 49.15 -28.92
CA ALA E 368 -14.01 50.49 -29.33
C ALA E 368 -15.14 51.23 -30.06
N VAL E 369 -15.66 52.30 -29.45
CA VAL E 369 -16.73 53.09 -30.04
C VAL E 369 -16.12 54.26 -30.79
N THR E 370 -16.39 54.35 -32.09
CA THR E 370 -15.84 55.42 -32.91
C THR E 370 -16.84 55.94 -33.94
N ARG E 371 -16.72 57.22 -34.30
CA ARG E 371 -17.50 57.81 -35.39
C ARG E 371 -16.77 57.64 -36.75
N SER E 372 -15.46 57.31 -36.74
CA SER E 372 -14.70 57.14 -37.96
C SER E 372 -14.94 55.73 -38.53
N ALA E 373 -15.58 55.65 -39.71
CA ALA E 373 -15.81 54.37 -40.37
C ALA E 373 -14.49 53.69 -40.74
N GLN E 374 -13.50 54.49 -41.15
CA GLN E 374 -12.19 53.96 -41.49
C GLN E 374 -11.47 53.41 -40.24
N ALA E 375 -11.50 54.13 -39.09
CA ALA E 375 -10.86 53.64 -37.86
C ALA E 375 -11.53 52.35 -37.39
N ALA E 376 -12.87 52.27 -37.52
CA ALA E 376 -13.63 51.06 -37.16
C ALA E 376 -13.15 49.86 -37.98
N ARG E 377 -12.87 50.05 -39.28
CA ARG E 377 -12.37 48.96 -40.12
C ARG E 377 -10.92 48.62 -39.76
N GLN E 378 -10.06 49.64 -39.61
CA GLN E 378 -8.64 49.44 -39.34
C GLN E 378 -8.31 48.80 -37.98
N VAL E 379 -9.11 49.04 -36.93
CA VAL E 379 -8.79 48.47 -35.60
C VAL E 379 -8.89 46.94 -35.56
N HIS E 380 -9.44 46.31 -36.63
CA HIS E 380 -9.44 44.85 -36.76
C HIS E 380 -7.98 44.33 -36.79
N LEU E 381 -6.99 45.18 -37.12
CA LEU E 381 -5.59 44.78 -37.11
C LEU E 381 -5.08 44.48 -35.68
N CYS E 382 -5.74 45.02 -34.63
CA CYS E 382 -5.31 44.87 -33.23
C CYS E 382 -6.08 43.80 -32.51
N ARG E 383 -5.38 42.80 -31.95
CA ARG E 383 -6.08 41.70 -31.27
C ARG E 383 -7.01 42.16 -30.16
N GLY E 384 -8.21 41.61 -30.15
CA GLY E 384 -9.17 41.86 -29.08
C GLY E 384 -9.91 43.17 -29.14
N VAL E 385 -9.81 43.89 -30.27
CA VAL E 385 -10.55 45.14 -30.43
C VAL E 385 -11.78 44.86 -31.28
N PHE E 386 -12.97 45.15 -30.74
CA PHE E 386 -14.25 44.95 -31.38
C PHE E 386 -14.84 46.32 -31.71
N PRO E 387 -14.72 46.73 -32.99
CA PRO E 387 -15.18 48.07 -33.37
C PRO E 387 -16.69 48.23 -33.48
N LEU E 388 -17.19 49.35 -32.96
CA LEU E 388 -18.59 49.71 -33.04
C LEU E 388 -18.68 51.08 -33.69
N LEU E 389 -19.29 51.14 -34.88
CA LEU E 389 -19.42 52.40 -35.59
C LEU E 389 -20.65 53.17 -35.10
N TYR E 390 -20.42 54.34 -34.48
CA TYR E 390 -21.47 55.20 -33.96
C TYR E 390 -21.88 56.19 -35.07
N ARG E 391 -23.17 56.22 -35.42
CA ARG E 391 -23.63 57.08 -36.52
C ARG E 391 -24.46 58.28 -36.07
N GLU E 392 -24.83 58.38 -34.79
CA GLU E 392 -25.67 59.48 -34.31
C GLU E 392 -24.97 60.83 -34.32
N PRO E 393 -25.71 61.89 -34.68
CA PRO E 393 -25.10 63.23 -34.68
C PRO E 393 -24.78 63.71 -33.26
N PRO E 394 -23.77 64.57 -33.12
CA PRO E 394 -23.36 65.01 -31.77
C PRO E 394 -24.42 65.71 -30.94
N GLU E 395 -24.45 65.38 -29.64
CA GLU E 395 -25.31 66.03 -28.66
C GLU E 395 -24.79 67.45 -28.43
N ALA E 396 -25.66 68.37 -28.00
CA ALA E 396 -25.27 69.76 -27.74
C ALA E 396 -24.23 69.84 -26.62
N ILE E 397 -24.39 69.03 -25.57
CA ILE E 397 -23.45 69.00 -24.46
C ILE E 397 -22.48 67.84 -24.68
N TRP E 398 -21.18 68.13 -24.81
CA TRP E 398 -20.15 67.12 -25.07
C TRP E 398 -20.15 65.95 -24.06
N ALA E 399 -20.30 66.23 -22.76
CA ALA E 399 -20.36 65.18 -21.74
C ALA E 399 -21.51 64.22 -21.99
N ASP E 400 -22.66 64.72 -22.48
CA ASP E 400 -23.82 63.88 -22.81
C ASP E 400 -23.52 63.03 -24.03
N ASP E 401 -22.80 63.57 -25.02
CA ASP E 401 -22.43 62.85 -26.23
C ASP E 401 -21.50 61.68 -25.87
N VAL E 402 -20.55 61.92 -24.93
CA VAL E 402 -19.64 60.88 -24.44
C VAL E 402 -20.44 59.78 -23.77
N ASP E 403 -21.36 60.16 -22.86
CA ASP E 403 -22.23 59.21 -22.15
C ASP E 403 -23.08 58.37 -23.09
N ARG E 404 -23.61 59.00 -24.15
CA ARG E 404 -24.42 58.26 -25.13
C ARG E 404 -23.60 57.20 -25.85
N ARG E 405 -22.34 57.51 -26.15
CA ARG E 405 -21.45 56.57 -26.83
C ARG E 405 -21.08 55.40 -25.92
N VAL E 406 -20.88 55.66 -24.63
CA VAL E 406 -20.58 54.61 -23.66
C VAL E 406 -21.80 53.68 -23.54
N GLN E 407 -23.01 54.27 -23.46
CA GLN E 407 -24.26 53.50 -23.40
C GLN E 407 -24.48 52.68 -24.67
N PHE E 408 -24.09 53.22 -25.83
CA PHE E 408 -24.17 52.49 -27.10
C PHE E 408 -23.26 51.26 -27.06
N GLY E 409 -22.07 51.40 -26.47
CA GLY E 409 -21.13 50.30 -26.30
C GLY E 409 -21.70 49.22 -25.40
N ILE E 410 -22.35 49.61 -24.29
CA ILE E 410 -22.97 48.67 -23.36
C ILE E 410 -24.14 47.93 -24.00
N GLU E 411 -25.03 48.67 -24.68
CA GLU E 411 -26.18 48.06 -25.34
C GLU E 411 -25.76 47.13 -26.49
N SER E 412 -24.74 47.50 -27.28
CA SER E 412 -24.24 46.60 -28.33
C SER E 412 -23.61 45.34 -27.71
N GLY E 413 -22.89 45.52 -26.61
CA GLY E 413 -22.27 44.43 -25.88
C GLY E 413 -23.30 43.45 -25.37
N LYS E 414 -24.40 43.96 -24.79
CA LYS E 414 -25.48 43.12 -24.28
C LYS E 414 -26.12 42.33 -25.43
N LEU E 415 -26.39 43.00 -26.55
CA LEU E 415 -27.01 42.38 -27.71
C LEU E 415 -26.14 41.28 -28.28
N ARG E 416 -24.82 41.52 -28.37
CA ARG E 416 -23.91 40.55 -28.95
C ARG E 416 -23.43 39.43 -27.99
N GLY E 417 -23.83 39.49 -26.73
CA GLY E 417 -23.44 38.48 -25.76
C GLY E 417 -22.15 38.74 -25.00
N PHE E 418 -21.51 39.89 -25.23
CA PHE E 418 -20.28 40.29 -24.54
C PHE E 418 -20.55 40.58 -23.08
N LEU E 419 -21.69 41.21 -22.79
CA LEU E 419 -22.05 41.69 -21.47
C LEU E 419 -23.41 41.22 -21.02
N ARG E 420 -23.57 41.09 -19.71
CA ARG E 420 -24.84 40.76 -19.09
C ARG E 420 -25.01 41.66 -17.85
N VAL E 421 -26.23 41.75 -17.32
CA VAL E 421 -26.50 42.52 -16.12
C VAL E 421 -25.72 41.90 -14.94
N GLY E 422 -25.03 42.74 -14.19
CA GLY E 422 -24.21 42.25 -13.08
C GLY E 422 -22.73 42.21 -13.41
N ASP E 423 -22.36 42.25 -14.71
CA ASP E 423 -20.95 42.26 -15.11
C ASP E 423 -20.30 43.59 -14.75
N LEU E 424 -18.97 43.57 -14.59
CA LEU E 424 -18.22 44.81 -14.37
C LEU E 424 -17.52 45.13 -15.69
N VAL E 425 -17.49 46.40 -16.05
CA VAL E 425 -16.77 46.85 -17.23
C VAL E 425 -15.84 48.00 -16.83
N ILE E 426 -14.78 48.17 -17.59
CA ILE E 426 -13.87 49.29 -17.40
C ILE E 426 -14.18 50.26 -18.56
N VAL E 427 -14.41 51.54 -18.28
CA VAL E 427 -14.72 52.51 -19.33
C VAL E 427 -13.59 53.51 -19.44
N VAL E 428 -13.04 53.67 -20.64
CA VAL E 428 -11.91 54.54 -20.91
C VAL E 428 -12.33 55.71 -21.82
N THR E 429 -12.22 56.94 -21.30
CA THR E 429 -12.60 58.17 -22.02
C THR E 429 -11.50 59.27 -21.83
N GLY E 430 -11.72 60.47 -22.39
CA GLY E 430 -10.80 61.60 -22.29
C GLY E 430 -11.43 62.83 -21.68
N TRP E 431 -10.62 63.86 -21.41
CA TRP E 431 -11.09 65.07 -20.73
C TRP E 431 -11.61 66.17 -21.67
N ARG E 432 -11.35 66.05 -22.97
CA ARG E 432 -11.78 67.03 -23.97
C ARG E 432 -11.96 66.36 -25.35
N PRO E 433 -12.72 66.98 -26.28
CA PRO E 433 -12.88 66.39 -27.61
C PRO E 433 -11.58 66.34 -28.41
N GLY E 434 -11.55 65.51 -29.45
CA GLY E 434 -10.39 65.37 -30.30
C GLY E 434 -9.50 64.22 -29.86
N SER E 435 -8.70 63.69 -30.78
CA SER E 435 -7.77 62.59 -30.51
C SER E 435 -6.60 63.02 -29.62
N GLY E 436 -6.12 62.11 -28.78
CA GLY E 436 -4.94 62.35 -27.96
C GLY E 436 -5.14 62.73 -26.51
N TYR E 437 -6.39 62.81 -26.03
CA TYR E 437 -6.66 63.27 -24.68
C TYR E 437 -7.29 62.23 -23.74
N THR E 438 -7.17 60.93 -24.06
CA THR E 438 -7.67 59.88 -23.17
C THR E 438 -6.90 59.96 -21.82
N ASN E 439 -7.62 59.99 -20.70
CA ASN E 439 -6.97 60.08 -19.38
C ASN E 439 -7.84 59.58 -18.23
N ILE E 440 -9.00 58.95 -18.52
CA ILE E 440 -9.92 58.55 -17.48
C ILE E 440 -10.31 57.08 -17.57
N MET E 441 -10.29 56.40 -16.43
CA MET E 441 -10.73 55.01 -16.35
CA MET E 441 -10.67 54.99 -16.31
C MET E 441 -11.77 54.91 -15.24
N ARG E 442 -12.91 54.29 -15.56
CA ARG E 442 -14.00 54.14 -14.61
C ARG E 442 -14.42 52.70 -14.49
N VAL E 443 -14.80 52.25 -13.28
CA VAL E 443 -15.29 50.88 -13.12
C VAL E 443 -16.82 50.97 -12.95
N LEU E 444 -17.53 50.34 -13.87
CA LEU E 444 -18.99 50.42 -13.94
C LEU E 444 -19.67 49.06 -13.85
N SER E 445 -20.76 49.00 -13.08
CA SER E 445 -21.54 47.78 -12.96
CA SER E 445 -21.55 47.78 -12.96
C SER E 445 -22.66 47.83 -14.00
N ILE E 446 -22.81 46.77 -14.79
CA ILE E 446 -23.84 46.73 -15.82
C ILE E 446 -25.23 46.54 -15.22
N SER E 447 -26.14 47.49 -15.50
CA SER E 447 -27.53 47.40 -15.01
C SER E 447 -28.51 47.13 -16.17
N ALA F 13 16.10 50.39 -22.33
CA ALA F 13 15.03 50.72 -23.27
C ALA F 13 13.71 51.03 -22.55
N ASP F 14 13.46 50.37 -21.41
CA ASP F 14 12.25 50.57 -20.60
C ASP F 14 12.25 51.93 -19.89
N VAL F 15 13.42 52.59 -19.74
CA VAL F 15 13.49 53.89 -19.08
C VAL F 15 14.17 54.96 -19.95
N ALA F 16 14.55 54.65 -21.21
CA ALA F 16 15.29 55.61 -22.04
C ALA F 16 14.54 56.92 -22.36
N GLN F 17 13.28 56.85 -22.77
CA GLN F 17 12.51 58.06 -23.08
C GLN F 17 12.30 58.92 -21.83
N LEU F 18 11.92 58.29 -20.69
CA LEU F 18 11.74 59.05 -19.47
C LEU F 18 13.05 59.57 -18.91
N THR F 19 14.18 58.88 -19.17
CA THR F 19 15.49 59.38 -18.73
C THR F 19 15.84 60.64 -19.54
N GLN F 20 15.51 60.69 -20.83
CA GLN F 20 15.76 61.87 -21.65
C GLN F 20 14.89 63.04 -21.19
N GLU F 21 13.59 62.78 -20.88
CA GLU F 21 12.64 63.81 -20.45
C GLU F 21 12.88 64.32 -19.03
N LEU F 22 13.05 63.40 -18.06
CA LEU F 22 13.24 63.78 -16.65
C LEU F 22 14.69 64.01 -16.25
N GLY F 23 15.63 63.49 -17.03
CA GLY F 23 17.05 63.65 -16.77
C GLY F 23 17.68 62.49 -16.03
N THR F 24 19.01 62.36 -16.17
CA THR F 24 19.75 61.31 -15.47
C THR F 24 19.77 61.58 -13.96
N ALA F 25 19.76 62.86 -13.53
CA ALA F 25 19.79 63.15 -12.09
C ALA F 25 18.55 62.61 -11.40
N PHE F 26 17.37 62.70 -12.05
CA PHE F 26 16.13 62.18 -11.48
C PHE F 26 16.25 60.66 -11.19
N PHE F 27 16.80 59.91 -12.16
CA PHE F 27 16.92 58.47 -12.04
C PHE F 27 18.09 57.99 -11.18
N GLN F 28 18.91 58.90 -10.65
CA GLN F 28 19.99 58.52 -9.74
C GLN F 28 19.55 58.69 -8.27
N GLN F 29 18.53 59.55 -8.00
CA GLN F 29 17.99 59.81 -6.68
C GLN F 29 17.04 58.70 -6.21
N GLN F 30 16.62 58.76 -4.93
CA GLN F 30 15.64 57.88 -4.27
C GLN F 30 15.83 56.40 -4.57
N GLN F 31 17.10 55.94 -4.67
CA GLN F 31 17.45 54.57 -4.97
C GLN F 31 16.77 54.01 -6.21
N LEU F 32 16.51 54.88 -7.22
CA LEU F 32 15.89 54.44 -8.46
C LEU F 32 16.76 53.41 -9.22
N PRO F 33 18.11 53.46 -9.27
CA PRO F 33 18.85 52.37 -9.93
C PRO F 33 18.58 51.04 -9.24
N ALA F 34 18.51 51.01 -7.90
CA ALA F 34 18.21 49.77 -7.17
C ALA F 34 16.75 49.33 -7.37
N ALA F 35 15.83 50.30 -7.55
CA ALA F 35 14.42 50.02 -7.79
C ALA F 35 14.19 49.35 -9.13
N MET F 36 15.02 49.65 -10.15
CA MET F 36 14.84 49.05 -11.48
C MET F 36 15.54 47.70 -11.63
N ALA F 37 16.19 47.17 -10.58
CA ALA F 37 16.94 45.92 -10.68
C ALA F 37 16.06 44.72 -10.97
N ASP F 38 16.61 43.76 -11.73
CA ASP F 38 15.91 42.55 -12.15
C ASP F 38 15.83 41.46 -11.08
N THR F 39 16.73 41.49 -10.09
CA THR F 39 16.72 40.52 -8.99
C THR F 39 16.90 41.25 -7.65
N PHE F 40 16.51 40.61 -6.54
CA PHE F 40 16.70 41.20 -5.22
C PHE F 40 18.20 41.36 -4.92
N LEU F 41 19.04 40.38 -5.35
CA LEU F 41 20.49 40.45 -5.14
C LEU F 41 21.06 41.71 -5.84
N GLU F 42 20.64 41.95 -7.11
CA GLU F 42 21.12 43.12 -7.84
C GLU F 42 20.57 44.40 -7.21
N HIS F 43 19.34 44.36 -6.67
CA HIS F 43 18.74 45.49 -5.96
C HIS F 43 19.63 45.89 -4.78
N LEU F 44 20.07 44.89 -3.98
CA LEU F 44 20.96 45.17 -2.83
C LEU F 44 22.29 45.75 -3.29
N CYS F 45 22.90 45.15 -4.35
CA CYS F 45 24.18 45.60 -4.90
C CYS F 45 24.13 47.05 -5.39
N LEU F 46 22.94 47.53 -5.82
CA LEU F 46 22.80 48.86 -6.37
C LEU F 46 22.44 49.93 -5.36
N LEU F 47 22.18 49.58 -4.08
CA LEU F 47 21.87 50.59 -3.05
C LEU F 47 23.06 51.55 -2.91
N ASP F 48 22.77 52.84 -2.87
CA ASP F 48 23.79 53.87 -2.95
C ASP F 48 23.63 54.92 -1.87
N ILE F 49 24.67 55.10 -1.03
CA ILE F 49 24.61 56.11 0.03
C ILE F 49 24.56 57.56 -0.51
N ASP F 50 24.95 57.78 -1.77
CA ASP F 50 24.88 59.09 -2.42
C ASP F 50 23.53 59.34 -3.13
N SER F 51 22.64 58.34 -3.15
CA SER F 51 21.34 58.49 -3.77
C SER F 51 20.39 59.04 -2.71
N GLU F 52 20.09 60.34 -2.79
CA GLU F 52 19.29 61.01 -1.77
C GLU F 52 17.79 60.76 -1.85
N PRO F 53 17.13 60.58 -0.70
CA PRO F 53 15.67 60.40 -0.71
C PRO F 53 14.98 61.69 -1.15
N VAL F 54 13.90 61.56 -1.93
CA VAL F 54 13.15 62.71 -2.44
C VAL F 54 11.76 62.80 -1.83
N ALA F 55 11.09 61.65 -1.71
CA ALA F 55 9.70 61.62 -1.26
C ALA F 55 9.52 62.00 0.19
N ALA F 56 8.30 62.48 0.55
CA ALA F 56 7.95 62.76 1.93
C ALA F 56 7.94 61.42 2.70
N ARG F 57 8.29 61.47 3.98
CA ARG F 57 8.36 60.29 4.82
C ARG F 57 6.99 59.66 4.98
N SER F 58 6.88 58.40 4.59
CA SER F 58 5.60 57.71 4.56
C SER F 58 5.26 56.86 5.82
N THR F 59 6.25 56.36 6.56
CA THR F 59 5.99 55.56 7.76
C THR F 59 5.71 56.49 8.92
N SER F 60 4.51 56.42 9.54
CA SER F 60 4.19 57.30 10.65
C SER F 60 4.99 57.03 11.91
N ILE F 61 5.23 58.08 12.69
CA ILE F 61 5.94 58.00 13.95
C ILE F 61 4.96 58.17 15.09
N ILE F 62 4.96 57.21 16.02
CA ILE F 62 4.15 57.27 17.23
C ILE F 62 5.10 57.64 18.37
N ALA F 63 4.81 58.74 19.07
CA ALA F 63 5.67 59.15 20.19
C ALA F 63 4.85 59.04 21.49
N THR F 64 5.43 58.39 22.49
CA THR F 64 4.76 58.26 23.79
C THR F 64 4.92 59.56 24.57
N ILE F 65 3.81 60.06 25.12
CA ILE F 65 3.82 61.31 25.87
C ILE F 65 4.14 61.04 27.34
N GLY F 66 5.01 61.85 27.90
CA GLY F 66 5.39 61.75 29.31
C GLY F 66 6.00 63.05 29.79
N PRO F 67 6.67 63.01 30.95
CA PRO F 67 7.28 64.24 31.48
C PRO F 67 8.24 64.98 30.54
N ALA F 68 8.93 64.25 29.65
CA ALA F 68 9.87 64.89 28.71
C ALA F 68 9.20 65.48 27.46
N SER F 69 7.91 65.20 27.25
CA SER F 69 7.24 65.63 26.03
C SER F 69 5.80 66.07 26.28
N ARG F 70 5.53 66.65 27.44
CA ARG F 70 4.17 67.03 27.83
C ARG F 70 3.81 68.51 27.66
N SER F 71 4.80 69.42 27.74
CA SER F 71 4.51 70.84 27.57
C SER F 71 4.07 71.18 26.15
N VAL F 72 3.25 72.23 26.00
CA VAL F 72 2.74 72.66 24.70
C VAL F 72 3.88 73.06 23.78
N GLU F 73 4.89 73.76 24.31
CA GLU F 73 6.03 74.16 23.51
C GLU F 73 6.87 72.98 23.04
N ARG F 74 7.03 71.96 23.89
CA ARG F 74 7.78 70.76 23.53
C ARG F 74 7.01 69.96 22.48
N LEU F 75 5.67 69.87 22.64
CA LEU F 75 4.81 69.17 21.69
C LEU F 75 4.81 69.84 20.30
N LYS F 76 4.93 71.18 20.24
CA LYS F 76 5.01 71.88 18.95
C LYS F 76 6.28 71.48 18.22
N GLU F 77 7.40 71.36 18.96
CA GLU F 77 8.69 70.94 18.38
CA GLU F 77 8.67 70.95 18.34
C GLU F 77 8.58 69.50 17.87
N MET F 78 7.89 68.62 18.60
CA MET F 78 7.73 67.23 18.21
CA MET F 78 7.73 67.23 18.21
C MET F 78 6.86 67.07 16.97
N ILE F 79 5.84 67.94 16.83
CA ILE F 79 4.98 67.91 15.64
C ILE F 79 5.81 68.35 14.44
N LYS F 80 6.62 69.42 14.61
CA LYS F 80 7.50 69.90 13.53
C LYS F 80 8.57 68.85 13.15
N ALA F 81 9.06 68.09 14.14
CA ALA F 81 10.06 67.03 13.91
C ALA F 81 9.48 65.79 13.17
N GLY F 82 8.16 65.60 13.23
CA GLY F 82 7.51 64.52 12.50
C GLY F 82 6.56 63.62 13.26
N MET F 83 6.26 63.90 14.54
CA MET F 83 5.30 63.07 15.29
C MET F 83 3.91 63.09 14.63
N ASN F 84 3.35 61.91 14.33
CA ASN F 84 2.03 61.82 13.71
C ASN F 84 0.95 61.31 14.66
N ILE F 85 1.35 60.48 15.64
CA ILE F 85 0.45 59.86 16.62
C ILE F 85 1.03 60.03 18.03
N ALA F 86 0.23 60.52 18.97
CA ALA F 86 0.64 60.69 20.35
C ALA F 86 0.08 59.51 21.15
N ARG F 87 0.95 58.76 21.83
CA ARG F 87 0.54 57.61 22.60
C ARG F 87 0.47 57.95 24.10
N LEU F 88 -0.67 57.63 24.73
CA LEU F 88 -0.85 57.84 26.16
C LEU F 88 -0.80 56.47 26.81
N ASN F 89 0.22 56.23 27.63
CA ASN F 89 0.37 54.93 28.26
C ASN F 89 -0.41 54.88 29.58
N PHE F 90 -1.58 54.21 29.57
CA PHE F 90 -2.41 54.14 30.77
C PHE F 90 -1.89 53.15 31.83
N SER F 91 -0.69 52.57 31.64
CA SER F 91 -0.06 51.76 32.68
C SER F 91 0.44 52.67 33.83
N HIS F 92 0.65 53.98 33.56
CA HIS F 92 1.10 54.96 34.54
C HIS F 92 0.24 56.22 34.43
N GLY F 93 0.12 56.96 35.53
CA GLY F 93 -0.62 58.22 35.53
C GLY F 93 -2.11 58.11 35.73
N SER F 94 -2.70 59.15 36.33
CA SER F 94 -4.13 59.19 36.59
C SER F 94 -4.90 59.68 35.35
N HIS F 95 -6.25 59.63 35.42
CA HIS F 95 -7.09 60.16 34.36
C HIS F 95 -6.87 61.67 34.22
N GLU F 96 -6.66 62.38 35.33
CA GLU F 96 -6.40 63.83 35.33
C GLU F 96 -5.11 64.14 34.59
N TYR F 97 -4.06 63.35 34.81
CA TYR F 97 -2.77 63.51 34.16
C TYR F 97 -2.92 63.33 32.64
N HIS F 98 -3.60 62.26 32.21
CA HIS F 98 -3.80 61.99 30.79
C HIS F 98 -4.71 63.00 30.11
N ALA F 99 -5.72 63.52 30.82
CA ALA F 99 -6.60 64.55 30.24
C ALA F 99 -5.78 65.82 29.96
N GLU F 100 -4.82 66.16 30.84
CA GLU F 100 -3.99 67.33 30.64
C GLU F 100 -3.04 67.10 29.46
N SER F 101 -2.50 65.87 29.30
CA SER F 101 -1.65 65.52 28.16
C SER F 101 -2.43 65.70 26.85
N ILE F 102 -3.69 65.20 26.79
CA ILE F 102 -4.56 65.32 25.63
C ILE F 102 -4.81 66.79 25.30
N ALA F 103 -5.12 67.61 26.32
CA ALA F 103 -5.38 69.04 26.12
C ALA F 103 -4.14 69.73 25.56
N ASN F 104 -2.95 69.39 26.07
CA ASN F 104 -1.70 69.98 25.59
C ASN F 104 -1.38 69.57 24.16
N VAL F 105 -1.65 68.30 23.79
CA VAL F 105 -1.46 67.84 22.42
C VAL F 105 -2.38 68.61 21.49
N ARG F 106 -3.67 68.69 21.84
CA ARG F 106 -4.65 69.43 21.03
C ARG F 106 -4.31 70.92 20.89
N GLU F 107 -3.80 71.54 21.96
CA GLU F 107 -3.41 72.95 21.89
C GLU F 107 -2.22 73.12 20.92
N ALA F 108 -1.21 72.23 21.02
CA ALA F 108 -0.06 72.29 20.13
C ALA F 108 -0.48 72.05 18.68
N VAL F 109 -1.40 71.10 18.43
CA VAL F 109 -1.91 70.78 17.09
C VAL F 109 -2.65 71.97 16.50
N GLU F 110 -3.57 72.56 17.26
CA GLU F 110 -4.37 73.67 16.78
C GLU F 110 -3.58 74.97 16.60
N SER F 111 -2.36 75.06 17.18
CA SER F 111 -1.52 76.24 16.95
C SER F 111 -1.07 76.36 15.47
N PHE F 112 -1.17 75.26 14.68
CA PHE F 112 -0.82 75.22 13.27
C PHE F 112 -2.06 75.25 12.34
N ALA F 113 -3.27 75.43 12.90
CA ALA F 113 -4.54 75.42 12.16
C ALA F 113 -4.80 76.65 11.28
N GLY F 114 -3.99 77.68 11.41
CA GLY F 114 -4.15 78.89 10.60
C GLY F 114 -4.10 78.64 9.09
N SER F 115 -3.27 77.69 8.66
CA SER F 115 -3.13 77.40 7.24
C SER F 115 -3.53 75.98 6.96
N PRO F 116 -4.74 75.79 6.42
CA PRO F 116 -5.19 74.42 6.09
C PRO F 116 -4.30 73.74 5.06
N LEU F 117 -3.64 74.53 4.20
CA LEU F 117 -2.72 73.99 3.21
C LEU F 117 -1.40 73.43 3.88
N SER F 118 -1.21 73.62 5.20
CA SER F 118 -0.01 73.08 5.87
C SER F 118 -0.35 72.18 7.14
N TYR F 119 -1.04 72.74 8.20
CA TYR F 119 -1.56 72.10 9.44
C TYR F 119 -1.28 70.58 9.52
N ARG F 120 -0.98 70.04 10.73
CA ARG F 120 -0.74 68.60 10.83
C ARG F 120 -1.69 67.89 11.78
N PRO F 121 -2.63 67.09 11.24
CA PRO F 121 -3.49 66.29 12.13
C PRO F 121 -2.62 65.30 12.91
N VAL F 122 -2.86 65.21 14.21
CA VAL F 122 -2.10 64.29 15.05
C VAL F 122 -3.10 63.40 15.75
N ALA F 123 -3.00 62.08 15.56
CA ALA F 123 -3.91 61.16 16.22
C ALA F 123 -3.56 60.95 17.70
N ILE F 124 -4.58 60.65 18.52
CA ILE F 124 -4.36 60.38 19.94
C ILE F 124 -4.72 58.93 20.19
N ALA F 125 -3.74 58.16 20.69
CA ALA F 125 -3.92 56.75 20.93
C ALA F 125 -3.83 56.43 22.42
N LEU F 126 -4.75 55.60 22.91
CA LEU F 126 -4.77 55.22 24.31
C LEU F 126 -4.24 53.81 24.41
N ASP F 127 -3.14 53.61 25.13
CA ASP F 127 -2.53 52.29 25.29
C ASP F 127 -2.96 51.76 26.65
N THR F 128 -3.72 50.66 26.67
CA THR F 128 -4.27 50.14 27.92
C THR F 128 -3.24 49.47 28.85
N LYS F 129 -3.55 49.46 30.15
CA LYS F 129 -2.72 48.82 31.17
C LYS F 129 -2.67 47.30 30.92
N GLY F 130 -3.80 46.72 30.55
CA GLY F 130 -3.86 45.30 30.25
C GLY F 130 -4.57 44.46 31.29
N PRO F 131 -4.65 43.15 31.01
CA PRO F 131 -5.36 42.26 31.94
C PRO F 131 -4.60 41.92 33.21
N PRO F 135 -7.95 36.92 33.29
CA PRO F 135 -8.17 36.16 32.06
C PRO F 135 -8.62 36.98 30.85
N GLY F 136 -9.21 38.13 31.08
CA GLY F 136 -9.69 39.01 30.01
C GLY F 136 -9.69 40.47 30.41
N LEU F 137 -10.66 41.26 29.90
CA LEU F 137 -10.75 42.69 30.18
C LEU F 137 -10.85 43.05 31.67
N SER F 138 -9.87 43.78 32.18
CA SER F 138 -9.82 44.20 33.58
C SER F 138 -10.79 45.36 33.88
N GLU F 139 -11.10 45.58 35.17
CA GLU F 139 -11.98 46.66 35.59
C GLU F 139 -11.35 48.02 35.31
N GLN F 140 -10.02 48.15 35.48
CA GLN F 140 -9.35 49.41 35.20
C GLN F 140 -9.39 49.71 33.70
N ASP F 141 -9.24 48.68 32.84
CA ASP F 141 -9.33 48.88 31.40
C ASP F 141 -10.73 49.34 30.99
N VAL F 142 -11.79 48.83 31.63
CA VAL F 142 -13.15 49.28 31.32
C VAL F 142 -13.29 50.79 31.62
N ARG F 143 -12.76 51.24 32.76
CA ARG F 143 -12.81 52.66 33.12
C ARG F 143 -11.95 53.53 32.19
N ASP F 144 -10.75 53.05 31.83
CA ASP F 144 -9.84 53.78 30.95
C ASP F 144 -10.41 53.88 29.54
N LEU F 145 -11.06 52.81 29.04
CA LEU F 145 -11.67 52.83 27.73
C LEU F 145 -12.83 53.82 27.69
N ARG F 146 -13.61 53.90 28.80
CA ARG F 146 -14.70 54.87 28.91
C ARG F 146 -14.13 56.28 28.88
N PHE F 147 -13.01 56.51 29.57
CA PHE F 147 -12.31 57.80 29.58
C PHE F 147 -11.90 58.16 28.13
N GLY F 148 -11.38 57.20 27.38
CA GLY F 148 -10.97 57.41 26.00
C GLY F 148 -12.11 57.87 25.11
N VAL F 149 -13.27 57.22 25.23
CA VAL F 149 -14.45 57.59 24.47
C VAL F 149 -14.90 59.01 24.83
N GLU F 150 -14.95 59.32 26.13
CA GLU F 150 -15.37 60.64 26.61
C GLU F 150 -14.41 61.75 26.18
N HIS F 151 -13.12 61.43 26.02
CA HIS F 151 -12.14 62.42 25.59
C HIS F 151 -11.84 62.40 24.08
N GLY F 152 -12.60 61.62 23.30
CA GLY F 152 -12.49 61.57 21.86
C GLY F 152 -11.18 61.03 21.28
N VAL F 153 -10.61 59.98 21.91
CA VAL F 153 -9.37 59.39 21.38
C VAL F 153 -9.67 58.73 20.03
N ASP F 154 -8.64 58.64 19.17
CA ASP F 154 -8.82 58.09 17.82
C ASP F 154 -8.56 56.61 17.74
N ILE F 155 -7.61 56.12 18.57
CA ILE F 155 -7.13 54.75 18.51
C ILE F 155 -6.95 54.17 19.90
N VAL F 156 -7.11 52.87 20.02
CA VAL F 156 -6.82 52.15 21.24
C VAL F 156 -5.73 51.12 20.91
N PHE F 157 -4.63 51.10 21.66
CA PHE F 157 -3.60 50.07 21.53
C PHE F 157 -3.95 49.12 22.69
N ALA F 158 -4.64 48.01 22.37
CA ALA F 158 -5.10 47.07 23.40
C ALA F 158 -4.00 46.10 23.84
N SER F 159 -3.56 46.20 25.10
CA SER F 159 -2.50 45.36 25.63
C SER F 159 -2.87 43.88 25.82
N PHE F 160 -1.88 43.01 25.59
CA PHE F 160 -1.95 41.57 25.77
C PHE F 160 -3.18 40.91 25.14
N VAL F 161 -3.43 41.18 23.84
CA VAL F 161 -4.55 40.54 23.16
C VAL F 161 -4.13 39.10 22.86
N ARG F 162 -4.92 38.14 23.35
CA ARG F 162 -4.59 36.71 23.21
C ARG F 162 -5.55 35.93 22.31
N LYS F 163 -6.73 36.49 22.01
CA LYS F 163 -7.75 35.82 21.22
C LYS F 163 -8.78 36.84 20.72
N ALA F 164 -9.63 36.42 19.76
CA ALA F 164 -10.66 37.30 19.19
C ALA F 164 -11.63 37.86 20.22
N SER F 165 -11.98 37.07 21.25
CA SER F 165 -12.93 37.55 22.29
C SER F 165 -12.36 38.70 23.11
N ASP F 166 -11.01 38.84 23.19
CA ASP F 166 -10.41 39.97 23.89
C ASP F 166 -10.72 41.26 23.13
N VAL F 167 -10.68 41.22 21.78
CA VAL F 167 -10.99 42.37 20.94
C VAL F 167 -12.48 42.73 21.05
N ALA F 168 -13.36 41.71 21.07
CA ALA F 168 -14.80 41.94 21.23
C ALA F 168 -15.10 42.62 22.56
N ALA F 169 -14.39 42.25 23.63
CA ALA F 169 -14.57 42.86 24.94
C ALA F 169 -14.15 44.34 24.92
N VAL F 170 -13.03 44.67 24.24
CA VAL F 170 -12.59 46.05 24.13
C VAL F 170 -13.62 46.87 23.34
N ARG F 171 -14.12 46.30 22.23
CA ARG F 171 -15.12 46.94 21.39
CA ARG F 171 -15.13 46.95 21.40
C ARG F 171 -16.40 47.22 22.21
N ALA F 172 -16.85 46.24 23.02
CA ALA F 172 -18.04 46.39 23.86
C ALA F 172 -17.83 47.48 24.91
N ALA F 173 -16.64 47.55 25.52
CA ALA F 173 -16.33 48.55 26.53
C ALA F 173 -16.27 49.98 25.96
N LEU F 174 -16.03 50.13 24.66
CA LEU F 174 -16.04 51.44 24.02
C LEU F 174 -17.50 51.97 23.81
N GLY F 175 -18.48 51.07 23.84
CA GLY F 175 -19.89 51.41 23.72
C GLY F 175 -20.35 51.89 22.37
N PRO F 176 -21.59 52.42 22.32
CA PRO F 176 -22.12 52.90 21.03
C PRO F 176 -21.48 54.18 20.54
N GLU F 177 -20.96 55.02 21.45
CA GLU F 177 -20.31 56.27 21.03
C GLU F 177 -18.86 56.09 20.54
N GLY F 178 -18.26 54.95 20.79
CA GLY F 178 -16.89 54.68 20.36
C GLY F 178 -16.75 53.74 19.19
N HIS F 179 -17.79 53.66 18.34
CA HIS F 179 -17.80 52.78 17.18
C HIS F 179 -16.74 53.14 16.11
N GLY F 180 -16.38 54.42 16.04
CA GLY F 180 -15.40 54.89 15.07
C GLY F 180 -13.95 54.77 15.51
N ILE F 181 -13.70 54.41 16.77
CA ILE F 181 -12.34 54.27 17.29
C ILE F 181 -11.65 53.02 16.72
N LYS F 182 -10.39 53.17 16.25
CA LYS F 182 -9.66 52.04 15.71
C LYS F 182 -9.04 51.21 16.83
N ILE F 183 -9.17 49.88 16.76
CA ILE F 183 -8.59 49.00 17.75
C ILE F 183 -7.35 48.33 17.15
N ILE F 184 -6.17 48.62 17.69
CA ILE F 184 -4.90 48.04 17.28
C ILE F 184 -4.53 47.05 18.36
N SER F 185 -4.58 45.75 18.05
CA SER F 185 -4.28 44.73 19.05
C SER F 185 -2.79 44.53 19.26
N LYS F 186 -2.34 44.62 20.51
CA LYS F 186 -0.93 44.39 20.84
C LYS F 186 -0.67 42.90 21.04
N ILE F 187 0.28 42.33 20.26
CA ILE F 187 0.67 40.92 20.36
C ILE F 187 1.91 40.89 21.21
N GLU F 188 1.78 40.33 22.44
CA GLU F 188 2.84 40.36 23.42
C GLU F 188 3.22 39.02 24.02
N ASN F 189 2.60 37.92 23.59
CA ASN F 189 2.92 36.61 24.16
C ASN F 189 2.73 35.47 23.14
N HIS F 190 3.09 34.24 23.53
CA HIS F 190 2.98 33.08 22.64
C HIS F 190 1.58 32.85 22.12
N GLU F 191 0.57 32.95 23.00
CA GLU F 191 -0.82 32.73 22.58
C GLU F 191 -1.29 33.74 21.51
N GLY F 192 -0.94 35.01 21.69
CA GLY F 192 -1.28 36.04 20.71
C GLY F 192 -0.68 35.76 19.34
N VAL F 193 0.58 35.26 19.32
CA VAL F 193 1.25 34.90 18.05
C VAL F 193 0.54 33.70 17.42
N LYS F 194 0.25 32.65 18.20
CA LYS F 194 -0.41 31.45 17.69
C LYS F 194 -1.84 31.69 17.22
N ARG F 195 -2.57 32.59 17.87
CA ARG F 195 -3.95 32.90 17.46
C ARG F 195 -4.00 34.20 16.65
N PHE F 196 -2.87 34.58 16.01
CA PHE F 196 -2.76 35.82 15.24
C PHE F 196 -3.87 35.99 14.21
N ASP F 197 -4.14 34.98 13.38
CA ASP F 197 -5.13 35.11 12.31
C ASP F 197 -6.52 35.50 12.81
N GLU F 198 -6.97 34.87 13.90
CA GLU F 198 -8.30 35.20 14.44
C GLU F 198 -8.32 36.59 15.06
N ILE F 199 -7.19 37.04 15.63
CA ILE F 199 -7.07 38.37 16.23
C ILE F 199 -7.08 39.45 15.12
N LEU F 200 -6.26 39.26 14.08
CA LEU F 200 -6.19 40.22 12.97
C LEU F 200 -7.55 40.38 12.27
N GLU F 201 -8.28 39.27 12.10
CA GLU F 201 -9.57 39.28 11.43
C GLU F 201 -10.56 40.27 12.06
N VAL F 202 -10.57 40.38 13.39
CA VAL F 202 -11.50 41.26 14.09
C VAL F 202 -10.88 42.60 14.53
N SER F 203 -9.58 42.81 14.32
CA SER F 203 -8.91 44.05 14.73
C SER F 203 -8.78 45.00 13.54
N ASP F 204 -8.58 46.29 13.82
CA ASP F 204 -8.30 47.25 12.75
C ASP F 204 -6.79 47.17 12.32
N GLY F 205 -5.95 46.68 13.21
CA GLY F 205 -4.51 46.54 12.97
C GLY F 205 -3.81 45.88 14.15
N ILE F 206 -2.48 45.79 14.06
CA ILE F 206 -1.68 45.08 15.07
C ILE F 206 -0.47 45.90 15.51
N MET F 207 -0.03 45.71 16.75
CA MET F 207 1.22 46.26 17.23
C MET F 207 2.09 45.07 17.65
N VAL F 208 3.33 45.02 17.12
CA VAL F 208 4.30 44.01 17.54
C VAL F 208 4.95 44.62 18.78
N ALA F 209 4.44 44.26 19.96
CA ALA F 209 4.88 44.83 21.24
C ALA F 209 6.06 44.03 21.73
N ARG F 210 7.27 44.37 21.22
CA ARG F 210 8.48 43.58 21.41
C ARG F 210 9.01 43.50 22.83
N GLY F 211 8.69 44.47 23.69
CA GLY F 211 9.13 44.48 25.09
C GLY F 211 8.66 43.23 25.83
N ASP F 212 7.33 43.07 25.97
CA ASP F 212 6.77 41.88 26.62
C ASP F 212 6.97 40.65 25.77
N LEU F 213 6.86 40.76 24.43
CA LEU F 213 7.04 39.59 23.56
C LEU F 213 8.44 38.95 23.76
N GLY F 214 9.46 39.78 23.95
CA GLY F 214 10.85 39.35 24.17
C GLY F 214 11.13 38.73 25.52
N ILE F 215 10.17 38.80 26.44
CA ILE F 215 10.24 38.16 27.76
C ILE F 215 9.31 36.92 27.78
N GLU F 216 8.21 36.95 27.02
CA GLU F 216 7.23 35.86 26.93
C GLU F 216 7.71 34.70 26.05
N ILE F 217 8.44 35.02 24.97
CA ILE F 217 9.02 34.02 24.09
C ILE F 217 10.55 34.24 24.08
N PRO F 218 11.37 33.24 23.66
CA PRO F 218 12.82 33.47 23.62
C PRO F 218 13.20 34.73 22.82
N ALA F 219 14.10 35.53 23.36
CA ALA F 219 14.50 36.81 22.74
C ALA F 219 14.97 36.65 21.28
N GLU F 220 15.63 35.53 20.99
CA GLU F 220 16.15 35.24 19.65
C GLU F 220 15.05 34.86 18.63
N LYS F 221 13.78 34.74 19.07
CA LYS F 221 12.68 34.41 18.15
C LYS F 221 11.80 35.63 17.82
N VAL F 222 11.98 36.76 18.51
CA VAL F 222 11.15 37.96 18.30
C VAL F 222 11.16 38.43 16.86
N PHE F 223 12.34 38.42 16.19
CA PHE F 223 12.39 38.85 14.80
C PHE F 223 11.50 38.01 13.86
N LEU F 224 11.34 36.70 14.16
CA LEU F 224 10.50 35.82 13.34
C LEU F 224 9.05 36.24 13.50
N ALA F 225 8.62 36.48 14.77
CA ALA F 225 7.25 36.92 15.07
C ALA F 225 6.98 38.28 14.41
N GLN F 226 7.95 39.20 14.49
CA GLN F 226 7.82 40.53 13.89
C GLN F 226 7.65 40.45 12.37
N LYS F 227 8.53 39.72 11.68
CA LYS F 227 8.48 39.63 10.23
C LYS F 227 7.22 38.91 9.73
N MET F 228 6.78 37.86 10.47
CA MET F 228 5.57 37.13 10.12
C MET F 228 4.32 38.04 10.27
N MET F 229 4.21 38.74 11.40
CA MET F 229 3.05 39.60 11.66
C MET F 229 2.98 40.77 10.69
N ILE F 230 4.14 41.35 10.36
CA ILE F 230 4.16 42.45 9.40
C ILE F 230 3.73 41.94 8.01
N GLY F 231 4.25 40.78 7.61
CA GLY F 231 3.89 40.18 6.33
C GLY F 231 2.40 39.88 6.24
N ARG F 232 1.82 39.27 7.31
CA ARG F 232 0.39 38.96 7.31
C ARG F 232 -0.49 40.22 7.31
N CYS F 233 -0.05 41.28 8.01
CA CYS F 233 -0.80 42.54 8.01
C CYS F 233 -0.73 43.18 6.63
N ASN F 234 0.44 43.13 5.97
CA ASN F 234 0.61 43.67 4.62
C ASN F 234 -0.31 42.92 3.65
N LEU F 235 -0.39 41.59 3.80
CA LEU F 235 -1.25 40.75 2.97
C LEU F 235 -2.74 41.11 3.18
N ALA F 236 -3.15 41.32 4.44
CA ALA F 236 -4.52 41.69 4.79
C ALA F 236 -4.87 43.16 4.48
N GLY F 237 -3.87 44.00 4.23
CA GLY F 237 -4.09 45.43 3.99
C GLY F 237 -4.49 46.19 5.24
N LYS F 238 -4.01 45.72 6.41
CA LYS F 238 -4.29 46.36 7.70
C LYS F 238 -3.02 46.92 8.35
N PRO F 239 -3.10 48.08 9.01
CA PRO F 239 -1.89 48.67 9.62
C PRO F 239 -1.17 47.83 10.68
N VAL F 240 0.16 47.91 10.66
CA VAL F 240 0.98 47.20 11.62
C VAL F 240 2.03 48.16 12.18
N VAL F 241 2.22 48.15 13.50
CA VAL F 241 3.16 49.01 14.20
C VAL F 241 4.32 48.17 14.71
N CYS F 242 5.56 48.66 14.55
CA CYS F 242 6.71 48.01 15.20
C CYS F 242 7.03 48.87 16.42
N ALA F 243 7.17 48.24 17.59
CA ALA F 243 7.39 49.00 18.82
C ALA F 243 8.47 48.45 19.72
N THR F 244 9.04 49.34 20.58
CA THR F 244 9.87 49.12 21.76
C THR F 244 11.36 48.92 21.52
N GLN F 245 12.15 49.78 22.20
CA GLN F 245 13.61 49.83 22.21
C GLN F 245 14.23 50.08 20.85
N MET F 246 13.49 50.70 19.90
CA MET F 246 14.01 50.98 18.58
C MET F 246 15.21 51.91 18.62
N LEU F 247 15.17 52.96 19.46
CA LEU F 247 16.29 53.90 19.62
C LEU F 247 16.59 54.09 21.12
N GLU F 248 16.50 53.00 21.90
CA GLU F 248 16.63 53.01 23.35
C GLU F 248 17.76 53.87 23.93
N SER F 249 19.00 53.75 23.41
CA SER F 249 20.14 54.51 23.92
C SER F 249 19.96 56.04 23.81
N MET F 250 19.05 56.50 22.93
CA MET F 250 18.77 57.93 22.82
C MET F 250 18.00 58.51 24.03
N ILE F 251 17.64 57.66 25.01
CA ILE F 251 17.06 58.15 26.27
C ILE F 251 18.13 59.04 26.98
N THR F 252 19.42 58.70 26.87
CA THR F 252 20.49 59.49 27.49
C THR F 252 21.52 60.02 26.51
N LYS F 253 21.64 59.44 25.29
CA LYS F 253 22.65 59.89 24.34
C LYS F 253 22.04 60.61 23.13
N PRO F 254 22.75 61.62 22.56
CA PRO F 254 22.17 62.36 21.43
C PRO F 254 22.15 61.60 20.10
N ARG F 255 22.94 60.50 20.00
CA ARG F 255 23.04 59.68 18.79
C ARG F 255 22.80 58.21 19.16
N PRO F 256 22.12 57.46 18.30
CA PRO F 256 21.83 56.06 18.61
C PRO F 256 22.98 55.10 18.27
N THR F 257 22.84 53.82 18.66
CA THR F 257 23.85 52.82 18.32
C THR F 257 23.64 52.36 16.85
N ARG F 258 24.62 51.61 16.30
CA ARG F 258 24.52 51.08 14.94
C ARG F 258 23.39 50.04 14.84
N ALA F 259 23.14 49.27 15.93
CA ALA F 259 22.06 48.29 15.95
C ALA F 259 20.69 48.98 15.92
N GLU F 260 20.57 50.12 16.61
CA GLU F 260 19.31 50.86 16.67
C GLU F 260 18.91 51.46 15.33
N THR F 261 19.85 52.10 14.61
CA THR F 261 19.51 52.64 13.26
C THR F 261 19.13 51.51 12.33
N SER F 262 19.87 50.38 12.41
CA SER F 262 19.60 49.18 11.63
C SER F 262 18.18 48.66 11.95
N ASP F 263 17.79 48.59 13.22
CA ASP F 263 16.48 48.11 13.64
C ASP F 263 15.34 48.95 13.05
N VAL F 264 15.45 50.28 13.10
CA VAL F 264 14.45 51.18 12.54
C VAL F 264 14.35 50.96 11.01
N ALA F 265 15.50 50.93 10.33
CA ALA F 265 15.50 50.75 8.88
C ALA F 265 14.89 49.41 8.49
N ASN F 266 15.24 48.34 9.22
CA ASN F 266 14.69 47.02 8.93
C ASN F 266 13.21 46.87 9.25
N ALA F 267 12.67 47.61 10.24
CA ALA F 267 11.22 47.56 10.52
C ALA F 267 10.46 48.18 9.32
N VAL F 268 10.99 49.27 8.77
CA VAL F 268 10.38 49.90 7.57
C VAL F 268 10.49 48.96 6.39
N LEU F 269 11.70 48.39 6.15
CA LEU F 269 11.87 47.46 5.04
C LEU F 269 10.98 46.23 5.19
N ASP F 270 10.77 45.75 6.42
CA ASP F 270 9.90 44.60 6.68
C ASP F 270 8.44 44.88 6.20
N GLY F 271 8.01 46.14 6.30
CA GLY F 271 6.69 46.58 5.87
C GLY F 271 5.86 47.27 6.92
N ALA F 272 6.47 47.70 8.05
CA ALA F 272 5.71 48.36 9.12
C ALA F 272 5.08 49.67 8.65
N ASP F 273 3.79 49.87 8.94
CA ASP F 273 3.11 51.12 8.59
C ASP F 273 3.55 52.23 9.55
N CYS F 274 3.79 51.89 10.83
CA CYS F 274 4.19 52.82 11.87
C CYS F 274 5.37 52.29 12.64
N ILE F 275 6.17 53.20 13.16
CA ILE F 275 7.27 52.89 14.08
C ILE F 275 7.02 53.71 15.35
N MET F 276 7.51 53.22 16.48
CA MET F 276 7.18 53.84 17.77
C MET F 276 8.39 54.18 18.64
N LEU F 277 8.22 55.20 19.49
CA LEU F 277 9.17 55.61 20.50
C LEU F 277 8.43 55.55 21.84
N SER F 278 9.07 54.98 22.86
CA SER F 278 8.46 54.86 24.19
C SER F 278 9.22 55.76 25.17
N GLY F 279 10.21 55.24 25.92
CA GLY F 279 11.01 56.03 26.84
C GLY F 279 11.80 57.12 26.15
N GLU F 280 12.17 56.90 24.84
CA GLU F 280 12.93 57.90 24.07
C GLU F 280 12.21 59.26 24.06
N THR F 281 10.87 59.27 24.02
CA THR F 281 10.13 60.52 24.02
C THR F 281 9.39 60.79 25.35
N ALA F 282 9.00 59.73 26.06
CA ALA F 282 8.26 59.90 27.31
C ALA F 282 9.12 60.44 28.45
N LYS F 283 10.37 59.98 28.57
CA LYS F 283 11.21 60.38 29.69
C LYS F 283 12.65 60.77 29.37
N GLY F 284 13.08 60.56 28.13
CA GLY F 284 14.46 60.83 27.76
C GLY F 284 14.89 62.27 27.66
N ASN F 285 16.20 62.47 27.48
CA ASN F 285 16.80 63.81 27.37
C ASN F 285 16.76 64.37 25.95
N PHE F 286 16.43 63.54 24.94
CA PHE F 286 16.44 63.98 23.56
C PHE F 286 15.14 63.55 22.83
N PRO F 287 13.92 63.89 23.35
CA PRO F 287 12.70 63.44 22.67
C PRO F 287 12.55 63.93 21.23
N VAL F 288 12.89 65.20 20.97
CA VAL F 288 12.78 65.79 19.64
C VAL F 288 13.80 65.14 18.69
N GLU F 289 15.02 64.93 19.16
CA GLU F 289 16.08 64.33 18.36
C GLU F 289 15.76 62.85 18.02
N ALA F 290 15.09 62.13 18.91
CA ALA F 290 14.67 60.74 18.66
C ALA F 290 13.63 60.69 17.54
N VAL F 291 12.69 61.66 17.54
CA VAL F 291 11.69 61.75 16.48
C VAL F 291 12.41 62.09 15.15
N LYS F 292 13.34 63.06 15.19
CA LYS F 292 14.11 63.45 14.00
C LYS F 292 14.93 62.27 13.43
N MET F 293 15.48 61.42 14.30
CA MET F 293 16.26 60.26 13.88
C MET F 293 15.36 59.21 13.21
N GLN F 294 14.18 58.92 13.79
CA GLN F 294 13.25 57.98 13.14
C GLN F 294 12.79 58.51 11.80
N HIS F 295 12.56 59.83 11.71
CA HIS F 295 12.16 60.46 10.43
C HIS F 295 13.26 60.27 9.36
N ALA F 296 14.51 60.56 9.72
CA ALA F 296 15.65 60.47 8.77
C ALA F 296 15.88 59.03 8.29
N ILE F 297 15.83 58.05 9.21
CA ILE F 297 16.02 56.65 8.84
C ILE F 297 14.88 56.14 7.99
N ALA F 298 13.61 56.44 8.39
CA ALA F 298 12.45 55.97 7.63
C ALA F 298 12.47 56.44 6.19
N ARG F 299 12.84 57.72 5.92
CA ARG F 299 12.90 58.20 4.53
C ARG F 299 13.97 57.44 3.71
N GLU F 300 15.12 57.14 4.32
CA GLU F 300 16.17 56.38 3.62
C GLU F 300 15.66 54.97 3.31
N ALA F 301 15.02 54.32 4.29
CA ALA F 301 14.55 52.95 4.13
C ALA F 301 13.39 52.82 3.15
N GLU F 302 12.48 53.80 3.12
CA GLU F 302 11.37 53.77 2.18
C GLU F 302 11.84 53.81 0.74
N ALA F 303 12.88 54.59 0.45
CA ALA F 303 13.43 54.65 -0.92
C ALA F 303 14.11 53.33 -1.30
N ALA F 304 14.65 52.59 -0.31
CA ALA F 304 15.36 51.31 -0.51
C ALA F 304 14.41 50.10 -0.63
N VAL F 305 13.09 50.30 -0.52
CA VAL F 305 12.12 49.20 -0.68
C VAL F 305 12.20 48.69 -2.14
N TYR F 306 12.21 47.38 -2.35
CA TYR F 306 12.28 46.80 -3.68
C TYR F 306 10.85 46.70 -4.26
N HIS F 307 10.31 47.82 -4.71
CA HIS F 307 8.93 47.89 -5.22
C HIS F 307 8.62 46.94 -6.36
N ARG F 308 9.59 46.64 -7.24
CA ARG F 308 9.35 45.73 -8.36
C ARG F 308 8.82 44.37 -7.91
N GLN F 309 9.46 43.75 -6.90
CA GLN F 309 8.97 42.47 -6.42
C GLN F 309 7.83 42.64 -5.46
N LEU F 310 7.88 43.65 -4.60
CA LEU F 310 6.81 43.91 -3.63
C LEU F 310 5.45 44.08 -4.30
N PHE F 311 5.36 44.96 -5.31
CA PHE F 311 4.09 45.19 -6.03
C PHE F 311 3.62 43.92 -6.73
N GLU F 312 4.54 43.18 -7.37
CA GLU F 312 4.19 41.93 -8.04
C GLU F 312 3.59 40.91 -7.06
N GLU F 313 4.21 40.78 -5.88
CA GLU F 313 3.73 39.83 -4.88
C GLU F 313 2.44 40.28 -4.21
N LEU F 314 2.26 41.59 -3.96
CA LEU F 314 1.02 42.10 -3.37
C LEU F 314 -0.13 41.88 -4.36
N ARG F 315 0.10 42.09 -5.66
CA ARG F 315 -0.91 41.86 -6.69
C ARG F 315 -1.27 40.36 -6.83
N ARG F 316 -0.27 39.49 -6.82
CA ARG F 316 -0.49 38.04 -6.94
C ARG F 316 -1.21 37.46 -5.73
N ALA F 317 -0.88 37.95 -4.53
CA ALA F 317 -1.48 37.42 -3.31
C ALA F 317 -2.87 37.99 -3.01
N ALA F 318 -3.14 39.24 -3.45
CA ALA F 318 -4.43 39.86 -3.18
C ALA F 318 -5.46 39.15 -4.05
N PRO F 319 -6.58 38.70 -3.44
CA PRO F 319 -7.59 37.98 -4.22
C PRO F 319 -8.26 38.87 -5.25
N LEU F 320 -8.89 38.26 -6.27
CA LEU F 320 -9.66 39.00 -7.26
C LEU F 320 -10.83 39.68 -6.55
N SER F 321 -11.23 40.86 -7.02
CA SER F 321 -12.26 41.61 -6.34
C SER F 321 -13.24 42.23 -7.28
N ARG F 322 -14.51 42.24 -6.89
CA ARG F 322 -15.54 42.95 -7.64
C ARG F 322 -15.96 44.26 -6.93
N ASP F 323 -15.21 44.70 -5.91
CA ASP F 323 -15.47 45.94 -5.20
C ASP F 323 -14.81 47.05 -6.02
N PRO F 324 -15.58 48.03 -6.51
CA PRO F 324 -14.97 49.07 -7.36
C PRO F 324 -13.88 49.90 -6.69
N THR F 325 -13.92 50.09 -5.36
CA THR F 325 -12.86 50.85 -4.67
C THR F 325 -11.54 50.09 -4.77
N GLU F 326 -11.57 48.77 -4.55
CA GLU F 326 -10.42 47.89 -4.63
C GLU F 326 -9.87 47.85 -6.07
N VAL F 327 -10.75 47.76 -7.06
CA VAL F 327 -10.37 47.70 -8.47
C VAL F 327 -9.73 49.03 -8.92
N THR F 328 -10.33 50.16 -8.52
CA THR F 328 -9.80 51.48 -8.83
C THR F 328 -8.42 51.66 -8.18
N ALA F 329 -8.27 51.25 -6.91
CA ALA F 329 -7.02 51.38 -6.18
C ALA F 329 -5.84 50.70 -6.88
N ILE F 330 -6.00 49.46 -7.34
CA ILE F 330 -4.90 48.76 -8.00
C ILE F 330 -4.59 49.39 -9.37
N GLY F 331 -5.62 49.85 -10.08
CA GLY F 331 -5.43 50.53 -11.36
C GLY F 331 -4.69 51.84 -11.17
N ALA F 332 -5.02 52.59 -10.12
CA ALA F 332 -4.37 53.85 -9.80
C ALA F 332 -2.89 53.66 -9.39
N VAL F 333 -2.59 52.63 -8.59
CA VAL F 333 -1.21 52.37 -8.19
C VAL F 333 -0.38 51.93 -9.41
N GLU F 334 -0.97 51.11 -10.29
CA GLU F 334 -0.30 50.66 -11.50
CA GLU F 334 -0.31 50.66 -11.51
C GLU F 334 0.01 51.87 -12.39
N ALA F 335 -0.98 52.78 -12.55
CA ALA F 335 -0.82 53.99 -13.35
C ALA F 335 0.27 54.90 -12.75
N ALA F 336 0.30 55.05 -11.43
CA ALA F 336 1.31 55.87 -10.75
C ALA F 336 2.73 55.36 -11.04
N PHE F 337 2.94 54.03 -10.97
CA PHE F 337 4.27 53.46 -11.26
C PHE F 337 4.67 53.66 -12.72
N LYS F 338 3.71 53.55 -13.65
CA LYS F 338 3.97 53.68 -15.07
C LYS F 338 4.54 55.05 -15.46
N CYS F 339 4.10 56.11 -14.78
CA CYS F 339 4.56 57.46 -15.10
C CYS F 339 5.43 58.12 -14.04
N CYS F 340 5.88 57.35 -13.02
CA CYS F 340 6.65 57.89 -11.89
C CYS F 340 5.88 59.03 -11.23
N ALA F 341 4.56 58.86 -11.05
CA ALA F 341 3.74 59.93 -10.45
C ALA F 341 4.23 60.34 -9.08
N ALA F 342 4.24 61.65 -8.82
CA ALA F 342 4.69 62.16 -7.53
C ALA F 342 3.62 61.92 -6.45
N ALA F 343 2.33 61.86 -6.83
CA ALA F 343 1.25 61.69 -5.86
C ALA F 343 -0.01 61.10 -6.48
N ILE F 344 -0.85 60.49 -5.62
CA ILE F 344 -2.16 59.97 -5.92
C ILE F 344 -3.09 60.78 -5.00
N ILE F 345 -3.97 61.61 -5.54
CA ILE F 345 -4.90 62.41 -4.73
C ILE F 345 -6.19 61.66 -4.64
N VAL F 346 -6.67 61.37 -3.45
CA VAL F 346 -7.90 60.62 -3.26
C VAL F 346 -8.88 61.34 -2.34
N LEU F 347 -10.17 61.32 -2.71
CA LEU F 347 -11.21 61.89 -1.85
C LEU F 347 -11.72 60.75 -0.99
N THR F 348 -11.84 60.98 0.34
CA THR F 348 -12.28 59.92 1.24
C THR F 348 -13.06 60.44 2.42
N THR F 349 -14.12 59.74 2.81
CA THR F 349 -14.96 60.13 3.94
C THR F 349 -14.46 59.42 5.23
N THR F 350 -14.23 58.11 5.12
CA THR F 350 -13.82 57.29 6.27
C THR F 350 -12.32 56.95 6.29
N GLY F 351 -11.63 57.21 5.19
CA GLY F 351 -10.21 56.84 5.05
C GLY F 351 -10.02 55.58 4.24
N ARG F 352 -11.10 54.77 4.02
CA ARG F 352 -11.01 53.48 3.35
C ARG F 352 -10.40 53.52 1.92
N SER F 353 -10.78 54.49 1.07
CA SER F 353 -10.21 54.55 -0.29
C SER F 353 -8.68 54.80 -0.23
N ALA F 354 -8.21 55.59 0.74
CA ALA F 354 -6.77 55.84 0.91
C ALA F 354 -6.07 54.59 1.47
N GLN F 355 -6.74 53.83 2.35
CA GLN F 355 -6.18 52.58 2.90
C GLN F 355 -5.99 51.54 1.80
N LEU F 356 -6.94 51.44 0.86
CA LEU F 356 -6.84 50.49 -0.24
C LEU F 356 -5.74 50.87 -1.25
N LEU F 357 -5.41 52.16 -1.36
CA LEU F 357 -4.28 52.59 -2.22
C LEU F 357 -2.96 52.22 -1.48
N SER F 358 -2.90 52.52 -0.18
CA SER F 358 -1.75 52.26 0.70
C SER F 358 -1.34 50.78 0.72
N ARG F 359 -2.31 49.85 0.68
CA ARG F 359 -2.01 48.41 0.75
C ARG F 359 -1.14 47.92 -0.43
N TYR F 360 -1.18 48.62 -1.57
CA TYR F 360 -0.35 48.26 -2.72
C TYR F 360 1.04 48.89 -2.70
N ARG F 361 1.37 49.63 -1.62
CA ARG F 361 2.65 50.27 -1.39
C ARG F 361 3.17 51.10 -2.58
N PRO F 362 2.41 52.10 -3.05
CA PRO F 362 2.92 52.94 -4.14
C PRO F 362 4.12 53.76 -3.66
N ARG F 363 5.01 54.11 -4.58
CA ARG F 363 6.11 55.03 -4.30
C ARG F 363 5.51 56.47 -4.18
N ALA F 364 4.45 56.76 -4.97
CA ALA F 364 3.74 58.05 -4.95
C ALA F 364 3.06 58.31 -3.61
N ALA F 365 3.14 59.54 -3.09
CA ALA F 365 2.44 59.91 -1.86
C ALA F 365 0.92 59.82 -2.07
N VAL F 366 0.16 59.33 -1.09
CA VAL F 366 -1.29 59.27 -1.21
C VAL F 366 -1.84 60.48 -0.43
N ILE F 367 -2.27 61.52 -1.15
CA ILE F 367 -2.81 62.72 -0.52
C ILE F 367 -4.31 62.52 -0.36
N ALA F 368 -4.75 62.32 0.88
CA ALA F 368 -6.16 62.04 1.17
C ALA F 368 -6.92 63.32 1.59
N VAL F 369 -7.85 63.77 0.75
CA VAL F 369 -8.65 64.97 1.06
C VAL F 369 -9.93 64.52 1.74
N THR F 370 -10.16 64.96 2.98
CA THR F 370 -11.31 64.55 3.75
C THR F 370 -11.88 65.70 4.57
N ARG F 371 -13.20 65.66 4.81
CA ARG F 371 -13.86 66.61 5.70
C ARG F 371 -13.89 66.07 7.15
N SER F 372 -13.65 64.76 7.36
CA SER F 372 -13.67 64.16 8.68
C SER F 372 -12.35 64.37 9.41
N ALA F 373 -12.38 65.16 10.51
CA ALA F 373 -11.19 65.42 11.32
C ALA F 373 -10.67 64.11 11.96
N GLN F 374 -11.59 63.22 12.36
CA GLN F 374 -11.18 61.93 12.94
C GLN F 374 -10.52 61.04 11.88
N ALA F 375 -11.09 60.94 10.65
CA ALA F 375 -10.49 60.12 9.57
C ALA F 375 -9.11 60.70 9.23
N ALA F 376 -8.96 62.05 9.20
CA ALA F 376 -7.68 62.68 8.91
C ALA F 376 -6.61 62.26 9.95
N ARG F 377 -7.00 62.15 11.24
CA ARG F 377 -6.06 61.70 12.28
C ARG F 377 -5.77 60.19 12.15
N GLN F 378 -6.80 59.38 11.93
CA GLN F 378 -6.66 57.93 11.86
C GLN F 378 -5.89 57.39 10.65
N VAL F 379 -5.95 58.06 9.48
CA VAL F 379 -5.23 57.56 8.29
C VAL F 379 -3.71 57.57 8.46
N HIS F 380 -3.18 58.23 9.52
CA HIS F 380 -1.76 58.16 9.85
C HIS F 380 -1.34 56.70 10.13
N LEU F 381 -2.29 55.79 10.43
CA LEU F 381 -1.97 54.40 10.65
C LEU F 381 -1.53 53.70 9.35
N CYS F 382 -1.90 54.23 8.17
CA CYS F 382 -1.59 53.61 6.87
C CYS F 382 -0.40 54.26 6.21
N ARG F 383 0.62 53.44 5.88
CA ARG F 383 1.83 53.98 5.25
C ARG F 383 1.57 54.81 3.99
N GLY F 384 2.18 55.98 3.93
CA GLY F 384 2.14 56.82 2.74
C GLY F 384 0.89 57.63 2.55
N VAL F 385 0.03 57.71 3.58
CA VAL F 385 -1.19 58.52 3.47
C VAL F 385 -0.96 59.84 4.19
N PHE F 386 -1.13 60.96 3.47
CA PHE F 386 -0.93 62.31 3.96
C PHE F 386 -2.31 62.99 4.00
N PRO F 387 -2.87 63.10 5.20
CA PRO F 387 -4.23 63.66 5.31
C PRO F 387 -4.30 65.18 5.14
N LEU F 388 -5.27 65.67 4.35
CA LEU F 388 -5.53 67.09 4.17
C LEU F 388 -6.96 67.34 4.62
N LEU F 389 -7.13 68.08 5.72
CA LEU F 389 -8.45 68.36 6.24
C LEU F 389 -9.08 69.54 5.49
N TYR F 390 -10.18 69.27 4.76
CA TYR F 390 -10.90 70.27 3.97
C TYR F 390 -11.98 70.87 4.88
N ARG F 391 -11.99 72.19 5.02
CA ARG F 391 -12.97 72.83 5.91
C ARG F 391 -14.09 73.60 5.22
N GLU F 392 -14.00 73.82 3.90
CA GLU F 392 -15.01 74.59 3.17
C GLU F 392 -16.38 73.92 3.11
N PRO F 393 -17.46 74.73 3.26
CA PRO F 393 -18.81 74.18 3.17
C PRO F 393 -19.13 73.69 1.76
N PRO F 394 -20.00 72.68 1.63
CA PRO F 394 -20.29 72.12 0.30
C PRO F 394 -20.83 73.09 -0.73
N GLU F 395 -20.32 72.97 -1.98
CA GLU F 395 -20.78 73.73 -3.13
C GLU F 395 -22.20 73.24 -3.45
N ALA F 396 -23.02 74.08 -4.12
CA ALA F 396 -24.39 73.71 -4.49
C ALA F 396 -24.39 72.52 -5.45
N ILE F 397 -23.47 72.52 -6.42
CA ILE F 397 -23.37 71.43 -7.38
C ILE F 397 -22.29 70.46 -6.89
N TRP F 398 -22.67 69.20 -6.63
CA TRP F 398 -21.75 68.18 -6.13
C TRP F 398 -20.48 68.01 -6.97
N ALA F 399 -20.60 67.98 -8.32
CA ALA F 399 -19.43 67.85 -9.21
C ALA F 399 -18.44 68.99 -9.00
N ASP F 400 -18.95 70.21 -8.73
CA ASP F 400 -18.09 71.36 -8.46
C ASP F 400 -17.38 71.21 -7.12
N ASP F 401 -18.08 70.67 -6.12
CA ASP F 401 -17.53 70.45 -4.79
C ASP F 401 -16.37 69.42 -4.86
N VAL F 402 -16.55 68.36 -5.67
CA VAL F 402 -15.52 67.34 -5.90
C VAL F 402 -14.31 68.00 -6.56
N ASP F 403 -14.54 68.79 -7.63
CA ASP F 403 -13.47 69.49 -8.32
C ASP F 403 -12.70 70.43 -7.42
N ARG F 404 -13.40 71.16 -6.54
CA ARG F 404 -12.75 72.08 -5.61
C ARG F 404 -11.82 71.32 -4.65
N ARG F 405 -12.26 70.15 -4.19
CA ARG F 405 -11.45 69.33 -3.28
C ARG F 405 -10.20 68.78 -3.96
N VAL F 406 -10.32 68.37 -5.24
CA VAL F 406 -9.18 67.87 -6.00
C VAL F 406 -8.19 69.02 -6.21
N GLN F 407 -8.71 70.22 -6.59
CA GLN F 407 -7.87 71.40 -6.78
C GLN F 407 -7.19 71.81 -5.48
N PHE F 408 -7.87 71.67 -4.31
CA PHE F 408 -7.30 71.94 -2.98
C PHE F 408 -6.11 71.02 -2.73
N GLY F 409 -6.26 69.74 -3.09
CA GLY F 409 -5.20 68.75 -2.95
C GLY F 409 -3.99 69.10 -3.80
N ILE F 410 -4.23 69.53 -5.05
CA ILE F 410 -3.17 69.93 -6.00
C ILE F 410 -2.44 71.18 -5.53
N GLU F 411 -3.20 72.21 -5.14
CA GLU F 411 -2.60 73.45 -4.69
C GLU F 411 -1.81 73.30 -3.40
N SER F 412 -2.37 72.61 -2.42
CA SER F 412 -1.67 72.34 -1.16
C SER F 412 -0.41 71.50 -1.43
N GLY F 413 -0.51 70.54 -2.34
CA GLY F 413 0.61 69.69 -2.72
C GLY F 413 1.72 70.45 -3.39
N LYS F 414 1.38 71.39 -4.26
CA LYS F 414 2.37 72.21 -4.96
C LYS F 414 3.06 73.17 -3.99
N LEU F 415 2.29 73.78 -3.10
CA LEU F 415 2.83 74.71 -2.12
C LEU F 415 3.69 74.03 -1.04
N ARG F 416 3.59 72.69 -0.91
CA ARG F 416 4.36 71.89 0.02
C ARG F 416 5.52 71.11 -0.65
N GLY F 417 5.71 71.26 -1.96
CA GLY F 417 6.76 70.55 -2.67
C GLY F 417 6.47 69.08 -2.95
N PHE F 418 5.25 68.61 -2.64
CA PHE F 418 4.85 67.24 -2.96
C PHE F 418 4.69 67.10 -4.49
N LEU F 419 4.15 68.17 -5.12
CA LEU F 419 3.89 68.25 -6.53
C LEU F 419 4.63 69.42 -7.12
N ARG F 420 5.04 69.27 -8.35
CA ARG F 420 5.77 70.25 -9.10
C ARG F 420 5.06 70.41 -10.46
N VAL F 421 5.16 71.61 -11.07
CA VAL F 421 4.59 71.82 -12.40
C VAL F 421 5.28 70.89 -13.41
N GLY F 422 4.49 70.20 -14.21
CA GLY F 422 5.03 69.21 -15.13
C GLY F 422 4.87 67.77 -14.66
N ASP F 423 4.62 67.58 -13.36
CA ASP F 423 4.42 66.24 -12.81
C ASP F 423 3.08 65.67 -13.27
N LEU F 424 2.98 64.35 -13.25
CA LEU F 424 1.73 63.68 -13.51
C LEU F 424 1.20 63.24 -12.15
N VAL F 425 -0.10 63.41 -11.93
CA VAL F 425 -0.75 63.02 -10.69
C VAL F 425 -1.93 62.09 -11.03
N ILE F 426 -2.22 61.11 -10.17
CA ILE F 426 -3.34 60.20 -10.37
C ILE F 426 -4.42 60.67 -9.41
N VAL F 427 -5.66 60.88 -9.89
CA VAL F 427 -6.75 61.37 -9.03
C VAL F 427 -7.82 60.32 -8.91
N VAL F 428 -8.18 59.97 -7.69
CA VAL F 428 -9.16 58.93 -7.39
C VAL F 428 -10.41 59.53 -6.71
N THR F 429 -11.55 59.40 -7.39
CA THR F 429 -12.84 59.93 -6.93
C THR F 429 -13.97 58.87 -7.13
N GLY F 430 -15.21 59.19 -6.78
CA GLY F 430 -16.36 58.30 -6.94
C GLY F 430 -17.48 58.94 -7.75
N TRP F 431 -18.51 58.14 -8.08
CA TRP F 431 -19.58 58.58 -8.96
C TRP F 431 -20.77 59.26 -8.25
N ARG F 432 -20.87 59.15 -6.93
CA ARG F 432 -21.93 59.77 -6.15
C ARG F 432 -21.46 60.10 -4.72
N PRO F 433 -22.14 61.02 -3.99
CA PRO F 433 -21.72 61.33 -2.62
C PRO F 433 -21.84 60.14 -1.67
N GLY F 434 -21.17 60.23 -0.52
CA GLY F 434 -21.20 59.18 0.48
C GLY F 434 -20.07 58.19 0.33
N SER F 435 -19.72 57.48 1.42
CA SER F 435 -18.66 56.46 1.39
C SER F 435 -19.04 55.23 0.59
N GLY F 436 -18.05 54.58 -0.01
CA GLY F 436 -18.25 53.32 -0.71
C GLY F 436 -18.43 53.35 -2.20
N TYR F 437 -18.37 54.53 -2.83
CA TYR F 437 -18.61 54.64 -4.26
C TYR F 437 -17.42 55.09 -5.11
N THR F 438 -16.19 54.96 -4.59
CA THR F 438 -14.99 55.29 -5.37
C THR F 438 -14.91 54.36 -6.58
N ASN F 439 -14.79 54.90 -7.80
CA ASN F 439 -14.74 54.07 -9.02
C ASN F 439 -14.03 54.76 -10.19
N ILE F 440 -13.40 55.92 -9.97
CA ILE F 440 -12.79 56.67 -11.05
C ILE F 440 -11.32 56.97 -10.78
N MET F 441 -10.50 56.81 -11.81
CA MET F 441 -9.09 57.14 -11.75
CA MET F 441 -9.07 57.08 -11.79
C MET F 441 -8.79 58.02 -12.97
N ARG F 442 -8.18 59.19 -12.71
CA ARG F 442 -7.85 60.13 -13.79
C ARG F 442 -6.36 60.48 -13.76
N VAL F 443 -5.77 60.67 -14.93
CA VAL F 443 -4.36 61.05 -15.05
C VAL F 443 -4.33 62.55 -15.38
N LEU F 444 -3.74 63.35 -14.50
CA LEU F 444 -3.69 64.80 -14.71
CA LEU F 444 -3.71 64.79 -14.69
C LEU F 444 -2.27 65.34 -14.76
N SER F 445 -2.03 66.31 -15.64
CA SER F 445 -0.72 66.95 -15.76
C SER F 445 -0.79 68.22 -14.90
N ILE F 446 0.17 68.41 -13.99
CA ILE F 446 0.16 69.58 -13.11
CA ILE F 446 0.15 69.56 -13.11
C ILE F 446 0.62 70.85 -13.83
N SER F 447 -0.23 71.88 -13.84
CA SER F 447 0.11 73.14 -14.50
C SER F 447 0.38 74.27 -13.52
N ALA G 25 32.29 34.16 -31.17
CA ALA G 25 31.62 33.32 -32.15
C ALA G 25 30.82 32.20 -31.47
N PHE G 26 31.38 31.63 -30.40
CA PHE G 26 30.72 30.56 -29.63
C PHE G 26 29.36 31.04 -29.10
N PHE G 27 29.33 32.24 -28.51
CA PHE G 27 28.12 32.77 -27.91
C PHE G 27 27.11 33.36 -28.90
N GLN G 28 27.41 33.36 -30.21
CA GLN G 28 26.47 33.84 -31.22
C GLN G 28 25.70 32.65 -31.86
N GLN G 29 26.29 31.43 -31.84
CA GLN G 29 25.72 30.21 -32.38
C GLN G 29 24.65 29.61 -31.45
N GLN G 30 23.94 28.55 -31.92
CA GLN G 30 22.91 27.77 -31.21
C GLN G 30 21.94 28.61 -30.37
N GLN G 31 21.53 29.78 -30.88
CA GLN G 31 20.61 30.71 -30.23
C GLN G 31 21.02 31.06 -28.79
N LEU G 32 22.34 31.13 -28.54
CA LEU G 32 22.83 31.46 -27.20
C LEU G 32 22.42 32.89 -26.76
N PRO G 33 22.37 33.94 -27.62
CA PRO G 33 21.83 35.23 -27.15
C PRO G 33 20.38 35.10 -26.66
N ALA G 34 19.53 34.33 -27.36
CA ALA G 34 18.13 34.10 -26.94
C ALA G 34 18.05 33.24 -25.66
N ALA G 35 19.02 32.33 -25.49
CA ALA G 35 19.09 31.47 -24.33
C ALA G 35 19.41 32.26 -23.05
N MET G 36 20.18 33.35 -23.15
CA MET G 36 20.53 34.15 -21.98
C MET G 36 19.48 35.20 -21.59
N ALA G 37 18.35 35.28 -22.32
CA ALA G 37 17.32 36.29 -22.05
C ALA G 37 16.65 36.15 -20.70
N ASP G 38 16.28 37.29 -20.10
CA ASP G 38 15.66 37.34 -18.78
C ASP G 38 14.16 37.05 -18.78
N THR G 39 13.49 37.21 -19.93
CA THR G 39 12.06 36.90 -20.04
C THR G 39 11.81 36.06 -21.30
N PHE G 40 10.67 35.36 -21.36
CA PHE G 40 10.31 34.58 -22.54
C PHE G 40 10.08 35.51 -23.74
N LEU G 41 9.46 36.69 -23.51
CA LEU G 41 9.26 37.68 -24.57
C LEU G 41 10.61 38.11 -25.18
N GLU G 42 11.60 38.44 -24.33
CA GLU G 42 12.94 38.82 -24.80
CA GLU G 42 12.92 38.82 -24.83
C GLU G 42 13.59 37.65 -25.54
N HIS G 43 13.39 36.42 -25.04
CA HIS G 43 13.93 35.21 -25.67
C HIS G 43 13.41 35.09 -27.12
N LEU G 44 12.10 35.30 -27.33
CA LEU G 44 11.51 35.26 -28.67
C LEU G 44 12.11 36.35 -29.56
N CYS G 45 12.20 37.59 -29.03
CA CYS G 45 12.76 38.74 -29.76
C CYS G 45 14.21 38.52 -30.19
N LEU G 46 14.96 37.70 -29.46
CA LEU G 46 16.38 37.46 -29.76
C LEU G 46 16.66 36.29 -30.68
N LEU G 47 15.62 35.51 -31.09
CA LEU G 47 15.83 34.38 -32.00
C LEU G 47 16.39 34.89 -33.33
N ASP G 48 17.42 34.22 -33.85
CA ASP G 48 18.16 34.68 -35.00
C ASP G 48 18.31 33.60 -36.06
N ILE G 49 17.81 33.83 -37.28
CA ILE G 49 17.94 32.89 -38.38
C ILE G 49 19.40 32.66 -38.82
N ASP G 50 20.32 33.58 -38.47
CA ASP G 50 21.74 33.43 -38.77
C ASP G 50 22.52 32.71 -37.66
N SER G 51 21.87 32.39 -36.53
CA SER G 51 22.51 31.67 -35.45
C SER G 51 22.40 30.18 -35.77
N GLU G 52 23.50 29.56 -36.21
CA GLU G 52 23.47 28.19 -36.66
C GLU G 52 23.49 27.16 -35.53
N PRO G 53 22.70 26.07 -35.68
CA PRO G 53 22.73 25.03 -34.65
C PRO G 53 24.07 24.31 -34.68
N VAL G 54 24.59 23.96 -33.51
CA VAL G 54 25.87 23.26 -33.43
C VAL G 54 25.69 21.88 -32.78
N ALA G 55 24.79 21.77 -31.82
CA ALA G 55 24.53 20.52 -31.12
C ALA G 55 23.94 19.44 -32.03
N ALA G 56 24.15 18.18 -31.68
CA ALA G 56 23.55 17.09 -32.43
C ALA G 56 22.02 17.12 -32.18
N ARG G 57 21.27 16.68 -33.18
CA ARG G 57 19.81 16.65 -33.09
C ARG G 57 19.36 15.69 -32.00
N SER G 58 18.62 16.19 -31.01
CA SER G 58 18.23 15.43 -29.84
C SER G 58 16.84 14.75 -29.88
N THR G 59 15.89 15.28 -30.65
CA THR G 59 14.55 14.68 -30.72
C THR G 59 14.62 13.51 -31.67
N SER G 60 14.31 12.28 -31.20
CA SER G 60 14.37 11.12 -32.10
C SER G 60 13.30 11.13 -33.18
N ILE G 61 13.61 10.52 -34.31
CA ILE G 61 12.69 10.44 -35.43
C ILE G 61 12.24 8.98 -35.57
N ILE G 62 10.93 8.77 -35.55
CA ILE G 62 10.34 7.46 -35.77
C ILE G 62 9.84 7.46 -37.22
N ALA G 63 10.31 6.50 -38.03
CA ALA G 63 9.83 6.39 -39.41
C ALA G 63 9.06 5.09 -39.57
N THR G 64 7.88 5.17 -40.19
CA THR G 64 7.06 3.98 -40.42
C THR G 64 7.56 3.24 -41.64
N ILE G 65 7.76 1.93 -41.51
CA ILE G 65 8.25 1.08 -42.59
C ILE G 65 7.10 0.58 -43.44
N GLY G 66 7.26 0.66 -44.74
CA GLY G 66 6.25 0.18 -45.68
C GLY G 66 6.86 -0.01 -47.06
N PRO G 67 6.01 -0.12 -48.10
CA PRO G 67 6.55 -0.32 -49.46
C PRO G 67 7.55 0.73 -49.92
N ALA G 68 7.42 1.98 -49.47
CA ALA G 68 8.37 3.04 -49.87
C ALA G 68 9.71 3.00 -49.13
N SER G 69 9.82 2.21 -48.05
CA SER G 69 11.01 2.24 -47.20
C SER G 69 11.41 0.88 -46.67
N ARG G 70 11.19 -0.16 -47.44
CA ARG G 70 11.42 -1.53 -46.98
C ARG G 70 12.73 -2.16 -47.45
N SER G 71 13.26 -1.73 -48.60
CA SER G 71 14.50 -2.32 -49.11
C SER G 71 15.71 -1.98 -48.24
N VAL G 72 16.70 -2.87 -48.21
CA VAL G 72 17.91 -2.68 -47.42
C VAL G 72 18.65 -1.40 -47.83
N GLU G 73 18.74 -1.15 -49.15
CA GLU G 73 19.40 0.06 -49.64
C GLU G 73 18.67 1.35 -49.26
N ARG G 74 17.34 1.32 -49.29
CA ARG G 74 16.53 2.47 -48.92
C ARG G 74 16.66 2.71 -47.40
N LEU G 75 16.65 1.63 -46.60
CA LEU G 75 16.80 1.72 -45.15
C LEU G 75 18.16 2.28 -44.72
N LYS G 76 19.23 1.98 -45.48
CA LYS G 76 20.56 2.54 -45.21
C LYS G 76 20.53 4.05 -45.38
N GLU G 77 19.84 4.54 -46.42
CA GLU G 77 19.72 5.99 -46.64
C GLU G 77 18.88 6.64 -45.53
N MET G 78 17.84 5.95 -45.04
CA MET G 78 17.01 6.49 -43.97
CA MET G 78 17.01 6.49 -43.97
C MET G 78 17.77 6.56 -42.65
N ILE G 79 18.67 5.58 -42.39
CA ILE G 79 19.49 5.60 -41.17
C ILE G 79 20.46 6.79 -41.27
N LYS G 80 21.08 6.99 -42.45
CA LYS G 80 21.99 8.12 -42.66
C LYS G 80 21.27 9.47 -42.56
N ALA G 81 20.00 9.53 -42.99
CA ALA G 81 19.19 10.74 -42.91
C ALA G 81 18.76 11.09 -41.47
N GLY G 82 18.76 10.10 -40.58
CA GLY G 82 18.43 10.36 -39.17
C GLY G 82 17.38 9.49 -38.50
N MET G 83 16.86 8.46 -39.18
CA MET G 83 15.87 7.58 -38.56
C MET G 83 16.46 6.86 -37.34
N ASN G 84 15.80 6.98 -36.18
CA ASN G 84 16.29 6.32 -34.94
C ASN G 84 15.44 5.11 -34.52
N ILE G 85 14.14 5.16 -34.86
CA ILE G 85 13.19 4.12 -34.51
C ILE G 85 12.38 3.75 -35.76
N ALA G 86 12.29 2.46 -36.06
CA ALA G 86 11.52 1.94 -37.19
C ALA G 86 10.18 1.45 -36.66
N ARG G 87 9.09 2.00 -37.17
CA ARG G 87 7.74 1.63 -36.72
C ARG G 87 7.11 0.63 -37.69
N LEU G 88 6.60 -0.48 -37.16
CA LEU G 88 5.89 -1.48 -37.98
C LEU G 88 4.41 -1.34 -37.66
N ASN G 89 3.59 -0.92 -38.62
CA ASN G 89 2.17 -0.73 -38.40
C ASN G 89 1.42 -2.04 -38.64
N PHE G 90 1.02 -2.72 -37.56
CA PHE G 90 0.32 -3.98 -37.67
C PHE G 90 -1.16 -3.85 -38.08
N SER G 91 -1.62 -2.63 -38.41
CA SER G 91 -2.96 -2.46 -38.98
C SER G 91 -2.99 -3.02 -40.42
N HIS G 92 -1.82 -3.14 -41.09
CA HIS G 92 -1.70 -3.65 -42.46
C HIS G 92 -0.54 -4.64 -42.53
N GLY G 93 -0.64 -5.62 -43.42
CA GLY G 93 0.43 -6.59 -43.63
C GLY G 93 0.41 -7.80 -42.76
N SER G 94 0.90 -8.92 -43.28
CA SER G 94 0.93 -10.18 -42.55
C SER G 94 2.17 -10.25 -41.62
N HIS G 95 2.24 -11.29 -40.78
CA HIS G 95 3.40 -11.52 -39.93
C HIS G 95 4.65 -11.77 -40.78
N GLU G 96 4.49 -12.48 -41.92
CA GLU G 96 5.60 -12.76 -42.83
C GLU G 96 6.15 -11.44 -43.42
N TYR G 97 5.27 -10.53 -43.79
CA TYR G 97 5.64 -9.24 -44.35
C TYR G 97 6.45 -8.42 -43.30
N HIS G 98 5.95 -8.34 -42.07
CA HIS G 98 6.64 -7.61 -41.00
C HIS G 98 7.95 -8.25 -40.59
N ALA G 99 8.05 -9.59 -40.59
CA ALA G 99 9.30 -10.27 -40.28
C ALA G 99 10.38 -9.91 -41.30
N GLU G 100 9.98 -9.78 -42.59
CA GLU G 100 10.91 -9.38 -43.65
CA GLU G 100 10.92 -9.40 -43.62
C GLU G 100 11.37 -7.95 -43.44
N SER G 101 10.46 -7.06 -43.04
CA SER G 101 10.77 -5.66 -42.77
C SER G 101 11.81 -5.57 -41.63
N ILE G 102 11.60 -6.34 -40.54
CA ILE G 102 12.51 -6.39 -39.40
C ILE G 102 13.89 -6.87 -39.83
N ALA G 103 13.93 -7.96 -40.64
CA ALA G 103 15.20 -8.51 -41.12
C ALA G 103 15.95 -7.47 -41.95
N ASN G 104 15.23 -6.74 -42.84
CA ASN G 104 15.83 -5.70 -43.67
C ASN G 104 16.36 -4.53 -42.84
N VAL G 105 15.61 -4.10 -41.80
CA VAL G 105 16.09 -3.04 -40.90
C VAL G 105 17.38 -3.49 -40.21
N ARG G 106 17.39 -4.71 -39.64
CA ARG G 106 18.58 -5.22 -38.96
C ARG G 106 19.78 -5.37 -39.91
N GLU G 107 19.53 -5.77 -41.17
CA GLU G 107 20.61 -5.89 -42.15
C GLU G 107 21.18 -4.51 -42.47
N ALA G 108 20.33 -3.51 -42.66
CA ALA G 108 20.78 -2.14 -42.92
C ALA G 108 21.55 -1.56 -41.72
N VAL G 109 21.06 -1.79 -40.50
CA VAL G 109 21.71 -1.28 -39.28
C VAL G 109 23.10 -1.92 -39.10
N GLU G 110 23.16 -3.26 -39.25
CA GLU G 110 24.42 -3.97 -39.08
C GLU G 110 25.44 -3.72 -40.18
N SER G 111 25.03 -3.15 -41.32
CA SER G 111 25.97 -2.82 -42.39
C SER G 111 26.97 -1.72 -41.98
N PHE G 112 26.68 -0.98 -40.90
CA PHE G 112 27.57 0.07 -40.38
C PHE G 112 28.35 -0.39 -39.12
N ALA G 113 28.14 -1.64 -38.64
CA ALA G 113 28.75 -2.15 -37.41
C ALA G 113 30.26 -2.35 -37.45
N GLY G 114 30.86 -2.26 -38.64
CA GLY G 114 32.30 -2.40 -38.79
C GLY G 114 33.09 -1.28 -38.15
N SER G 115 32.43 -0.14 -37.85
CA SER G 115 33.06 1.00 -37.20
C SER G 115 32.31 1.25 -35.89
N PRO G 116 32.79 0.65 -34.79
CA PRO G 116 32.08 0.80 -33.50
C PRO G 116 32.00 2.22 -32.93
N LEU G 117 32.95 3.10 -33.29
CA LEU G 117 32.91 4.50 -32.81
C LEU G 117 31.82 5.34 -33.49
N SER G 118 31.26 4.87 -34.63
CA SER G 118 30.22 5.60 -35.35
C SER G 118 28.89 4.81 -35.52
N TYR G 119 28.83 3.55 -35.02
CA TYR G 119 27.65 2.68 -35.11
C TYR G 119 26.43 3.30 -34.48
N ARG G 120 25.29 3.33 -35.23
CA ARG G 120 24.03 3.87 -34.73
C ARG G 120 22.97 2.80 -34.51
N PRO G 121 22.63 2.52 -33.24
CA PRO G 121 21.52 1.58 -32.97
C PRO G 121 20.18 2.13 -33.50
N VAL G 122 19.27 1.24 -33.92
CA VAL G 122 17.95 1.64 -34.41
C VAL G 122 16.91 0.75 -33.71
N ALA G 123 15.96 1.35 -32.98
CA ALA G 123 14.95 0.59 -32.27
C ALA G 123 13.86 0.09 -33.22
N ILE G 124 13.20 -1.01 -32.84
CA ILE G 124 12.09 -1.54 -33.63
C ILE G 124 10.84 -1.47 -32.78
N ALA G 125 9.85 -0.74 -33.24
CA ALA G 125 8.60 -0.54 -32.51
C ALA G 125 7.42 -1.20 -33.25
N LEU G 126 6.56 -1.89 -32.50
CA LEU G 126 5.41 -2.56 -33.07
C LEU G 126 4.18 -1.75 -32.71
N ASP G 127 3.45 -1.25 -33.71
CA ASP G 127 2.25 -0.45 -33.47
C ASP G 127 1.05 -1.37 -33.71
N THR G 128 0.27 -1.61 -32.65
CA THR G 128 -0.85 -2.54 -32.75
C THR G 128 -2.06 -2.04 -33.58
N LYS G 129 -2.82 -2.99 -34.12
CA LYS G 129 -4.04 -2.70 -34.90
C LYS G 129 -5.08 -2.02 -34.00
N GLY G 130 -5.22 -2.50 -32.78
CA GLY G 130 -6.14 -1.91 -31.82
C GLY G 130 -7.37 -2.76 -31.54
N PRO G 131 -8.24 -2.26 -30.65
CA PRO G 131 -9.40 -3.05 -30.23
C PRO G 131 -10.54 -3.14 -31.23
N GLY G 134 -14.37 -3.53 -30.15
CA GLY G 134 -14.25 -4.34 -28.94
C GLY G 134 -13.95 -3.52 -27.70
N PRO G 135 -14.17 -4.11 -26.52
CA PRO G 135 -13.96 -3.35 -25.28
C PRO G 135 -12.53 -3.24 -24.77
N GLY G 136 -11.68 -4.19 -25.13
CA GLY G 136 -10.31 -4.21 -24.67
C GLY G 136 -9.36 -4.88 -25.65
N LEU G 137 -8.31 -5.56 -25.15
CA LEU G 137 -7.31 -6.22 -26.00
C LEU G 137 -7.91 -7.25 -26.98
N SER G 138 -7.76 -7.01 -28.28
CA SER G 138 -8.31 -7.90 -29.31
C SER G 138 -7.48 -9.17 -29.47
N GLU G 139 -8.07 -10.18 -30.13
CA GLU G 139 -7.40 -11.45 -30.38
C GLU G 139 -6.22 -11.27 -31.32
N GLN G 140 -6.37 -10.41 -32.34
CA GLN G 140 -5.28 -10.15 -33.28
C GLN G 140 -4.13 -9.44 -32.56
N ASP G 141 -4.42 -8.50 -31.65
CA ASP G 141 -3.38 -7.82 -30.88
C ASP G 141 -2.61 -8.80 -30.01
N VAL G 142 -3.28 -9.79 -29.40
CA VAL G 142 -2.57 -10.81 -28.61
C VAL G 142 -1.56 -11.58 -29.49
N ARG G 143 -1.98 -11.96 -30.70
CA ARG G 143 -1.10 -12.69 -31.60
C ARG G 143 0.06 -11.80 -32.11
N ASP G 144 -0.23 -10.52 -32.41
CA ASP G 144 0.79 -9.60 -32.90
C ASP G 144 1.81 -9.26 -31.79
N LEU G 145 1.35 -9.11 -30.54
CA LEU G 145 2.24 -8.87 -29.40
C LEU G 145 3.14 -10.07 -29.19
N ARG G 146 2.62 -11.32 -29.38
CA ARG G 146 3.42 -12.54 -29.27
C ARG G 146 4.49 -12.57 -30.38
N PHE G 147 4.12 -12.13 -31.59
CA PHE G 147 5.05 -12.02 -32.71
C PHE G 147 6.19 -11.03 -32.34
N GLY G 148 5.83 -9.89 -31.75
CA GLY G 148 6.80 -8.90 -31.31
C GLY G 148 7.81 -9.44 -30.32
N VAL G 149 7.34 -10.19 -29.33
CA VAL G 149 8.23 -10.83 -28.34
C VAL G 149 9.17 -11.82 -29.03
N GLU G 150 8.61 -12.66 -29.91
CA GLU G 150 9.41 -13.67 -30.61
C GLU G 150 10.45 -13.06 -31.55
N HIS G 151 10.15 -11.89 -32.11
CA HIS G 151 11.09 -11.22 -33.00
C HIS G 151 11.98 -10.16 -32.30
N GLY G 152 11.90 -10.07 -30.98
CA GLY G 152 12.74 -9.17 -30.20
C GLY G 152 12.54 -7.68 -30.42
N VAL G 153 11.28 -7.24 -30.55
CA VAL G 153 11.00 -5.82 -30.71
C VAL G 153 11.34 -5.09 -29.41
N ASP G 154 11.66 -3.81 -29.53
CA ASP G 154 12.06 -3.01 -28.37
C ASP G 154 10.91 -2.28 -27.72
N ILE G 155 9.93 -1.85 -28.52
CA ILE G 155 8.84 -1.00 -28.08
C ILE G 155 7.51 -1.43 -28.67
N VAL G 156 6.42 -1.20 -27.92
CA VAL G 156 5.07 -1.43 -28.42
C VAL G 156 4.35 -0.09 -28.36
N PHE G 157 3.77 0.35 -29.49
CA PHE G 157 2.90 1.53 -29.51
C PHE G 157 1.50 0.93 -29.43
N ALA G 158 0.88 0.94 -28.25
CA ALA G 158 -0.43 0.31 -28.03
C ALA G 158 -1.59 1.21 -28.45
N SER G 159 -2.32 0.81 -29.49
CA SER G 159 -3.43 1.61 -30.02
C SER G 159 -4.65 1.70 -29.12
N PHE G 160 -5.32 2.86 -29.16
CA PHE G 160 -6.55 3.16 -28.44
C PHE G 160 -6.54 2.76 -26.97
N VAL G 161 -5.52 3.21 -26.21
CA VAL G 161 -5.49 2.95 -24.79
C VAL G 161 -6.50 3.93 -24.15
N ARG G 162 -7.50 3.40 -23.43
CA ARG G 162 -8.53 4.23 -22.81
C ARG G 162 -8.50 4.24 -21.28
N LYS G 163 -7.79 3.29 -20.66
CA LYS G 163 -7.73 3.17 -19.20
C LYS G 163 -6.53 2.33 -18.77
N ALA G 164 -6.18 2.34 -17.48
CA ALA G 164 -5.04 1.60 -16.94
C ALA G 164 -5.13 0.11 -17.20
N SER G 165 -6.35 -0.48 -17.15
CA SER G 165 -6.49 -1.92 -17.39
C SER G 165 -6.12 -2.33 -18.81
N ASP G 166 -6.21 -1.41 -19.78
CA ASP G 166 -5.79 -1.72 -21.15
C ASP G 166 -4.27 -1.93 -21.17
N VAL G 167 -3.51 -1.13 -20.39
CA VAL G 167 -2.05 -1.25 -20.31
C VAL G 167 -1.68 -2.56 -19.61
N ALA G 168 -2.41 -2.91 -18.54
CA ALA G 168 -2.16 -4.17 -17.81
C ALA G 168 -2.40 -5.36 -18.74
N ALA G 169 -3.41 -5.29 -19.61
CA ALA G 169 -3.66 -6.37 -20.59
C ALA G 169 -2.51 -6.50 -21.57
N VAL G 170 -1.96 -5.38 -22.06
CA VAL G 170 -0.81 -5.42 -22.98
C VAL G 170 0.42 -5.99 -22.24
N ARG G 171 0.69 -5.52 -20.98
CA ARG G 171 1.81 -6.00 -20.14
C ARG G 171 1.75 -7.51 -19.97
N ALA G 172 0.58 -8.04 -19.59
CA ALA G 172 0.38 -9.49 -19.39
C ALA G 172 0.64 -10.25 -20.69
N ALA G 173 0.23 -9.67 -21.84
CA ALA G 173 0.41 -10.28 -23.16
C ALA G 173 1.87 -10.31 -23.65
N LEU G 174 2.77 -9.55 -22.99
CA LEU G 174 4.19 -9.61 -23.38
C LEU G 174 4.90 -10.86 -22.77
N GLY G 175 4.11 -11.90 -22.49
CA GLY G 175 4.51 -13.26 -22.10
C GLY G 175 5.54 -13.30 -21.04
N PRO G 176 6.23 -14.45 -20.88
CA PRO G 176 7.28 -14.49 -19.88
C PRO G 176 8.56 -13.78 -20.37
N GLU G 177 8.79 -13.67 -21.70
CA GLU G 177 10.05 -13.17 -22.17
C GLU G 177 10.10 -11.72 -22.67
N GLY G 178 8.98 -11.01 -22.67
CA GLY G 178 8.96 -9.62 -23.16
C GLY G 178 8.69 -8.53 -22.15
N HIS G 179 9.01 -8.78 -20.87
CA HIS G 179 8.80 -7.78 -19.82
C HIS G 179 9.68 -6.51 -19.96
N GLY G 180 10.82 -6.62 -20.66
CA GLY G 180 11.69 -5.47 -20.86
C GLY G 180 11.26 -4.56 -22.01
N ILE G 181 10.23 -4.96 -22.76
CA ILE G 181 9.72 -4.15 -23.86
C ILE G 181 9.00 -2.91 -23.33
N LYS G 182 9.28 -1.73 -23.91
CA LYS G 182 8.66 -0.49 -23.47
C LYS G 182 7.25 -0.37 -24.03
N ILE G 183 6.27 -0.01 -23.19
CA ILE G 183 4.90 0.17 -23.66
C ILE G 183 4.61 1.65 -23.73
N ILE G 184 4.40 2.16 -24.95
CA ILE G 184 4.04 3.54 -25.19
C ILE G 184 2.55 3.54 -25.51
N SER G 185 1.72 4.11 -24.62
CA SER G 185 0.27 4.10 -24.83
C SER G 185 -0.17 5.20 -25.79
N LYS G 186 -0.92 4.82 -26.82
CA LYS G 186 -1.44 5.80 -27.77
C LYS G 186 -2.77 6.36 -27.26
N ILE G 187 -2.85 7.69 -27.12
CA ILE G 187 -4.06 8.38 -26.67
C ILE G 187 -4.76 8.88 -27.93
N GLU G 188 -5.92 8.29 -28.24
CA GLU G 188 -6.61 8.56 -29.50
C GLU G 188 -8.07 8.95 -29.37
N ASN G 189 -8.61 9.09 -28.16
CA ASN G 189 -10.01 9.45 -28.00
C ASN G 189 -10.26 10.23 -26.70
N HIS G 190 -11.51 10.70 -26.51
CA HIS G 190 -11.88 11.48 -25.34
C HIS G 190 -11.60 10.75 -24.03
N GLU G 191 -11.95 9.46 -23.93
CA GLU G 191 -11.72 8.69 -22.71
C GLU G 191 -10.22 8.59 -22.34
N GLY G 192 -9.36 8.34 -23.33
CA GLY G 192 -7.92 8.29 -23.10
C GLY G 192 -7.38 9.60 -22.55
N VAL G 193 -7.89 10.74 -23.07
CA VAL G 193 -7.47 12.06 -22.58
C VAL G 193 -7.95 12.26 -21.14
N LYS G 194 -9.22 11.95 -20.86
CA LYS G 194 -9.78 12.12 -19.53
C LYS G 194 -9.15 11.22 -18.47
N ARG G 195 -8.77 9.99 -18.85
CA ARG G 195 -8.11 9.07 -17.94
C ARG G 195 -6.58 9.06 -18.12
N PHE G 196 -6.03 10.16 -18.67
CA PHE G 196 -4.60 10.27 -18.94
C PHE G 196 -3.70 9.94 -17.75
N ASP G 197 -3.99 10.51 -16.57
CA ASP G 197 -3.11 10.30 -15.41
C ASP G 197 -2.97 8.84 -15.01
N GLU G 198 -4.08 8.09 -15.00
CA GLU G 198 -4.02 6.68 -14.64
C GLU G 198 -3.30 5.85 -15.70
N ILE G 199 -3.42 6.25 -16.99
CA ILE G 199 -2.73 5.58 -18.09
C ILE G 199 -1.21 5.83 -18.01
N LEU G 200 -0.81 7.11 -17.84
CA LEU G 200 0.61 7.46 -17.77
C LEU G 200 1.32 6.75 -16.60
N GLU G 201 0.64 6.65 -15.45
CA GLU G 201 1.18 6.00 -14.26
C GLU G 201 1.67 4.58 -14.52
N VAL G 202 0.93 3.81 -15.34
CA VAL G 202 1.32 2.42 -15.61
C VAL G 202 2.04 2.21 -16.95
N SER G 203 2.19 3.26 -17.77
CA SER G 203 2.85 3.14 -19.07
C SER G 203 4.31 3.57 -18.98
N ASP G 204 5.13 3.15 -19.94
CA ASP G 204 6.52 3.66 -20.04
C ASP G 204 6.54 5.05 -20.72
N GLY G 205 5.52 5.38 -21.50
CA GLY G 205 5.42 6.65 -22.19
C GLY G 205 4.12 6.78 -22.94
N ILE G 206 3.96 7.86 -23.71
CA ILE G 206 2.71 8.16 -24.40
C ILE G 206 2.95 8.59 -25.83
N MET G 207 1.98 8.30 -26.71
CA MET G 207 2.00 8.82 -28.07
C MET G 207 0.71 9.65 -28.23
N VAL G 208 0.85 10.89 -28.69
CA VAL G 208 -0.29 11.73 -29.00
C VAL G 208 -0.65 11.33 -30.44
N ALA G 209 -1.62 10.42 -30.59
CA ALA G 209 -1.98 9.86 -31.89
C ALA G 209 -3.04 10.76 -32.50
N ARG G 210 -2.59 11.85 -33.14
CA ARG G 210 -3.45 12.91 -33.62
C ARG G 210 -4.45 12.56 -34.72
N GLY G 211 -4.19 11.52 -35.49
CA GLY G 211 -5.10 11.09 -36.56
C GLY G 211 -6.47 10.73 -36.03
N ASP G 212 -6.55 9.68 -35.20
CA ASP G 212 -7.80 9.30 -34.57
C ASP G 212 -8.27 10.34 -33.57
N LEU G 213 -7.35 10.96 -32.80
CA LEU G 213 -7.74 11.97 -31.82
C LEU G 213 -8.52 13.13 -32.48
N GLY G 214 -8.09 13.55 -33.67
CA GLY G 214 -8.72 14.63 -34.42
C GLY G 214 -10.07 14.31 -35.06
N ILE G 215 -10.46 13.04 -35.01
CA ILE G 215 -11.77 12.57 -35.48
C ILE G 215 -12.68 12.25 -34.26
N GLU G 216 -12.07 11.79 -33.15
CA GLU G 216 -12.76 11.46 -31.89
C GLU G 216 -13.16 12.68 -31.09
N ILE G 217 -12.33 13.74 -31.11
CA ILE G 217 -12.65 15.00 -30.44
C ILE G 217 -12.66 16.10 -31.52
N PRO G 218 -13.24 17.29 -31.26
CA PRO G 218 -13.21 18.36 -32.28
C PRO G 218 -11.77 18.67 -32.74
N ALA G 219 -11.56 18.82 -34.05
CA ALA G 219 -10.23 19.05 -34.62
C ALA G 219 -9.52 20.26 -34.00
N GLU G 220 -10.29 21.29 -33.65
CA GLU G 220 -9.76 22.51 -33.05
C GLU G 220 -9.30 22.36 -31.60
N LYS G 221 -9.53 21.18 -30.97
CA LYS G 221 -9.09 20.95 -29.59
C LYS G 221 -7.84 20.05 -29.50
N VAL G 222 -7.40 19.44 -30.63
CA VAL G 222 -6.25 18.53 -30.60
C VAL G 222 -4.99 19.18 -30.03
N PHE G 223 -4.72 20.45 -30.39
CA PHE G 223 -3.52 21.13 -29.87
C PHE G 223 -3.51 21.23 -28.32
N LEU G 224 -4.70 21.36 -27.70
CA LEU G 224 -4.82 21.44 -26.24
C LEU G 224 -4.43 20.09 -25.64
N ALA G 225 -4.95 18.98 -26.22
CA ALA G 225 -4.65 17.64 -25.75
C ALA G 225 -3.15 17.36 -25.94
N GLN G 226 -2.58 17.75 -27.10
CA GLN G 226 -1.16 17.55 -27.36
C GLN G 226 -0.27 18.29 -26.34
N LYS G 227 -0.53 19.59 -26.13
CA LYS G 227 0.28 20.39 -25.21
C LYS G 227 0.16 19.90 -23.76
N MET G 228 -1.05 19.48 -23.36
CA MET G 228 -1.29 18.98 -22.00
C MET G 228 -0.53 17.67 -21.78
N MET G 229 -0.65 16.71 -22.72
CA MET G 229 -0.01 15.42 -22.57
C MET G 229 1.51 15.51 -22.60
N ILE G 230 2.05 16.39 -23.44
CA ILE G 230 3.49 16.59 -23.51
C ILE G 230 3.98 17.21 -22.18
N GLY G 231 3.26 18.21 -21.67
CA GLY G 231 3.61 18.83 -20.40
C GLY G 231 3.59 17.83 -19.25
N ARG G 232 2.53 17.00 -19.16
CA ARG G 232 2.43 16.01 -18.09
C ARG G 232 3.51 14.92 -18.19
N CYS G 233 3.87 14.52 -19.41
CA CYS G 233 4.94 13.53 -19.61
C CYS G 233 6.28 14.11 -19.21
N ASN G 234 6.51 15.39 -19.56
CA ASN G 234 7.76 16.08 -19.20
C ASN G 234 7.86 16.16 -17.66
N LEU G 235 6.74 16.46 -16.98
CA LEU G 235 6.69 16.51 -15.52
C LEU G 235 6.98 15.12 -14.91
N ALA G 236 6.44 14.06 -15.50
CA ALA G 236 6.66 12.69 -15.01
C ALA G 236 8.03 12.10 -15.41
N GLY G 237 8.74 12.72 -16.34
CA GLY G 237 10.02 12.21 -16.81
C GLY G 237 9.87 10.96 -17.67
N LYS G 238 8.76 10.87 -18.41
CA LYS G 238 8.49 9.74 -19.29
C LYS G 238 8.39 10.20 -20.74
N PRO G 239 8.91 9.40 -21.69
CA PRO G 239 8.86 9.81 -23.10
C PRO G 239 7.48 10.06 -23.69
N VAL G 240 7.41 11.08 -24.55
CA VAL G 240 6.18 11.41 -25.25
C VAL G 240 6.49 11.59 -26.73
N VAL G 241 5.65 10.99 -27.59
CA VAL G 241 5.80 11.07 -29.04
C VAL G 241 4.72 11.94 -29.63
N CYS G 242 5.07 12.84 -30.56
CA CYS G 242 4.05 13.57 -31.31
C CYS G 242 3.92 12.85 -32.66
N ALA G 243 2.70 12.53 -33.07
CA ALA G 243 2.52 11.75 -34.29
C ALA G 243 1.41 12.24 -35.19
N THR G 244 1.51 11.90 -36.48
CA THR G 244 0.51 11.94 -37.55
C THR G 244 0.32 13.28 -38.24
N GLN G 245 0.47 13.23 -39.57
CA GLN G 245 0.30 14.33 -40.51
C GLN G 245 1.27 15.49 -40.27
N MET G 246 2.43 15.23 -39.64
CA MET G 246 3.41 16.29 -39.39
C MET G 246 3.96 16.87 -40.69
N LEU G 247 4.23 16.02 -41.68
CA LEU G 247 4.72 16.47 -43.01
C LEU G 247 3.85 15.81 -44.11
N GLU G 248 2.53 15.72 -43.88
CA GLU G 248 1.57 15.03 -44.75
C GLU G 248 1.72 15.27 -46.26
N SER G 249 1.85 16.54 -46.69
CA SER G 249 1.98 16.87 -48.11
C SER G 249 3.20 16.23 -48.76
N MET G 250 4.20 15.85 -47.98
CA MET G 250 5.41 15.20 -48.50
C MET G 250 5.18 13.76 -48.96
N ILE G 251 3.96 13.20 -48.76
CA ILE G 251 3.62 11.89 -49.32
C ILE G 251 3.68 11.99 -50.87
N THR G 252 3.30 13.15 -51.45
CA THR G 252 3.38 13.34 -52.90
C THR G 252 4.31 14.48 -53.34
N LYS G 253 4.61 15.44 -52.44
CA LYS G 253 5.46 16.59 -52.82
C LYS G 253 6.86 16.56 -52.19
N PRO G 254 7.89 17.04 -52.91
CA PRO G 254 9.26 16.97 -52.34
C PRO G 254 9.56 17.98 -51.24
N ARG G 255 8.71 18.99 -51.06
CA ARG G 255 8.87 20.00 -50.02
C ARG G 255 7.58 20.11 -49.21
N PRO G 256 7.69 20.38 -47.90
CA PRO G 256 6.47 20.52 -47.09
C PRO G 256 5.85 21.92 -47.13
N THR G 257 4.65 22.05 -46.55
CA THR G 257 4.00 23.35 -46.47
C THR G 257 4.57 24.15 -45.28
N ARG G 258 4.23 25.45 -45.20
CA ARG G 258 4.64 26.30 -44.10
C ARG G 258 4.02 25.84 -42.78
N ALA G 259 2.80 25.28 -42.82
CA ALA G 259 2.14 24.79 -41.60
C ALA G 259 2.84 23.54 -41.08
N GLU G 260 3.31 22.67 -41.99
CA GLU G 260 3.99 21.43 -41.63
C GLU G 260 5.34 21.67 -40.96
N THR G 261 6.17 22.60 -41.49
CA THR G 261 7.44 22.89 -40.82
C THR G 261 7.19 23.51 -39.44
N SER G 262 6.17 24.37 -39.35
CA SER G 262 5.76 25.00 -38.10
C SER G 262 5.32 23.92 -37.08
N ASP G 263 4.52 22.94 -37.54
CA ASP G 263 4.03 21.86 -36.67
C ASP G 263 5.18 21.04 -36.08
N VAL G 264 6.17 20.69 -36.90
CA VAL G 264 7.33 19.92 -36.41
C VAL G 264 8.11 20.75 -35.37
N ALA G 265 8.37 22.02 -35.69
CA ALA G 265 9.11 22.89 -34.77
C ALA G 265 8.37 23.07 -33.45
N ASN G 266 7.05 23.25 -33.50
CA ASN G 266 6.25 23.44 -32.31
C ASN G 266 6.10 22.19 -31.47
N ALA G 267 6.12 20.99 -32.06
CA ALA G 267 6.08 19.75 -31.28
C ALA G 267 7.38 19.64 -30.45
N VAL G 268 8.53 19.99 -31.04
CA VAL G 268 9.82 19.98 -30.33
C VAL G 268 9.80 21.05 -29.23
N LEU G 269 9.35 22.28 -29.57
CA LEU G 269 9.27 23.33 -28.57
C LEU G 269 8.32 22.98 -27.43
N ASP G 270 7.22 22.26 -27.73
CA ASP G 270 6.25 21.80 -26.72
C ASP G 270 6.91 20.90 -25.68
N GLY G 271 7.87 20.09 -26.12
CA GLY G 271 8.61 19.17 -25.27
C GLY G 271 8.59 17.72 -25.72
N ALA G 272 8.17 17.43 -26.99
CA ALA G 272 8.13 16.04 -27.45
C ALA G 272 9.51 15.40 -27.46
N ASP G 273 9.62 14.17 -26.92
CA ASP G 273 10.88 13.43 -26.97
C ASP G 273 11.12 12.88 -28.37
N CYS G 274 10.04 12.46 -29.06
CA CYS G 274 10.12 11.90 -30.40
C CYS G 274 9.09 12.55 -31.32
N ILE G 275 9.41 12.60 -32.59
CA ILE G 275 8.48 13.03 -33.63
C ILE G 275 8.36 11.87 -34.62
N MET G 276 7.23 11.77 -35.32
CA MET G 276 6.97 10.60 -36.14
C MET G 276 6.56 10.94 -37.58
N LEU G 277 6.82 9.98 -38.47
CA LEU G 277 6.42 10.00 -39.86
C LEU G 277 5.65 8.69 -40.09
N SER G 278 4.48 8.79 -40.71
CA SER G 278 3.66 7.62 -40.96
CA SER G 278 3.66 7.62 -40.96
C SER G 278 3.57 7.37 -42.47
N GLY G 279 2.52 7.86 -43.15
CA GLY G 279 2.40 7.70 -44.60
C GLY G 279 3.57 8.33 -45.34
N GLU G 280 4.16 9.40 -44.78
CA GLU G 280 5.31 10.08 -45.38
C GLU G 280 6.47 9.11 -45.68
N THR G 281 6.73 8.14 -44.80
CA THR G 281 7.79 7.17 -45.07
C THR G 281 7.29 5.79 -45.45
N ALA G 282 6.07 5.41 -45.03
CA ALA G 282 5.56 4.07 -45.32
C ALA G 282 5.17 3.92 -46.79
N LYS G 283 4.54 4.94 -47.35
CA LYS G 283 4.02 4.85 -48.72
C LYS G 283 4.29 6.10 -49.55
N GLY G 284 5.08 7.05 -49.06
CA GLY G 284 5.31 8.29 -49.75
C GLY G 284 6.32 8.22 -50.89
N ASN G 285 6.32 9.26 -51.71
CA ASN G 285 7.25 9.38 -52.84
C ASN G 285 8.64 9.86 -52.42
N PHE G 286 8.74 10.50 -51.22
CA PHE G 286 10.01 11.07 -50.74
C PHE G 286 10.32 10.68 -49.27
N PRO G 287 10.41 9.38 -48.95
CA PRO G 287 10.65 8.98 -47.55
C PRO G 287 11.93 9.52 -46.94
N VAL G 288 13.05 9.50 -47.70
CA VAL G 288 14.34 9.98 -47.20
C VAL G 288 14.30 11.48 -46.96
N GLU G 289 13.69 12.23 -47.89
CA GLU G 289 13.59 13.67 -47.77
C GLU G 289 12.72 14.09 -46.56
N ALA G 290 11.68 13.29 -46.24
CA ALA G 290 10.81 13.57 -45.09
C ALA G 290 11.62 13.42 -43.78
N VAL G 291 12.48 12.40 -43.70
CA VAL G 291 13.34 12.19 -42.54
C VAL G 291 14.34 13.36 -42.45
N LYS G 292 14.93 13.76 -43.59
CA LYS G 292 15.88 14.88 -43.62
C LYS G 292 15.24 16.18 -43.17
N MET G 293 13.97 16.40 -43.54
CA MET G 293 13.24 17.60 -43.16
C MET G 293 12.98 17.62 -41.65
N GLN G 294 12.54 16.49 -41.06
CA GLN G 294 12.33 16.44 -39.62
C GLN G 294 13.63 16.67 -38.87
N HIS G 295 14.74 16.12 -39.38
CA HIS G 295 16.06 16.31 -38.77
C HIS G 295 16.45 17.80 -38.75
N ALA G 296 16.32 18.46 -39.91
CA ALA G 296 16.69 19.88 -40.05
C ALA G 296 15.87 20.80 -39.14
N ILE G 297 14.55 20.59 -39.10
CA ILE G 297 13.67 21.40 -38.25
C ILE G 297 13.95 21.16 -36.77
N ALA G 298 14.06 19.87 -36.36
CA ALA G 298 14.28 19.54 -34.94
C ALA G 298 15.54 20.20 -34.41
N ARG G 299 16.63 20.17 -35.17
CA ARG G 299 17.88 20.81 -34.76
C ARG G 299 17.70 22.31 -34.51
N GLU G 300 16.98 23.00 -35.40
CA GLU G 300 16.73 24.43 -35.24
C GLU G 300 15.87 24.70 -34.00
N ALA G 301 14.81 23.87 -33.81
CA ALA G 301 13.88 24.06 -32.69
C ALA G 301 14.52 23.78 -31.34
N GLU G 302 15.38 22.77 -31.27
CA GLU G 302 16.06 22.43 -30.01
C GLU G 302 16.95 23.57 -29.52
N ALA G 303 17.63 24.26 -30.44
CA ALA G 303 18.47 25.41 -30.06
C ALA G 303 17.61 26.59 -29.56
N ALA G 304 16.36 26.70 -30.06
CA ALA G 304 15.41 27.75 -29.69
C ALA G 304 14.65 27.49 -28.39
N VAL G 305 14.88 26.34 -27.73
CA VAL G 305 14.24 26.04 -26.45
C VAL G 305 14.74 27.05 -25.39
N TYR G 306 13.85 27.61 -24.57
CA TYR G 306 14.19 28.56 -23.54
C TYR G 306 14.56 27.79 -22.27
N HIS G 307 15.77 27.23 -22.26
CA HIS G 307 16.26 26.42 -21.14
C HIS G 307 16.25 27.11 -19.79
N ARG G 308 16.46 28.43 -19.75
CA ARG G 308 16.49 29.17 -18.48
C ARG G 308 15.22 28.96 -17.67
N GLN G 309 14.04 29.11 -18.31
CA GLN G 309 12.79 28.90 -17.60
C GLN G 309 12.44 27.43 -17.49
N LEU G 310 12.70 26.66 -18.57
CA LEU G 310 12.40 25.23 -18.60
C LEU G 310 13.09 24.48 -17.44
N PHE G 311 14.41 24.69 -17.27
CA PHE G 311 15.15 24.02 -16.20
C PHE G 311 14.64 24.43 -14.83
N GLU G 312 14.34 25.73 -14.63
CA GLU G 312 13.83 26.25 -13.35
C GLU G 312 12.49 25.58 -13.01
N GLU G 313 11.59 25.46 -14.01
CA GLU G 313 10.29 24.84 -13.77
C GLU G 313 10.37 23.33 -13.57
N LEU G 314 11.25 22.64 -14.31
CA LEU G 314 11.42 21.19 -14.13
C LEU G 314 11.99 20.91 -12.72
N ARG G 315 12.92 21.75 -12.25
CA ARG G 315 13.53 21.67 -10.94
C ARG G 315 12.48 21.88 -9.84
N ARG G 316 11.67 22.93 -9.96
CA ARG G 316 10.64 23.28 -8.98
C ARG G 316 9.54 22.21 -8.89
N ALA G 317 9.14 21.65 -10.05
CA ALA G 317 8.05 20.67 -10.06
C ALA G 317 8.48 19.26 -9.66
N ALA G 318 9.75 18.91 -9.90
CA ALA G 318 10.24 17.58 -9.56
C ALA G 318 10.33 17.46 -8.04
N PRO G 319 9.76 16.41 -7.47
CA PRO G 319 9.80 16.28 -6.00
C PRO G 319 11.20 16.01 -5.46
N LEU G 320 11.39 16.22 -4.16
CA LEU G 320 12.64 15.89 -3.49
C LEU G 320 12.84 14.37 -3.59
N SER G 321 14.09 13.92 -3.63
CA SER G 321 14.35 12.50 -3.77
C SER G 321 15.53 12.06 -2.97
N ARG G 322 15.46 10.85 -2.43
CA ARG G 322 16.59 10.24 -1.75
C ARG G 322 17.25 9.14 -2.64
N ASP G 323 16.84 9.01 -3.92
CA ASP G 323 17.41 8.05 -4.85
C ASP G 323 18.71 8.66 -5.40
N PRO G 324 19.87 8.02 -5.17
CA PRO G 324 21.13 8.61 -5.65
C PRO G 324 21.21 8.85 -7.15
N THR G 325 20.52 8.04 -7.98
CA THR G 325 20.56 8.24 -9.43
C THR G 325 19.87 9.58 -9.77
N GLU G 326 18.71 9.84 -9.16
CA GLU G 326 17.97 11.08 -9.39
CA GLU G 326 17.96 11.08 -9.37
C GLU G 326 18.76 12.29 -8.86
N VAL G 327 19.40 12.15 -7.70
CA VAL G 327 20.18 13.25 -7.09
C VAL G 327 21.40 13.58 -7.97
N THR G 328 22.10 12.53 -8.45
CA THR G 328 23.27 12.71 -9.30
C THR G 328 22.85 13.35 -10.62
N ALA G 329 21.71 12.93 -11.19
CA ALA G 329 21.24 13.47 -12.46
C ALA G 329 21.01 14.98 -12.43
N ILE G 330 20.33 15.50 -11.38
CA ILE G 330 20.08 16.94 -11.33
C ILE G 330 21.39 17.71 -11.10
N GLY G 331 22.29 17.17 -10.27
CA GLY G 331 23.58 17.79 -10.05
C GLY G 331 24.41 17.86 -11.32
N ALA G 332 24.37 16.78 -12.12
CA ALA G 332 25.10 16.71 -13.39
C ALA G 332 24.54 17.70 -14.42
N VAL G 333 23.21 17.82 -14.50
CA VAL G 333 22.60 18.75 -15.47
C VAL G 333 22.92 20.21 -15.05
N GLU G 334 22.88 20.49 -13.74
CA GLU G 334 23.22 21.82 -13.23
CA GLU G 334 23.22 21.82 -13.22
C GLU G 334 24.69 22.14 -13.57
N ALA G 335 25.60 21.18 -13.34
CA ALA G 335 27.03 21.34 -13.67
C ALA G 335 27.23 21.57 -15.16
N ALA G 336 26.51 20.81 -16.01
CA ALA G 336 26.63 20.97 -17.46
C ALA G 336 26.24 22.38 -17.92
N PHE G 337 25.16 22.95 -17.35
CA PHE G 337 24.75 24.32 -17.71
C PHE G 337 25.79 25.35 -17.25
N LYS G 338 26.39 25.15 -16.09
CA LYS G 338 27.37 26.07 -15.52
C LYS G 338 28.61 26.26 -16.42
N CYS G 339 29.05 25.19 -17.10
CA CYS G 339 30.25 25.25 -17.93
C CYS G 339 29.98 25.16 -19.42
N CYS G 340 28.69 25.15 -19.86
CA CYS G 340 28.32 24.96 -21.27
C CYS G 340 28.92 23.64 -21.77
N ALA G 341 28.84 22.58 -20.95
CA ALA G 341 29.42 21.28 -21.29
C ALA G 341 28.96 20.78 -22.63
N ALA G 342 29.88 20.25 -23.42
CA ALA G 342 29.54 19.74 -24.73
C ALA G 342 28.66 18.45 -24.60
N ALA G 343 28.90 17.68 -23.53
CA ALA G 343 28.17 16.44 -23.32
C ALA G 343 28.20 15.99 -21.85
N ILE G 344 27.25 15.12 -21.50
CA ILE G 344 27.20 14.40 -20.24
C ILE G 344 27.36 12.94 -20.65
N ILE G 345 28.48 12.29 -20.28
CA ILE G 345 28.70 10.90 -20.63
C ILE G 345 28.23 10.05 -19.47
N VAL G 346 27.31 9.13 -19.71
CA VAL G 346 26.77 8.30 -18.63
C VAL G 346 26.89 6.81 -18.95
N LEU G 347 27.26 6.02 -17.96
CA LEU G 347 27.30 4.57 -18.12
C LEU G 347 25.95 4.05 -17.65
N THR G 348 25.32 3.16 -18.44
CA THR G 348 24.01 2.65 -18.08
C THR G 348 23.81 1.22 -18.60
N THR G 349 23.17 0.35 -17.81
CA THR G 349 22.88 -1.00 -18.29
C THR G 349 21.43 -1.08 -18.77
N THR G 350 20.51 -0.44 -18.04
CA THR G 350 19.09 -0.47 -18.39
C THR G 350 18.60 0.77 -19.15
N GLY G 351 19.40 1.85 -19.15
CA GLY G 351 18.99 3.12 -19.74
C GLY G 351 18.47 4.12 -18.72
N ARG G 352 18.14 3.65 -17.50
CA ARG G 352 17.53 4.49 -16.47
C ARG G 352 18.35 5.74 -16.08
N SER G 353 19.67 5.62 -15.90
CA SER G 353 20.51 6.77 -15.53
C SER G 353 20.47 7.85 -16.63
N ALA G 354 20.40 7.43 -17.91
CA ALA G 354 20.33 8.38 -19.02
C ALA G 354 18.94 9.02 -19.08
N GLN G 355 17.88 8.25 -18.77
CA GLN G 355 16.51 8.77 -18.76
C GLN G 355 16.36 9.87 -17.70
N LEU G 356 16.95 9.65 -16.50
CA LEU G 356 16.86 10.64 -15.42
C LEU G 356 17.66 11.92 -15.73
N LEU G 357 18.71 11.83 -16.57
CA LEU G 357 19.42 13.03 -17.02
C LEU G 357 18.52 13.78 -18.04
N SER G 358 17.95 13.03 -18.99
CA SER G 358 17.09 13.54 -20.06
C SER G 358 15.88 14.32 -19.53
N ARG G 359 15.27 13.88 -18.41
CA ARG G 359 14.08 14.54 -17.86
C ARG G 359 14.32 16.01 -17.46
N TYR G 360 15.60 16.38 -17.16
CA TYR G 360 15.92 17.77 -16.83
C TYR G 360 16.27 18.62 -18.05
N ARG G 361 16.15 18.06 -19.26
CA ARG G 361 16.36 18.74 -20.52
C ARG G 361 17.66 19.53 -20.61
N PRO G 362 18.81 18.86 -20.42
CA PRO G 362 20.08 19.58 -20.57
C PRO G 362 20.29 19.99 -22.02
N ARG G 363 21.04 21.07 -22.22
CA ARG G 363 21.46 21.46 -23.56
C ARG G 363 22.57 20.49 -24.03
N ALA G 364 23.43 20.03 -23.11
CA ALA G 364 24.51 19.10 -23.40
C ALA G 364 23.91 17.77 -23.86
N ALA G 365 24.52 17.16 -24.88
CA ALA G 365 24.11 15.85 -25.37
C ALA G 365 24.36 14.80 -24.26
N VAL G 366 23.44 13.85 -24.07
CA VAL G 366 23.64 12.79 -23.08
C VAL G 366 24.17 11.58 -23.84
N ILE G 367 25.47 11.31 -23.74
CA ILE G 367 26.08 10.19 -24.44
C ILE G 367 26.01 8.98 -23.52
N ALA G 368 25.15 8.00 -23.85
CA ALA G 368 24.94 6.84 -22.98
C ALA G 368 25.72 5.64 -23.47
N VAL G 369 26.71 5.20 -22.70
CA VAL G 369 27.53 4.05 -23.06
C VAL G 369 26.97 2.81 -22.37
N THR G 370 26.64 1.79 -23.16
CA THR G 370 26.03 0.59 -22.62
C THR G 370 26.49 -0.67 -23.34
N ARG G 371 26.51 -1.80 -22.61
CA ARG G 371 26.77 -3.12 -23.20
C ARG G 371 25.43 -3.79 -23.64
N SER G 372 24.27 -3.25 -23.23
CA SER G 372 22.98 -3.82 -23.60
C SER G 372 22.53 -3.26 -24.95
N ALA G 373 22.45 -4.12 -25.96
CA ALA G 373 21.98 -3.72 -27.30
C ALA G 373 20.52 -3.24 -27.22
N GLN G 374 19.69 -3.87 -26.38
CA GLN G 374 18.30 -3.45 -26.22
C GLN G 374 18.19 -2.07 -25.57
N ALA G 375 18.97 -1.81 -24.49
CA ALA G 375 18.94 -0.50 -23.83
C ALA G 375 19.42 0.58 -24.80
N ALA G 376 20.45 0.27 -25.62
CA ALA G 376 20.96 1.22 -26.62
C ALA G 376 19.85 1.60 -27.61
N ARG G 377 19.03 0.64 -28.02
CA ARG G 377 17.92 0.94 -28.94
C ARG G 377 16.80 1.71 -28.23
N GLN G 378 16.43 1.29 -27.01
CA GLN G 378 15.31 1.88 -26.28
C GLN G 378 15.52 3.33 -25.80
N VAL G 379 16.77 3.72 -25.50
CA VAL G 379 17.01 5.09 -25.01
C VAL G 379 16.74 6.16 -26.06
N HIS G 380 16.57 5.77 -27.35
CA HIS G 380 16.15 6.70 -28.40
C HIS G 380 14.78 7.35 -28.04
N LEU G 381 14.00 6.72 -27.15
CA LEU G 381 12.73 7.32 -26.70
C LEU G 381 12.93 8.60 -25.89
N CYS G 382 14.11 8.80 -25.28
CA CYS G 382 14.38 9.93 -24.39
C CYS G 382 15.14 11.03 -25.11
N ARG G 383 14.59 12.26 -25.12
CA ARG G 383 15.26 13.35 -25.83
C ARG G 383 16.70 13.59 -25.39
N GLY G 384 17.57 13.73 -26.37
CA GLY G 384 18.97 14.07 -26.13
C GLY G 384 19.85 12.94 -25.68
N VAL G 385 19.37 11.69 -25.78
CA VAL G 385 20.19 10.54 -25.40
C VAL G 385 20.75 9.92 -26.66
N PHE G 386 22.10 9.85 -26.76
CA PHE G 386 22.82 9.31 -27.90
C PHE G 386 23.46 8.02 -27.46
N PRO G 387 22.85 6.89 -27.84
CA PRO G 387 23.38 5.61 -27.38
C PRO G 387 24.63 5.13 -28.10
N LEU G 388 25.57 4.59 -27.34
CA LEU G 388 26.79 4.02 -27.90
C LEU G 388 26.88 2.59 -27.37
N LEU G 389 26.87 1.62 -28.26
CA LEU G 389 26.93 0.21 -27.89
C LEU G 389 28.38 -0.23 -27.77
N TYR G 390 28.78 -0.67 -26.59
CA TYR G 390 30.16 -1.06 -26.29
C TYR G 390 30.30 -2.57 -26.36
N ARG G 391 31.15 -3.06 -27.27
CA ARG G 391 31.34 -4.50 -27.52
C ARG G 391 32.74 -5.03 -27.15
N GLU G 392 33.59 -4.23 -26.49
CA GLU G 392 34.93 -4.66 -26.15
C GLU G 392 34.97 -5.78 -25.10
N PRO G 393 36.03 -6.62 -25.12
CA PRO G 393 36.19 -7.60 -24.05
C PRO G 393 36.43 -6.90 -22.70
N PRO G 394 36.10 -7.59 -21.59
CA PRO G 394 36.18 -6.94 -20.28
C PRO G 394 37.57 -6.74 -19.71
N GLU G 395 37.78 -5.63 -18.97
CA GLU G 395 39.03 -5.44 -18.26
C GLU G 395 38.95 -6.24 -16.96
N ALA G 396 40.08 -6.74 -16.48
CA ALA G 396 40.16 -7.51 -15.24
C ALA G 396 39.79 -6.65 -14.02
N ILE G 397 40.19 -5.37 -14.03
CA ILE G 397 39.89 -4.46 -12.95
C ILE G 397 38.68 -3.60 -13.33
N TRP G 398 37.63 -3.62 -12.48
CA TRP G 398 36.38 -2.89 -12.72
C TRP G 398 36.60 -1.38 -12.99
N ALA G 399 37.38 -0.67 -12.17
CA ALA G 399 37.63 0.77 -12.37
C ALA G 399 38.27 1.04 -13.75
N ASP G 400 39.14 0.13 -14.22
CA ASP G 400 39.76 0.26 -15.54
C ASP G 400 38.73 0.06 -16.67
N ASP G 401 37.80 -0.87 -16.46
CA ASP G 401 36.73 -1.16 -17.41
C ASP G 401 35.76 0.04 -17.51
N VAL G 402 35.49 0.70 -16.37
CA VAL G 402 34.67 1.90 -16.32
C VAL G 402 35.39 3.00 -17.12
N ASP G 403 36.71 3.19 -16.89
CA ASP G 403 37.50 4.22 -17.57
C ASP G 403 37.52 4.00 -19.06
N ARG G 404 37.63 2.72 -19.50
CA ARG G 404 37.63 2.40 -20.93
C ARG G 404 36.32 2.79 -21.59
N ARG G 405 35.20 2.61 -20.89
CA ARG G 405 33.90 2.95 -21.41
C ARG G 405 33.70 4.46 -21.50
N VAL G 406 34.17 5.21 -20.51
CA VAL G 406 34.11 6.68 -20.52
C VAL G 406 34.95 7.20 -21.71
N GLN G 407 36.13 6.63 -21.90
CA GLN G 407 36.99 7.05 -22.99
C GLN G 407 36.40 6.66 -24.33
N PHE G 408 35.68 5.54 -24.42
CA PHE G 408 34.96 5.16 -25.63
C PHE G 408 33.90 6.21 -25.97
N GLY G 409 33.23 6.74 -24.95
CA GLY G 409 32.27 7.81 -25.14
C GLY G 409 32.93 9.08 -25.64
N ILE G 410 34.11 9.43 -25.10
CA ILE G 410 34.87 10.61 -25.53
C ILE G 410 35.37 10.47 -26.97
N GLU G 411 35.96 9.31 -27.30
CA GLU G 411 36.48 9.05 -28.65
C GLU G 411 35.35 9.03 -29.69
N SER G 412 34.19 8.42 -29.35
CA SER G 412 33.06 8.42 -30.27
C SER G 412 32.54 9.87 -30.45
N GLY G 413 32.47 10.63 -29.36
CA GLY G 413 32.06 12.04 -29.37
C GLY G 413 32.96 12.89 -30.24
N LYS G 414 34.29 12.68 -30.18
CA LYS G 414 35.24 13.42 -31.02
C LYS G 414 35.04 13.07 -32.48
N LEU G 415 34.89 11.77 -32.79
CA LEU G 415 34.72 11.30 -34.15
C LEU G 415 33.44 11.85 -34.77
N ARG G 416 32.34 11.88 -33.99
CA ARG G 416 31.05 12.35 -34.49
C ARG G 416 30.84 13.87 -34.46
N GLY G 417 31.79 14.62 -33.92
CA GLY G 417 31.68 16.07 -33.85
C GLY G 417 31.03 16.65 -32.61
N PHE G 418 30.65 15.80 -31.65
CA PHE G 418 30.06 16.23 -30.39
C PHE G 418 31.07 16.99 -29.52
N LEU G 419 32.34 16.52 -29.54
CA LEU G 419 33.40 16.99 -28.64
C LEU G 419 34.66 17.35 -29.37
N ARG G 420 35.45 18.25 -28.76
CA ARG G 420 36.77 18.67 -29.23
C ARG G 420 37.70 18.78 -28.02
N VAL G 421 39.02 18.73 -28.23
CA VAL G 421 40.02 18.91 -27.17
C VAL G 421 39.82 20.31 -26.56
N GLY G 422 39.81 20.38 -25.24
CA GLY G 422 39.54 21.65 -24.57
C GLY G 422 38.11 21.79 -24.06
N ASP G 423 37.17 20.97 -24.57
CA ASP G 423 35.78 21.00 -24.08
C ASP G 423 35.70 20.45 -22.65
N LEU G 424 34.66 20.82 -21.93
CA LEU G 424 34.39 20.22 -20.63
C LEU G 424 33.23 19.25 -20.82
N VAL G 425 33.30 18.09 -20.18
CA VAL G 425 32.20 17.12 -20.18
C VAL G 425 31.91 16.73 -18.74
N ILE G 426 30.69 16.33 -18.48
CA ILE G 426 30.29 15.84 -17.16
C ILE G 426 30.21 14.31 -17.31
N VAL G 427 30.77 13.54 -16.37
CA VAL G 427 30.77 12.09 -16.48
C VAL G 427 29.98 11.52 -15.31
N VAL G 428 29.01 10.66 -15.60
CA VAL G 428 28.12 10.08 -14.59
C VAL G 428 28.32 8.57 -14.54
N THR G 429 28.69 8.07 -13.35
CA THR G 429 28.95 6.65 -13.08
C THR G 429 28.38 6.25 -11.68
N GLY G 430 28.52 4.98 -11.31
CA GLY G 430 28.15 4.52 -9.98
C GLY G 430 29.36 4.00 -9.20
N TRP G 431 29.16 3.68 -7.92
CA TRP G 431 30.27 3.27 -7.06
C TRP G 431 30.64 1.78 -7.12
N ARG G 432 29.79 0.97 -7.73
CA ARG G 432 30.01 -0.46 -7.83
C ARG G 432 29.32 -0.99 -9.11
N PRO G 433 29.72 -2.17 -9.59
CA PRO G 433 29.07 -2.72 -10.80
C PRO G 433 27.60 -3.07 -10.57
N GLY G 434 26.88 -3.14 -11.67
CA GLY G 434 25.46 -3.44 -11.68
C GLY G 434 24.58 -2.21 -11.76
N SER G 435 23.42 -2.38 -12.37
CA SER G 435 22.43 -1.32 -12.48
C SER G 435 21.93 -0.90 -11.09
N GLY G 436 21.52 0.36 -10.95
CA GLY G 436 20.92 0.86 -9.73
C GLY G 436 21.81 1.57 -8.73
N TYR G 437 23.09 1.76 -9.04
CA TYR G 437 24.03 2.37 -8.10
C TYR G 437 24.68 3.68 -8.59
N THR G 438 24.12 4.32 -9.64
CA THR G 438 24.66 5.61 -10.10
C THR G 438 24.64 6.64 -8.95
N ASN G 439 25.79 7.21 -8.66
CA ASN G 439 25.92 8.14 -7.52
C ASN G 439 27.11 9.10 -7.67
N ILE G 440 27.79 9.09 -8.82
CA ILE G 440 28.98 9.92 -9.00
C ILE G 440 28.83 10.84 -10.22
N MET G 441 29.27 12.11 -10.05
CA MET G 441 29.33 13.07 -11.13
C MET G 441 30.76 13.64 -11.13
N ARG G 442 31.44 13.64 -12.28
CA ARG G 442 32.80 14.15 -12.38
C ARG G 442 32.89 15.20 -13.49
N VAL G 443 33.74 16.21 -13.33
CA VAL G 443 33.95 17.23 -14.37
C VAL G 443 35.27 16.91 -15.04
N LEU G 444 35.25 16.68 -16.35
CA LEU G 444 36.45 16.28 -17.07
C LEU G 444 36.78 17.24 -18.21
N SER G 445 38.05 17.58 -18.34
CA SER G 445 38.52 18.41 -19.45
C SER G 445 38.98 17.45 -20.56
N ILE G 446 38.46 17.60 -21.78
CA ILE G 446 38.79 16.72 -22.89
C ILE G 446 40.24 16.93 -23.37
N SER G 447 41.06 15.87 -23.31
CA SER G 447 42.44 15.92 -23.77
C SER G 447 42.61 15.12 -25.05
N GLY H 23 9.41 11.81 7.41
CA GLY H 23 8.36 12.10 8.36
C GLY H 23 7.84 13.52 8.30
N THR H 24 6.61 13.74 8.80
CA THR H 24 6.00 15.08 8.82
C THR H 24 6.73 16.01 9.80
N ALA H 25 7.28 15.46 10.90
CA ALA H 25 8.01 16.25 11.89
C ALA H 25 9.23 16.91 11.26
N PHE H 26 9.93 16.19 10.36
CA PHE H 26 11.11 16.73 9.66
C PHE H 26 10.74 17.99 8.86
N PHE H 27 9.61 17.95 8.14
CA PHE H 27 9.20 19.08 7.31
C PHE H 27 8.53 20.23 8.06
N GLN H 28 8.37 20.11 9.39
CA GLN H 28 7.81 21.21 10.19
C GLN H 28 8.94 22.03 10.88
N GLN H 29 10.12 21.41 11.10
CA GLN H 29 11.30 22.03 11.70
C GLN H 29 12.04 22.94 10.70
N GLN H 30 13.06 23.68 11.19
CA GLN H 30 13.96 24.57 10.44
C GLN H 30 13.28 25.45 9.38
N GLN H 31 12.09 25.96 9.71
CA GLN H 31 11.28 26.82 8.83
C GLN H 31 11.05 26.21 7.43
N LEU H 32 10.94 24.87 7.35
CA LEU H 32 10.73 24.22 6.05
C LEU H 32 9.38 24.61 5.39
N PRO H 33 8.25 24.80 6.13
CA PRO H 33 7.03 25.32 5.46
C PRO H 33 7.28 26.70 4.80
N ALA H 34 8.02 27.60 5.47
CA ALA H 34 8.34 28.91 4.88
C ALA H 34 9.35 28.79 3.72
N ALA H 35 10.21 27.77 3.77
CA ALA H 35 11.20 27.51 2.73
C ALA H 35 10.54 27.09 1.41
N MET H 36 9.39 26.39 1.48
CA MET H 36 8.70 25.93 0.28
C MET H 36 7.78 26.99 -0.36
N ALA H 37 7.70 28.20 0.20
CA ALA H 37 6.79 29.23 -0.31
C ALA H 37 7.12 29.73 -1.71
N ASP H 38 6.08 30.07 -2.49
CA ASP H 38 6.23 30.53 -3.87
C ASP H 38 6.58 32.00 -4.00
N THR H 39 6.33 32.80 -2.95
CA THR H 39 6.71 34.22 -2.98
C THR H 39 7.42 34.57 -1.66
N PHE H 40 8.20 35.66 -1.68
CA PHE H 40 8.86 36.13 -0.47
C PHE H 40 7.80 36.55 0.58
N LEU H 41 6.70 37.19 0.14
CA LEU H 41 5.63 37.59 1.05
C LEU H 41 5.03 36.37 1.77
N GLU H 42 4.74 35.30 1.02
CA GLU H 42 4.20 34.07 1.61
C GLU H 42 5.24 33.41 2.52
N HIS H 43 6.53 33.49 2.16
CA HIS H 43 7.64 32.98 2.98
C HIS H 43 7.60 33.66 4.36
N LEU H 44 7.46 35.00 4.39
CA LEU H 44 7.40 35.74 5.64
C LEU H 44 6.18 35.31 6.46
N CYS H 45 4.98 35.22 5.80
CA CYS H 45 3.73 34.82 6.45
C CYS H 45 3.80 33.43 7.07
N LEU H 46 4.68 32.56 6.57
CA LEU H 46 4.79 31.19 7.07
C LEU H 46 5.86 30.99 8.16
N LEU H 47 6.64 32.03 8.50
CA LEU H 47 7.66 31.90 9.55
C LEU H 47 6.98 31.55 10.87
N ASP H 48 7.54 30.57 11.57
CA ASP H 48 6.92 30.00 12.77
C ASP H 48 7.87 29.96 13.95
N ILE H 49 7.54 30.64 15.05
CA ILE H 49 8.37 30.65 16.26
C ILE H 49 8.48 29.26 16.91
N ASP H 50 7.56 28.33 16.60
CA ASP H 50 7.59 26.96 17.12
C ASP H 50 8.38 26.00 16.21
N SER H 51 8.86 26.47 15.03
CA SER H 51 9.66 25.66 14.13
C SER H 51 11.11 25.78 14.60
N GLU H 52 11.62 24.73 15.25
CA GLU H 52 12.95 24.76 15.84
C GLU H 52 14.09 24.55 14.85
N PRO H 53 15.19 25.31 15.01
CA PRO H 53 16.34 25.10 14.12
C PRO H 53 16.98 23.73 14.40
N VAL H 54 17.43 23.05 13.35
CA VAL H 54 18.08 21.74 13.50
C VAL H 54 19.52 21.77 12.98
N ALA H 55 19.77 22.54 11.94
CA ALA H 55 21.11 22.66 11.34
C ALA H 55 22.10 23.32 12.28
N ALA H 56 23.39 23.02 12.10
CA ALA H 56 24.42 23.65 12.89
C ALA H 56 24.51 25.14 12.45
N ARG H 57 24.86 26.01 13.39
CA ARG H 57 24.98 27.44 13.15
C ARG H 57 26.10 27.72 12.16
N SER H 58 25.78 28.36 11.06
CA SER H 58 26.71 28.56 9.96
C SER H 58 27.46 29.90 9.94
N THR H 59 26.88 30.98 10.50
CA THR H 59 27.55 32.28 10.48
C THR H 59 28.59 32.31 11.56
N SER H 60 29.89 32.53 11.22
CA SER H 60 30.94 32.53 12.25
C SER H 60 30.87 33.73 13.18
N ILE H 61 31.32 33.53 14.40
CA ILE H 61 31.37 34.59 15.40
C ILE H 61 32.82 34.99 15.65
N ILE H 62 33.08 36.29 15.52
CA ILE H 62 34.38 36.86 15.81
C ILE H 62 34.28 37.54 17.18
N ALA H 63 35.13 37.16 18.13
CA ALA H 63 35.12 37.77 19.45
C ALA H 63 36.44 38.53 19.63
N THR H 64 36.36 39.81 20.02
CA THR H 64 37.55 40.61 20.29
C THR H 64 38.12 40.23 21.66
N ILE H 65 39.44 40.01 21.72
CA ILE H 65 40.13 39.60 22.94
C ILE H 65 40.55 40.83 23.73
N GLY H 66 40.31 40.78 25.03
CA GLY H 66 40.68 41.86 25.94
C GLY H 66 40.71 41.36 27.37
N PRO H 67 40.75 42.27 28.34
CA PRO H 67 40.78 41.86 29.76
C PRO H 67 39.66 40.91 30.19
N ALA H 68 38.48 40.99 29.57
CA ALA H 68 37.36 40.10 29.92
C ALA H 68 37.45 38.71 29.27
N SER H 69 38.38 38.49 28.35
CA SER H 69 38.43 37.24 27.59
C SER H 69 39.86 36.74 27.36
N ARG H 70 40.78 37.03 28.27
CA ARG H 70 42.18 36.60 28.13
C ARG H 70 42.54 35.37 28.90
N SER H 71 41.81 35.07 29.96
CA SER H 71 42.06 33.88 30.77
C SER H 71 41.92 32.62 29.90
N VAL H 72 42.88 31.69 30.01
CA VAL H 72 42.81 30.43 29.26
C VAL H 72 41.49 29.67 29.59
N GLU H 73 41.06 29.70 30.87
CA GLU H 73 39.83 29.03 31.29
C GLU H 73 38.59 29.70 30.70
N ARG H 74 38.61 31.04 30.62
CA ARG H 74 37.46 31.72 30.02
C ARG H 74 37.45 31.45 28.49
N LEU H 75 38.63 31.45 27.86
CA LEU H 75 38.70 31.19 26.41
C LEU H 75 38.17 29.82 26.06
N LYS H 76 38.35 28.83 26.96
CA LYS H 76 37.80 27.48 26.74
C LYS H 76 36.28 27.55 26.74
N GLU H 77 35.68 28.37 27.65
CA GLU H 77 34.23 28.52 27.67
C GLU H 77 33.73 29.25 26.42
N MET H 78 34.49 30.22 25.91
CA MET H 78 34.10 30.96 24.71
CA MET H 78 34.10 30.97 24.71
C MET H 78 34.16 30.08 23.46
N ILE H 79 35.13 29.14 23.42
CA ILE H 79 35.23 28.20 22.30
C ILE H 79 34.01 27.28 22.34
N LYS H 80 33.67 26.75 23.53
CA LYS H 80 32.49 25.91 23.69
C LYS H 80 31.18 26.66 23.36
N ALA H 81 31.11 27.97 23.67
CA ALA H 81 29.92 28.81 23.39
C ALA H 81 29.74 29.09 21.87
N GLY H 82 30.83 29.01 21.10
CA GLY H 82 30.75 29.21 19.67
C GLY H 82 31.73 30.19 19.01
N MET H 83 32.71 30.73 19.75
CA MET H 83 33.69 31.65 19.15
C MET H 83 34.52 30.91 18.09
N ASN H 84 34.60 31.48 16.88
CA ASN H 84 35.35 30.84 15.79
C ASN H 84 36.63 31.60 15.42
N ILE H 85 36.61 32.92 15.61
CA ILE H 85 37.72 33.80 15.28
C ILE H 85 38.00 34.73 16.46
N ALA H 86 39.26 34.83 16.90
CA ALA H 86 39.68 35.71 17.96
C ALA H 86 40.31 36.97 17.30
N ARG H 87 39.76 38.14 17.59
CA ARG H 87 40.25 39.39 17.02
C ARG H 87 41.16 40.12 18.03
N LEU H 88 42.36 40.51 17.57
CA LEU H 88 43.31 41.28 18.37
C LEU H 88 43.27 42.68 17.85
N ASN H 89 42.76 43.62 18.66
CA ASN H 89 42.67 45.00 18.22
C ASN H 89 43.98 45.74 18.51
N PHE H 90 44.81 45.97 17.46
CA PHE H 90 46.09 46.65 17.64
C PHE H 90 45.98 48.17 17.87
N SER H 91 44.75 48.71 17.97
CA SER H 91 44.56 50.11 18.34
C SER H 91 44.89 50.31 19.84
N HIS H 92 44.87 49.22 20.65
CA HIS H 92 45.18 49.26 22.09
C HIS H 92 46.16 48.12 22.42
N GLY H 93 46.97 48.30 23.45
CA GLY H 93 47.90 47.27 23.88
C GLY H 93 49.23 47.22 23.15
N SER H 94 50.26 46.73 23.83
CA SER H 94 51.59 46.62 23.25
C SER H 94 51.73 45.28 22.48
N HIS H 95 52.87 45.08 21.78
CA HIS H 95 53.18 43.81 21.14
C HIS H 95 53.25 42.68 22.18
N GLU H 96 53.80 42.97 23.37
CA GLU H 96 53.90 41.98 24.44
C GLU H 96 52.50 41.52 24.89
N TYR H 97 51.58 42.46 25.01
CA TYR H 97 50.22 42.17 25.42
C TYR H 97 49.54 41.25 24.36
N HIS H 98 49.65 41.59 23.09
CA HIS H 98 49.04 40.79 22.02
C HIS H 98 49.69 39.42 21.86
N ALA H 99 51.00 39.30 22.10
CA ALA H 99 51.68 38.00 22.06
C ALA H 99 51.11 37.09 23.16
N GLU H 100 50.80 37.66 24.34
CA GLU H 100 50.23 36.89 25.45
C GLU H 100 48.80 36.47 25.09
N SER H 101 48.02 37.35 24.40
CA SER H 101 46.66 37.00 23.96
C SER H 101 46.72 35.78 23.01
N ILE H 102 47.65 35.83 22.06
CA ILE H 102 47.81 34.75 21.10
C ILE H 102 48.18 33.45 21.79
N ALA H 103 49.12 33.52 22.76
CA ALA H 103 49.56 32.32 23.49
C ALA H 103 48.40 31.71 24.28
N ASN H 104 47.57 32.56 24.92
CA ASN H 104 46.42 32.08 25.70
C ASN H 104 45.35 31.46 24.80
N VAL H 105 45.09 32.09 23.61
CA VAL H 105 44.11 31.55 22.67
C VAL H 105 44.57 30.16 22.21
N ARG H 106 45.84 30.07 21.80
CA ARG H 106 46.40 28.80 21.34
C ARG H 106 46.36 27.73 22.41
N GLU H 107 46.67 28.08 23.68
CA GLU H 107 46.62 27.12 24.77
C GLU H 107 45.18 26.62 24.97
N ALA H 108 44.19 27.53 24.97
CA ALA H 108 42.79 27.12 25.10
C ALA H 108 42.34 26.21 23.94
N VAL H 109 42.68 26.59 22.71
CA VAL H 109 42.31 25.80 21.52
C VAL H 109 42.96 24.41 21.57
N GLU H 110 44.26 24.36 21.87
CA GLU H 110 44.97 23.08 21.87
C GLU H 110 44.61 22.17 23.04
N SER H 111 43.94 22.70 24.07
CA SER H 111 43.49 21.87 25.20
C SER H 111 42.46 20.83 24.77
N PHE H 112 41.79 21.03 23.62
CA PHE H 112 40.82 20.08 23.07
C PHE H 112 41.43 19.15 21.98
N ALA H 113 42.71 19.33 21.63
CA ALA H 113 43.37 18.55 20.58
C ALA H 113 43.45 17.03 20.85
N GLY H 114 43.41 16.64 22.12
CA GLY H 114 43.45 15.24 22.56
C GLY H 114 42.24 14.41 22.13
N SER H 115 41.17 15.09 21.66
CA SER H 115 39.97 14.45 21.13
C SER H 115 39.80 15.00 19.69
N PRO H 116 40.48 14.39 18.72
CA PRO H 116 40.44 14.93 17.34
C PRO H 116 39.08 15.04 16.67
N LEU H 117 38.13 14.17 17.04
CA LEU H 117 36.80 14.19 16.44
C LEU H 117 35.95 15.39 16.83
N SER H 118 36.29 16.08 17.93
CA SER H 118 35.52 17.24 18.39
C SER H 118 36.37 18.54 18.48
N TYR H 119 37.67 18.48 18.13
CA TYR H 119 38.58 19.64 18.17
C TYR H 119 38.08 20.75 17.24
N ARG H 120 38.01 21.98 17.76
CA ARG H 120 37.54 23.10 16.96
C ARG H 120 38.66 24.07 16.67
N PRO H 121 39.06 24.21 15.40
CA PRO H 121 40.04 25.26 15.06
C PRO H 121 39.47 26.65 15.39
N VAL H 122 40.35 27.61 15.77
CA VAL H 122 39.97 29.00 16.05
C VAL H 122 40.98 29.92 15.36
N ALA H 123 40.53 30.78 14.45
CA ALA H 123 41.42 31.69 13.73
C ALA H 123 41.87 32.87 14.60
N ILE H 124 43.02 33.45 14.27
CA ILE H 124 43.51 34.61 14.95
C ILE H 124 43.63 35.73 13.94
N ALA H 125 42.90 36.81 14.16
CA ALA H 125 42.87 37.94 13.25
C ALA H 125 43.51 39.17 13.89
N LEU H 126 44.34 39.89 13.14
CA LEU H 126 45.00 41.08 13.62
C LEU H 126 44.30 42.27 13.01
N ASP H 127 43.71 43.11 13.83
CA ASP H 127 42.99 44.30 13.38
C ASP H 127 43.93 45.51 13.55
N THR H 128 44.35 46.13 12.45
CA THR H 128 45.33 47.21 12.51
C THR H 128 44.81 48.54 13.10
N LYS H 129 45.74 49.33 13.64
CA LYS H 129 45.44 50.65 14.20
C LYS H 129 44.93 51.58 13.10
N GLY H 130 45.55 51.52 11.93
CA GLY H 130 45.12 52.34 10.80
C GLY H 130 46.06 53.47 10.44
N PRO H 131 45.70 54.22 9.39
CA PRO H 131 46.57 55.30 8.91
C PRO H 131 46.57 56.58 9.73
N GLY H 132 45.53 56.80 10.52
CA GLY H 132 45.38 58.02 11.29
C GLY H 132 45.19 59.19 10.35
N SER H 133 45.96 60.27 10.56
CA SER H 133 45.91 61.43 9.67
C SER H 133 46.76 61.27 8.39
N GLY H 134 47.49 60.15 8.26
CA GLY H 134 48.33 59.89 7.10
C GLY H 134 47.57 59.45 5.87
N PRO H 135 48.25 59.50 4.71
CA PRO H 135 47.56 59.15 3.45
C PRO H 135 47.48 57.65 3.13
N GLY H 136 48.36 56.85 3.71
CA GLY H 136 48.40 55.41 3.45
C GLY H 136 48.93 54.62 4.64
N LEU H 137 49.66 53.52 4.37
CA LEU H 137 50.20 52.65 5.43
C LEU H 137 51.13 53.36 6.41
N SER H 138 50.74 53.38 7.69
CA SER H 138 51.53 54.02 8.74
C SER H 138 52.74 53.17 9.16
N GLU H 139 53.72 53.80 9.82
CA GLU H 139 54.90 53.09 10.30
C GLU H 139 54.56 52.10 11.40
N GLN H 140 53.58 52.42 12.27
CA GLN H 140 53.16 51.48 13.31
C GLN H 140 52.49 50.26 12.68
N ASP H 141 51.67 50.46 11.62
CA ASP H 141 51.04 49.34 10.92
C ASP H 141 52.09 48.43 10.29
N VAL H 142 53.18 48.98 9.72
CA VAL H 142 54.25 48.15 9.16
C VAL H 142 54.86 47.24 10.25
N ARG H 143 55.11 47.80 11.44
CA ARG H 143 55.66 47.02 12.54
C ARG H 143 54.66 45.97 13.07
N ASP H 144 53.38 46.34 13.16
CA ASP H 144 52.33 45.44 13.65
C ASP H 144 52.09 44.29 12.66
N LEU H 145 52.13 44.58 11.35
CA LEU H 145 51.97 43.54 10.33
C LEU H 145 53.16 42.58 10.36
N ARG H 146 54.37 43.08 10.60
CA ARG H 146 55.56 42.22 10.73
C ARG H 146 55.39 41.32 11.96
N PHE H 147 54.87 41.89 13.08
CA PHE H 147 54.58 41.11 14.29
C PHE H 147 53.59 39.97 13.96
N GLY H 148 52.54 40.28 13.19
CA GLY H 148 51.53 39.31 12.80
C GLY H 148 52.11 38.14 12.05
N VAL H 149 52.97 38.41 11.07
CA VAL H 149 53.65 37.36 10.32
C VAL H 149 54.53 36.50 11.23
N GLU H 150 55.32 37.15 12.10
CA GLU H 150 56.20 36.42 13.01
C GLU H 150 55.45 35.56 14.01
N HIS H 151 54.23 35.96 14.39
CA HIS H 151 53.43 35.19 15.32
C HIS H 151 52.39 34.27 14.63
N GLY H 152 52.42 34.17 13.31
CA GLY H 152 51.55 33.27 12.55
C GLY H 152 50.06 33.58 12.59
N VAL H 153 49.67 34.87 12.54
CA VAL H 153 48.24 35.21 12.49
C VAL H 153 47.63 34.70 11.17
N ASP H 154 46.32 34.43 11.16
CA ASP H 154 45.66 33.89 9.97
C ASP H 154 45.07 34.93 9.06
N ILE H 155 44.58 36.03 9.67
CA ILE H 155 43.85 37.07 8.96
C ILE H 155 44.30 38.45 9.43
N VAL H 156 44.23 39.42 8.55
CA VAL H 156 44.45 40.80 8.90
C VAL H 156 43.13 41.54 8.58
N PHE H 157 42.58 42.29 9.54
CA PHE H 157 41.46 43.17 9.32
C PHE H 157 42.14 44.55 9.15
N ALA H 158 42.30 45.01 7.91
CA ALA H 158 43.01 46.25 7.61
C ALA H 158 42.12 47.48 7.76
N SER H 159 42.42 48.33 8.75
CA SER H 159 41.64 49.51 9.03
C SER H 159 41.70 50.62 7.97
N PHE H 160 40.57 51.32 7.81
CA PHE H 160 40.40 52.45 6.91
C PHE H 160 40.96 52.23 5.49
N VAL H 161 40.55 51.13 4.84
CA VAL H 161 40.99 50.88 3.46
C VAL H 161 40.17 51.81 2.58
N ARG H 162 40.85 52.65 1.79
CA ARG H 162 40.19 53.64 0.94
C ARG H 162 40.35 53.41 -0.55
N LYS H 163 41.30 52.56 -0.95
CA LYS H 163 41.59 52.29 -2.35
C LYS H 163 42.40 51.00 -2.50
N ALA H 164 42.53 50.49 -3.72
CA ALA H 164 43.27 49.26 -4.00
C ALA H 164 44.74 49.33 -3.57
N SER H 165 45.39 50.50 -3.70
CA SER H 165 46.79 50.64 -3.33
C SER H 165 47.01 50.46 -1.81
N ASP H 166 45.99 50.71 -0.99
CA ASP H 166 46.09 50.47 0.45
C ASP H 166 46.26 48.98 0.70
N VAL H 167 45.52 48.14 -0.05
CA VAL H 167 45.57 46.69 0.09
C VAL H 167 46.94 46.17 -0.36
N ALA H 168 47.46 46.72 -1.48
CA ALA H 168 48.78 46.34 -1.98
C ALA H 168 49.87 46.67 -0.96
N ALA H 169 49.74 47.81 -0.27
CA ALA H 169 50.71 48.20 0.75
C ALA H 169 50.68 47.21 1.95
N VAL H 170 49.47 46.77 2.36
CA VAL H 170 49.35 45.80 3.46
C VAL H 170 49.97 44.48 3.02
N ARG H 171 49.70 44.05 1.79
N ARG H 171 49.70 44.04 1.78
CA ARG H 171 50.25 42.81 1.24
CA ARG H 171 50.26 42.81 1.24
C ARG H 171 51.78 42.87 1.21
C ARG H 171 51.80 42.88 1.22
N ALA H 172 52.36 44.00 0.77
CA ALA H 172 53.81 44.19 0.72
C ALA H 172 54.44 44.16 2.11
N ALA H 173 53.76 44.77 3.11
CA ALA H 173 54.24 44.78 4.49
C ALA H 173 54.20 43.40 5.14
N LEU H 174 53.35 42.48 4.66
CA LEU H 174 53.33 41.12 5.19
C LEU H 174 54.55 40.30 4.66
N GLY H 175 55.18 40.74 3.58
CA GLY H 175 56.38 40.13 3.02
C GLY H 175 56.18 38.79 2.38
N PRO H 176 57.29 38.12 2.02
CA PRO H 176 57.18 36.81 1.36
C PRO H 176 56.70 35.70 2.29
N GLU H 177 56.92 35.83 3.60
CA GLU H 177 56.49 34.80 4.55
C GLU H 177 54.98 34.89 4.92
N GLY H 178 54.32 36.01 4.58
CA GLY H 178 52.91 36.19 4.89
C GLY H 178 51.98 36.12 3.70
N HIS H 179 52.39 35.39 2.63
CA HIS H 179 51.58 35.25 1.40
CA HIS H 179 51.57 35.27 1.41
C HIS H 179 50.24 34.54 1.64
N GLY H 180 50.19 33.65 2.62
CA GLY H 180 49.00 32.87 2.93
C GLY H 180 48.01 33.55 3.86
N ILE H 181 48.38 34.70 4.44
CA ILE H 181 47.47 35.45 5.32
C ILE H 181 46.32 36.12 4.53
N LYS H 182 45.09 35.99 5.02
CA LYS H 182 43.93 36.59 4.34
C LYS H 182 43.82 38.06 4.72
N ILE H 183 43.60 38.93 3.74
CA ILE H 183 43.42 40.36 4.01
C ILE H 183 41.93 40.73 3.86
N ILE H 184 41.31 41.12 4.96
CA ILE H 184 39.92 41.54 4.99
C ILE H 184 39.95 43.06 5.11
N SER H 185 39.51 43.78 4.08
CA SER H 185 39.56 45.23 4.10
C SER H 185 38.38 45.82 4.88
N LYS H 186 38.69 46.70 5.85
CA LYS H 186 37.63 47.37 6.61
C LYS H 186 37.20 48.63 5.86
N ILE H 187 35.90 48.74 5.57
CA ILE H 187 35.32 49.90 4.89
C ILE H 187 34.73 50.75 5.98
N GLU H 188 35.33 51.92 6.22
CA GLU H 188 34.96 52.78 7.34
C GLU H 188 34.67 54.22 6.98
N ASN H 189 34.71 54.59 5.69
CA ASN H 189 34.45 55.98 5.31
C ASN H 189 33.84 56.07 3.92
N HIS H 190 33.48 57.30 3.50
CA HIS H 190 32.83 57.53 2.22
C HIS H 190 33.69 57.03 1.06
N GLU H 191 35.00 57.32 1.07
CA GLU H 191 35.88 56.90 -0.03
C GLU H 191 35.94 55.38 -0.20
N GLY H 192 36.03 54.65 0.92
CA GLY H 192 36.02 53.19 0.90
C GLY H 192 34.75 52.63 0.27
N VAL H 193 33.58 53.24 0.58
CA VAL H 193 32.30 52.83 0.00
C VAL H 193 32.28 53.12 -1.51
N LYS H 194 32.72 54.33 -1.89
CA LYS H 194 32.74 54.71 -3.32
C LYS H 194 33.72 53.92 -4.17
N ARG H 195 34.86 53.56 -3.60
CA ARG H 195 35.85 52.73 -4.31
C ARG H 195 35.74 51.24 -3.93
N PHE H 196 34.58 50.81 -3.42
CA PHE H 196 34.33 49.43 -3.01
C PHE H 196 34.75 48.39 -4.03
N ASP H 197 34.32 48.51 -5.30
CA ASP H 197 34.62 47.49 -6.29
C ASP H 197 36.12 47.25 -6.50
N GLU H 198 36.92 48.32 -6.56
CA GLU H 198 38.37 48.16 -6.74
C GLU H 198 39.03 47.55 -5.51
N ILE H 199 38.50 47.86 -4.31
CA ILE H 199 39.01 47.31 -3.05
C ILE H 199 38.67 45.82 -2.97
N LEU H 200 37.40 45.44 -3.21
CA LEU H 200 36.98 44.04 -3.15
C LEU H 200 37.79 43.16 -4.12
N GLU H 201 38.05 43.67 -5.33
CA GLU H 201 38.78 42.94 -6.36
C GLU H 201 40.14 42.45 -5.88
N VAL H 202 40.86 43.25 -5.09
CA VAL H 202 42.18 42.86 -4.60
C VAL H 202 42.21 42.32 -3.17
N SER H 203 41.06 42.32 -2.47
CA SER H 203 41.01 41.85 -1.09
C SER H 203 40.51 40.42 -1.03
N ASP H 204 40.77 39.72 0.08
CA ASP H 204 40.17 38.39 0.28
C ASP H 204 38.70 38.51 0.76
N GLY H 205 38.35 39.65 1.35
CA GLY H 205 37.02 39.88 1.88
C GLY H 205 36.88 41.28 2.44
N ILE H 206 35.72 41.56 3.07
CA ILE H 206 35.42 42.90 3.55
C ILE H 206 34.85 42.88 4.98
N MET H 207 35.09 43.93 5.73
CA MET H 207 34.42 44.12 7.01
C MET H 207 33.63 45.44 6.91
N VAL H 208 32.35 45.41 7.24
CA VAL H 208 31.52 46.62 7.30
C VAL H 208 31.76 47.16 8.72
N ALA H 209 32.72 48.09 8.85
CA ALA H 209 33.15 48.62 10.14
C ALA H 209 32.23 49.77 10.52
N ARG H 210 31.06 49.44 11.09
CA ARG H 210 29.98 50.39 11.31
C ARG H 210 30.27 51.51 12.31
N GLY H 211 31.22 51.31 13.23
CA GLY H 211 31.58 52.33 14.21
C GLY H 211 32.05 53.62 13.55
N ASP H 212 33.19 53.54 12.84
CA ASP H 212 33.71 54.68 12.10
C ASP H 212 32.83 55.05 10.93
N LEU H 213 32.23 54.05 10.23
CA LEU H 213 31.37 54.36 9.08
C LEU H 213 30.19 55.27 9.50
N GLY H 214 29.63 55.01 10.68
CA GLY H 214 28.51 55.77 11.23
C GLY H 214 28.84 57.18 11.71
N ILE H 215 30.14 57.52 11.76
CA ILE H 215 30.60 58.86 12.09
C ILE H 215 31.12 59.57 10.81
N GLU H 216 31.63 58.81 9.84
CA GLU H 216 32.15 59.32 8.58
C GLU H 216 31.03 59.66 7.57
N ILE H 217 29.95 58.89 7.59
CA ILE H 217 28.77 59.16 6.75
C ILE H 217 27.56 59.34 7.70
N PRO H 218 26.42 59.92 7.24
CA PRO H 218 25.26 60.04 8.14
C PRO H 218 24.83 58.68 8.72
N ALA H 219 24.56 58.65 10.02
CA ALA H 219 24.19 57.42 10.73
C ALA H 219 23.02 56.67 10.07
N GLU H 220 22.05 57.42 9.51
CA GLU H 220 20.88 56.87 8.85
C GLU H 220 21.17 56.23 7.49
N LYS H 221 22.40 56.34 6.97
CA LYS H 221 22.76 55.72 5.69
C LYS H 221 23.59 54.43 5.86
N VAL H 222 24.04 54.11 7.09
CA VAL H 222 24.90 52.93 7.31
C VAL H 222 24.24 51.64 6.82
N PHE H 223 22.93 51.46 7.07
CA PHE H 223 22.25 50.23 6.63
C PHE H 223 22.33 50.02 5.10
N LEU H 224 22.32 51.13 4.32
CA LEU H 224 22.40 51.03 2.85
C LEU H 224 23.80 50.52 2.48
N ALA H 225 24.85 51.09 3.10
CA ALA H 225 26.23 50.68 2.83
C ALA H 225 26.42 49.20 3.24
N GLN H 226 25.86 48.81 4.39
CA GLN H 226 25.96 47.42 4.88
C GLN H 226 25.29 46.46 3.89
N LYS H 227 24.03 46.72 3.49
CA LYS H 227 23.31 45.82 2.61
C LYS H 227 23.95 45.74 1.22
N MET H 228 24.46 46.87 0.72
CA MET H 228 25.14 46.91 -0.60
C MET H 228 26.45 46.07 -0.54
N MET H 229 27.28 46.28 0.48
CA MET H 229 28.56 45.57 0.58
C MET H 229 28.35 44.09 0.79
N ILE H 230 27.35 43.71 1.60
CA ILE H 230 27.06 42.28 1.81
C ILE H 230 26.59 41.65 0.50
N GLY H 231 25.68 42.32 -0.22
CA GLY H 231 25.19 41.83 -1.50
C GLY H 231 26.31 41.66 -2.51
N ARG H 232 27.20 42.66 -2.62
CA ARG H 232 28.33 42.58 -3.58
C ARG H 232 29.33 41.49 -3.21
N CYS H 233 29.58 41.28 -1.91
CA CYS H 233 30.47 40.22 -1.47
C CYS H 233 29.84 38.86 -1.76
N ASN H 234 28.53 38.72 -1.53
CA ASN H 234 27.81 37.46 -1.83
C ASN H 234 27.90 37.17 -3.34
N LEU H 235 27.75 38.21 -4.17
CA LEU H 235 27.86 38.07 -5.64
C LEU H 235 29.30 37.62 -6.04
N ALA H 236 30.33 38.24 -5.43
CA ALA H 236 31.71 37.90 -5.69
C ALA H 236 32.17 36.57 -5.06
N GLY H 237 31.41 36.01 -4.14
CA GLY H 237 31.80 34.79 -3.44
C GLY H 237 32.94 34.99 -2.47
N LYS H 238 33.04 36.20 -1.89
CA LYS H 238 34.09 36.54 -0.93
C LYS H 238 33.49 36.86 0.43
N PRO H 239 34.17 36.47 1.52
CA PRO H 239 33.61 36.71 2.86
C PRO H 239 33.36 38.16 3.25
N VAL H 240 32.25 38.39 3.97
CA VAL H 240 31.92 39.71 4.47
C VAL H 240 31.55 39.61 5.94
N VAL H 241 32.09 40.53 6.74
CA VAL H 241 31.87 40.58 8.19
C VAL H 241 30.99 41.78 8.55
N CYS H 242 29.98 41.59 9.40
CA CYS H 242 29.21 42.73 9.92
C CYS H 242 29.77 43.00 11.32
N ALA H 243 30.13 44.26 11.61
CA ALA H 243 30.76 44.58 12.89
C ALA H 243 30.18 45.79 13.58
N THR H 244 30.38 45.84 14.93
CA THR H 244 30.27 46.96 15.86
C THR H 244 28.87 47.27 16.37
N GLN H 245 28.75 47.27 17.70
CA GLN H 245 27.56 47.59 18.50
C GLN H 245 26.39 46.65 18.25
N MET H 246 26.67 45.41 17.77
CA MET H 246 25.59 44.45 17.51
C MET H 246 24.84 44.06 18.77
N LEU H 247 25.56 43.86 19.89
CA LEU H 247 24.92 43.54 21.18
C LEU H 247 25.48 44.48 22.26
N GLU H 248 25.69 45.76 21.92
CA GLU H 248 26.34 46.77 22.78
C GLU H 248 25.90 46.79 24.26
N SER H 249 24.60 46.77 24.53
CA SER H 249 24.10 46.80 25.90
C SER H 249 24.55 45.59 26.75
N MET H 250 24.97 44.45 26.12
CA MET H 250 25.47 43.28 26.86
C MET H 250 26.89 43.48 27.44
N ILE H 251 27.50 44.66 27.23
CA ILE H 251 28.76 44.99 27.89
C ILE H 251 28.45 45.09 29.44
N THR H 252 27.26 45.62 29.79
CA THR H 252 26.82 45.86 31.17
C THR H 252 25.58 45.09 31.60
N LYS H 253 24.75 44.64 30.67
CA LYS H 253 23.50 43.95 31.01
C LYS H 253 23.47 42.49 30.55
N PRO H 254 22.82 41.59 31.33
CA PRO H 254 22.80 40.16 30.95
C PRO H 254 22.01 39.86 29.66
N ARG H 255 21.03 40.71 29.28
CA ARG H 255 20.21 40.46 28.09
C ARG H 255 20.23 41.67 27.16
N PRO H 256 20.19 41.43 25.85
CA PRO H 256 20.28 42.55 24.90
C PRO H 256 18.94 43.25 24.67
N THR H 257 18.97 44.41 23.97
CA THR H 257 17.74 45.11 23.66
C THR H 257 17.04 44.46 22.44
N ARG H 258 15.78 44.84 22.19
CA ARG H 258 15.04 44.33 21.04
C ARG H 258 15.69 44.75 19.72
N ALA H 259 16.30 45.95 19.67
CA ALA H 259 16.98 46.42 18.45
C ALA H 259 18.25 45.61 18.18
N GLU H 260 18.97 45.20 19.24
CA GLU H 260 20.20 44.42 19.12
C GLU H 260 19.96 43.00 18.59
N THR H 261 18.93 42.29 19.10
CA THR H 261 18.64 40.95 18.57
C THR H 261 18.20 41.05 17.11
N SER H 262 17.41 42.08 16.79
CA SER H 262 16.95 42.34 15.44
C SER H 262 18.16 42.61 14.52
N ASP H 263 19.13 43.43 14.97
CA ASP H 263 20.32 43.77 14.19
C ASP H 263 21.14 42.51 13.85
N VAL H 264 21.34 41.62 14.82
CA VAL H 264 22.09 40.37 14.58
C VAL H 264 21.32 39.51 13.55
N ALA H 265 20.01 39.32 13.76
CA ALA H 265 19.21 38.51 12.85
C ALA H 265 19.21 39.07 11.43
N ASN H 266 19.08 40.40 11.30
CA ASN H 266 19.10 41.04 10.00
C ASN H 266 20.46 41.02 9.30
N ALA H 267 21.57 41.04 10.04
CA ALA H 267 22.91 40.92 9.41
C ALA H 267 23.05 39.51 8.77
N VAL H 268 22.55 38.47 9.47
CA VAL H 268 22.59 37.11 8.93
C VAL H 268 21.66 37.01 7.71
N LEU H 269 20.42 37.55 7.83
CA LEU H 269 19.49 37.53 6.70
C LEU H 269 20.04 38.30 5.51
N ASP H 270 20.78 39.41 5.77
CA ASP H 270 21.39 40.22 4.69
C ASP H 270 22.39 39.37 3.86
N GLY H 271 23.09 38.45 4.53
CA GLY H 271 24.05 37.55 3.90
C GLY H 271 25.45 37.58 4.51
N ALA H 272 25.61 38.15 5.73
CA ALA H 272 26.93 38.24 6.34
C ALA H 272 27.53 36.85 6.60
N ASP H 273 28.79 36.63 6.21
CA ASP H 273 29.45 35.36 6.52
C ASP H 273 29.81 35.30 7.99
N CYS H 274 30.20 36.46 8.58
CA CYS H 274 30.62 36.55 9.99
C CYS H 274 29.92 37.70 10.66
N ILE H 275 29.72 37.57 11.96
CA ILE H 275 29.22 38.63 12.82
C ILE H 275 30.27 38.84 13.92
N MET H 276 30.34 40.05 14.48
CA MET H 276 31.42 40.37 15.40
C MET H 276 30.94 40.95 16.73
N LEU H 277 31.76 40.75 17.76
CA LEU H 277 31.60 41.30 19.10
C LEU H 277 32.91 42.06 19.39
N SER H 278 32.78 43.29 19.90
CA SER H 278 33.94 44.12 20.22
C SER H 278 34.02 44.29 21.74
N GLY H 279 33.45 45.35 22.30
CA GLY H 279 33.45 45.54 23.74
C GLY H 279 32.75 44.42 24.49
N GLU H 280 31.72 43.83 23.87
CA GLU H 280 30.93 42.73 24.43
C GLU H 280 31.77 41.54 24.89
N THR H 281 32.91 41.26 24.20
CA THR H 281 33.80 40.20 24.61
C THR H 281 35.13 40.74 25.14
N ALA H 282 35.57 41.94 24.69
CA ALA H 282 36.86 42.47 25.09
C ALA H 282 36.88 43.00 26.52
N LYS H 283 35.83 43.71 26.93
CA LYS H 283 35.84 44.35 28.24
C LYS H 283 34.60 44.21 29.09
N GLY H 284 33.55 43.62 28.53
CA GLY H 284 32.29 43.54 29.25
C GLY H 284 32.19 42.49 30.32
N ASN H 285 31.07 42.49 31.02
CA ASN H 285 30.83 41.53 32.10
C ASN H 285 30.14 40.25 31.63
N PHE H 286 29.77 40.15 30.34
CA PHE H 286 29.07 38.98 29.81
C PHE H 286 29.72 38.45 28.47
N PRO H 287 31.05 38.24 28.40
CA PRO H 287 31.63 37.79 27.14
C PRO H 287 31.07 36.45 26.65
N VAL H 288 30.92 35.46 27.54
CA VAL H 288 30.44 34.14 27.14
C VAL H 288 28.97 34.21 26.71
N GLU H 289 28.15 34.95 27.47
CA GLU H 289 26.74 35.10 27.17
C GLU H 289 26.51 35.86 25.85
N ALA H 290 27.41 36.81 25.50
CA ALA H 290 27.29 37.56 24.25
C ALA H 290 27.55 36.62 23.05
N VAL H 291 28.52 35.72 23.18
CA VAL H 291 28.81 34.70 22.15
C VAL H 291 27.60 33.76 22.04
N LYS H 292 27.06 33.31 23.18
CA LYS H 292 25.87 32.43 23.20
C LYS H 292 24.64 33.10 22.54
N MET H 293 24.47 34.41 22.74
CA MET H 293 23.34 35.15 22.17
C MET H 293 23.50 35.26 20.65
N GLN H 294 24.71 35.57 20.15
CA GLN H 294 24.92 35.62 18.70
C GLN H 294 24.71 34.25 18.08
N HIS H 295 25.13 33.17 18.77
CA HIS H 295 24.94 31.80 18.30
C HIS H 295 23.43 31.48 18.17
N ALA H 296 22.65 31.78 19.22
CA ALA H 296 21.22 31.49 19.23
C ALA H 296 20.45 32.26 18.15
N ILE H 297 20.73 33.55 17.99
CA ILE H 297 20.06 34.36 16.97
C ILE H 297 20.45 33.90 15.55
N ALA H 298 21.75 33.70 15.31
CA ALA H 298 22.24 33.29 13.97
C ALA H 298 21.57 31.99 13.50
N ARG H 299 21.44 31.00 14.41
CA ARG H 299 20.80 29.73 14.05
C ARG H 299 19.35 29.94 13.62
N GLU H 300 18.60 30.80 14.34
CA GLU H 300 17.22 31.06 13.99
C GLU H 300 17.14 31.77 12.63
N ALA H 301 18.01 32.78 12.41
CA ALA H 301 17.99 33.56 11.19
C ALA H 301 18.40 32.75 9.96
N GLU H 302 19.37 31.84 10.10
CA GLU H 302 19.82 30.98 9.00
C GLU H 302 18.69 30.06 8.52
N ALA H 303 17.86 29.53 9.43
CA ALA H 303 16.73 28.70 9.02
C ALA H 303 15.65 29.54 8.28
N ALA H 304 15.54 30.84 8.61
CA ALA H 304 14.59 31.75 7.99
C ALA H 304 15.03 32.33 6.63
N VAL H 305 16.24 31.99 6.16
CA VAL H 305 16.70 32.43 4.84
C VAL H 305 15.81 31.82 3.74
N TYR H 306 15.39 32.63 2.77
CA TYR H 306 14.53 32.16 1.69
C TYR H 306 15.40 31.55 0.58
N HIS H 307 15.90 30.33 0.80
CA HIS H 307 16.81 29.65 -0.14
C HIS H 307 16.27 29.51 -1.54
N ARG H 308 14.95 29.35 -1.71
CA ARG H 308 14.36 29.21 -3.04
C ARG H 308 14.77 30.36 -3.98
N GLN H 309 14.59 31.62 -3.52
CA GLN H 309 14.97 32.76 -4.36
C GLN H 309 16.48 33.01 -4.31
N LEU H 310 17.08 32.86 -3.13
CA LEU H 310 18.52 33.08 -2.98
C LEU H 310 19.36 32.21 -3.92
N PHE H 311 19.11 30.89 -3.96
CA PHE H 311 19.87 29.99 -4.82
C PHE H 311 19.65 30.32 -6.30
N GLU H 312 18.40 30.63 -6.68
CA GLU H 312 18.07 31.00 -8.06
C GLU H 312 18.84 32.26 -8.48
N GLU H 313 18.89 33.28 -7.60
CA GLU H 313 19.60 34.52 -7.92
C GLU H 313 21.13 34.37 -7.90
N LEU H 314 21.67 33.55 -6.97
CA LEU H 314 23.11 33.31 -6.94
C LEU H 314 23.55 32.58 -8.21
N ARG H 315 22.73 31.62 -8.72
CA ARG H 315 23.14 30.89 -9.91
C ARG H 315 22.96 31.75 -11.17
N ARG H 316 21.93 32.59 -11.22
CA ARG H 316 21.71 33.48 -12.36
C ARG H 316 22.80 34.56 -12.44
N ALA H 317 23.23 35.10 -11.30
CA ALA H 317 24.24 36.15 -11.29
C ALA H 317 25.66 35.64 -11.45
N ALA H 318 25.95 34.42 -10.98
CA ALA H 318 27.29 33.87 -11.09
C ALA H 318 27.58 33.59 -12.55
N PRO H 319 28.71 34.07 -13.06
CA PRO H 319 29.01 33.86 -14.48
C PRO H 319 29.26 32.39 -14.80
N LEU H 320 29.17 32.04 -16.09
CA LEU H 320 29.53 30.69 -16.54
C LEU H 320 31.02 30.45 -16.24
N SER H 321 31.38 29.21 -15.92
CA SER H 321 32.75 28.94 -15.56
C SER H 321 33.25 27.68 -16.17
N ARG H 322 34.52 27.68 -16.54
CA ARG H 322 35.20 26.49 -17.04
C ARG H 322 36.16 25.90 -15.95
N ASP H 323 36.10 26.41 -14.71
CA ASP H 323 36.96 25.91 -13.64
C ASP H 323 36.24 24.70 -13.03
N PRO H 324 36.85 23.52 -13.04
CA PRO H 324 36.15 22.33 -12.52
C PRO H 324 35.76 22.40 -11.04
N THR H 325 36.50 23.14 -10.20
CA THR H 325 36.14 23.27 -8.79
C THR H 325 34.79 24.01 -8.69
N GLU H 326 34.65 25.10 -9.44
CA GLU H 326 33.44 25.92 -9.48
C GLU H 326 32.25 25.10 -10.03
N VAL H 327 32.49 24.32 -11.08
CA VAL H 327 31.45 23.49 -11.71
C VAL H 327 30.98 22.38 -10.77
N THR H 328 31.94 21.71 -10.10
CA THR H 328 31.63 20.65 -9.13
C THR H 328 30.84 21.25 -7.96
N ALA H 329 31.24 22.44 -7.49
CA ALA H 329 30.57 23.09 -6.35
C ALA H 329 29.09 23.34 -6.59
N ILE H 330 28.71 23.91 -7.75
CA ILE H 330 27.29 24.18 -8.03
C ILE H 330 26.50 22.86 -8.19
N GLY H 331 27.13 21.85 -8.80
CA GLY H 331 26.49 20.54 -8.94
C GLY H 331 26.25 19.90 -7.58
N ALA H 332 27.22 20.03 -6.67
CA ALA H 332 27.11 19.47 -5.33
C ALA H 332 26.03 20.18 -4.51
N VAL H 333 25.93 21.50 -4.63
CA VAL H 333 24.91 22.26 -3.87
C VAL H 333 23.51 21.93 -4.41
N GLU H 334 23.37 21.78 -5.74
CA GLU H 334 22.12 21.38 -6.36
C GLU H 334 21.72 19.97 -5.87
N ALA H 335 22.68 19.03 -5.85
CA ALA H 335 22.43 17.67 -5.37
C ALA H 335 22.01 17.67 -3.89
N ALA H 336 22.70 18.49 -3.06
CA ALA H 336 22.38 18.58 -1.63
C ALA H 336 20.93 19.06 -1.40
N PHE H 337 20.48 20.06 -2.15
CA PHE H 337 19.10 20.56 -2.03
C PHE H 337 18.09 19.49 -2.47
N LYS H 338 18.41 18.73 -3.53
CA LYS H 338 17.51 17.70 -4.05
C LYS H 338 17.17 16.61 -3.04
N CYS H 339 18.13 16.22 -2.21
CA CYS H 339 17.93 15.14 -1.25
C CYS H 339 17.87 15.59 0.19
N CYS H 340 17.87 16.91 0.47
CA CYS H 340 17.91 17.44 1.85
C CYS H 340 19.12 16.88 2.58
N ALA H 341 20.28 16.86 1.89
CA ALA H 341 21.51 16.31 2.45
C ALA H 341 21.86 16.92 3.81
N ALA H 342 22.26 16.08 4.76
CA ALA H 342 22.65 16.56 6.08
C ALA H 342 23.97 17.39 5.99
N ALA H 343 24.82 17.09 5.01
CA ALA H 343 26.13 17.75 4.90
C ALA H 343 26.73 17.53 3.51
N ILE H 344 27.67 18.40 3.15
CA ILE H 344 28.54 18.25 1.99
C ILE H 344 29.94 18.09 2.62
N ILE H 345 30.59 16.92 2.50
CA ILE H 345 31.94 16.72 3.05
C ILE H 345 32.92 17.01 1.93
N VAL H 346 33.83 17.95 2.14
CA VAL H 346 34.79 18.34 1.10
C VAL H 346 36.23 18.24 1.61
N LEU H 347 37.11 17.72 0.77
CA LEU H 347 38.54 17.68 1.10
C LEU H 347 39.14 18.97 0.52
N THR H 348 39.96 19.66 1.32
CA THR H 348 40.55 20.92 0.84
C THR H 348 41.93 21.16 1.44
N THR H 349 42.86 21.65 0.61
CA THR H 349 44.22 21.93 1.07
C THR H 349 44.33 23.41 1.48
N THR H 350 43.77 24.32 0.66
CA THR H 350 43.84 25.77 0.88
C THR H 350 42.52 26.38 1.41
N GLY H 351 41.44 25.63 1.39
CA GLY H 351 40.10 26.10 1.76
C GLY H 351 39.24 26.48 0.56
N ARG H 352 39.87 26.68 -0.62
CA ARG H 352 39.15 27.15 -1.81
C ARG H 352 37.93 26.30 -2.23
N SER H 353 38.04 24.96 -2.22
CA SER H 353 36.89 24.12 -2.63
C SER H 353 35.69 24.32 -1.67
N ALA H 354 35.96 24.53 -0.37
CA ALA H 354 34.89 24.77 0.60
C ALA H 354 34.30 26.19 0.40
N GLN H 355 35.15 27.17 0.05
CA GLN H 355 34.67 28.53 -0.21
C GLN H 355 33.71 28.57 -1.42
N LEU H 356 34.03 27.81 -2.48
CA LEU H 356 33.18 27.77 -3.65
C LEU H 356 31.85 27.06 -3.41
N LEU H 357 31.79 26.14 -2.43
CA LEU H 357 30.53 25.51 -2.05
C LEU H 357 29.70 26.53 -1.25
N SER H 358 30.35 27.22 -0.30
CA SER H 358 29.76 28.22 0.58
C SER H 358 29.08 29.37 -0.19
N ARG H 359 29.69 29.81 -1.32
CA ARG H 359 29.15 30.94 -2.10
C ARG H 359 27.73 30.68 -2.64
N TYR H 360 27.33 29.40 -2.81
CA TYR H 360 25.98 29.06 -3.26
C TYR H 360 24.97 28.91 -2.13
N ARG H 361 25.40 29.18 -0.88
CA ARG H 361 24.59 29.17 0.32
C ARG H 361 23.73 27.91 0.48
N PRO H 362 24.37 26.72 0.51
CA PRO H 362 23.57 25.50 0.74
C PRO H 362 22.98 25.51 2.15
N ARG H 363 21.87 24.81 2.31
CA ARG H 363 21.30 24.59 3.64
C ARG H 363 22.16 23.50 4.36
N ALA H 364 22.71 22.53 3.61
CA ALA H 364 23.56 21.47 4.16
C ALA H 364 24.86 22.09 4.69
N ALA H 365 25.33 21.61 5.83
CA ALA H 365 26.60 22.06 6.42
C ALA H 365 27.75 21.65 5.47
N VAL H 366 28.78 22.50 5.31
CA VAL H 366 29.94 22.13 4.48
C VAL H 366 31.04 21.69 5.45
N ILE H 367 31.25 20.39 5.60
CA ILE H 367 32.27 19.86 6.49
C ILE H 367 33.58 19.78 5.73
N ALA H 368 34.53 20.66 6.05
CA ALA H 368 35.80 20.73 5.31
C ALA H 368 36.93 20.00 6.04
N VAL H 369 37.42 18.91 5.45
CA VAL H 369 38.51 18.15 6.05
C VAL H 369 39.82 18.59 5.44
N THR H 370 40.75 19.03 6.26
CA THR H 370 42.05 19.52 5.79
C THR H 370 43.19 19.16 6.73
N ARG H 371 44.39 19.02 6.18
CA ARG H 371 45.62 18.83 6.95
C ARG H 371 46.28 20.16 7.31
N SER H 372 45.90 21.25 6.61
CA SER H 372 46.47 22.55 6.86
C SER H 372 45.78 23.19 8.08
N ALA H 373 46.54 23.37 9.18
CA ALA H 373 45.99 24.00 10.38
C ALA H 373 45.57 25.46 10.06
N GLN H 374 46.35 26.15 9.21
CA GLN H 374 46.00 27.51 8.82
C GLN H 374 44.71 27.58 7.97
N ALA H 375 44.56 26.67 6.98
CA ALA H 375 43.32 26.65 6.17
C ALA H 375 42.12 26.32 7.05
N ALA H 376 42.28 25.41 8.00
CA ALA H 376 41.21 25.04 8.93
C ALA H 376 40.74 26.28 9.73
N ARG H 377 41.67 27.12 10.15
CA ARG H 377 41.31 28.34 10.86
C ARG H 377 40.66 29.37 9.92
N GLN H 378 41.25 29.59 8.74
CA GLN H 378 40.78 30.60 7.79
C GLN H 378 39.40 30.33 7.18
N VAL H 379 39.00 29.07 6.97
CA VAL H 379 37.70 28.80 6.36
C VAL H 379 36.51 29.22 7.23
N HIS H 380 36.75 29.57 8.51
CA HIS H 380 35.70 30.14 9.37
C HIS H 380 35.18 31.46 8.77
N LEU H 381 35.94 32.11 7.87
CA LEU H 381 35.47 33.33 7.21
C LEU H 381 34.28 33.07 6.27
N CYS H 382 34.08 31.81 5.82
CA CYS H 382 33.04 31.47 4.86
C CYS H 382 31.84 30.83 5.52
N ARG H 383 30.65 31.41 5.33
CA ARG H 383 29.45 30.86 5.98
C ARG H 383 29.21 29.39 5.72
N GLY H 384 28.90 28.66 6.77
CA GLY H 384 28.50 27.26 6.63
C GLY H 384 29.64 26.29 6.46
N VAL H 385 30.89 26.74 6.63
CA VAL H 385 32.03 25.82 6.53
C VAL H 385 32.47 25.44 7.94
N PHE H 386 32.46 24.14 8.25
CA PHE H 386 32.84 23.59 9.54
C PHE H 386 34.17 22.86 9.36
N PRO H 387 35.26 23.49 9.77
CA PRO H 387 36.57 22.87 9.55
C PRO H 387 36.93 21.74 10.50
N LEU H 388 37.54 20.69 9.94
CA LEU H 388 38.02 19.55 10.69
C LEU H 388 39.50 19.36 10.38
N LEU H 389 40.36 19.49 11.39
CA LEU H 389 41.79 19.32 11.18
C LEU H 389 42.18 17.84 11.27
N TYR H 390 42.66 17.28 10.15
CA TYR H 390 43.08 15.88 10.08
C TYR H 390 44.58 15.83 10.40
N ARG H 391 44.97 15.00 11.36
CA ARG H 391 46.37 14.96 11.82
C ARG H 391 47.17 13.75 11.37
N GLU H 392 46.52 12.70 10.87
CA GLU H 392 47.22 11.48 10.47
C GLU H 392 48.11 11.66 9.26
N PRO H 393 49.31 11.05 9.27
CA PRO H 393 50.18 11.15 8.08
C PRO H 393 49.57 10.40 6.86
N PRO H 394 49.88 10.83 5.62
CA PRO H 394 49.25 10.18 4.44
C PRO H 394 49.44 8.68 4.31
N GLU H 395 48.37 8.00 3.90
CA GLU H 395 48.39 6.57 3.61
C GLU H 395 49.23 6.37 2.33
N ALA H 396 49.80 5.18 2.18
CA ALA H 396 50.61 4.80 1.02
C ALA H 396 49.77 4.83 -0.26
N ILE H 397 48.52 4.39 -0.20
CA ILE H 397 47.64 4.42 -1.37
C ILE H 397 46.78 5.68 -1.28
N TRP H 398 46.88 6.57 -2.28
CA TRP H 398 46.17 7.85 -2.25
C TRP H 398 44.65 7.71 -2.12
N ALA H 399 44.02 6.79 -2.84
CA ALA H 399 42.58 6.55 -2.71
C ALA H 399 42.20 6.17 -1.26
N ASP H 400 43.05 5.40 -0.54
CA ASP H 400 42.79 5.07 0.86
C ASP H 400 42.92 6.31 1.76
N ASP H 401 43.92 7.19 1.49
CA ASP H 401 44.10 8.42 2.27
C ASP H 401 42.87 9.33 2.12
N VAL H 402 42.31 9.39 0.90
CA VAL H 402 41.11 10.17 0.61
C VAL H 402 39.94 9.58 1.41
N ASP H 403 39.72 8.25 1.31
CA ASP H 403 38.67 7.55 2.04
C ASP H 403 38.76 7.73 3.55
N ARG H 404 39.98 7.67 4.12
CA ARG H 404 40.15 7.84 5.56
C ARG H 404 39.72 9.24 6.00
N ARG H 405 39.99 10.26 5.17
CA ARG H 405 39.60 11.62 5.50
C ARG H 405 38.11 11.85 5.42
N VAL H 406 37.45 11.20 4.44
CA VAL H 406 36.00 11.24 4.31
C VAL H 406 35.36 10.55 5.53
N GLN H 407 35.91 9.38 5.94
CA GLN H 407 35.41 8.66 7.12
C GLN H 407 35.62 9.48 8.40
N PHE H 408 36.72 10.23 8.48
CA PHE H 408 36.99 11.12 9.60
C PHE H 408 35.92 12.24 9.66
N GLY H 409 35.52 12.76 8.50
CA GLY H 409 34.47 13.76 8.37
C GLY H 409 33.12 13.21 8.85
N ILE H 410 32.80 11.96 8.48
CA ILE H 410 31.57 11.30 8.89
C ILE H 410 31.55 11.02 10.39
N GLU H 411 32.64 10.48 10.94
CA GLU H 411 32.70 10.17 12.37
C GLU H 411 32.65 11.43 13.23
N SER H 412 33.31 12.52 12.77
CA SER H 412 33.25 13.79 13.48
C SER H 412 31.82 14.34 13.44
N GLY H 413 31.19 14.25 12.26
CA GLY H 413 29.81 14.69 12.06
C GLY H 413 28.83 13.95 12.95
N LYS H 414 29.01 12.62 13.09
CA LYS H 414 28.15 11.81 13.96
C LYS H 414 28.32 12.24 15.41
N LEU H 415 29.57 12.42 15.85
CA LEU H 415 29.86 12.82 17.22
C LEU H 415 29.28 14.19 17.54
N ARG H 416 29.40 15.14 16.60
CA ARG H 416 28.93 16.50 16.82
C ARG H 416 27.44 16.74 16.57
N GLY H 417 26.71 15.72 16.11
CA GLY H 417 25.29 15.84 15.86
C GLY H 417 24.90 16.29 14.47
N PHE H 418 25.87 16.46 13.57
CA PHE H 418 25.60 16.87 12.18
C PHE H 418 24.92 15.75 11.40
N LEU H 419 25.33 14.50 11.66
CA LEU H 419 24.92 13.33 10.91
C LEU H 419 24.43 12.20 11.79
N ARG H 420 23.59 11.37 11.23
CA ARG H 420 23.09 10.16 11.87
C ARG H 420 22.94 9.09 10.77
N VAL H 421 22.92 7.81 11.16
CA VAL H 421 22.74 6.69 10.24
C VAL H 421 21.45 6.88 9.43
N GLY H 422 21.54 6.71 8.12
CA GLY H 422 20.39 6.92 7.25
C GLY H 422 20.41 8.24 6.51
N ASP H 423 21.21 9.21 6.99
CA ASP H 423 21.32 10.50 6.31
C ASP H 423 22.03 10.35 4.97
N LEU H 424 21.78 11.28 4.05
CA LEU H 424 22.51 11.33 2.79
C LEU H 424 23.50 12.50 2.92
N VAL H 425 24.72 12.31 2.40
CA VAL H 425 25.71 13.37 2.33
C VAL H 425 26.22 13.43 0.88
N ILE H 426 26.72 14.60 0.50
CA ILE H 426 27.38 14.79 -0.78
C ILE H 426 28.88 14.85 -0.45
N VAL H 427 29.73 14.09 -1.16
CA VAL H 427 31.18 14.08 -0.89
C VAL H 427 31.89 14.70 -2.10
N VAL H 428 32.74 15.71 -1.84
CA VAL H 428 33.43 16.46 -2.87
C VAL H 428 34.94 16.24 -2.75
N THR H 429 35.54 15.64 -3.78
CA THR H 429 36.97 15.32 -3.82
C THR H 429 37.55 15.70 -5.22
N GLY H 430 38.85 15.42 -5.43
CA GLY H 430 39.48 15.68 -6.71
C GLY H 430 40.12 14.45 -7.33
N TRP H 431 40.69 14.60 -8.52
CA TRP H 431 41.23 13.45 -9.26
C TRP H 431 42.71 13.15 -9.00
N ARG H 432 43.42 14.05 -8.33
CA ARG H 432 44.84 13.83 -8.00
C ARG H 432 45.21 14.62 -6.72
N PRO H 433 46.33 14.25 -6.06
CA PRO H 433 46.76 15.02 -4.88
C PRO H 433 47.15 16.46 -5.24
N GLY H 434 47.18 17.32 -4.24
CA GLY H 434 47.54 18.72 -4.40
C GLY H 434 46.32 19.57 -4.63
N SER H 435 46.42 20.87 -4.31
CA SER H 435 45.36 21.86 -4.46
C SER H 435 45.01 22.16 -5.93
N GLY H 436 43.74 22.50 -6.19
CA GLY H 436 43.29 22.93 -7.51
C GLY H 436 42.67 21.89 -8.42
N TYR H 437 42.53 20.65 -7.96
CA TYR H 437 42.01 19.57 -8.80
C TYR H 437 40.68 18.97 -8.38
N THR H 438 39.87 19.69 -7.57
CA THR H 438 38.54 19.18 -7.22
C THR H 438 37.68 19.05 -8.50
N ASN H 439 37.03 17.89 -8.67
CA ASN H 439 36.22 17.66 -9.87
C ASN H 439 35.17 16.54 -9.67
N ILE H 440 34.98 16.03 -8.46
CA ILE H 440 34.09 14.89 -8.23
C ILE H 440 33.12 15.16 -7.13
N MET H 441 31.86 14.81 -7.37
CA MET H 441 30.83 14.82 -6.36
C MET H 441 30.18 13.42 -6.29
N ARG H 442 29.98 12.88 -5.09
CA ARG H 442 29.39 11.56 -4.87
CA ARG H 442 29.32 11.59 -4.92
C ARG H 442 28.23 11.64 -3.86
N VAL H 443 27.18 10.85 -4.06
CA VAL H 443 26.06 10.79 -3.12
C VAL H 443 26.25 9.56 -2.24
N LEU H 444 26.36 9.76 -0.93
CA LEU H 444 26.66 8.67 -0.01
C LEU H 444 25.61 8.56 1.10
N SER H 445 25.23 7.33 1.42
CA SER H 445 24.30 7.05 2.49
C SER H 445 25.10 6.74 3.75
N ILE H 446 24.83 7.42 4.86
CA ILE H 446 25.54 7.22 6.12
C ILE H 446 25.16 5.88 6.78
N SER H 447 26.16 5.02 7.01
CA SER H 447 25.97 3.73 7.68
C SER H 447 26.60 3.72 9.08
P1 FBP I . 6.60 -55.74 43.04
O1P FBP I . 6.54 -57.23 42.96
O2P FBP I . 7.89 -55.18 42.46
O3P FBP I . 6.43 -55.12 44.42
O1 FBP I . 5.38 -55.14 42.16
C1 FBP I . 5.15 -53.72 42.01
C2 FBP I . 4.24 -53.56 40.77
O2 FBP I . 3.93 -52.20 40.69
C3 FBP I . 2.98 -54.46 40.85
O3 FBP I . 1.99 -53.90 41.69
C4 FBP I . 2.62 -54.59 39.38
O4 FBP I . 1.81 -55.72 39.10
C5 FBP I . 4.00 -54.78 38.76
O5 FBP I . 4.89 -53.99 39.58
C6 FBP I . 4.11 -54.38 37.31
O6 FBP I . 5.06 -55.24 36.66
P2 FBP I . 4.86 -55.60 35.10
O4P FBP I . 3.48 -56.18 34.92
O5P FBP I . 5.88 -56.64 34.75
O6P FBP I . 5.06 -54.32 34.31
C1 OXL J . 21.52 -55.99 7.25
C2 OXL J . 21.81 -56.68 8.61
O1 OXL J . 21.52 -56.67 6.25
O2 OXL J . 21.99 -57.96 8.55
O3 OXL J . 21.21 -54.73 7.25
O4 OXL J . 21.89 -56.00 9.64
MG MG K . 21.88 -58.77 6.80
K K L . 24.99 -61.16 11.67
C11 OD9 M . 0.63 -33.59 4.73
C10 OD9 M . 1.58 -34.60 4.73
C21 OD9 M . 5.28 -35.21 4.13
C2 OD9 M . 3.23 -39.97 12.55
C20 OD9 M . 6.36 -35.99 4.50
C22 OD9 M . 2.33 -36.58 9.28
C12 OD9 M . 1.00 -32.30 4.42
C13 OD9 M . 2.34 -32.02 4.09
C3 OD9 M . 2.02 -39.31 12.79
C18 OD9 M . 5.10 -36.87 6.34
C5 OD9 M . 1.64 -37.27 11.47
C1 OD9 M . 3.27 -41.34 12.40
C19 OD9 M . 6.26 -36.85 5.57
C17 OD9 M . 4.01 -36.10 5.96
C8 OD9 M . 1.01 -36.52 8.85
C7 OD9 M . 0.02 -36.89 9.74
C6 OD9 M . 0.33 -37.25 11.03
C4 OD9 M . 1.98 -37.80 12.85
C14 OD9 M . 3.29 -33.03 4.12
C24 OD9 M . 0.86 -40.06 12.89
C25 OD9 M . 0.89 -41.44 12.77
C9 OD9 M . 0.65 -35.95 7.50
C23 OD9 M . 2.64 -36.93 10.57
C15 OD9 M . 2.95 -34.34 4.50
C16 OD9 M . 4.08 -35.26 4.85
O6 OD9 M . -0.44 -36.21 4.63
O5 OD9 M . 7.24 -37.79 5.77
O1 OD9 M . 4.44 -41.93 12.07
O2 OD9 M . 0.06 -31.33 4.44
O4 OD9 M . 5.10 -37.51 7.55
O3 OD9 M . 2.70 -30.76 3.75
O7 OD9 M . 1.80 -37.10 4.07
S OD9 M . 0.98 -36.26 4.87
N OD9 M . 1.16 -36.76 6.39
C OD9 M . 2.10 -42.09 12.53
O OD9 M . 2.13 -43.45 12.50
H10 OD9 M . -0.41 -33.78 5.01
H18 OD9 M . 5.38 -34.55 3.27
H2 OD9 M . 4.15 -39.41 12.48
H17 OD9 M . 7.28 -35.90 3.92
H19 OD9 M . 3.13 -36.34 8.58
H14 OD9 M . 3.13 -36.09 6.59
H6 OD9 M . -1.02 -36.92 9.41
H5 OD9 M . -0.48 -37.54 11.70
H3 OD9 M . 2.93 -37.38 13.16
H4 OD9 M . 1.25 -37.50 13.59
H13 OD9 M . 4.31 -32.81 3.84
H21 OD9 M . -0.09 -39.57 13.08
H22 OD9 M . -0.02 -42.02 12.86
H8 OD9 M . 1.05 -34.93 7.45
H7 OD9 M . -0.44 -35.83 7.41
H20 OD9 M . 3.67 -36.93 10.90
H16 OD9 M . 7.93 -37.71 5.06
H1 OD9 M . 4.20 -42.74 11.55
H11 OD9 M . 0.48 -30.50 4.08
H15 OD9 M . 5.33 -38.46 7.38
H12 OD9 M . 3.68 -30.71 3.55
H9 OD9 M . 1.52 -37.66 6.70
H OD9 M . 2.28 -43.77 13.44
P1 FBP N . -12.99 -37.39 52.97
O1P FBP N . -14.50 -37.55 52.68
O2P FBP N . -12.81 -36.06 53.68
O3P FBP N . -12.39 -38.57 53.64
O1 FBP N . -12.26 -37.25 51.54
C1 FBP N . -12.26 -38.31 50.58
C2 FBP N . -11.89 -37.67 49.22
O2 FBP N . -11.80 -38.71 48.28
C3 FBP N . -10.61 -36.82 49.33
O3 FBP N . -9.43 -37.62 49.29
C4 FBP N . -10.80 -35.86 48.18
O4 FBP N . -10.02 -34.67 48.31
C5 FBP N . -12.27 -35.51 48.32
O5 FBP N . -12.88 -36.72 48.80
C6 FBP N . -12.93 -35.04 47.05
O6 FBP N . -13.96 -34.09 47.37
P2 FBP N . -14.31 -32.87 46.39
O4P FBP N . -14.90 -33.54 45.15
O5P FBP N . -15.27 -31.97 47.03
O6P FBP N . -13.00 -32.16 46.02
C1 OXL O . -39.11 -18.72 30.91
C2 OXL O . -39.03 -18.94 32.44
O1 OXL O . -38.99 -19.66 30.17
O2 OXL O . -38.88 -20.17 32.88
O3 OXL O . -39.27 -17.50 30.50
O4 OXL O . -39.12 -17.96 33.16
MG MG P . -39.24 -16.23 32.38
K K Q . -40.48 -17.36 38.31
C11 OD9 R . -19.78 -32.36 19.31
C10 OD9 R . -21.06 -32.69 18.87
C21 OD9 R . -24.71 -31.96 19.47
C2 OD9 R . -21.70 -32.70 9.01
C20 OD9 R . -25.97 -31.89 18.90
C22 OD9 R . -22.10 -31.64 13.65
C12 OD9 R . -19.62 -31.34 20.23
C13 OD9 R . -20.74 -30.66 20.73
C3 OD9 R . -22.26 -31.52 9.48
C18 OD9 R . -25.00 -32.00 16.71
C5 OD9 R . -21.14 -31.00 11.54
C1 OD9 R . -22.51 -33.74 8.57
C19 OD9 R . -26.13 -31.94 17.53
C17 OD9 R . -23.74 -32.12 17.29
C8 OD9 R . -21.03 -32.46 13.92
C7 OD9 R . -19.97 -32.48 13.03
C6 OD9 R . -20.03 -31.77 11.85
C4 OD9 R . -21.36 -30.50 10.14
C14 OD9 R . -22.01 -31.00 20.26
C24 OD9 R . -23.64 -31.39 9.51
C25 OD9 R . -24.46 -32.43 9.10
C9 OD9 R . -21.17 -33.53 14.97
C23 OD9 R . -22.16 -30.92 12.48
C15 OD9 R . -22.21 -31.99 19.29
C16 OD9 R . -23.57 -32.07 18.67
O6 OD9 R . -19.98 -34.82 17.85
O5 OD9 R . -27.38 -32.04 17.03
O1 OD9 R . -21.90 -34.82 8.03
O2 OD9 R . -18.35 -31.00 20.58
O4 OD9 R . -25.16 -31.85 15.37
O3 OD9 R . -20.61 -29.74 21.71
O7 OD9 R . -22.40 -34.46 17.47
S OD9 R . -21.08 -33.93 17.60
N OD9 R . -20.70 -33.10 16.28
C OD9 R . -23.90 -33.60 8.62
O OD9 R . -24.67 -34.61 8.15
H10 OD9 R . -18.89 -32.87 18.95
H18 OD9 R . -24.61 -31.93 20.55
H2 OD9 R . -20.62 -32.83 8.98
H17 OD9 R . -26.83 -31.82 19.56
H19 OD9 R . -22.92 -31.55 14.36
H14 OD9 R . -22.87 -32.25 16.63
H6 OD9 R . -19.08 -33.06 13.25
H5 OD9 R . -19.17 -31.79 11.18
H3 OD9 R . -21.79 -29.50 10.16
H4 OD9 R . -20.42 -30.42 9.59
H13 OD9 R . -22.87 -30.46 20.65
H21 OD9 R . -24.06 -30.45 9.83
H22 OD9 R . -25.54 -32.30 9.12
H8 OD9 R . -20.63 -34.42 14.64
H7 OD9 R . -22.21 -33.84 15.01
H20 OD9 R . -23.00 -30.25 12.28
H16 OD9 R . -27.31 -32.07 16.03
H1 OD9 R . -21.73 -34.59 7.08
H11 OD9 R . -17.92 -30.59 19.79
H15 OD9 R . -24.63 -32.55 14.91
H12 OD9 R . -19.65 -29.63 21.92
H9 OD9 R . -20.12 -32.26 16.23
H OD9 R . -24.60 -35.36 8.80
P1 FBP S . -3.81 -17.87 -25.91
O1P FBP S . -4.75 -18.32 -26.98
O2P FBP S . -2.58 -18.80 -25.86
O3P FBP S . -3.49 -16.44 -25.99
O1 FBP S . -4.58 -18.11 -24.51
C1 FBP S . -5.13 -19.37 -24.11
C2 FBP S . -5.30 -19.31 -22.58
O2 FBP S . -6.01 -20.45 -22.18
C3 FBP S . -6.00 -18.00 -22.11
O3 FBP S . -7.41 -18.02 -22.29
C4 FBP S . -5.51 -17.94 -20.67
O4 FBP S . -5.66 -16.64 -20.13
C5 FBP S . -4.04 -18.27 -20.89
O5 FBP S . -4.04 -19.26 -21.93
C6 FBP S . -3.32 -18.77 -19.66
O6 FBP S . -1.95 -18.33 -19.72
P2 FBP S . -1.19 -18.09 -18.31
O4P FBP S . -1.04 -19.40 -17.58
O5P FBP S . 0.12 -17.50 -18.72
O6P FBP S . -1.98 -17.08 -17.55
C1 OXL T . 25.23 -25.94 -1.22
C2 OXL T . 25.09 -25.42 -2.68
O1 OXL T . 24.57 -27.01 -0.90
O2 OXL T . 24.48 -26.07 -3.53
O3 OXL T . 25.91 -25.30 -0.42
O4 OXL T . 25.69 -24.29 -2.92
MG MG U . 26.65 -23.44 -1.20
K K V . 27.85 -21.95 -7.08
P1 FBP W . -30.13 -27.43 -24.12
O1P FBP W . -30.75 -28.57 -24.85
O2P FBP W . -31.11 -26.75 -23.12
O3P FBP W . -29.58 -26.30 -25.02
O1 FBP W . -28.92 -27.94 -23.21
C1 FBP W . -28.15 -27.05 -22.39
C2 FBP W . -27.40 -27.94 -21.37
O2 FBP W . -26.53 -27.10 -20.66
C3 FBP W . -26.70 -29.13 -22.07
O3 FBP W . -25.45 -28.75 -22.62
C4 FBP W . -26.60 -30.12 -20.92
O4 FBP W . -26.45 -31.46 -21.36
C5 FBP W . -27.98 -29.97 -20.31
O5 FBP W . -28.30 -28.59 -20.47
C6 FBP W . -28.05 -30.36 -18.84
O6 FBP W . -29.36 -30.92 -18.59
P2 FBP W . -29.50 -32.07 -17.48
O4P FBP W . -30.93 -32.55 -17.57
O5P FBP W . -28.60 -33.23 -17.67
O6P FBP W . -29.23 -31.41 -16.14
C1 OXL X . -48.23 -38.31 6.85
C2 OXL X . -47.83 -38.59 8.33
O1 OXL X . -48.89 -39.16 6.25
O2 OXL X . -48.28 -39.70 8.86
O3 OXL X . -47.88 -37.15 6.33
O4 OXL X . -47.09 -37.83 8.92
MG MG Y . -49.42 -40.91 7.29
K K Z . -52.53 -39.10 2.35
P1 FBP AA . -14.58 63.07 -29.43
O1P FBP AA . -14.96 61.90 -30.28
O2P FBP AA . -13.82 64.02 -30.34
O3P FBP AA . -15.69 63.65 -28.60
O1 FBP AA . -13.52 62.54 -28.33
C1 FBP AA . -13.87 61.55 -27.35
C2 FBP AA . -12.54 60.98 -26.80
O2 FBP AA . -12.88 60.10 -25.75
C3 FBP AA . -11.56 62.09 -26.38
O3 FBP AA . -11.88 62.60 -25.08
C4 FBP AA . -10.22 61.38 -26.52
O4 FBP AA . -9.13 62.28 -26.66
C5 FBP AA . -10.44 60.63 -27.83
O5 FBP AA . -11.83 60.27 -27.83
C6 FBP AA . -9.57 59.40 -28.00
O6 FBP AA . -9.25 59.24 -29.40
P2 FBP AA . -7.84 58.58 -29.83
O4P FBP AA . -7.86 57.15 -29.40
O5P FBP AA . -7.72 58.71 -31.34
O6P FBP AA . -6.73 59.37 -29.17
C1 OXL BA . 2.91 36.49 -49.55
C2 OXL BA . 3.75 35.27 -49.13
O1 OXL BA . 1.71 36.60 -49.02
O2 OXL BA . 3.40 34.58 -48.19
O3 OXL BA . 3.36 37.25 -50.40
O4 OXL BA . 4.86 35.05 -49.78
MG MG CA . 5.04 36.79 -51.25
K K DA . 0.77 40.31 -53.75
C11 OD9 EA . 8.84 26.05 -20.06
C10 OD9 EA . 8.76 26.33 -21.42
C21 OD9 EA . 6.42 25.35 -24.11
C2 OD9 EA . 3.82 34.28 -24.52
C20 OD9 EA . 5.93 25.76 -25.34
C22 OD9 EA . 6.61 31.73 -20.79
C12 OD9 EA . 8.36 24.86 -19.54
C13 OD9 EA . 7.78 23.92 -20.41
C3 OD9 EA . 4.01 34.40 -23.15
C18 OD9 EA . 8.05 26.74 -25.84
C5 OD9 EA . 4.58 32.34 -21.94
C1 OD9 EA . 4.46 35.14 -25.41
C19 OD9 EA . 6.73 26.48 -26.20
C17 OD9 EA . 8.53 26.34 -24.60
C8 OD9 EA . 6.71 30.55 -21.50
C7 OD9 EA . 5.75 30.30 -22.47
C6 OD9 EA . 4.70 31.17 -22.68
C4 OD9 EA . 3.49 33.34 -22.22
C14 OD9 EA . 7.71 24.18 -21.76
C24 OD9 EA . 4.81 35.44 -22.68
C25 OD9 EA . 5.44 36.32 -23.55
C9 OD9 EA . 7.74 29.52 -21.11
C23 OD9 EA . 5.57 32.61 -21.01
C15 OD9 EA . 8.15 25.39 -22.29
C16 OD9 EA . 7.71 25.68 -23.70
O6 OD9 EA . 10.32 28.28 -20.78
O5 OD9 EA . 6.20 26.98 -27.34
O1 OD9 EA . 4.38 34.88 -26.75
O2 OD9 EA . 8.54 24.58 -18.23
O4 OD9 EA . 8.91 27.41 -26.67
O3 OD9 EA . 7.30 22.75 -19.92
O7 OD9 EA . 10.29 27.55 -23.14
S OD9 EA . 9.58 27.81 -21.93
N OD9 EA . 8.46 28.93 -22.24
C OD9 EA . 5.27 36.17 -24.92
O OD9 EA . 5.86 37.04 -25.78
H10 OD9 EA . 9.26 26.76 -19.34
H18 OD9 EA . 5.75 24.80 -23.45
H2 OD9 EA . 3.17 33.51 -24.91
H17 OD9 EA . 4.90 25.50 -25.61
H19 OD9 EA . 7.38 31.99 -20.07
H14 OD9 EA . 9.58 26.52 -24.35
H6 OD9 EA . 5.83 29.41 -23.09
H5 OD9 EA . 3.96 30.94 -23.44
H3 OD9 EA . 2.63 32.82 -22.63
H4 OD9 EA . 3.14 33.81 -21.31
H13 OD9 EA . 7.33 23.42 -22.45
H21 OD9 EA . 4.95 35.56 -21.60
H22 OD9 EA . 6.06 37.12 -23.17
H8 OD9 EA . 8.43 30.00 -20.41
H7 OD9 EA . 7.27 28.72 -20.53
H20 OD9 EA . 5.52 33.53 -20.44
H16 OD9 EA . 6.91 27.46 -27.83
H1 OD9 EA . 5.00 34.13 -26.92
H11 OD9 EA . 7.74 24.91 -17.74
H15 OD9 EA . 9.63 26.78 -26.94
H12 OD9 EA . 6.93 22.19 -20.65
H9 OD9 EA . 8.22 29.30 -23.14
H OD9 EA . 6.80 36.75 -25.91
P1 FBP FA . -18.56 63.14 -0.65
O1P FBP FA . -19.74 62.63 0.16
O2P FBP FA . -17.44 63.68 0.26
O3P FBP FA . -18.84 64.23 -1.67
O1 FBP FA . -17.96 61.90 -1.48
C1 FBP FA . -16.84 62.06 -2.37
C2 FBP FA . -16.27 60.64 -2.62
O2 FBP FA . -15.25 60.76 -3.58
C3 FBP FA . -17.39 59.67 -3.06
O3 FBP FA . -17.70 59.79 -4.44
C4 FBP FA . -16.77 58.33 -2.64
O4 FBP FA . -17.74 57.31 -2.49
C5 FBP FA . -16.19 58.70 -1.28
O5 FBP FA . -15.77 60.07 -1.41
C6 FBP FA . -15.06 57.83 -0.82
O6 FBP FA . -15.09 57.71 0.62
P2 FBP FA . -14.59 56.36 1.34
O4P FBP FA . -15.35 55.18 0.72
O5P FBP FA . -14.92 56.48 2.80
O6P FBP FA . -13.10 56.23 1.10
C1 OXL GA . 5.69 46.29 24.80
C2 OXL GA . 4.57 47.37 24.82
O1 OXL GA . 5.58 45.28 25.63
O2 OXL GA . 3.57 47.15 25.62
O3 OXL GA . 6.64 46.43 24.06
O4 OXL GA . 4.67 48.39 24.13
MG MG HA . 3.76 45.36 26.81
K K IA . 0.34 50.07 28.50
P1 FBP JA . 28.74 -1.87 -14.78
O1P FBP JA . 28.03 -3.13 -14.23
O2P FBP JA . 28.32 -1.65 -16.24
O3P FBP JA . 30.23 -1.89 -14.59
O1 FBP JA . 28.09 -0.63 -14.01
C1 FBP JA . 28.61 0.68 -14.21
C2 FBP JA . 27.56 1.66 -13.69
O2 FBP JA . 28.10 2.95 -13.86
C3 FBP JA . 27.18 1.33 -12.23
O3 FBP JA . 28.15 1.79 -11.30
C4 FBP JA . 25.77 1.92 -12.15
O4 FBP JA . 25.01 1.34 -11.10
C5 FBP JA . 25.21 1.48 -13.49
O5 FBP JA . 26.32 1.54 -14.40
C6 FBP JA . 24.05 2.32 -14.00
O6 FBP JA . 23.14 1.49 -14.77
P2 FBP JA . 21.57 1.85 -14.70
O4P FBP JA . 20.87 0.75 -15.44
O5P FBP JA . 21.43 3.16 -15.47
O6P FBP JA . 21.14 1.98 -13.29
C1 OXL KA . -3.17 8.02 -35.13
C2 OXL KA . -2.23 6.78 -35.04
O1 OXL KA . -4.46 7.79 -35.09
O2 OXL KA . -2.76 5.68 -34.87
O3 OXL KA . -2.70 9.13 -35.22
O4 OXL KA . -0.93 6.97 -35.09
MG MG LA . -4.92 5.71 -34.68
K K MA . -1.75 0.71 -35.93
P1 FBP NA . 45.44 15.89 -1.08
O1P FBP NA . 45.48 14.37 -1.05
O2P FBP NA . 45.05 16.45 0.29
O3P FBP NA . 46.74 16.41 -1.62
O1 FBP NA . 44.31 16.31 -2.08
C1 FBP NA . 42.94 15.89 -1.91
C2 FBP NA . 42.08 16.86 -2.72
O2 FBP NA . 40.76 16.37 -2.66
C3 FBP NA . 42.60 17.00 -4.17
O3 FBP NA . 42.15 15.94 -5.00
C4 FBP NA . 42.04 18.37 -4.55
O4 FBP NA . 42.73 18.96 -5.64
C5 FBP NA . 42.29 19.15 -3.27
O5 FBP NA . 42.10 18.20 -2.21
C6 FBP NA . 41.40 20.36 -3.07
O6 FBP NA . 42.15 21.38 -2.37
P2 FBP NA . 41.81 22.93 -2.71
O4P FBP NA . 40.43 23.16 -2.11
O5P FBP NA . 41.83 23.25 -4.16
O6P FBP NA . 42.82 23.71 -1.93
C1 OXL OA . 35.88 49.14 13.61
C2 OXL OA . 34.70 50.14 13.44
O1 OXL OA . 35.68 47.96 13.89
O2 OXL OA . 33.52 49.65 13.49
O3 OXL OA . 37.05 49.62 13.33
O4 OXL OA . 34.91 51.34 13.25
MG MG PA . 37.08 51.69 12.93
K K QA . 41.87 48.61 15.08
C11 OD9 RA . 17.75 36.74 -2.30
C10 OD9 RA . 17.21 36.74 -1.02
C21 OD9 RA . 16.89 36.00 2.04
C2 OD9 RA . 8.66 41.63 -1.29
C20 OD9 RA . 16.13 36.07 3.19
C22 OD9 RA . 13.19 39.24 -1.43
C12 OD9 RA . 19.02 37.25 -2.52
C13 OD9 RA . 19.73 37.79 -1.44
C3 OD9 RA . 9.79 42.33 -0.89
C18 OD9 RA . 16.62 38.42 3.39
C5 OD9 RA . 12.04 41.37 -1.26
C1 OD9 RA . 7.62 41.37 -0.40
C19 OD9 RA . 15.95 37.28 3.85
C17 OD9 RA . 17.39 38.34 2.24
C8 OD9 RA . 13.79 39.44 -0.20
C7 OD9 RA . 13.49 40.59 0.51
C6 OD9 RA . 12.65 41.54 -0.02
C4 OD9 RA . 11.02 42.36 -1.76
C14 OD9 RA . 19.22 37.72 -0.16
C24 OD9 RA . 9.84 42.81 0.42
C25 OD9 RA . 8.82 42.55 1.32
C9 OD9 RA . 14.89 38.54 0.28
C23 OD9 RA . 12.34 40.21 -1.96
C15 OD9 RA . 17.95 37.18 0.09
C16 OD9 RA . 17.49 37.15 1.51
O6 OD9 RA . 15.55 34.87 -0.41
O5 OD9 RA . 15.07 37.35 4.88
O1 OD9 RA . 6.50 40.76 -0.87
O2 OD9 RA . 19.55 37.13 -3.76
O4 OD9 RA . 16.51 39.63 4.02
O3 OD9 RA . 20.91 38.45 -1.68
O7 OD9 RA . 14.91 36.45 -2.19
S OD9 RA . 15.52 36.20 -0.92
N OD9 RA . 14.71 37.09 0.15
C OD9 RA . 7.73 41.82 0.92
O OD9 RA . 6.77 41.51 1.84
H10 OD9 RA . 17.22 36.34 -3.16
H18 OD9 RA . 17.03 35.05 1.54
H2 OD9 RA . 8.57 41.27 -2.32
H17 OD9 RA . 15.69 35.15 3.56
H19 OD9 RA . 13.39 38.33 -1.99
H14 OD9 RA . 17.93 39.23 1.90
H6 OD9 RA . 13.93 40.77 1.49
H5 OD9 RA . 12.45 42.45 0.55
H3 OD9 RA . 11.48 43.34 -1.79
H4 OD9 RA . 10.74 42.14 -2.79
H13 OD9 RA . 19.80 38.08 0.69
H21 OD9 RA . 10.68 43.42 0.72
H22 OD9 RA . 8.89 42.92 2.34
H8 OD9 RA . 15.05 38.76 1.34
H7 OD9 RA . 15.83 38.85 -0.18
H20 OD9 RA . 11.89 40.04 -2.94
H16 OD9 RA . 15.08 38.28 5.23
H1 OD9 RA . 6.59 39.80 -0.61
H11 OD9 RA . 20.01 36.25 -3.79
H15 OD9 RA . 16.14 40.28 3.36
H12 OD9 RA . 21.26 38.83 -0.84
H9 OD9 RA . 14.04 36.72 0.80
H OD9 RA . 5.98 41.16 1.34
#